data_8T0L
#
_entry.id   8T0L
#
loop_
_entity.id
_entity.type
_entity.pdbx_description
1 polymer 'DNA-directed RNA polymerase subunit alpha'
2 polymer 'DNA-directed RNA polymerase subunit beta'
3 polymer "DNA-directed RNA polymerase subunit beta'"
4 polymer 'DNA-directed RNA polymerase subunit omega'
5 polymer 'RNA polymerase-associated protein RapA'
6 polymer 'DNA (29-MER)'
7 polymer "DNA (5'-D(P*TP*CP*TP*GP*AP*AP*TP*TP*TP*AP*AP*AP*TP*TP*CP*AP*GP*A)-3')"
8 non-polymer 'MAGNESIUM ION'
9 non-polymer 'ZINC ION'
10 non-polymer "ADENOSINE-5'-DIPHOSPHATE"
11 non-polymer 'ALUMINUM FLUORIDE'
#
loop_
_entity_poly.entity_id
_entity_poly.type
_entity_poly.pdbx_seq_one_letter_code
_entity_poly.pdbx_strand_id
1 'polypeptide(L)'
;SVTEFLKPRLVDIEQVSSTHAKVTLEPLERGFGHTLGNALRRILLSSMPGCAVTEVEIDGVLHEYSTKEGVQEDILEILL
NLKGLAVRVQGKDEVILTLNKSGIGPVTAADITHDGDVEIVKPQHVICHLTDENASISMRIKVQRGRGYVPASTRIHSEE
DERPIGRLLVDACYSPVERIAYNVEAARVEQRTDLDKLVIEMETNGTIDPEEAIRRAATILAEQLEAFVDLA
;
G,H
2 'polypeptide(L)'
;VYSYTEKKRIRKDFGKRPQVLDVPYLLSIQLDSFQKFIEQDPEGQYGLEAAFRSVFPIQSYSGNSELQYVSYRLGEPVFD
VQECQIRGVTYSAPLRVKLRLVIYEREAPEGTVKDIKEQEVYMGEIPLMTDNGTFVINGTERVIVSQLHRSPGVFFDSDK
GKTHSSGKVLYNARIIPYRGSWLDFEFDPKDNLFVRIDRRRKLPATIILRALNYTTEQILDLFFEKVIFEIRDNKLQMEL
VPERLRGETASFDIEANGKVYVEKGRRITARHIRQLEKDDVKLIEVPVEYIAGKVVAKDYIDESTGELICAANMELSLDL
LAKLSQSGHKRIETLFTNDLDHGPYISETLRVDPTNDRLSALVEIYRMMRPGEPPTREAAESLFENLFFSEDRYDLSAVG
RMKFNRSLLREEIEGSGILSKDDIIDVMKKLIDIRNGKGEVDDIDHLGNRRIRSVGEMAENQFRVGLVRVERAVKERLSL
GDLDTLMPQDMINAKPISAAVKEFFGSSQLSQFMDQNNPLSEITHKRRISALGPGGLTRERAGFEVRDVHPTHYGRVCPI
ETPEGPNIGLINSLSVYAQTNEYGFLETPYRKVTDGVVTDEIHYLSAIEEGNYVIAQANSNLDEEGHFVEDLVTCRSKGE
SSLFSRDQVDYMDVSTQQVVSVGASLIPFLEHDDANRALMGANMQRQAVPTLRADKPLVGTGMERAVAVDSGVTAVAKRG
GVVQYVDASRIVIKVNEDEMYPGEAGIDIYNLTKYTRSNQNTCINQMPCVSLGEPVERGDVLADGPSTDLGELALGQNMR
VAFMPWNGYNFEDSILVSERVVQEDRFTTIHIQELACVSRDTKLGPEEITADIPNVGEAALSKLDESGIVYIGAEVTGGD
ILVGKVTPKGETQLTPEEKLLRAIFGEKASDVKDSSLRVPNGVSGTVIDVQVFTRDGVEKDKRALEIEEMQLKQAKKDLS
EELQILEAGLFSRIRAVLVAGGVEAEKLDKLPRDRWLELGLTDEEKQNQLEQLAEQYDELKHEFEKKLEAKRRKITQGDD
LAPGVLKIVKVYLAVKRRIQPGDKMAGRHGNKGVISKINPIEDMPYDENGTPVDIVLNPLGVPSRMNIGQILETHLGMAA
KGIGDKINAMLKQQQEVAKLREFIQRAYDLGADVRQKVDLSTFSDEEVMRLAENLRKGMPIATPVFDGAKEAEIKELLKL
GDLPTSGQIRLYDGRTGEQFERPVTVGYMYMLKLNHLVDDKMHARSTGSYSLVTQQPLGGKAQFGGQRFGEMEVWALEAY
GAAYTLQEMLTVKSDDVNGRTKMYKNIVDGNHQMEPGMPESFNVLLKEIRSLGINIELED
;
I
3 'polypeptide(L)'
;EFDAIKIALASPDMIRSWSFGEVKKPETINYRTFKPERDGLFCARIFGPVKDYECLCGKYKRLKHRGVICEKCGVEVTQT
KVRRERMGHIELASPTAHIWFLKSLPSRIGLLLDMPLRDIERVLYFESYVVIEGGMTNLERQQILTEEQYLDALEEFGDE
FDAKMGAEAIQALLKSMDLEQECEQLREELNETNSETKRKKLTKRIKLLEAFVQSGNKPEWMILTVLPVLPPDLRPLVPL
DGGRFAASDLNDLYRRVINRNNRLKRLLDLAAPDIIVRNEKRMLQEAVDALLDNGRRGRAITGSNKRPLKSLADMIKGKQ
GRFRQNLLGKRVDYSGRSVITVGPYLRLHQCGLPKKMALELFKPFIYGKLELRGLATTIKAAKKMVEREEAVVWDILDEV
IREHPVLLNRAPTLHRLGIQAFEPVLIEGKAIQLHPLVCAAYNADFDGDQMAVHVPLTLEAQLEARALMMSTNNILSPAN
GEPIIVPSQDVVLGLYYMTRDCVNAKGEGMVLTGPKEAERLYRSGLASLHARVKVRITEYEKDANGELVAKTSLKDTTVG
RAILWMIVPKGLPYSIVNQALGKKAISKMLNTCYRILGLKPTVIFADQIMYTGFAYAARSGASVGIDDMVIPEKKHEIIS
EAEAEVAEIQEQFQSGLVTAGERYNKVIDIWAAANDRVSKAMMDNLQTETVINRDGQEEKQVSFNSIYMMADSGARGSAA
QIRQLAGMRGLMAKPDGSIIETPITANFREGLNVLQYFISTHGARKGLADTALKTANSGYLTRRLVDVAQDLVVTEDDCG
THEGIMMTPVIEGGDVKEPLRDRVLGRVTAEDVLKPGTADILVPRNTLLHEQWCDLLEENSVDAVKVRSVVSCDTDFGVC
AHCYGRDLARGHIINKGEAIGVIAAQSIGEPGTQLTMRTFHIGGAASRAAAESSIQVKNKGSIKLSNVKSVVNSSGKLVI
TSRNTELKLIDEFGRTKESYKVPYGAVLAKGDGEQVAGGETVANWDPHTMPVITEVSGFVRFTDMIDGQTITRQTDELTG
LSSLVVLDSAERTAGGKDLRPALKIVDAQGNDVLIPGTDMPAQYFLPGKAIVQLEDGVQISSGDTLARIPQESGGTKDIT
GGLPRVADLFEARRPKEPAILAEISGIVSFGKETKGKRRLVITPVDGSDPYEEMIPKWRQLNVFEGERVERGDVISDGPE
APHDILRLRGVHAVTRYIVNEVQDVYRLQGVKINDKHIEVIVRQMLRKATIVNAGSSDFLEGEQVEYSRVKIANRELEAN
GKVGATYSRDLLGITKASLATESFISAASFQETTRVLTEAAVAGKRDELRGLKENVIVGRLIPAGTGYAYHQDRMRRR
;
J
4 'polypeptide(L)' RVTVQDAVEKIGNRFDLVLVAARRARQMQVGGKDPLVPEENDKTTVIALREIEEGLINNQILDVRERQEQQE K
5 'polypeptide(L)'
;PFTLGQRWISDTESELGLGTVVAVDARTVTLLFPSTGENRLYARSDSPVTRVMFNPGDTITSHDGWQMQVEEVKEENGLL
TYIGTRLDTEESGVALREVFLDSKLVFSKPQDRLFAGQIDRMDRFALRYRARKYSSEQFRMPASGLRGQRTSLIPHQLNI
AHDVGRRHAPRVLLADEVGLGKTIEAGMILHQQLLSGAAERVLIIVPETLQHQWLVEMLRRFNLRFALFDDERYAEAQHD
AYNPFDTEQLVICSLDFARRSKQRLEHLCEAEWDLLVVDEAHHLVWSEDAPSREYQAIEQLAEHVPGVLLLTATPEQLGM
ESHFARLRLLDPNRFHDFAQFVEEQKNYRPVADAVAMLLAGNKLSNDELNMLGEMIGEQDIEPLLQAANSDSEDAQSARQ
ELVSMLMDRHGASRVLFRNTRNGVKGAPKRELHTIKLPLPTQYQTAIKVSGIMGARKSAEDRARDMLYPERIYQEFEGDN
ATWWNFDPRVEWLMGYLTSHRSQKVLVICAKAATALQLEQVLREREGIRAAVFHEGMSIIERDRAAAWFAEEDTGAQVLL
CSEIGSEGRNFQFASHMVMFDLPFNPDLLEQRIGALDRIGQAHDIQIHVPYLEKTAQSVLVRWYHEGLDAFEHTCPTGAT
IYDSVYNDLINYLASPDQTEGFDDLIKNCREQHEALKAQLEQGADRLLEIHSNGGEKAQALAESIEEQDDDTALIAFAMN
LFDAIGINQDDRGDNMIVLTPSDHMLVPDFPGLSEDGITITFDREVALAREDAQFITWEHPLIRNGLDLILSGDTGSSTI
SLLKNKALPVGTLLVELIYVVEAQAPKQLQLNRFLPPTPVRMLLDKNGNNLAAQVEFETFNRQLNAVNRHTGSKLVNAVQ
QDVHAILQLGEAQIEKSARALIDAARNEADEKLSAELSRLEALRAVNPNIRDDELTAIESNRQQVMESLDQAGWRLDALR
LIVVTH
;
F
6 'polydeoxyribonucleotide'
;(DA)(DA)(DA)(DA)(DA)(DA)(DA)(DA)(DA)(DA)(DA)(DA)(DA)(DA)(DA)(DA)(DA)(DA)(DA)(DA)
(DA)(DA)(DA)
;
A
7 'polydeoxyribonucleotide'
;(DT)(DT)(DT)(DT)(DT)(DT)(DT)(DT)(DT)(DT)(DT)(DT)(DT)(DT)(DT)(DT)(DT)(DT)(DT)(DT)
(DT)(DT)(DT)
;
B
#
loop_
_chem_comp.id
_chem_comp.type
_chem_comp.name
_chem_comp.formula
ADP non-polymer ADENOSINE-5'-DIPHOSPHATE 'C10 H15 N5 O10 P2'
AF3 non-polymer 'ALUMINUM FLUORIDE' 'Al F3'
DA DNA linking 2'-DEOXYADENOSINE-5'-MONOPHOSPHATE 'C10 H14 N5 O6 P'
DT DNA linking THYMIDINE-5'-MONOPHOSPHATE 'C10 H15 N2 O8 P'
MG non-polymer 'MAGNESIUM ION' 'Mg 2'
ZN non-polymer 'ZINC ION' 'Zn 2'
#
# COMPACT_ATOMS: atom_id res chain seq x y z
N THR A 3 -17.23 -61.14 -32.97
CA THR A 3 -17.60 -60.85 -31.60
C THR A 3 -16.42 -61.04 -30.66
N GLU A 4 -15.49 -61.89 -31.04
CA GLU A 4 -14.31 -62.13 -30.22
C GLU A 4 -13.37 -60.93 -30.32
N PHE A 5 -12.57 -60.74 -29.27
CA PHE A 5 -11.60 -59.67 -29.20
C PHE A 5 -10.21 -60.30 -29.17
N LEU A 6 -9.44 -60.08 -30.23
CA LEU A 6 -8.12 -60.67 -30.32
C LEU A 6 -7.18 -59.98 -29.34
N LYS A 7 -6.67 -60.74 -28.36
CA LYS A 7 -5.79 -60.13 -27.38
C LYS A 7 -4.47 -59.75 -28.05
N PRO A 8 -3.78 -58.73 -27.56
CA PRO A 8 -2.50 -58.35 -28.15
C PRO A 8 -1.34 -59.11 -27.53
N ARG A 9 -0.20 -59.02 -28.19
CA ARG A 9 1.02 -59.61 -27.69
C ARG A 9 2.20 -58.78 -28.17
N LEU A 10 3.28 -58.82 -27.40
CA LEU A 10 4.49 -58.06 -27.70
C LEU A 10 5.32 -58.88 -28.67
N VAL A 11 5.08 -58.65 -29.96
CA VAL A 11 5.64 -59.55 -30.97
C VAL A 11 7.15 -59.37 -31.07
N ASP A 12 7.64 -58.13 -30.99
CA ASP A 12 9.06 -57.88 -31.20
C ASP A 12 9.51 -56.69 -30.36
N ILE A 13 10.78 -56.71 -29.99
CA ILE A 13 11.45 -55.59 -29.35
C ILE A 13 12.81 -55.42 -30.01
N GLU A 14 12.89 -54.56 -31.01
CA GLU A 14 14.13 -54.35 -31.75
C GLU A 14 14.86 -53.15 -31.19
N GLN A 15 16.15 -53.32 -30.89
CA GLN A 15 16.98 -52.26 -30.33
C GLN A 15 17.65 -51.53 -31.49
N VAL A 16 16.95 -50.56 -32.07
CA VAL A 16 17.51 -49.80 -33.17
C VAL A 16 18.76 -49.04 -32.72
N SER A 17 18.74 -48.52 -31.49
CA SER A 17 19.86 -47.78 -30.94
C SER A 17 19.97 -48.07 -29.46
N SER A 18 21.10 -47.64 -28.88
CA SER A 18 21.34 -47.88 -27.46
C SER A 18 20.27 -47.21 -26.60
N THR A 19 19.96 -45.95 -26.88
CA THR A 19 19.02 -45.21 -26.05
C THR A 19 17.58 -45.53 -26.44
N HIS A 20 17.20 -45.20 -27.66
CA HIS A 20 15.81 -45.34 -28.09
C HIS A 20 15.59 -46.67 -28.79
N ALA A 21 14.37 -47.16 -28.69
CA ALA A 21 14.03 -48.48 -29.21
C ALA A 21 12.55 -48.48 -29.58
N LYS A 22 12.13 -49.57 -30.22
CA LYS A 22 10.76 -49.71 -30.68
C LYS A 22 10.25 -51.10 -30.35
N VAL A 23 8.99 -51.16 -29.93
CA VAL A 23 8.30 -52.42 -29.67
C VAL A 23 7.08 -52.46 -30.57
N THR A 24 6.58 -53.67 -30.78
CA THR A 24 5.48 -53.91 -31.69
C THR A 24 4.43 -54.76 -30.99
N LEU A 25 3.17 -54.35 -31.11
CA LEU A 25 2.05 -55.01 -30.47
C LEU A 25 1.13 -55.56 -31.56
N GLU A 26 0.70 -56.80 -31.40
CA GLU A 26 -0.06 -57.50 -32.43
C GLU A 26 -0.65 -58.75 -31.81
N PRO A 27 -1.90 -59.12 -32.11
CA PRO A 27 -2.92 -58.44 -32.91
C PRO A 27 -3.74 -57.43 -32.13
N LEU A 28 -4.29 -56.43 -32.83
CA LEU A 28 -5.24 -55.50 -32.26
C LEU A 28 -6.36 -55.30 -33.26
N GLU A 29 -7.56 -55.02 -32.75
CA GLU A 29 -8.74 -54.86 -33.57
C GLU A 29 -9.07 -53.38 -33.72
N ARG A 30 -10.01 -53.09 -34.61
CA ARG A 30 -10.31 -51.71 -34.96
C ARG A 30 -10.74 -50.91 -33.74
N GLY A 31 -10.22 -49.69 -33.65
CA GLY A 31 -10.48 -48.81 -32.52
C GLY A 31 -9.53 -49.03 -31.38
N PHE A 32 -9.22 -50.29 -31.05
CA PHE A 32 -8.34 -50.58 -29.94
C PHE A 32 -6.95 -50.02 -30.17
N GLY A 33 -6.53 -49.91 -31.42
CA GLY A 33 -5.21 -49.42 -31.75
C GLY A 33 -4.92 -48.08 -31.13
N HIS A 34 -5.69 -47.05 -31.51
CA HIS A 34 -5.42 -45.71 -30.99
C HIS A 34 -5.66 -45.63 -29.50
N THR A 35 -6.66 -46.34 -28.99
CA THR A 35 -6.93 -46.32 -27.56
C THR A 35 -5.72 -46.79 -26.76
N LEU A 36 -5.21 -47.98 -27.07
CA LEU A 36 -4.06 -48.49 -26.36
C LEU A 36 -2.83 -47.63 -26.62
N GLY A 37 -2.65 -47.17 -27.86
CA GLY A 37 -1.47 -46.38 -28.15
C GLY A 37 -1.42 -45.11 -27.31
N ASN A 38 -2.52 -44.38 -27.28
CA ASN A 38 -2.54 -43.15 -26.50
C ASN A 38 -2.45 -43.45 -25.01
N ALA A 39 -3.15 -44.47 -24.54
CA ALA A 39 -3.07 -44.79 -23.11
C ALA A 39 -1.65 -45.14 -22.72
N LEU A 40 -0.96 -45.92 -23.54
CA LEU A 40 0.40 -46.31 -23.22
C LEU A 40 1.37 -45.15 -23.31
N ARG A 41 1.21 -44.28 -24.31
CA ARG A 41 2.05 -43.09 -24.38
C ARG A 41 1.87 -42.25 -23.12
N ARG A 42 0.62 -41.99 -22.77
CA ARG A 42 0.33 -41.12 -21.65
C ARG A 42 0.87 -41.72 -20.35
N ILE A 43 0.65 -43.02 -20.14
CA ILE A 43 1.06 -43.63 -18.89
C ILE A 43 2.58 -43.76 -18.82
N LEU A 44 3.23 -44.10 -19.94
CA LEU A 44 4.67 -44.25 -19.95
C LEU A 44 5.37 -42.92 -19.72
N LEU A 45 4.85 -41.84 -20.29
CA LEU A 45 5.61 -40.61 -20.23
C LEU A 45 5.67 -40.04 -18.82
N SER A 46 4.82 -40.50 -17.91
CA SER A 46 4.80 -39.99 -16.54
C SER A 46 5.17 -41.06 -15.51
N SER A 47 4.44 -42.17 -15.47
CA SER A 47 4.51 -43.10 -14.34
C SER A 47 5.56 -44.17 -14.62
N MET A 48 6.79 -43.84 -14.33
CA MET A 48 7.91 -44.75 -14.49
C MET A 48 8.89 -44.57 -13.35
N PRO A 49 9.71 -45.58 -13.05
CA PRO A 49 10.76 -45.42 -12.06
C PRO A 49 12.09 -45.05 -12.71
N GLY A 50 12.86 -44.24 -11.99
CA GLY A 50 14.16 -43.79 -12.45
C GLY A 50 15.20 -43.95 -11.38
N CYS A 51 16.40 -43.43 -11.67
CA CYS A 51 17.49 -43.44 -10.71
C CYS A 51 18.27 -42.14 -10.74
N ALA A 52 17.59 -41.02 -10.88
CA ALA A 52 18.28 -39.75 -11.01
C ALA A 52 18.91 -39.32 -9.69
N VAL A 53 20.07 -38.68 -9.78
CA VAL A 53 20.75 -38.16 -8.60
C VAL A 53 19.81 -37.24 -7.83
N THR A 54 20.03 -37.15 -6.52
CA THR A 54 19.22 -36.30 -5.66
C THR A 54 20.04 -35.36 -4.79
N GLU A 55 21.16 -35.82 -4.24
CA GLU A 55 22.02 -35.00 -3.39
C GLU A 55 23.46 -35.15 -3.83
N VAL A 56 24.20 -34.05 -3.74
CA VAL A 56 25.62 -34.04 -4.05
C VAL A 56 26.34 -33.38 -2.89
N GLU A 57 27.49 -33.94 -2.53
CA GLU A 57 28.32 -33.39 -1.47
C GLU A 57 29.75 -33.38 -1.99
N ILE A 58 30.19 -32.23 -2.45
CA ILE A 58 31.56 -32.03 -2.91
C ILE A 58 32.41 -31.66 -1.71
N ASP A 59 33.64 -32.14 -1.69
CA ASP A 59 34.49 -31.96 -0.52
C ASP A 59 34.78 -30.49 -0.26
N GLY A 60 35.46 -29.83 -1.20
CA GLY A 60 35.91 -28.47 -0.98
C GLY A 60 34.94 -27.41 -1.44
N VAL A 61 33.65 -27.70 -1.41
CA VAL A 61 32.61 -26.78 -1.82
C VAL A 61 31.73 -26.50 -0.62
N LEU A 62 31.67 -25.24 -0.22
CA LEU A 62 30.88 -24.86 0.95
C LEU A 62 29.39 -24.80 0.61
N HIS A 63 29.01 -23.93 -0.32
CA HIS A 63 27.64 -23.79 -0.77
C HIS A 63 27.63 -23.69 -2.29
N GLU A 64 26.46 -23.87 -2.87
CA GLU A 64 26.36 -24.11 -4.31
C GLU A 64 26.96 -22.96 -5.10
N TYR A 65 26.66 -21.74 -4.72
CA TYR A 65 27.01 -20.60 -5.56
C TYR A 65 28.48 -20.22 -5.48
N SER A 66 29.29 -20.96 -4.74
CA SER A 66 30.71 -20.72 -4.71
C SER A 66 31.35 -21.34 -5.95
N THR A 67 32.68 -21.45 -5.95
CA THR A 67 33.40 -22.05 -7.05
C THR A 67 34.68 -22.67 -6.52
N LYS A 68 35.02 -23.85 -7.03
CA LYS A 68 36.23 -24.53 -6.61
C LYS A 68 37.40 -24.05 -7.45
N GLU A 69 38.54 -24.73 -7.34
CA GLU A 69 39.76 -24.38 -8.06
C GLU A 69 40.19 -25.55 -8.93
N GLY A 70 40.80 -25.22 -10.06
CA GLY A 70 41.28 -26.22 -11.00
C GLY A 70 40.22 -26.80 -11.89
N VAL A 71 38.97 -26.34 -11.78
CA VAL A 71 37.85 -26.84 -12.57
C VAL A 71 37.17 -25.64 -13.19
N GLN A 72 37.13 -25.60 -14.52
CA GLN A 72 36.54 -24.45 -15.19
C GLN A 72 35.04 -24.36 -14.92
N GLU A 73 34.37 -25.50 -14.86
CA GLU A 73 32.94 -25.50 -14.60
C GLU A 73 32.64 -24.92 -13.23
N ASP A 74 31.67 -24.03 -13.15
CA ASP A 74 31.18 -23.61 -11.86
C ASP A 74 30.40 -24.74 -11.20
N ILE A 75 30.16 -24.60 -9.91
CA ILE A 75 29.48 -25.66 -9.17
C ILE A 75 28.10 -25.90 -9.75
N LEU A 76 27.41 -24.84 -10.14
CA LEU A 76 26.05 -24.98 -10.67
C LEU A 76 26.06 -25.81 -11.95
N GLU A 77 27.05 -25.59 -12.81
CA GLU A 77 27.17 -26.42 -14.00
C GLU A 77 27.43 -27.87 -13.62
N ILE A 78 28.21 -28.10 -12.57
CA ILE A 78 28.46 -29.46 -12.13
C ILE A 78 27.16 -30.13 -11.72
N LEU A 79 26.35 -29.43 -10.92
CA LEU A 79 25.09 -30.01 -10.50
C LEU A 79 24.17 -30.22 -11.69
N LEU A 80 24.19 -29.30 -12.65
CA LEU A 80 23.37 -29.48 -13.85
C LEU A 80 23.75 -30.79 -14.56
N ASN A 81 25.04 -31.00 -14.78
CA ASN A 81 25.47 -32.21 -15.46
C ASN A 81 25.12 -33.46 -14.65
N LEU A 82 25.32 -33.41 -13.33
CA LEU A 82 24.96 -34.56 -12.51
C LEU A 82 23.47 -34.85 -12.61
N LYS A 83 22.64 -33.81 -12.56
CA LYS A 83 21.21 -33.98 -12.77
C LYS A 83 20.95 -34.65 -14.11
N GLY A 84 21.75 -34.31 -15.12
CA GLY A 84 21.66 -34.99 -16.39
C GLY A 84 22.24 -36.39 -16.40
N LEU A 85 22.97 -36.77 -15.35
CA LEU A 85 23.56 -38.11 -15.31
C LEU A 85 22.47 -39.16 -15.28
N ALA A 86 22.73 -40.27 -15.96
CA ALA A 86 21.80 -41.40 -16.00
C ALA A 86 22.51 -42.62 -15.44
N VAL A 87 21.84 -43.34 -14.54
CA VAL A 87 22.41 -44.50 -13.88
C VAL A 87 21.34 -45.57 -13.77
N ARG A 88 21.77 -46.82 -13.86
CA ARG A 88 20.89 -47.98 -13.72
C ARG A 88 21.18 -48.60 -12.36
N VAL A 89 20.21 -48.53 -11.46
CA VAL A 89 20.33 -49.05 -10.11
C VAL A 89 19.25 -50.09 -9.89
N GLN A 90 19.65 -51.28 -9.45
CA GLN A 90 18.74 -52.37 -9.12
C GLN A 90 18.74 -52.58 -7.61
N GLY A 91 17.80 -53.40 -7.15
CA GLY A 91 17.79 -53.81 -5.76
C GLY A 91 17.67 -52.64 -4.81
N LYS A 92 18.79 -52.31 -4.15
CA LYS A 92 18.89 -51.26 -3.15
C LYS A 92 18.05 -50.05 -3.53
N ASP A 93 17.25 -49.56 -2.57
CA ASP A 93 16.44 -48.37 -2.83
C ASP A 93 17.33 -47.19 -3.21
N GLU A 94 18.14 -46.73 -2.27
CA GLU A 94 19.04 -45.61 -2.47
C GLU A 94 20.46 -46.06 -2.26
N VAL A 95 21.41 -45.34 -2.86
CA VAL A 95 22.81 -45.76 -2.86
C VAL A 95 23.69 -44.54 -3.07
N ILE A 96 24.89 -44.58 -2.50
CA ILE A 96 25.85 -43.51 -2.58
C ILE A 96 26.97 -43.93 -3.53
N LEU A 97 27.38 -43.01 -4.38
CA LEU A 97 28.52 -43.19 -5.28
C LEU A 97 29.60 -42.18 -4.91
N THR A 98 30.83 -42.48 -5.31
CA THR A 98 31.97 -41.62 -5.01
C THR A 98 32.71 -41.31 -6.31
N LEU A 99 33.31 -40.11 -6.36
CA LEU A 99 34.13 -39.73 -7.50
C LEU A 99 35.23 -38.81 -7.02
N ASN A 100 36.48 -39.26 -7.16
CA ASN A 100 37.66 -38.52 -6.72
C ASN A 100 38.72 -38.48 -7.82
N LYS A 101 38.29 -38.23 -9.05
CA LYS A 101 39.24 -38.08 -10.14
C LYS A 101 40.18 -36.90 -9.89
N SER A 102 41.46 -37.09 -10.20
CA SER A 102 42.45 -36.05 -10.07
C SER A 102 43.32 -36.02 -11.32
N GLY A 103 43.80 -34.83 -11.66
CA GLY A 103 44.60 -34.61 -12.85
C GLY A 103 43.82 -33.87 -13.92
N ILE A 104 44.58 -33.31 -14.88
CA ILE A 104 43.97 -32.51 -15.93
C ILE A 104 43.16 -33.39 -16.87
N GLY A 105 42.08 -32.84 -17.41
CA GLY A 105 41.29 -33.51 -18.42
C GLY A 105 39.81 -33.57 -18.06
N PRO A 106 39.05 -34.31 -18.85
CA PRO A 106 37.63 -34.50 -18.54
C PRO A 106 37.43 -35.30 -17.27
N VAL A 107 36.25 -35.16 -16.71
CA VAL A 107 35.85 -35.84 -15.48
C VAL A 107 34.63 -36.69 -15.77
N THR A 108 34.57 -37.26 -16.97
CA THR A 108 33.40 -38.03 -17.41
C THR A 108 32.99 -39.09 -16.40
N ALA A 109 31.75 -39.54 -16.48
CA ALA A 109 31.19 -40.42 -15.46
C ALA A 109 31.94 -41.74 -15.35
N ALA A 110 32.75 -42.09 -16.34
CA ALA A 110 33.45 -43.37 -16.31
C ALA A 110 34.29 -43.50 -15.05
N ASP A 111 35.00 -42.45 -14.66
CA ASP A 111 35.88 -42.51 -13.50
C ASP A 111 35.13 -42.42 -12.18
N ILE A 112 33.79 -42.41 -12.20
CA ILE A 112 33.04 -42.54 -10.96
C ILE A 112 33.43 -43.85 -10.29
N THR A 113 33.49 -43.83 -8.96
CA THR A 113 33.89 -45.02 -8.22
C THR A 113 32.97 -46.18 -8.53
N HIS A 114 33.55 -47.35 -8.74
CA HIS A 114 32.77 -48.54 -9.05
C HIS A 114 31.91 -48.92 -7.85
N ASP A 115 30.76 -49.52 -8.12
CA ASP A 115 29.89 -50.05 -7.07
C ASP A 115 29.30 -51.38 -7.52
N GLY A 116 28.29 -51.86 -6.81
CA GLY A 116 27.70 -53.16 -7.09
C GLY A 116 26.70 -53.09 -8.21
N ASP A 117 25.43 -53.40 -7.91
CA ASP A 117 24.39 -53.39 -8.94
C ASP A 117 24.25 -52.03 -9.62
N VAL A 118 24.76 -50.96 -9.01
CA VAL A 118 24.79 -49.68 -9.69
C VAL A 118 25.64 -49.79 -10.95
N GLU A 119 25.16 -49.20 -12.04
CA GLU A 119 25.85 -49.23 -13.31
C GLU A 119 25.62 -47.93 -14.05
N ILE A 120 26.72 -47.28 -14.45
CA ILE A 120 26.63 -46.02 -15.20
C ILE A 120 26.34 -46.37 -16.66
N VAL A 121 25.14 -46.01 -17.13
CA VAL A 121 24.73 -46.41 -18.47
C VAL A 121 25.57 -45.70 -19.53
N LYS A 122 25.86 -44.41 -19.32
CA LYS A 122 26.50 -43.57 -20.33
C LYS A 122 27.74 -42.94 -19.70
N PRO A 123 28.85 -43.68 -19.64
CA PRO A 123 30.07 -43.11 -19.04
C PRO A 123 30.58 -41.88 -19.76
N GLN A 124 30.27 -41.72 -21.05
CA GLN A 124 30.84 -40.62 -21.82
C GLN A 124 30.31 -39.26 -21.37
N HIS A 125 29.13 -39.23 -20.74
CA HIS A 125 28.52 -37.97 -20.34
C HIS A 125 29.43 -37.21 -19.40
N VAL A 126 29.91 -36.05 -19.86
CA VAL A 126 30.85 -35.26 -19.07
C VAL A 126 30.15 -34.71 -17.84
N ILE A 127 30.83 -34.77 -16.71
CA ILE A 127 30.34 -34.17 -15.47
C ILE A 127 30.97 -32.81 -15.21
N CYS A 128 32.27 -32.70 -15.40
CA CYS A 128 32.99 -31.44 -15.19
C CYS A 128 34.34 -31.58 -15.86
N HIS A 129 35.21 -30.60 -15.63
CA HIS A 129 36.54 -30.58 -16.24
C HIS A 129 37.59 -30.21 -15.20
N LEU A 130 38.81 -30.67 -15.44
CA LEU A 130 39.96 -30.34 -14.62
C LEU A 130 41.03 -29.70 -15.51
N THR A 131 41.68 -28.66 -14.99
CA THR A 131 42.67 -27.90 -15.76
C THR A 131 44.00 -27.78 -15.02
N ASP A 132 43.97 -27.85 -13.70
CA ASP A 132 45.18 -27.73 -12.88
C ASP A 132 45.62 -29.11 -12.43
N GLU A 133 46.92 -29.39 -12.57
CA GLU A 133 47.43 -30.73 -12.35
C GLU A 133 47.18 -31.21 -10.92
N ASN A 134 47.46 -30.36 -9.93
CA ASN A 134 47.26 -30.71 -8.53
C ASN A 134 45.91 -30.17 -8.05
N ALA A 135 44.87 -30.58 -8.77
CA ALA A 135 43.49 -30.23 -8.41
C ALA A 135 42.66 -31.50 -8.50
N SER A 136 41.98 -31.84 -7.41
CA SER A 136 41.16 -33.03 -7.33
C SER A 136 39.76 -32.65 -6.89
N ILE A 137 38.77 -33.29 -7.51
CA ILE A 137 37.36 -33.07 -7.20
C ILE A 137 36.85 -34.35 -6.57
N SER A 138 36.56 -34.29 -5.27
CA SER A 138 36.10 -35.44 -4.51
C SER A 138 34.66 -35.19 -4.07
N MET A 139 33.77 -36.13 -4.39
CA MET A 139 32.35 -35.90 -4.21
C MET A 139 31.64 -37.21 -3.92
N ARG A 140 30.61 -37.10 -3.08
CA ARG A 140 29.65 -38.18 -2.81
C ARG A 140 28.31 -37.82 -3.45
N ILE A 141 27.78 -38.73 -4.26
CA ILE A 141 26.55 -38.51 -5.01
C ILE A 141 25.53 -39.52 -4.53
N LYS A 142 24.47 -39.03 -3.90
CA LYS A 142 23.37 -39.90 -3.49
C LYS A 142 22.45 -40.13 -4.68
N VAL A 143 21.77 -41.28 -4.68
CA VAL A 143 20.81 -41.62 -5.72
C VAL A 143 19.68 -42.41 -5.09
N GLN A 144 18.44 -41.98 -5.33
CA GLN A 144 17.26 -42.76 -4.99
C GLN A 144 16.44 -42.96 -6.25
N ARG A 145 15.32 -43.68 -6.12
CA ARG A 145 14.44 -44.00 -7.23
C ARG A 145 13.06 -43.41 -6.97
N GLY A 146 12.49 -42.80 -7.99
CA GLY A 146 11.16 -42.27 -7.85
C GLY A 146 10.51 -42.06 -9.19
N ARG A 147 9.42 -41.29 -9.18
CA ARG A 147 8.57 -41.10 -10.34
C ARG A 147 8.37 -39.62 -10.58
N GLY A 148 8.06 -39.29 -11.83
CA GLY A 148 7.71 -37.92 -12.15
C GLY A 148 8.83 -36.97 -11.80
N TYR A 149 8.49 -35.88 -11.13
CA TYR A 149 9.39 -34.77 -10.89
C TYR A 149 9.22 -34.31 -9.45
N VAL A 150 10.34 -34.15 -8.75
CA VAL A 150 10.31 -33.72 -7.36
C VAL A 150 11.43 -32.71 -7.13
N PRO A 151 11.16 -31.41 -7.17
CA PRO A 151 12.25 -30.43 -7.06
C PRO A 151 12.90 -30.44 -5.69
N ALA A 152 13.91 -29.60 -5.50
CA ALA A 152 14.59 -29.54 -4.21
C ALA A 152 13.66 -29.08 -3.11
N SER A 153 12.93 -27.98 -3.36
CA SER A 153 12.19 -27.33 -2.28
C SER A 153 11.09 -28.24 -1.72
N THR A 154 10.38 -28.95 -2.59
CA THR A 154 9.25 -29.76 -2.12
C THR A 154 9.70 -30.85 -1.16
N ARG A 155 10.82 -31.51 -1.47
CA ARG A 155 11.31 -32.60 -0.65
C ARG A 155 12.07 -32.13 0.59
N ILE A 156 12.44 -30.85 0.66
CA ILE A 156 13.30 -30.34 1.73
C ILE A 156 12.76 -30.67 3.11
N PRO A 164 23.76 -30.40 8.04
CA PRO A 164 25.01 -30.02 7.37
C PRO A 164 24.84 -28.79 6.48
N ILE A 165 25.91 -28.36 5.83
CA ILE A 165 25.83 -27.31 4.82
C ILE A 165 26.42 -27.72 3.49
N GLY A 166 27.24 -28.76 3.42
CA GLY A 166 27.73 -29.27 2.17
C GLY A 166 26.76 -30.16 1.45
N ARG A 167 25.52 -30.23 1.93
CA ARG A 167 24.47 -31.05 1.32
C ARG A 167 23.80 -30.22 0.23
N LEU A 168 24.35 -30.29 -0.98
CA LEU A 168 23.78 -29.59 -2.12
C LEU A 168 22.60 -30.40 -2.65
N LEU A 169 21.40 -29.86 -2.52
CA LEU A 169 20.23 -30.51 -3.07
C LEU A 169 20.11 -30.18 -4.55
N VAL A 170 19.82 -31.19 -5.36
CA VAL A 170 19.65 -31.05 -6.80
C VAL A 170 18.28 -31.59 -7.17
N ASP A 171 17.57 -30.85 -8.01
CA ASP A 171 16.22 -31.23 -8.39
C ASP A 171 16.22 -32.61 -9.03
N ALA A 172 15.29 -33.44 -8.58
CA ALA A 172 15.12 -34.76 -9.17
C ALA A 172 14.66 -34.63 -10.61
N CYS A 173 14.93 -35.67 -11.39
CA CYS A 173 14.37 -35.80 -12.73
C CYS A 173 14.04 -37.26 -12.98
N TYR A 174 13.39 -37.89 -11.99
CA TYR A 174 13.17 -39.33 -12.09
C TYR A 174 12.26 -39.62 -13.27
N SER A 175 12.84 -40.03 -14.38
CA SER A 175 12.07 -40.50 -15.51
C SER A 175 13.01 -41.20 -16.47
N PRO A 176 12.71 -42.40 -16.94
CA PRO A 176 13.58 -43.05 -17.92
C PRO A 176 13.25 -42.74 -19.36
N VAL A 177 12.04 -42.29 -19.66
CA VAL A 177 11.60 -42.07 -21.04
C VAL A 177 11.44 -40.58 -21.29
N GLU A 178 11.65 -40.19 -22.56
CA GLU A 178 11.63 -38.79 -22.95
C GLU A 178 10.86 -38.53 -24.23
N ARG A 179 10.40 -39.55 -24.95
CA ARG A 179 9.62 -39.34 -26.17
C ARG A 179 8.97 -40.66 -26.54
N ILE A 180 7.65 -40.72 -26.48
CA ILE A 180 6.89 -41.92 -26.81
C ILE A 180 6.00 -41.60 -27.99
N ALA A 181 6.11 -42.38 -29.05
CA ALA A 181 5.28 -42.19 -30.23
C ALA A 181 4.71 -43.53 -30.66
N TYR A 182 3.40 -43.55 -30.91
CA TYR A 182 2.70 -44.75 -31.29
C TYR A 182 2.08 -44.58 -32.66
N ASN A 183 2.25 -45.58 -33.50
CA ASN A 183 1.63 -45.63 -34.81
C ASN A 183 0.83 -46.92 -34.93
N VAL A 184 -0.24 -46.85 -35.70
CA VAL A 184 -1.09 -48.01 -35.96
C VAL A 184 -1.09 -48.25 -37.46
N GLU A 185 -0.86 -49.50 -37.86
CA GLU A 185 -0.74 -49.84 -39.26
C GLU A 185 -1.39 -51.19 -39.51
N ALA A 186 -1.52 -51.54 -40.79
CA ALA A 186 -2.16 -52.80 -41.16
C ALA A 186 -1.16 -53.96 -41.03
N ALA A 187 -1.67 -55.11 -40.60
CA ALA A 187 -0.88 -56.30 -40.41
C ALA A 187 -1.05 -57.25 -41.59
N ARG A 188 -0.50 -58.46 -41.47
CA ARG A 188 -0.63 -59.45 -42.53
C ARG A 188 -2.10 -59.84 -42.72
N VAL A 189 -2.37 -60.55 -43.80
CA VAL A 189 -3.74 -60.97 -44.11
C VAL A 189 -4.28 -61.86 -43.00
N GLU A 190 -3.52 -62.89 -42.63
CA GLU A 190 -3.81 -63.74 -41.48
C GLU A 190 -5.18 -64.39 -41.57
N GLN A 191 -5.75 -64.49 -42.78
CA GLN A 191 -7.12 -64.96 -43.00
C GLN A 191 -8.14 -64.04 -42.34
N ARG A 192 -7.74 -62.83 -41.94
CA ARG A 192 -8.64 -61.89 -41.28
C ARG A 192 -8.03 -60.51 -41.38
N THR A 193 -8.71 -59.60 -42.07
CA THR A 193 -8.23 -58.23 -42.20
C THR A 193 -8.53 -57.46 -40.92
N ASP A 194 -8.24 -56.15 -40.96
CA ASP A 194 -8.60 -55.23 -39.89
C ASP A 194 -7.82 -55.46 -38.60
N LEU A 195 -6.71 -56.21 -38.66
CA LEU A 195 -5.87 -56.43 -37.50
C LEU A 195 -4.75 -55.40 -37.50
N ASP A 196 -4.65 -54.63 -36.41
CA ASP A 196 -3.77 -53.47 -36.35
C ASP A 196 -2.48 -53.84 -35.63
N LYS A 197 -1.36 -53.53 -36.27
CA LYS A 197 -0.04 -53.60 -35.65
C LYS A 197 0.26 -52.23 -35.05
N LEU A 198 0.53 -52.20 -33.76
CA LEU A 198 0.77 -50.96 -33.03
C LEU A 198 2.25 -50.88 -32.69
N VAL A 199 2.97 -49.98 -33.34
CA VAL A 199 4.40 -49.80 -33.13
C VAL A 199 4.60 -48.63 -32.19
N ILE A 200 5.23 -48.88 -31.05
CA ILE A 200 5.45 -47.88 -30.02
C ILE A 200 6.96 -47.70 -29.88
N GLU A 201 7.45 -46.51 -30.18
CA GLU A 201 8.86 -46.20 -30.03
C GLU A 201 9.04 -45.34 -28.79
N MET A 202 9.97 -45.73 -27.93
CA MET A 202 10.33 -45.00 -26.73
C MET A 202 11.78 -44.56 -26.84
N GLU A 203 12.03 -43.29 -26.55
CA GLU A 203 13.38 -42.75 -26.51
C GLU A 203 13.74 -42.59 -25.05
N THR A 204 14.49 -43.57 -24.53
CA THR A 204 14.84 -43.63 -23.13
C THR A 204 16.34 -43.46 -22.95
N ASN A 205 16.73 -42.97 -21.78
CA ASN A 205 18.13 -42.68 -21.47
C ASN A 205 18.96 -43.93 -21.21
N GLY A 206 18.44 -45.12 -21.53
CA GLY A 206 19.18 -46.35 -21.39
C GLY A 206 19.01 -47.04 -20.06
N THR A 207 18.53 -46.34 -19.04
CA THR A 207 18.38 -46.95 -17.74
C THR A 207 17.35 -48.06 -17.73
N ILE A 208 16.36 -48.01 -18.62
CA ILE A 208 15.26 -48.96 -18.63
C ILE A 208 15.13 -49.54 -20.02
N ASP A 209 15.05 -50.87 -20.09
CA ASP A 209 14.86 -51.54 -21.36
C ASP A 209 13.42 -51.39 -21.83
N PRO A 210 13.16 -51.59 -23.13
CA PRO A 210 11.78 -51.44 -23.61
C PRO A 210 10.81 -52.42 -22.97
N GLU A 211 11.17 -53.69 -22.88
CA GLU A 211 10.22 -54.69 -22.38
C GLU A 211 9.80 -54.39 -20.95
N GLU A 212 10.77 -54.06 -20.10
CA GLU A 212 10.45 -53.76 -18.71
C GLU A 212 9.51 -52.57 -18.61
N ALA A 213 9.79 -51.51 -19.37
CA ALA A 213 8.97 -50.31 -19.29
C ALA A 213 7.56 -50.59 -19.76
N ILE A 214 7.41 -51.25 -20.92
CA ILE A 214 6.08 -51.49 -21.44
C ILE A 214 5.30 -52.39 -20.50
N ARG A 215 5.96 -53.39 -19.90
CA ARG A 215 5.24 -54.27 -18.99
C ARG A 215 4.82 -53.53 -17.73
N ARG A 216 5.68 -52.66 -17.20
CA ARG A 216 5.27 -51.91 -16.01
C ARG A 216 4.10 -50.99 -16.32
N ALA A 217 4.12 -50.35 -17.50
CA ALA A 217 2.99 -49.51 -17.90
C ALA A 217 1.73 -50.34 -18.00
N ALA A 218 1.82 -51.52 -18.60
CA ALA A 218 0.67 -52.39 -18.67
C ALA A 218 0.16 -52.75 -17.28
N THR A 219 1.06 -53.04 -16.35
CA THR A 219 0.65 -53.44 -15.01
C THR A 219 -0.07 -52.31 -14.30
N ILE A 220 0.50 -51.10 -14.35
CA ILE A 220 -0.12 -49.98 -13.65
C ILE A 220 -1.50 -49.70 -14.24
N LEU A 221 -1.61 -49.71 -15.57
CA LEU A 221 -2.93 -49.46 -16.16
C LEU A 221 -3.90 -50.57 -15.79
N ALA A 222 -3.44 -51.82 -15.76
CA ALA A 222 -4.33 -52.91 -15.40
C ALA A 222 -4.84 -52.76 -13.98
N GLU A 223 -3.97 -52.34 -13.06
CA GLU A 223 -4.42 -52.12 -11.68
C GLU A 223 -5.44 -50.99 -11.61
N GLN A 224 -5.13 -49.86 -12.27
CA GLN A 224 -6.04 -48.73 -12.23
C GLN A 224 -7.39 -49.11 -12.78
N LEU A 225 -7.42 -49.90 -13.85
CA LEU A 225 -8.70 -50.28 -14.44
C LEU A 225 -9.41 -51.35 -13.62
N GLU A 226 -8.68 -52.29 -13.02
CA GLU A 226 -9.30 -53.24 -12.12
C GLU A 226 -9.98 -52.54 -10.97
N ALA A 227 -9.48 -51.36 -10.59
CA ALA A 227 -10.20 -50.53 -9.63
C ALA A 227 -11.56 -50.10 -10.17
N PHE A 228 -11.80 -50.23 -11.47
CA PHE A 228 -13.08 -49.91 -12.10
C PHE A 228 -13.97 -51.13 -12.31
N VAL A 229 -13.43 -52.34 -12.21
CA VAL A 229 -14.20 -53.53 -12.61
C VAL A 229 -15.44 -53.67 -11.75
N ASP A 230 -15.29 -53.51 -10.44
CA ASP A 230 -16.39 -53.63 -9.49
C ASP A 230 -16.83 -52.22 -9.10
N LEU A 231 -18.13 -51.98 -9.15
CA LEU A 231 -18.71 -50.71 -8.76
C LEU A 231 -19.94 -50.95 -7.91
N ALA A 232 -20.28 -49.97 -7.08
CA ALA A 232 -21.42 -50.06 -6.18
C ALA A 232 -22.72 -49.97 -6.95
N SER B 1 7.64 -49.07 -3.66
CA SER B 1 7.24 -47.68 -3.53
C SER B 1 6.81 -47.13 -4.88
N VAL B 2 7.66 -47.33 -5.88
CA VAL B 2 7.37 -46.81 -7.21
C VAL B 2 6.12 -47.47 -7.77
N THR B 3 5.92 -48.75 -7.46
CA THR B 3 4.72 -49.44 -7.93
C THR B 3 3.45 -48.90 -7.30
N GLU B 4 3.54 -48.24 -6.14
CA GLU B 4 2.35 -47.73 -5.48
C GLU B 4 1.75 -46.58 -6.27
N PHE B 5 0.43 -46.60 -6.42
CA PHE B 5 -0.31 -45.50 -7.02
C PHE B 5 -1.67 -45.40 -6.34
N LEU B 6 -2.13 -44.18 -6.11
CA LEU B 6 -3.35 -43.98 -5.34
C LEU B 6 -4.53 -44.64 -6.03
N LYS B 7 -5.01 -45.74 -5.47
CA LYS B 7 -6.17 -46.39 -6.07
C LYS B 7 -7.42 -45.60 -5.74
N PRO B 8 -8.39 -45.53 -6.65
CA PRO B 8 -9.64 -44.85 -6.32
C PRO B 8 -10.48 -45.70 -5.38
N ARG B 9 -11.41 -45.04 -4.71
CA ARG B 9 -12.45 -45.71 -3.94
C ARG B 9 -13.79 -45.33 -4.56
N LEU B 10 -14.38 -46.29 -5.28
CA LEU B 10 -15.65 -46.07 -5.96
C LEU B 10 -16.65 -45.44 -5.04
N VAL B 11 -17.13 -44.25 -5.41
CA VAL B 11 -17.93 -43.44 -4.49
C VAL B 11 -19.30 -43.16 -5.09
N ASP B 12 -19.35 -42.45 -6.21
CA ASP B 12 -20.61 -41.96 -6.76
C ASP B 12 -21.15 -42.98 -7.76
N ILE B 13 -22.40 -43.37 -7.58
CA ILE B 13 -23.09 -44.22 -8.54
C ILE B 13 -24.45 -43.58 -8.82
N GLU B 14 -24.53 -42.25 -8.74
CA GLU B 14 -25.80 -41.56 -8.89
C GLU B 14 -26.50 -41.97 -10.17
N GLN B 15 -27.63 -42.65 -10.05
CA GLN B 15 -28.37 -43.20 -11.18
C GLN B 15 -29.63 -42.36 -11.36
N VAL B 16 -29.50 -41.26 -12.10
CA VAL B 16 -30.64 -40.43 -12.40
C VAL B 16 -31.62 -41.22 -13.25
N SER B 17 -32.88 -41.25 -12.84
CA SER B 17 -33.93 -42.03 -13.49
C SER B 17 -33.44 -43.47 -13.56
N SER B 18 -33.54 -44.17 -14.70
CA SER B 18 -33.19 -45.57 -14.80
C SER B 18 -32.04 -45.85 -15.75
N THR B 19 -31.56 -44.87 -16.51
CA THR B 19 -30.53 -45.10 -17.51
C THR B 19 -29.41 -44.09 -17.52
N HIS B 20 -29.58 -42.91 -16.93
CA HIS B 20 -28.56 -41.87 -16.95
C HIS B 20 -27.81 -41.87 -15.62
N ALA B 21 -26.55 -42.30 -15.66
CA ALA B 21 -25.73 -42.41 -14.45
C ALA B 21 -24.56 -41.45 -14.52
N LYS B 22 -24.15 -40.96 -13.35
CA LYS B 22 -23.04 -40.03 -13.20
C LYS B 22 -22.09 -40.60 -12.17
N VAL B 23 -21.17 -41.43 -12.61
CA VAL B 23 -20.17 -42.04 -11.75
C VAL B 23 -19.04 -41.04 -11.54
N THR B 24 -18.42 -41.10 -10.37
CA THR B 24 -17.21 -40.31 -10.11
C THR B 24 -16.22 -41.17 -9.35
N LEU B 25 -14.94 -40.96 -9.63
CA LEU B 25 -13.84 -41.64 -8.96
C LEU B 25 -12.85 -40.60 -8.47
N GLU B 26 -12.24 -40.83 -7.32
CA GLU B 26 -11.15 -39.98 -6.87
C GLU B 26 -10.52 -40.64 -5.64
N PRO B 27 -9.28 -40.27 -5.31
CA PRO B 27 -8.37 -39.36 -5.99
C PRO B 27 -7.37 -40.12 -6.86
N LEU B 28 -7.23 -39.76 -8.13
CA LEU B 28 -6.26 -40.38 -9.03
C LEU B 28 -5.03 -39.49 -9.14
N GLU B 29 -3.93 -40.10 -9.60
CA GLU B 29 -2.70 -39.34 -9.71
C GLU B 29 -2.81 -38.32 -10.83
N ARG B 30 -1.79 -37.49 -10.97
CA ARG B 30 -1.82 -36.40 -11.94
C ARG B 30 -1.92 -36.91 -13.37
N GLY B 31 -3.10 -36.77 -13.96
CA GLY B 31 -3.31 -37.10 -15.35
C GLY B 31 -4.01 -38.43 -15.58
N PHE B 32 -4.06 -39.30 -14.58
CA PHE B 32 -4.74 -40.57 -14.77
C PHE B 32 -6.21 -40.36 -15.09
N GLY B 33 -6.81 -39.28 -14.61
CA GLY B 33 -8.21 -39.05 -14.89
C GLY B 33 -8.46 -38.98 -16.39
N HIS B 34 -7.64 -38.22 -17.10
CA HIS B 34 -7.84 -38.10 -18.53
C HIS B 34 -7.60 -39.41 -19.25
N THR B 35 -6.54 -40.14 -18.90
CA THR B 35 -6.24 -41.35 -19.65
C THR B 35 -7.31 -42.40 -19.43
N LEU B 36 -7.75 -42.60 -18.17
CA LEU B 36 -8.84 -43.53 -17.94
C LEU B 36 -10.11 -43.08 -18.64
N GLY B 37 -10.41 -41.79 -18.56
CA GLY B 37 -11.65 -41.31 -19.17
C GLY B 37 -11.67 -41.53 -20.67
N ASN B 38 -10.56 -41.19 -21.33
CA ASN B 38 -10.53 -41.36 -22.78
C ASN B 38 -10.53 -42.82 -23.17
N ALA B 39 -9.80 -43.67 -22.43
CA ALA B 39 -9.83 -45.09 -22.75
C ALA B 39 -11.24 -45.63 -22.63
N LEU B 40 -11.91 -45.33 -21.52
CA LEU B 40 -13.27 -45.82 -21.33
C LEU B 40 -14.21 -45.26 -22.40
N ARG B 41 -14.06 -43.98 -22.73
CA ARG B 41 -14.93 -43.40 -23.74
C ARG B 41 -14.77 -44.10 -25.08
N ARG B 42 -13.52 -44.25 -25.53
CA ARG B 42 -13.30 -44.84 -26.84
C ARG B 42 -13.76 -46.29 -26.87
N ILE B 43 -13.45 -47.07 -25.83
CA ILE B 43 -13.84 -48.47 -25.85
C ILE B 43 -15.36 -48.58 -25.80
N LEU B 44 -16.02 -47.75 -25.00
CA LEU B 44 -17.47 -47.84 -24.89
C LEU B 44 -18.15 -47.45 -26.19
N LEU B 45 -17.78 -46.30 -26.75
CA LEU B 45 -18.46 -45.79 -27.94
C LEU B 45 -18.13 -46.64 -29.16
N SER B 46 -16.89 -47.11 -29.27
CA SER B 46 -16.47 -47.80 -30.48
C SER B 46 -16.83 -49.28 -30.44
N SER B 47 -16.46 -49.97 -29.37
CA SER B 47 -16.57 -51.43 -29.29
C SER B 47 -17.37 -51.81 -28.04
N MET B 48 -18.63 -52.14 -28.24
CA MET B 48 -19.48 -52.67 -27.19
C MET B 48 -20.40 -53.71 -27.81
N PRO B 49 -20.31 -54.98 -27.41
CA PRO B 49 -21.21 -55.98 -28.00
C PRO B 49 -22.66 -55.62 -27.78
N GLY B 50 -23.48 -55.87 -28.79
CA GLY B 50 -24.89 -55.57 -28.71
C GLY B 50 -25.58 -55.94 -30.00
N CYS B 51 -26.90 -55.72 -30.01
CA CYS B 51 -27.74 -56.02 -31.16
C CYS B 51 -28.63 -54.84 -31.48
N ALA B 52 -28.70 -54.49 -32.75
CA ALA B 52 -29.54 -53.39 -33.20
C ALA B 52 -30.09 -53.70 -34.58
N VAL B 53 -31.20 -53.06 -34.92
CA VAL B 53 -31.81 -53.25 -36.22
C VAL B 53 -30.87 -52.74 -37.29
N THR B 54 -30.63 -53.57 -38.31
CA THR B 54 -29.75 -53.22 -39.43
C THR B 54 -30.52 -52.92 -40.70
N GLU B 55 -31.37 -53.86 -41.13
CA GLU B 55 -32.11 -53.74 -42.38
C GLU B 55 -33.61 -53.79 -42.09
N VAL B 56 -34.35 -53.01 -42.88
CA VAL B 56 -35.80 -52.96 -42.80
C VAL B 56 -36.33 -52.91 -44.23
N GLU B 57 -37.47 -53.57 -44.45
CA GLU B 57 -38.12 -53.52 -45.75
C GLU B 57 -39.63 -53.43 -45.55
N ILE B 58 -40.27 -52.68 -46.44
CA ILE B 58 -41.71 -52.50 -46.45
C ILE B 58 -42.29 -53.38 -47.55
N ASP B 59 -43.45 -53.98 -47.27
CA ASP B 59 -44.04 -54.91 -48.23
C ASP B 59 -44.41 -54.21 -49.52
N GLY B 60 -44.96 -52.99 -49.43
CA GLY B 60 -45.46 -52.29 -50.60
C GLY B 60 -44.56 -51.19 -51.12
N VAL B 61 -43.30 -51.17 -50.68
CA VAL B 61 -42.35 -50.14 -51.11
C VAL B 61 -41.01 -50.80 -51.38
N LEU B 62 -40.32 -50.31 -52.41
CA LEU B 62 -38.94 -50.69 -52.69
C LEU B 62 -38.00 -49.51 -52.78
N HIS B 63 -38.51 -48.28 -52.87
CA HIS B 63 -37.70 -47.08 -52.97
C HIS B 63 -37.67 -46.39 -51.60
N GLU B 64 -36.50 -45.85 -51.25
CA GLU B 64 -36.36 -45.19 -49.95
C GLU B 64 -37.27 -43.98 -49.84
N TYR B 65 -37.33 -43.17 -50.90
CA TYR B 65 -38.01 -41.88 -50.87
C TYR B 65 -39.41 -42.04 -51.46
N SER B 66 -40.30 -42.55 -50.63
CA SER B 66 -41.70 -42.75 -51.00
C SER B 66 -42.54 -42.63 -49.74
N THR B 67 -43.79 -43.09 -49.81
CA THR B 67 -44.65 -43.06 -48.64
C THR B 67 -45.73 -44.12 -48.78
N LYS B 68 -46.36 -44.44 -47.66
CA LYS B 68 -47.47 -45.38 -47.60
C LYS B 68 -48.73 -44.61 -47.21
N GLU B 69 -49.83 -44.88 -47.93
CA GLU B 69 -51.08 -44.20 -47.65
C GLU B 69 -51.59 -44.56 -46.26
N GLY B 70 -52.27 -43.61 -45.63
CA GLY B 70 -52.77 -43.79 -44.28
C GLY B 70 -51.72 -43.62 -43.20
N VAL B 71 -50.50 -43.25 -43.55
CA VAL B 71 -49.40 -43.08 -42.61
C VAL B 71 -49.15 -41.59 -42.44
N GLN B 72 -49.27 -41.11 -41.19
CA GLN B 72 -48.99 -39.71 -40.93
C GLN B 72 -47.52 -39.40 -41.12
N GLU B 73 -46.65 -40.36 -40.80
CA GLU B 73 -45.21 -40.18 -40.92
C GLU B 73 -44.75 -40.63 -42.30
N ASP B 74 -43.44 -40.56 -42.52
CA ASP B 74 -42.81 -40.96 -43.77
C ASP B 74 -41.80 -42.08 -43.50
N ILE B 75 -41.30 -42.67 -44.59
CA ILE B 75 -40.47 -43.86 -44.46
C ILE B 75 -39.24 -43.58 -43.61
N LEU B 76 -38.55 -42.48 -43.90
CA LEU B 76 -37.35 -42.16 -43.13
C LEU B 76 -37.69 -41.91 -41.66
N GLU B 77 -38.86 -41.35 -41.38
CA GLU B 77 -39.25 -41.16 -39.98
C GLU B 77 -39.37 -42.51 -39.26
N ILE B 78 -39.97 -43.49 -39.91
CA ILE B 78 -40.05 -44.82 -39.32
C ILE B 78 -38.66 -45.41 -39.18
N LEU B 79 -37.78 -45.15 -40.14
CA LEU B 79 -36.41 -45.63 -40.04
C LEU B 79 -35.73 -45.07 -38.80
N LEU B 80 -35.87 -43.76 -38.57
CA LEU B 80 -35.29 -43.17 -37.38
C LEU B 80 -35.89 -43.77 -36.12
N ASN B 81 -37.21 -43.94 -36.08
CA ASN B 81 -37.84 -44.48 -34.88
C ASN B 81 -37.34 -45.89 -34.59
N LEU B 82 -37.21 -46.72 -35.63
CA LEU B 82 -36.68 -48.06 -35.44
C LEU B 82 -35.23 -47.99 -34.96
N LYS B 83 -34.46 -47.04 -35.48
CA LYS B 83 -33.09 -46.88 -35.03
C LYS B 83 -33.02 -46.62 -33.54
N GLY B 84 -34.04 -45.97 -32.98
CA GLY B 84 -34.11 -45.73 -31.56
C GLY B 84 -34.65 -46.88 -30.73
N LEU B 85 -35.08 -47.96 -31.38
CA LEU B 85 -35.56 -49.11 -30.62
C LEU B 85 -34.41 -49.77 -29.87
N ALA B 86 -34.68 -50.13 -28.62
CA ALA B 86 -33.72 -50.82 -27.77
C ALA B 86 -34.20 -52.25 -27.59
N VAL B 87 -33.37 -53.21 -28.00
CA VAL B 87 -33.74 -54.61 -27.95
C VAL B 87 -32.51 -55.42 -27.58
N ARG B 88 -32.70 -56.37 -26.66
CA ARG B 88 -31.70 -57.36 -26.32
C ARG B 88 -32.16 -58.72 -26.81
N VAL B 89 -31.23 -59.51 -27.31
CA VAL B 89 -31.54 -60.79 -27.94
C VAL B 89 -30.70 -61.86 -27.28
N GLN B 90 -31.24 -63.08 -27.26
CA GLN B 90 -30.52 -64.23 -26.75
C GLN B 90 -29.31 -64.51 -27.65
N GLY B 91 -28.52 -65.51 -27.28
CA GLY B 91 -27.29 -65.84 -27.97
C GLY B 91 -27.38 -66.00 -29.48
N LYS B 92 -28.59 -66.09 -30.04
CA LYS B 92 -28.73 -66.08 -31.49
C LYS B 92 -28.12 -64.80 -32.06
N ASP B 93 -27.25 -64.97 -33.07
CA ASP B 93 -26.51 -63.84 -33.59
C ASP B 93 -27.43 -62.81 -34.25
N GLU B 94 -28.40 -63.28 -35.03
CA GLU B 94 -29.29 -62.38 -35.75
C GLU B 94 -30.63 -63.06 -35.94
N VAL B 95 -31.65 -62.25 -36.22
CA VAL B 95 -33.01 -62.78 -36.38
C VAL B 95 -33.86 -61.72 -37.06
N ILE B 96 -34.95 -62.15 -37.69
CA ILE B 96 -35.84 -61.31 -38.48
C ILE B 96 -37.22 -61.36 -37.84
N LEU B 97 -37.80 -60.19 -37.59
CA LEU B 97 -39.16 -60.05 -37.07
C LEU B 97 -40.00 -59.28 -38.08
N THR B 98 -41.30 -59.24 -37.81
CA THR B 98 -42.25 -58.57 -38.70
C THR B 98 -43.18 -57.69 -37.89
N LEU B 99 -43.62 -56.59 -38.50
CA LEU B 99 -44.51 -55.63 -37.86
C LEU B 99 -45.84 -55.57 -38.61
N ASN B 100 -46.40 -56.73 -38.93
CA ASN B 100 -47.69 -56.77 -39.60
C ASN B 100 -48.77 -56.26 -38.66
N LYS B 101 -49.50 -55.23 -39.08
CA LYS B 101 -50.57 -54.68 -38.28
C LYS B 101 -51.48 -53.87 -39.18
N SER B 102 -52.66 -53.55 -38.68
CA SER B 102 -53.61 -52.70 -39.39
C SER B 102 -54.57 -52.08 -38.39
N GLY B 103 -54.85 -50.79 -38.56
CA GLY B 103 -55.76 -50.11 -37.67
C GLY B 103 -55.54 -48.60 -37.74
N ILE B 104 -56.01 -47.92 -36.70
CA ILE B 104 -55.87 -46.47 -36.57
C ILE B 104 -55.25 -46.18 -35.20
N GLY B 105 -54.20 -45.35 -35.20
CA GLY B 105 -53.55 -44.93 -33.98
C GLY B 105 -52.04 -45.07 -34.08
N PRO B 106 -51.34 -44.73 -33.00
CA PRO B 106 -49.90 -44.96 -32.96
C PRO B 106 -49.57 -46.45 -33.00
N VAL B 107 -48.43 -46.75 -33.61
CA VAL B 107 -47.88 -48.10 -33.68
C VAL B 107 -46.57 -48.07 -32.90
N THR B 108 -46.56 -48.76 -31.76
CA THR B 108 -45.43 -48.72 -30.84
C THR B 108 -44.60 -49.99 -30.99
N ALA B 109 -43.58 -50.10 -30.13
CA ALA B 109 -42.75 -51.29 -30.13
C ALA B 109 -43.50 -52.51 -29.61
N ALA B 110 -44.41 -52.30 -28.65
CA ALA B 110 -45.16 -53.41 -28.06
C ALA B 110 -45.90 -54.22 -29.13
N ASP B 111 -46.31 -53.57 -30.22
CA ASP B 111 -47.02 -54.26 -31.27
C ASP B 111 -46.15 -55.29 -31.98
N ILE B 112 -44.82 -55.19 -31.85
CA ILE B 112 -43.93 -56.14 -32.50
C ILE B 112 -44.15 -57.53 -31.92
N THR B 113 -44.02 -58.55 -32.77
CA THR B 113 -44.13 -59.92 -32.31
C THR B 113 -43.00 -60.24 -31.33
N HIS B 114 -43.33 -61.02 -30.30
CA HIS B 114 -42.32 -61.42 -29.33
C HIS B 114 -41.26 -62.30 -29.97
N ASP B 115 -41.68 -63.32 -30.71
CA ASP B 115 -40.77 -64.24 -31.40
C ASP B 115 -39.80 -64.89 -30.42
N GLY B 116 -40.32 -65.40 -29.31
CA GLY B 116 -39.53 -66.22 -28.41
C GLY B 116 -38.40 -65.48 -27.72
N ASP B 117 -37.16 -65.76 -28.15
CA ASP B 117 -35.99 -65.23 -27.46
C ASP B 117 -35.99 -63.71 -27.44
N VAL B 118 -36.33 -63.07 -28.57
CA VAL B 118 -36.22 -61.62 -28.67
C VAL B 118 -37.22 -60.97 -27.71
N GLU B 119 -36.73 -59.98 -26.97
CA GLU B 119 -37.58 -59.18 -26.09
C GLU B 119 -37.18 -57.72 -26.24
N ILE B 120 -38.15 -56.88 -26.60
CA ILE B 120 -37.93 -55.45 -26.68
C ILE B 120 -37.98 -54.86 -25.28
N VAL B 121 -36.96 -54.09 -24.91
CA VAL B 121 -36.92 -53.55 -23.55
C VAL B 121 -37.92 -52.42 -23.34
N LYS B 122 -38.31 -51.71 -24.41
CA LYS B 122 -39.23 -50.58 -24.33
C LYS B 122 -40.40 -50.82 -25.28
N PRO B 123 -41.37 -51.64 -24.87
CA PRO B 123 -42.55 -51.84 -25.73
C PRO B 123 -43.31 -50.56 -26.02
N GLN B 124 -43.35 -49.62 -25.08
CA GLN B 124 -44.05 -48.36 -25.26
C GLN B 124 -43.36 -47.44 -26.25
N HIS B 125 -42.14 -47.76 -26.69
CA HIS B 125 -41.46 -46.94 -27.68
C HIS B 125 -42.30 -46.83 -28.95
N VAL B 126 -42.41 -45.61 -29.46
CA VAL B 126 -43.28 -45.30 -30.60
C VAL B 126 -42.48 -45.49 -31.89
N ILE B 127 -43.14 -46.06 -32.90
CA ILE B 127 -42.52 -46.34 -34.19
C ILE B 127 -43.21 -45.58 -35.31
N CYS B 128 -44.53 -45.77 -35.46
CA CYS B 128 -45.27 -45.23 -36.59
C CYS B 128 -46.61 -44.73 -36.09
N HIS B 129 -47.47 -44.30 -37.01
CA HIS B 129 -48.82 -43.88 -36.65
C HIS B 129 -49.70 -43.93 -37.89
N LEU B 130 -50.77 -44.72 -37.83
CA LEU B 130 -51.75 -44.82 -38.89
C LEU B 130 -52.97 -43.97 -38.54
N THR B 131 -53.69 -43.55 -39.57
CA THR B 131 -54.91 -42.76 -39.41
C THR B 131 -56.14 -43.40 -40.03
N ASP B 132 -55.98 -44.28 -41.02
CA ASP B 132 -57.09 -44.92 -41.70
C ASP B 132 -57.16 -46.39 -41.32
N GLU B 133 -58.38 -46.86 -41.07
CA GLU B 133 -58.56 -48.26 -40.69
C GLU B 133 -58.13 -49.19 -41.81
N ASN B 134 -58.46 -48.85 -43.05
CA ASN B 134 -58.08 -49.69 -44.18
C ASN B 134 -56.56 -49.82 -44.30
N ALA B 135 -55.83 -48.79 -43.87
CA ALA B 135 -54.38 -48.82 -43.98
C ALA B 135 -53.81 -49.96 -43.15
N SER B 136 -52.99 -50.79 -43.77
CA SER B 136 -52.35 -51.92 -43.11
C SER B 136 -50.84 -51.79 -43.23
N ILE B 137 -50.15 -51.86 -42.10
CA ILE B 137 -48.70 -51.79 -42.05
C ILE B 137 -48.14 -53.20 -42.01
N SER B 138 -47.23 -53.51 -42.92
CA SER B 138 -46.53 -54.78 -42.95
C SER B 138 -45.10 -54.53 -43.39
N MET B 139 -44.15 -55.06 -42.63
CA MET B 139 -42.75 -54.78 -42.88
C MET B 139 -41.90 -55.77 -42.09
N ARG B 140 -40.71 -56.04 -42.61
CA ARG B 140 -39.76 -56.95 -41.98
C ARG B 140 -38.57 -56.16 -41.47
N ILE B 141 -38.07 -56.56 -40.30
CA ILE B 141 -36.96 -55.91 -39.64
C ILE B 141 -35.96 -56.98 -39.21
N LYS B 142 -34.73 -56.87 -39.68
CA LYS B 142 -33.67 -57.81 -39.35
C LYS B 142 -32.71 -57.15 -38.36
N VAL B 143 -32.41 -57.86 -37.27
CA VAL B 143 -31.51 -57.37 -36.24
C VAL B 143 -30.35 -58.34 -36.12
N GLN B 144 -29.13 -57.81 -36.12
CA GLN B 144 -27.92 -58.58 -36.01
C GLN B 144 -27.21 -58.24 -34.70
N ARG B 145 -26.13 -58.94 -34.43
CA ARG B 145 -25.29 -58.71 -33.27
C ARG B 145 -23.97 -58.11 -33.74
N GLY B 146 -23.56 -57.00 -33.13
CA GLY B 146 -22.36 -56.31 -33.55
C GLY B 146 -21.70 -55.63 -32.37
N ARG B 147 -20.55 -55.03 -32.64
CA ARG B 147 -19.69 -54.43 -31.62
C ARG B 147 -19.24 -53.04 -32.04
N GLY B 148 -20.20 -52.21 -32.46
CA GLY B 148 -19.88 -50.84 -32.77
C GLY B 148 -21.01 -50.16 -33.51
N TYR B 149 -20.66 -49.07 -34.19
CA TYR B 149 -21.58 -48.29 -34.99
C TYR B 149 -21.30 -48.57 -36.46
N VAL B 150 -22.35 -48.90 -37.21
CA VAL B 150 -22.26 -49.22 -38.62
C VAL B 150 -23.10 -48.22 -39.41
N PRO B 151 -22.49 -47.21 -40.01
CA PRO B 151 -23.25 -46.34 -40.90
C PRO B 151 -23.77 -47.10 -42.11
N ALA B 152 -24.84 -46.57 -42.69
CA ALA B 152 -25.43 -47.23 -43.86
C ALA B 152 -24.46 -47.25 -45.03
N SER B 153 -23.75 -46.16 -45.26
CA SER B 153 -22.83 -46.09 -46.39
C SER B 153 -21.73 -47.13 -46.28
N THR B 154 -21.32 -47.47 -45.06
CA THR B 154 -20.26 -48.46 -44.87
C THR B 154 -20.67 -49.84 -45.36
N ARG B 155 -21.97 -50.11 -45.49
CA ARG B 155 -22.43 -51.39 -46.01
C ARG B 155 -21.87 -51.61 -47.41
N ARG B 167 -34.79 -53.49 -49.82
CA ARG B 167 -33.96 -53.83 -48.67
C ARG B 167 -33.25 -52.58 -48.14
N LEU B 168 -34.00 -51.75 -47.43
CA LEU B 168 -33.44 -50.50 -46.92
C LEU B 168 -32.49 -50.77 -45.77
N LEU B 169 -31.49 -49.89 -45.65
CA LEU B 169 -30.43 -50.04 -44.66
C LEU B 169 -30.63 -49.06 -43.51
N VAL B 170 -30.52 -49.58 -42.29
CA VAL B 170 -30.62 -48.80 -41.07
C VAL B 170 -29.27 -48.80 -40.39
N ASP B 171 -28.77 -47.62 -40.05
CA ASP B 171 -27.51 -47.54 -39.33
C ASP B 171 -27.61 -48.30 -38.02
N ALA B 172 -26.62 -49.15 -37.76
CA ALA B 172 -26.68 -50.10 -36.64
C ALA B 172 -25.93 -49.51 -35.45
N CYS B 173 -26.68 -49.19 -34.39
CA CYS B 173 -26.10 -48.74 -33.12
C CYS B 173 -26.07 -49.93 -32.16
N TYR B 174 -25.11 -50.83 -32.39
CA TYR B 174 -25.01 -52.01 -31.54
C TYR B 174 -24.67 -51.63 -30.11
N SER B 175 -23.81 -50.62 -29.94
CA SER B 175 -23.35 -50.26 -28.61
C SER B 175 -24.53 -49.76 -27.78
N PRO B 176 -24.85 -50.37 -26.64
CA PRO B 176 -26.00 -49.89 -25.87
C PRO B 176 -25.81 -48.50 -25.31
N VAL B 177 -24.56 -48.14 -24.98
CA VAL B 177 -24.31 -46.82 -24.43
C VAL B 177 -24.65 -45.79 -25.50
N GLU B 178 -25.44 -44.79 -25.12
CA GLU B 178 -25.86 -43.74 -26.04
C GLU B 178 -25.04 -42.47 -25.93
N ARG B 179 -24.61 -42.12 -24.73
CA ARG B 179 -23.77 -40.93 -24.52
C ARG B 179 -22.78 -41.22 -23.41
N ILE B 180 -21.59 -40.65 -23.54
CA ILE B 180 -20.52 -40.78 -22.54
C ILE B 180 -19.70 -39.50 -22.54
N ALA B 181 -19.69 -38.80 -21.42
CA ALA B 181 -18.88 -37.60 -21.28
C ALA B 181 -18.13 -37.65 -19.96
N TYR B 182 -16.82 -37.47 -20.02
CA TYR B 182 -15.98 -37.53 -18.84
C TYR B 182 -15.35 -36.16 -18.64
N ASN B 183 -15.33 -35.70 -17.39
CA ASN B 183 -14.57 -34.52 -17.00
C ASN B 183 -13.55 -34.91 -15.94
N VAL B 184 -12.55 -34.06 -15.76
CA VAL B 184 -11.61 -34.20 -14.66
C VAL B 184 -11.59 -32.88 -13.90
N GLU B 185 -11.80 -32.96 -12.59
CA GLU B 185 -11.80 -31.78 -11.74
C GLU B 185 -10.87 -32.03 -10.56
N ALA B 186 -10.12 -31.00 -10.18
CA ALA B 186 -9.07 -31.18 -9.19
C ALA B 186 -9.68 -31.49 -7.83
N ALA B 187 -9.31 -32.64 -7.26
CA ALA B 187 -9.71 -33.02 -5.91
C ALA B 187 -8.61 -32.61 -4.93
N ARG B 188 -8.69 -33.12 -3.71
CA ARG B 188 -7.72 -32.79 -2.67
C ARG B 188 -7.33 -34.05 -1.91
N VAL B 189 -6.05 -34.12 -1.54
CA VAL B 189 -5.59 -35.09 -0.56
C VAL B 189 -4.53 -34.42 0.30
N GLU B 190 -4.94 -33.98 1.49
CA GLU B 190 -4.04 -33.26 2.40
C GLU B 190 -3.51 -31.99 1.72
N GLN B 191 -2.33 -32.06 1.11
CA GLN B 191 -1.70 -30.91 0.48
C GLN B 191 -1.69 -31.00 -1.04
N ARG B 192 -1.22 -32.12 -1.59
CA ARG B 192 -1.21 -32.32 -3.03
C ARG B 192 -2.62 -32.17 -3.57
N THR B 193 -2.87 -31.10 -4.33
CA THR B 193 -4.22 -30.73 -4.75
C THR B 193 -4.37 -30.68 -6.26
N ASP B 194 -3.52 -31.40 -6.99
CA ASP B 194 -3.66 -31.56 -8.43
C ASP B 194 -4.21 -32.93 -8.81
N LEU B 195 -4.68 -33.71 -7.85
CA LEU B 195 -5.23 -35.02 -8.15
C LEU B 195 -6.56 -34.88 -8.86
N ASP B 196 -6.78 -35.72 -9.87
CA ASP B 196 -7.87 -35.56 -10.83
C ASP B 196 -9.03 -36.47 -10.45
N LYS B 197 -10.05 -35.91 -9.82
CA LYS B 197 -11.31 -36.61 -9.65
C LYS B 197 -11.99 -36.73 -11.00
N LEU B 198 -12.19 -37.96 -11.46
CA LEU B 198 -12.84 -38.23 -12.73
C LEU B 198 -14.34 -38.27 -12.54
N VAL B 199 -15.08 -37.80 -13.55
CA VAL B 199 -16.53 -37.74 -13.48
C VAL B 199 -17.13 -38.14 -14.82
N ILE B 200 -17.61 -39.37 -14.93
CA ILE B 200 -18.16 -39.91 -16.17
C ILE B 200 -19.66 -39.93 -16.05
N GLU B 201 -20.36 -39.17 -16.90
CA GLU B 201 -21.80 -39.29 -17.02
C GLU B 201 -22.10 -40.00 -18.33
N MET B 202 -22.78 -41.13 -18.22
CA MET B 202 -23.14 -41.90 -19.40
C MET B 202 -24.60 -42.32 -19.31
N GLU B 203 -25.21 -42.43 -20.47
CA GLU B 203 -26.61 -42.78 -20.60
C GLU B 203 -26.74 -43.82 -21.71
N THR B 204 -27.49 -44.87 -21.44
CA THR B 204 -27.64 -46.00 -22.34
C THR B 204 -29.04 -46.03 -22.92
N ASN B 205 -29.19 -46.76 -24.02
CA ASN B 205 -30.49 -46.92 -24.63
C ASN B 205 -31.50 -47.53 -23.68
N GLY B 206 -31.04 -48.40 -22.78
CA GLY B 206 -31.89 -49.09 -21.84
C GLY B 206 -31.72 -50.59 -21.83
N THR B 207 -30.98 -51.16 -22.78
CA THR B 207 -30.78 -52.60 -22.79
C THR B 207 -29.91 -53.06 -21.62
N ILE B 208 -29.24 -52.15 -20.92
CA ILE B 208 -28.42 -52.50 -19.77
C ILE B 208 -28.11 -51.20 -19.02
N ASP B 209 -28.03 -51.31 -17.71
CA ASP B 209 -27.79 -50.13 -16.90
C ASP B 209 -26.36 -49.64 -17.10
N PRO B 210 -26.09 -48.36 -16.79
CA PRO B 210 -24.72 -47.84 -16.95
C PRO B 210 -23.68 -48.58 -16.14
N GLU B 211 -24.02 -49.04 -14.94
CA GLU B 211 -23.04 -49.72 -14.10
C GLU B 211 -22.46 -50.93 -14.82
N GLU B 212 -23.31 -51.81 -15.33
CA GLU B 212 -22.81 -52.98 -16.02
C GLU B 212 -22.09 -52.59 -17.31
N ALA B 213 -22.47 -51.47 -17.93
CA ALA B 213 -21.75 -51.01 -19.10
C ALA B 213 -20.31 -50.66 -18.75
N ILE B 214 -20.12 -49.92 -17.66
CA ILE B 214 -18.78 -49.60 -17.21
C ILE B 214 -18.02 -50.86 -16.86
N ARG B 215 -18.71 -51.81 -16.21
CA ARG B 215 -18.05 -53.08 -15.89
C ARG B 215 -17.57 -53.78 -17.14
N ARG B 216 -18.39 -53.82 -18.18
CA ARG B 216 -18.00 -54.49 -19.42
C ARG B 216 -16.82 -53.78 -20.07
N ALA B 217 -16.84 -52.44 -20.12
CA ALA B 217 -15.74 -51.72 -20.73
C ALA B 217 -14.44 -51.97 -19.97
N ALA B 218 -14.50 -51.91 -18.64
CA ALA B 218 -13.32 -52.14 -17.84
C ALA B 218 -12.79 -53.56 -18.04
N THR B 219 -13.69 -54.55 -18.07
CA THR B 219 -13.24 -55.93 -18.27
C THR B 219 -12.59 -56.10 -19.64
N ILE B 220 -13.15 -55.46 -20.66
CA ILE B 220 -12.57 -55.56 -21.99
C ILE B 220 -11.16 -54.99 -21.99
N LEU B 221 -10.99 -53.81 -21.40
CA LEU B 221 -9.65 -53.20 -21.37
C LEU B 221 -8.68 -54.05 -20.56
N ALA B 222 -9.14 -54.57 -19.43
CA ALA B 222 -8.26 -55.37 -18.58
C ALA B 222 -7.84 -56.64 -19.29
N GLU B 223 -8.77 -57.30 -19.97
CA GLU B 223 -8.41 -58.50 -20.73
C GLU B 223 -7.43 -58.16 -21.84
N GLN B 224 -7.63 -57.02 -22.51
CA GLN B 224 -6.68 -56.60 -23.52
C GLN B 224 -5.27 -56.47 -22.95
N LEU B 225 -5.15 -55.84 -21.79
CA LEU B 225 -3.85 -55.67 -21.18
C LEU B 225 -3.33 -56.93 -20.51
N GLU B 226 -4.16 -57.96 -20.36
CA GLU B 226 -3.75 -59.15 -19.62
C GLU B 226 -2.50 -59.79 -20.23
N ALA B 227 -2.41 -59.81 -21.55
CA ALA B 227 -1.31 -60.53 -22.20
C ALA B 227 0.06 -59.98 -21.79
N PHE B 228 0.13 -58.70 -21.42
CA PHE B 228 1.40 -58.15 -20.97
C PHE B 228 1.74 -58.64 -19.57
N VAL B 229 0.75 -58.69 -18.68
CA VAL B 229 0.95 -59.17 -17.33
C VAL B 229 -0.32 -59.84 -16.82
N VAL C 1 37.22 -12.98 -43.54
CA VAL C 1 37.86 -13.97 -42.67
C VAL C 1 37.17 -13.93 -41.31
N TYR C 2 37.37 -14.98 -40.53
CA TYR C 2 36.70 -15.16 -39.24
C TYR C 2 37.71 -15.55 -38.19
N SER C 3 37.71 -14.84 -37.06
CA SER C 3 38.59 -15.19 -35.96
C SER C 3 38.15 -16.50 -35.32
N TYR C 4 38.93 -16.96 -34.33
CA TYR C 4 38.61 -18.23 -33.69
C TYR C 4 37.24 -18.19 -33.04
N THR C 5 37.00 -17.18 -32.20
CA THR C 5 35.71 -17.08 -31.52
C THR C 5 34.59 -16.90 -32.52
N GLU C 6 34.83 -16.11 -33.58
CA GLU C 6 33.83 -16.01 -34.63
C GLU C 6 33.62 -17.37 -35.31
N LYS C 7 34.71 -18.08 -35.60
CA LYS C 7 34.60 -19.38 -36.26
C LYS C 7 33.93 -20.43 -35.40
N LYS C 8 33.81 -20.18 -34.08
CA LYS C 8 33.11 -21.13 -33.24
C LYS C 8 31.70 -21.38 -33.76
N ARG C 9 31.01 -20.32 -34.22
CA ARG C 9 29.64 -20.46 -34.68
C ARG C 9 29.34 -19.31 -35.65
N ILE C 10 29.37 -19.61 -36.94
CA ILE C 10 29.03 -18.62 -37.94
C ILE C 10 27.52 -18.45 -37.98
N ARG C 11 27.05 -17.23 -37.81
CA ARG C 11 25.63 -16.95 -37.82
C ARG C 11 25.19 -16.72 -39.26
N LYS C 12 24.37 -17.62 -39.79
CA LYS C 12 23.82 -17.46 -41.12
C LYS C 12 23.14 -16.10 -41.21
N ASP C 13 23.39 -15.37 -42.29
CA ASP C 13 22.92 -14.00 -42.43
C ASP C 13 22.20 -13.85 -43.75
N PHE C 14 21.01 -13.25 -43.69
CA PHE C 14 20.18 -13.03 -44.86
C PHE C 14 20.32 -11.63 -45.44
N GLY C 15 21.25 -10.83 -44.92
CA GLY C 15 21.33 -9.44 -45.34
C GLY C 15 21.68 -9.31 -46.80
N LYS C 16 21.24 -8.20 -47.40
CA LYS C 16 21.45 -7.92 -48.82
C LYS C 16 22.29 -6.68 -49.06
N ARG C 17 21.97 -5.58 -48.41
CA ARG C 17 22.69 -4.34 -48.66
C ARG C 17 24.10 -4.45 -48.09
N PRO C 18 25.15 -4.29 -48.89
CA PRO C 18 26.50 -4.36 -48.32
C PRO C 18 26.74 -3.22 -47.35
N GLN C 19 27.11 -3.58 -46.12
CA GLN C 19 27.45 -2.56 -45.14
C GLN C 19 28.68 -1.80 -45.61
N VAL C 20 28.67 -0.49 -45.38
CA VAL C 20 29.80 0.35 -45.75
C VAL C 20 30.35 1.03 -44.50
N LEU C 21 29.50 1.23 -43.50
CA LEU C 21 29.93 1.73 -42.20
C LEU C 21 29.40 0.77 -41.15
N ASP C 22 30.28 -0.04 -40.58
CA ASP C 22 29.88 -1.01 -39.57
C ASP C 22 29.32 -0.30 -38.34
N VAL C 23 28.75 -1.08 -37.45
CA VAL C 23 28.12 -0.49 -36.25
C VAL C 23 29.20 0.18 -35.41
N PRO C 24 29.01 1.41 -34.93
CA PRO C 24 30.08 2.06 -34.18
C PRO C 24 30.20 1.51 -32.77
N TYR C 25 31.20 1.96 -32.04
CA TYR C 25 31.37 1.56 -30.66
C TYR C 25 30.27 2.20 -29.82
N LEU C 26 29.26 1.41 -29.45
CA LEU C 26 28.18 1.93 -28.63
C LEU C 26 28.74 2.57 -27.36
N LEU C 27 27.91 3.36 -26.70
CA LEU C 27 28.30 4.18 -25.56
C LEU C 27 29.32 5.25 -25.92
N SER C 28 29.51 5.54 -27.21
CA SER C 28 30.48 6.57 -27.57
C SER C 28 30.05 7.93 -27.03
N ILE C 29 28.75 8.19 -27.02
CA ILE C 29 28.24 9.46 -26.50
C ILE C 29 28.66 9.65 -25.06
N GLN C 30 28.85 8.57 -24.30
CA GLN C 30 29.21 8.69 -22.90
C GLN C 30 30.71 8.85 -22.73
N LEU C 31 31.50 7.91 -23.26
CA LEU C 31 32.94 7.98 -23.06
C LEU C 31 33.54 9.22 -23.67
N ASP C 32 33.10 9.58 -24.88
CA ASP C 32 33.67 10.77 -25.51
C ASP C 32 33.40 12.00 -24.68
N SER C 33 32.16 12.16 -24.19
CA SER C 33 31.84 13.30 -23.35
C SER C 33 32.72 13.32 -22.10
N PHE C 34 32.80 12.19 -21.39
CA PHE C 34 33.51 12.25 -20.12
C PHE C 34 35.00 12.44 -20.32
N GLN C 35 35.60 11.77 -21.30
CA GLN C 35 37.01 12.02 -21.57
C GLN C 35 37.21 13.47 -21.96
N LYS C 36 36.21 14.08 -22.60
CA LYS C 36 36.29 15.52 -22.84
C LYS C 36 36.30 16.30 -21.53
N PHE C 37 35.61 15.78 -20.51
CA PHE C 37 35.49 16.52 -19.25
C PHE C 37 36.81 16.53 -18.48
N ILE C 38 37.38 15.35 -18.22
CA ILE C 38 38.53 15.28 -17.31
C ILE C 38 39.87 15.44 -18.01
N GLU C 39 39.97 15.06 -19.27
CA GLU C 39 41.27 15.02 -19.95
C GLU C 39 41.91 16.39 -19.93
N GLN C 40 43.21 16.42 -19.66
CA GLN C 40 43.97 17.66 -19.65
C GLN C 40 44.01 18.21 -21.07
N ASP C 41 43.30 19.32 -21.30
CA ASP C 41 43.23 19.93 -22.62
C ASP C 41 44.26 21.04 -22.70
N PRO C 42 45.34 20.90 -23.50
CA PRO C 42 46.33 22.00 -23.56
C PRO C 42 45.74 23.30 -24.06
N GLU C 43 45.00 23.26 -25.17
CA GLU C 43 44.29 24.45 -25.63
C GLU C 43 43.24 24.90 -24.64
N GLY C 44 42.76 24.00 -23.77
CA GLY C 44 41.83 24.38 -22.73
C GLY C 44 40.51 24.91 -23.21
N GLN C 45 40.10 24.57 -24.43
CA GLN C 45 38.85 25.09 -24.95
C GLN C 45 37.65 24.50 -24.20
N TYR C 46 37.72 23.22 -23.85
CA TYR C 46 36.65 22.55 -23.12
C TYR C 46 37.23 21.71 -22.00
N GLY C 47 36.43 21.47 -20.98
CA GLY C 47 36.85 20.70 -19.82
C GLY C 47 37.19 21.58 -18.63
N LEU C 48 37.88 20.97 -17.67
CA LEU C 48 38.24 21.68 -16.46
C LEU C 48 39.14 22.86 -16.74
N GLU C 49 39.97 22.77 -17.77
CA GLU C 49 40.81 23.90 -18.14
C GLU C 49 39.97 25.13 -18.44
N ALA C 50 38.89 24.94 -19.21
CA ALA C 50 38.03 26.06 -19.58
C ALA C 50 37.40 26.69 -18.35
N ALA C 51 36.88 25.85 -17.43
CA ALA C 51 36.24 26.38 -16.23
C ALA C 51 37.25 27.13 -15.36
N PHE C 52 38.44 26.56 -15.17
CA PHE C 52 39.43 27.24 -14.36
C PHE C 52 39.80 28.59 -14.96
N ARG C 53 40.12 28.62 -16.25
CA ARG C 53 40.51 29.91 -16.82
C ARG C 53 39.34 30.88 -16.90
N SER C 54 38.11 30.39 -16.90
CA SER C 54 36.97 31.29 -16.84
C SER C 54 36.86 31.93 -15.47
N VAL C 55 36.92 31.13 -14.40
CA VAL C 55 36.78 31.70 -13.06
C VAL C 55 38.03 32.51 -12.69
N PHE C 56 39.21 32.02 -13.08
CA PHE C 56 40.44 32.76 -12.83
C PHE C 56 40.61 33.87 -13.87
N PRO C 57 41.46 34.86 -13.57
CA PRO C 57 42.19 35.11 -12.32
C PRO C 57 41.27 35.71 -11.26
N ILE C 58 41.77 35.88 -10.03
CA ILE C 58 41.00 36.47 -8.95
C ILE C 58 41.85 37.53 -8.27
N GLN C 59 41.19 38.55 -7.73
CA GLN C 59 41.86 39.57 -6.93
C GLN C 59 40.80 40.37 -6.20
N SER C 60 41.08 40.70 -4.93
CA SER C 60 40.18 41.53 -4.16
C SER C 60 40.20 42.96 -4.69
N TYR C 61 39.13 43.69 -4.41
CA TYR C 61 38.96 45.05 -4.92
C TYR C 61 40.06 45.95 -4.40
N SER C 62 40.95 46.40 -5.29
CA SER C 62 42.10 47.23 -4.93
C SER C 62 42.98 46.53 -3.91
N GLY C 63 43.08 45.21 -4.02
CA GLY C 63 43.90 44.44 -3.10
C GLY C 63 45.36 44.33 -3.44
N ASN C 64 45.74 44.69 -4.67
CA ASN C 64 47.12 44.53 -5.15
C ASN C 64 47.60 43.10 -4.98
N SER C 65 46.68 42.14 -5.08
CA SER C 65 46.99 40.73 -4.84
C SER C 65 46.17 39.92 -5.83
N GLU C 66 46.86 39.29 -6.78
CA GLU C 66 46.21 38.55 -7.86
C GLU C 66 46.44 37.06 -7.66
N LEU C 67 45.37 36.28 -7.66
CA LEU C 67 45.44 34.83 -7.61
C LEU C 67 45.20 34.30 -9.02
N GLN C 68 46.16 33.52 -9.52
CA GLN C 68 46.11 32.97 -10.86
C GLN C 68 46.23 31.46 -10.82
N TYR C 69 45.68 30.83 -11.85
CA TYR C 69 45.65 29.38 -11.98
C TYR C 69 46.76 28.94 -12.94
N VAL C 70 47.50 27.90 -12.54
CA VAL C 70 48.63 27.44 -13.33
C VAL C 70 48.24 26.22 -14.14
N SER C 71 47.81 25.16 -13.45
CA SER C 71 47.50 23.90 -14.13
C SER C 71 46.61 23.05 -13.24
N TYR C 72 46.18 21.91 -13.77
CA TYR C 72 45.38 20.97 -13.01
C TYR C 72 45.76 19.55 -13.39
N ARG C 73 45.57 18.64 -12.44
CA ARG C 73 45.94 17.24 -12.59
C ARG C 73 44.97 16.41 -11.77
N LEU C 74 44.74 15.19 -12.23
CA LEU C 74 43.78 14.28 -11.64
C LEU C 74 44.55 13.06 -11.14
N GLY C 75 44.86 13.04 -9.85
CA GLY C 75 45.66 11.99 -9.28
C GLY C 75 44.95 10.65 -9.30
N GLU C 76 45.70 9.62 -8.93
CA GLU C 76 45.15 8.27 -8.96
C GLU C 76 44.03 8.14 -7.93
N PRO C 77 43.01 7.31 -8.21
CA PRO C 77 41.98 7.07 -7.21
C PRO C 77 42.54 6.34 -6.01
N VAL C 78 41.95 6.62 -4.84
CA VAL C 78 42.44 6.00 -3.61
C VAL C 78 42.17 4.51 -3.61
N PHE C 79 41.02 4.10 -4.16
CA PHE C 79 40.64 2.70 -4.29
C PHE C 79 40.57 2.35 -5.77
N ASP C 80 40.16 1.12 -6.06
CA ASP C 80 39.85 0.69 -7.40
C ASP C 80 38.40 0.21 -7.46
N VAL C 81 37.96 -0.18 -8.65
CA VAL C 81 36.53 -0.33 -8.90
C VAL C 81 35.94 -1.43 -8.02
N GLN C 82 36.56 -2.61 -8.02
CA GLN C 82 35.95 -3.77 -7.37
C GLN C 82 35.81 -3.56 -5.87
N GLU C 83 36.87 -3.10 -5.20
CA GLU C 83 36.74 -2.81 -3.78
C GLU C 83 35.83 -1.63 -3.55
N CYS C 84 35.63 -0.78 -4.56
CA CYS C 84 34.63 0.27 -4.44
C CYS C 84 33.22 -0.31 -4.40
N GLN C 85 32.97 -1.32 -5.23
CA GLN C 85 31.70 -2.05 -5.14
C GLN C 85 31.56 -2.69 -3.77
N ILE C 86 32.64 -3.30 -3.27
CA ILE C 86 32.57 -4.00 -2.00
C ILE C 86 32.27 -3.03 -0.86
N ARG C 87 32.96 -1.90 -0.84
CA ARG C 87 32.90 -1.03 0.34
C ARG C 87 31.66 -0.15 0.33
N GLY C 88 31.55 0.74 -0.65
CA GLY C 88 30.38 1.60 -0.76
C GLY C 88 30.67 3.05 -1.05
N VAL C 89 31.95 3.43 -1.10
CA VAL C 89 32.34 4.82 -1.34
C VAL C 89 32.27 5.10 -2.83
N THR C 90 32.40 6.36 -3.20
CA THR C 90 32.48 6.74 -4.60
C THR C 90 33.78 6.22 -5.20
N TYR C 91 33.76 5.97 -6.51
CA TYR C 91 34.99 5.69 -7.24
C TYR C 91 35.54 7.01 -7.78
N SER C 92 36.00 7.83 -6.85
CA SER C 92 36.44 9.18 -7.15
C SER C 92 37.95 9.26 -7.03
N ALA C 93 38.49 10.37 -7.54
CA ALA C 93 39.91 10.63 -7.47
C ALA C 93 40.14 12.08 -7.06
N PRO C 94 41.24 12.35 -6.35
CA PRO C 94 41.55 13.75 -6.02
C PRO C 94 41.78 14.56 -7.29
N LEU C 95 41.70 15.88 -7.12
CA LEU C 95 41.83 16.82 -8.23
C LEU C 95 42.77 17.93 -7.77
N ARG C 96 44.06 17.73 -8.00
CA ARG C 96 45.10 18.62 -7.51
C ARG C 96 45.32 19.73 -8.53
N VAL C 97 45.22 20.98 -8.08
CA VAL C 97 45.34 22.14 -8.95
C VAL C 97 46.58 22.90 -8.55
N LYS C 98 47.48 23.11 -9.51
CA LYS C 98 48.64 23.98 -9.31
C LYS C 98 48.17 25.42 -9.49
N LEU C 99 48.23 26.18 -8.40
CA LEU C 99 47.86 27.58 -8.38
C LEU C 99 49.06 28.43 -8.01
N ARG C 100 48.98 29.70 -8.36
CA ARG C 100 50.02 30.66 -8.07
C ARG C 100 49.38 31.96 -7.60
N LEU C 101 49.87 32.49 -6.48
CA LEU C 101 49.39 33.73 -5.89
C LEU C 101 50.55 34.72 -5.85
N VAL C 102 50.31 35.93 -6.36
CA VAL C 102 51.33 36.96 -6.43
C VAL C 102 50.73 38.27 -5.93
N ILE C 103 51.52 39.02 -5.16
CA ILE C 103 51.09 40.27 -4.56
C ILE C 103 52.13 41.34 -4.82
N TYR C 104 51.65 42.56 -5.08
CA TYR C 104 52.46 43.72 -5.42
C TYR C 104 52.73 44.56 -4.17
N GLU C 105 53.33 45.73 -4.35
CA GLU C 105 53.47 46.73 -3.31
C GLU C 105 52.38 47.79 -3.44
N ARG C 106 52.45 48.79 -2.58
CA ARG C 106 51.59 49.96 -2.73
C ARG C 106 52.11 50.84 -3.86
N GLU C 107 51.20 51.60 -4.46
CA GLU C 107 51.45 52.41 -5.65
C GLU C 107 52.35 51.70 -6.64
N ALA C 108 52.14 50.40 -6.83
CA ALA C 108 52.87 49.59 -7.81
C ALA C 108 51.92 48.55 -8.39
N PRO C 109 50.91 48.98 -9.15
CA PRO C 109 50.04 48.01 -9.82
C PRO C 109 50.78 47.26 -10.91
N GLU C 110 51.43 48.02 -11.79
CA GLU C 110 52.19 47.44 -12.89
C GLU C 110 53.60 47.04 -12.47
N GLY C 111 54.06 47.47 -11.30
CA GLY C 111 55.37 47.09 -10.85
C GLY C 111 55.49 45.60 -10.57
N THR C 112 56.73 45.15 -10.43
CA THR C 112 56.96 43.74 -10.16
C THR C 112 56.28 43.34 -8.86
N VAL C 113 55.66 42.15 -8.87
CA VAL C 113 55.03 41.63 -7.67
C VAL C 113 56.07 41.52 -6.57
N LYS C 114 55.76 42.08 -5.41
CA LYS C 114 56.70 42.02 -4.30
C LYS C 114 56.92 40.60 -3.84
N ASP C 115 55.85 39.80 -3.77
CA ASP C 115 55.94 38.44 -3.28
C ASP C 115 55.15 37.51 -4.18
N ILE C 116 55.62 36.26 -4.26
CA ILE C 116 55.02 35.23 -5.09
C ILE C 116 54.96 33.94 -4.29
N LYS C 117 54.12 33.03 -4.75
CA LYS C 117 54.07 31.69 -4.18
C LYS C 117 53.27 30.80 -5.11
N GLU C 118 53.57 29.52 -5.09
CA GLU C 118 52.95 28.57 -6.01
C GLU C 118 52.88 27.21 -5.33
N GLN C 119 51.77 26.52 -5.52
CA GLN C 119 51.62 25.23 -4.85
C GLN C 119 50.58 24.37 -5.59
N GLU C 120 50.80 23.07 -5.54
CA GLU C 120 49.85 22.08 -6.05
C GLU C 120 48.86 21.78 -4.94
N VAL C 121 47.89 22.64 -4.80
CA VAL C 121 46.94 22.58 -3.70
C VAL C 121 45.81 21.61 -4.06
N TYR C 122 45.35 20.86 -3.07
CA TYR C 122 44.21 19.97 -3.27
C TYR C 122 42.97 20.80 -3.56
N MET C 123 42.29 20.47 -4.65
CA MET C 123 41.06 21.16 -5.06
C MET C 123 39.98 20.10 -5.27
N GLY C 124 39.34 19.72 -4.19
CA GLY C 124 38.20 18.82 -4.25
C GLY C 124 38.52 17.46 -4.83
N GLU C 125 37.54 16.55 -4.75
CA GLU C 125 37.63 15.22 -5.33
C GLU C 125 36.51 15.04 -6.32
N ILE C 126 36.80 14.42 -7.45
CA ILE C 126 35.85 14.33 -8.56
C ILE C 126 35.51 12.86 -8.79
N PRO C 127 34.25 12.49 -8.99
CA PRO C 127 33.95 11.12 -9.41
C PRO C 127 34.54 10.84 -10.78
N LEU C 128 34.91 9.58 -10.98
CA LEU C 128 35.39 9.11 -12.28
C LEU C 128 34.35 8.17 -12.88
N MET C 129 34.64 7.71 -14.09
CA MET C 129 33.73 6.85 -14.84
C MET C 129 34.46 5.60 -15.27
N THR C 130 33.85 4.45 -15.01
CA THR C 130 34.47 3.17 -15.31
C THR C 130 34.55 2.97 -16.81
N ASP C 131 35.04 1.80 -17.21
CA ASP C 131 35.22 1.51 -18.63
C ASP C 131 33.92 1.24 -19.35
N ASN C 132 32.81 1.08 -18.64
CA ASN C 132 31.51 0.89 -19.25
C ASN C 132 30.68 2.16 -19.29
N GLY C 133 31.28 3.30 -19.01
CA GLY C 133 30.52 4.53 -18.99
C GLY C 133 29.63 4.70 -17.80
N THR C 134 29.87 3.96 -16.72
CA THR C 134 29.09 4.06 -15.49
C THR C 134 29.92 4.76 -14.43
N PHE C 135 29.22 5.27 -13.42
CA PHE C 135 29.83 5.87 -12.26
C PHE C 135 29.53 5.00 -11.05
N VAL C 136 30.57 4.62 -10.33
CA VAL C 136 30.42 3.90 -9.07
C VAL C 136 30.48 4.96 -7.98
N ILE C 137 29.33 5.36 -7.46
CA ILE C 137 29.24 6.48 -6.54
C ILE C 137 28.92 6.03 -5.12
N ASN C 138 27.98 5.10 -4.94
CA ASN C 138 27.74 4.54 -3.61
C ASN C 138 27.53 3.04 -3.79
N GLY C 139 28.64 2.29 -3.79
CA GLY C 139 28.63 0.86 -4.00
C GLY C 139 27.66 0.38 -5.06
N THR C 140 27.50 1.14 -6.15
CA THR C 140 26.51 0.82 -7.16
C THR C 140 26.77 1.69 -8.38
N GLU C 141 26.43 1.17 -9.56
CA GLU C 141 26.67 1.87 -10.81
C GLU C 141 25.52 2.83 -11.08
N ARG C 142 25.79 4.12 -11.04
CA ARG C 142 24.84 5.14 -11.46
C ARG C 142 25.28 5.67 -12.81
N VAL C 143 24.33 5.78 -13.73
CA VAL C 143 24.56 6.23 -15.09
C VAL C 143 23.92 7.60 -15.25
N ILE C 144 24.66 8.53 -15.84
CA ILE C 144 24.14 9.88 -16.07
C ILE C 144 23.56 9.88 -17.48
N VAL C 145 22.27 9.56 -17.57
CA VAL C 145 21.58 9.62 -18.85
C VAL C 145 21.69 11.03 -19.42
N SER C 146 22.20 11.13 -20.64
CA SER C 146 22.31 12.43 -21.30
C SER C 146 20.92 13.01 -21.52
N GLN C 147 20.80 14.33 -21.44
CA GLN C 147 19.50 14.98 -21.56
C GLN C 147 19.38 15.69 -22.89
N LEU C 148 18.15 16.08 -23.22
CA LEU C 148 17.83 16.78 -24.46
C LEU C 148 17.03 18.02 -24.11
N HIS C 149 17.41 19.16 -24.68
CA HIS C 149 16.77 20.41 -24.30
C HIS C 149 16.87 21.42 -25.41
N ARG C 150 16.03 22.45 -25.32
CA ARG C 150 16.07 23.55 -26.26
C ARG C 150 17.44 24.20 -26.25
N SER C 151 18.05 24.32 -27.42
CA SER C 151 19.40 24.82 -27.49
C SER C 151 19.42 26.30 -27.13
N PRO C 152 20.53 26.81 -26.62
CA PRO C 152 20.67 28.25 -26.51
C PRO C 152 20.62 28.91 -27.88
N GLY C 153 20.03 30.08 -27.92
CA GLY C 153 19.88 30.84 -29.14
C GLY C 153 18.52 31.48 -29.22
N VAL C 154 18.21 32.04 -30.39
CA VAL C 154 16.99 32.81 -30.61
C VAL C 154 16.05 31.98 -31.47
N PHE C 155 14.78 31.92 -31.06
CA PHE C 155 13.78 31.08 -31.72
C PHE C 155 12.51 31.91 -31.95
N PHE C 156 12.40 32.50 -33.13
CA PHE C 156 11.20 33.26 -33.47
C PHE C 156 10.05 32.28 -33.65
N ASP C 157 9.33 32.01 -32.57
CA ASP C 157 8.25 31.05 -32.57
C ASP C 157 6.92 31.78 -32.68
N SER C 158 6.07 31.30 -33.57
CA SER C 158 4.78 31.97 -33.80
C SER C 158 3.95 31.99 -32.54
N ASP C 159 3.93 30.90 -31.79
CA ASP C 159 3.08 30.78 -30.61
C ASP C 159 1.62 31.04 -30.98
N LYS C 160 1.10 30.13 -31.80
CA LYS C 160 -0.27 30.25 -32.30
C LYS C 160 -1.23 30.47 -31.15
N GLY C 161 -1.87 31.64 -31.15
CA GLY C 161 -2.76 32.02 -30.07
C GLY C 161 -4.14 31.42 -30.22
N LYS C 162 -4.28 30.13 -29.90
CA LYS C 162 -5.59 29.49 -29.97
C LYS C 162 -6.58 30.10 -28.98
N THR C 163 -6.10 30.89 -28.01
CA THR C 163 -6.96 31.64 -27.13
C THR C 163 -7.44 32.91 -27.83
N HIS C 164 -8.18 33.74 -27.07
CA HIS C 164 -8.78 34.99 -27.54
C HIS C 164 -9.95 34.77 -28.50
N SER C 165 -10.21 33.52 -28.89
CA SER C 165 -11.29 33.20 -29.82
C SER C 165 -11.22 34.08 -31.06
N SER C 166 -10.01 34.33 -31.55
CA SER C 166 -9.79 35.25 -32.65
C SER C 166 -8.85 34.72 -33.73
N GLY C 167 -7.99 33.75 -33.42
CA GLY C 167 -7.05 33.23 -34.39
C GLY C 167 -5.86 34.11 -34.65
N LYS C 168 -5.72 35.22 -33.94
CA LYS C 168 -4.58 36.11 -34.15
C LYS C 168 -3.30 35.43 -33.69
N VAL C 169 -2.21 35.70 -34.41
CA VAL C 169 -0.92 35.06 -34.15
C VAL C 169 -0.05 36.04 -33.37
N LEU C 170 0.31 35.64 -32.14
CA LEU C 170 1.15 36.47 -31.28
C LEU C 170 2.59 36.02 -31.46
N TYR C 171 3.22 36.54 -32.50
CA TYR C 171 4.59 36.15 -32.81
C TYR C 171 5.51 36.43 -31.63
N ASN C 172 6.35 35.45 -31.32
CA ASN C 172 7.20 35.48 -30.14
C ASN C 172 8.64 35.20 -30.54
N ALA C 173 9.55 36.06 -30.09
CA ALA C 173 10.98 35.83 -30.17
C ALA C 173 11.48 35.57 -28.75
N ARG C 174 12.43 34.64 -28.62
CA ARG C 174 12.95 34.26 -27.30
C ARG C 174 14.45 34.08 -27.42
N ILE C 175 15.21 35.02 -26.87
CA ILE C 175 16.66 34.95 -26.89
C ILE C 175 17.05 34.14 -25.65
N ILE C 176 17.04 32.82 -25.78
CA ILE C 176 17.36 31.94 -24.67
C ILE C 176 18.86 31.81 -24.55
N PRO C 177 19.48 32.24 -23.44
CA PRO C 177 20.92 32.08 -23.29
C PRO C 177 21.26 30.82 -22.50
N TYR C 178 22.47 30.32 -22.75
CA TYR C 178 22.91 29.11 -22.07
C TYR C 178 23.04 29.35 -20.57
N ARG C 179 23.57 30.51 -20.18
CA ARG C 179 23.72 30.86 -18.77
C ARG C 179 23.45 32.35 -18.62
N GLY C 180 22.48 32.68 -17.80
CA GLY C 180 22.14 34.08 -17.55
C GLY C 180 20.64 34.22 -17.30
N SER C 181 20.12 35.37 -17.70
CA SER C 181 18.70 35.70 -17.59
C SER C 181 18.10 35.81 -18.98
N TRP C 182 16.92 35.23 -19.16
CA TRP C 182 16.31 35.18 -20.47
C TRP C 182 15.93 36.57 -20.96
N LEU C 183 15.38 36.62 -22.16
CA LEU C 183 14.90 37.87 -22.72
C LEU C 183 14.01 37.53 -23.91
N ASP C 184 12.71 37.73 -23.76
CA ASP C 184 11.74 37.39 -24.79
C ASP C 184 10.91 38.61 -25.16
N PHE C 185 10.30 38.55 -26.34
CA PHE C 185 9.46 39.61 -26.85
C PHE C 185 8.27 38.98 -27.57
N GLU C 186 7.13 39.67 -27.50
CA GLU C 186 5.94 39.18 -28.17
C GLU C 186 5.02 40.34 -28.52
N PHE C 187 4.25 40.16 -29.58
CA PHE C 187 3.19 41.11 -29.91
C PHE C 187 1.96 40.81 -29.07
N ASP C 188 1.45 41.83 -28.39
CA ASP C 188 0.21 41.70 -27.67
C ASP C 188 -0.94 41.69 -28.68
N PRO C 189 -2.15 41.32 -28.26
CA PRO C 189 -3.28 41.33 -29.21
C PRO C 189 -3.55 42.69 -29.81
N LYS C 190 -3.13 43.77 -29.15
CA LYS C 190 -3.34 45.12 -29.64
C LYS C 190 -2.22 45.59 -30.58
N ASP C 191 -1.46 44.66 -31.14
CA ASP C 191 -0.38 44.98 -32.06
C ASP C 191 0.58 46.00 -31.46
N ASN C 192 1.13 45.62 -30.30
CA ASN C 192 2.10 46.43 -29.59
C ASN C 192 3.15 45.50 -29.04
N LEU C 193 4.42 45.74 -29.38
CA LEU C 193 5.48 44.82 -29.01
C LEU C 193 5.84 45.01 -27.55
N PHE C 194 5.90 43.90 -26.82
CA PHE C 194 6.11 43.90 -25.38
C PHE C 194 7.27 42.98 -25.03
N VAL C 195 7.92 43.30 -23.92
CA VAL C 195 9.06 42.54 -23.40
C VAL C 195 8.74 42.12 -21.97
N ARG C 196 9.17 40.92 -21.60
CA ARG C 196 9.09 40.45 -20.22
C ARG C 196 10.39 39.71 -19.91
N ILE C 197 11.39 40.45 -19.45
CA ILE C 197 12.67 39.83 -19.08
C ILE C 197 12.41 38.81 -17.98
N ASP C 198 12.79 37.56 -18.24
CA ASP C 198 12.65 36.46 -17.28
C ASP C 198 11.20 36.27 -16.85
N ARG C 199 10.26 36.61 -17.72
CA ARG C 199 8.84 36.30 -17.54
C ARG C 199 8.22 37.02 -16.34
N ARG C 200 8.79 38.15 -15.93
CA ARG C 200 8.18 38.97 -14.88
C ARG C 200 7.19 39.93 -15.55
N ARG C 201 6.73 40.94 -14.81
CA ARG C 201 5.66 41.82 -15.29
C ARG C 201 6.00 42.41 -16.65
N LYS C 202 5.14 42.12 -17.62
CA LYS C 202 5.32 42.58 -18.99
C LYS C 202 5.61 44.08 -19.04
N LEU C 203 6.48 44.47 -19.96
CA LEU C 203 6.81 45.86 -20.23
C LEU C 203 6.74 46.11 -21.73
N PRO C 204 6.50 47.36 -22.14
CA PRO C 204 6.57 47.66 -23.57
C PRO C 204 7.95 47.35 -24.13
N ALA C 205 7.97 46.76 -25.33
CA ALA C 205 9.25 46.31 -25.89
C ALA C 205 10.18 47.47 -26.15
N THR C 206 9.64 48.67 -26.36
CA THR C 206 10.49 49.84 -26.60
C THR C 206 11.38 50.14 -25.41
N ILE C 207 10.96 49.73 -24.20
CA ILE C 207 11.58 50.25 -22.98
C ILE C 207 13.08 49.97 -22.98
N ILE C 208 13.47 48.71 -23.25
CA ILE C 208 14.88 48.35 -23.24
C ILE C 208 15.64 49.21 -24.24
N LEU C 209 15.06 49.44 -25.41
CA LEU C 209 15.74 50.24 -26.41
C LEU C 209 15.95 51.66 -25.92
N ARG C 210 14.94 52.23 -25.25
CA ARG C 210 15.15 53.55 -24.65
C ARG C 210 15.88 53.44 -23.33
N ALA C 211 15.93 52.25 -22.74
CA ALA C 211 16.89 52.00 -21.66
C ALA C 211 18.29 51.78 -22.22
N LEU C 212 18.42 51.48 -23.51
CA LEU C 212 19.70 51.31 -24.17
C LEU C 212 20.32 52.64 -24.60
N ASN C 213 19.75 53.77 -24.18
CA ASN C 213 20.24 55.11 -24.47
C ASN C 213 19.90 55.57 -25.88
N TYR C 214 18.91 54.95 -26.52
CA TYR C 214 18.52 55.34 -27.87
C TYR C 214 17.43 56.40 -27.80
N THR C 215 17.69 57.54 -28.45
CA THR C 215 16.71 58.60 -28.48
C THR C 215 15.51 58.18 -29.31
N THR C 216 14.38 58.84 -29.07
CA THR C 216 13.15 58.50 -29.78
C THR C 216 13.34 58.63 -31.29
N GLU C 217 14.03 59.69 -31.73
CA GLU C 217 14.34 59.81 -33.14
C GLU C 217 15.22 58.66 -33.61
N GLN C 218 16.23 58.31 -32.81
CA GLN C 218 17.08 57.16 -33.16
C GLN C 218 16.27 55.88 -33.18
N ILE C 219 15.38 55.69 -32.21
CA ILE C 219 14.55 54.49 -32.18
C ILE C 219 13.73 54.40 -33.45
N LEU C 220 13.09 55.50 -33.84
CA LEU C 220 12.25 55.51 -35.01
C LEU C 220 13.06 55.25 -36.27
N ASP C 221 14.24 55.86 -36.37
CA ASP C 221 15.09 55.63 -37.54
C ASP C 221 15.51 54.17 -37.63
N LEU C 222 15.90 53.58 -36.49
CA LEU C 222 16.33 52.18 -36.51
C LEU C 222 15.18 51.28 -36.92
N PHE C 223 14.03 51.41 -36.27
CA PHE C 223 12.92 50.53 -36.58
C PHE C 223 12.31 50.85 -37.93
N PHE C 224 12.18 52.14 -38.26
CA PHE C 224 11.46 52.58 -39.45
C PHE C 224 12.38 53.38 -40.36
N GLU C 225 12.28 53.10 -41.66
CA GLU C 225 12.71 54.04 -42.67
C GLU C 225 11.78 55.26 -42.65
N LYS C 226 12.07 56.22 -43.53
CA LYS C 226 11.33 57.46 -43.58
C LYS C 226 11.01 57.82 -45.03
N VAL C 227 10.12 58.79 -45.19
CA VAL C 227 9.77 59.36 -46.48
C VAL C 227 10.07 60.85 -46.43
N ILE C 228 10.84 61.33 -47.41
CA ILE C 228 11.27 62.72 -47.45
C ILE C 228 10.16 63.58 -48.02
N PHE C 229 10.10 64.83 -47.55
CA PHE C 229 9.07 65.78 -47.96
C PHE C 229 9.69 67.15 -48.17
N GLU C 230 9.01 67.96 -48.98
CA GLU C 230 9.50 69.29 -49.33
C GLU C 230 8.30 70.21 -49.57
N ILE C 231 8.26 71.33 -48.86
CA ILE C 231 7.25 72.35 -49.16
C ILE C 231 7.63 73.01 -50.48
N ARG C 232 6.78 72.82 -51.49
CA ARG C 232 7.01 73.37 -52.83
C ARG C 232 5.66 73.83 -53.38
N ASP C 233 5.36 75.11 -53.20
CA ASP C 233 4.08 75.67 -53.63
C ASP C 233 2.95 75.00 -52.87
N ASN C 234 1.72 75.11 -53.38
CA ASN C 234 0.59 74.43 -52.78
C ASN C 234 0.65 72.94 -53.13
N LYS C 235 0.06 72.12 -52.26
CA LYS C 235 0.04 70.67 -52.45
C LYS C 235 1.47 70.13 -52.51
N LEU C 236 2.15 70.27 -51.37
CA LEU C 236 3.61 70.10 -51.29
C LEU C 236 4.07 68.83 -51.98
N GLN C 237 5.14 68.94 -52.76
CA GLN C 237 5.65 67.82 -53.52
C GLN C 237 6.46 66.88 -52.63
N MET C 238 6.31 65.58 -52.85
CA MET C 238 6.97 64.56 -52.06
C MET C 238 7.60 63.53 -52.99
N GLU C 239 8.71 62.94 -52.55
CA GLU C 239 9.45 62.00 -53.38
C GLU C 239 8.62 60.75 -53.66
N LEU C 240 8.13 60.64 -54.90
CA LEU C 240 7.35 59.46 -55.27
C LEU C 240 8.27 58.25 -55.41
N VAL C 241 7.89 57.15 -54.79
CA VAL C 241 8.57 55.88 -54.93
C VAL C 241 7.58 54.86 -55.46
N PRO C 242 7.61 54.56 -56.77
CA PRO C 242 6.65 53.59 -57.31
C PRO C 242 6.70 52.24 -56.61
N GLU C 243 7.86 51.85 -56.09
CA GLU C 243 7.94 50.62 -55.32
C GLU C 243 7.08 50.72 -54.06
N ARG C 244 7.12 51.87 -53.38
CA ARG C 244 6.27 52.05 -52.21
C ARG C 244 4.80 51.99 -52.56
N LEU C 245 4.43 52.40 -53.78
CA LEU C 245 3.04 52.35 -54.19
C LEU C 245 2.49 50.94 -54.28
N ARG C 246 3.37 49.93 -54.25
CA ARG C 246 2.90 48.55 -54.25
C ARG C 246 1.99 48.30 -53.06
N GLY C 247 0.89 47.59 -53.30
CA GLY C 247 -0.06 47.33 -52.24
C GLY C 247 -0.74 48.58 -51.73
N GLU C 248 -1.00 49.53 -52.62
CA GLU C 248 -1.66 50.78 -52.26
C GLU C 248 -2.55 51.22 -53.41
N THR C 249 -3.51 52.08 -53.08
CA THR C 249 -4.46 52.59 -54.05
C THR C 249 -4.35 54.11 -54.15
N ALA C 250 -4.71 54.65 -55.30
CA ALA C 250 -4.58 56.08 -55.57
C ALA C 250 -5.70 56.81 -54.85
N SER C 251 -5.40 57.33 -53.66
CA SER C 251 -6.35 58.18 -52.95
C SER C 251 -6.55 59.52 -53.63
N PHE C 252 -5.71 59.86 -54.62
CA PHE C 252 -5.86 61.10 -55.35
C PHE C 252 -5.44 60.87 -56.79
N ASP C 253 -5.87 61.77 -57.67
CA ASP C 253 -5.58 61.63 -59.09
C ASP C 253 -4.08 61.73 -59.34
N ILE C 254 -3.45 60.61 -59.69
CA ILE C 254 -2.02 60.57 -59.96
C ILE C 254 -1.82 60.97 -61.41
N GLU C 255 -1.52 62.25 -61.64
CA GLU C 255 -1.42 62.83 -62.98
C GLU C 255 -0.05 63.46 -63.20
N ALA C 256 1.00 62.78 -62.76
CA ALA C 256 2.35 63.31 -62.90
C ALA C 256 2.90 63.07 -64.30
N ASN C 257 3.96 63.81 -64.63
CA ASN C 257 4.66 63.67 -65.91
C ASN C 257 3.74 63.98 -67.09
N GLY C 258 2.74 64.83 -66.87
CA GLY C 258 1.77 65.11 -67.91
C GLY C 258 0.97 63.91 -68.36
N LYS C 259 0.96 62.84 -67.55
CA LYS C 259 0.24 61.61 -67.86
C LYS C 259 -0.62 61.24 -66.65
N VAL C 260 -1.83 60.79 -66.92
CA VAL C 260 -2.73 60.34 -65.86
C VAL C 260 -2.39 58.88 -65.55
N TYR C 261 -1.41 58.68 -64.68
CA TYR C 261 -0.97 57.32 -64.36
C TYR C 261 -2.09 56.54 -63.68
N VAL C 262 -2.65 57.10 -62.62
CA VAL C 262 -3.70 56.45 -61.84
C VAL C 262 -4.74 57.50 -61.50
N GLU C 263 -5.93 57.38 -62.09
CA GLU C 263 -7.04 58.21 -61.68
C GLU C 263 -7.47 57.83 -60.26
N LYS C 264 -8.02 58.81 -59.55
CA LYS C 264 -8.49 58.56 -58.20
C LYS C 264 -9.55 57.45 -58.22
N GLY C 265 -9.42 56.50 -57.29
CA GLY C 265 -10.28 55.35 -57.23
C GLY C 265 -9.70 54.09 -57.83
N ARG C 266 -8.66 54.23 -58.65
CA ARG C 266 -7.98 53.08 -59.24
C ARG C 266 -6.72 52.77 -58.47
N ARG C 267 -6.38 51.49 -58.39
CA ARG C 267 -5.11 51.10 -57.79
C ARG C 267 -3.96 51.46 -58.72
N ILE C 268 -2.75 51.48 -58.16
CA ILE C 268 -1.55 51.75 -58.93
C ILE C 268 -1.07 50.40 -59.48
N THR C 269 -1.62 50.02 -60.61
CA THR C 269 -1.33 48.71 -61.17
C THR C 269 0.14 48.61 -61.57
N ALA C 270 0.61 47.37 -61.72
CA ALA C 270 1.98 47.15 -62.14
C ALA C 270 2.29 47.84 -63.46
N ARG C 271 1.29 47.96 -64.33
CA ARG C 271 1.47 48.73 -65.56
C ARG C 271 1.88 50.16 -65.25
N HIS C 272 1.17 50.80 -64.33
CA HIS C 272 1.45 52.19 -64.01
C HIS C 272 2.79 52.33 -63.29
N ILE C 273 3.13 51.39 -62.41
CA ILE C 273 4.42 51.44 -61.73
C ILE C 273 5.55 51.29 -62.75
N ARG C 274 5.39 50.37 -63.70
CA ARG C 274 6.41 50.20 -64.73
C ARG C 274 6.53 51.44 -65.60
N GLN C 275 5.39 52.08 -65.92
CA GLN C 275 5.43 53.32 -66.68
C GLN C 275 6.16 54.41 -65.90
N LEU C 276 5.89 54.51 -64.59
CA LEU C 276 6.56 55.50 -63.76
C LEU C 276 8.06 55.27 -63.74
N GLU C 277 8.47 54.02 -63.56
CA GLU C 277 9.90 53.71 -63.52
C GLU C 277 10.55 53.95 -64.87
N LYS C 278 9.86 53.61 -65.95
CA LYS C 278 10.43 53.79 -67.29
C LYS C 278 10.68 55.27 -67.58
N ASP C 279 9.74 56.14 -67.22
CA ASP C 279 9.90 57.57 -67.39
C ASP C 279 10.70 58.21 -66.26
N ASP C 280 11.13 57.43 -65.27
CA ASP C 280 11.87 57.97 -64.13
C ASP C 280 11.05 59.02 -63.40
N VAL C 281 9.75 58.76 -63.26
CA VAL C 281 8.89 59.67 -62.51
C VAL C 281 9.36 59.70 -61.06
N LYS C 282 9.45 60.92 -60.52
CA LYS C 282 10.09 61.15 -59.22
C LYS C 282 9.21 62.17 -58.50
N LEU C 283 9.78 62.84 -57.49
CA LEU C 283 9.08 63.79 -56.64
C LEU C 283 8.09 64.64 -57.43
N ILE C 284 6.82 64.57 -57.03
CA ILE C 284 5.72 65.18 -57.76
C ILE C 284 4.76 65.82 -56.77
N GLU C 285 3.88 66.66 -57.29
CA GLU C 285 2.87 67.30 -56.46
C GLU C 285 1.91 66.27 -55.89
N VAL C 286 1.60 66.41 -54.60
CA VAL C 286 0.65 65.52 -53.93
C VAL C 286 -0.19 66.32 -52.96
N PRO C 287 -1.40 65.85 -52.68
CA PRO C 287 -2.29 66.60 -51.77
C PRO C 287 -1.72 66.67 -50.36
N VAL C 288 -2.00 67.79 -49.69
CA VAL C 288 -1.64 67.91 -48.28
C VAL C 288 -2.58 67.07 -47.43
N GLU C 289 -3.85 66.96 -47.83
CA GLU C 289 -4.79 66.10 -47.10
C GLU C 289 -4.33 64.65 -47.14
N TYR C 290 -3.73 64.22 -48.25
CA TYR C 290 -3.18 62.87 -48.31
C TYR C 290 -2.04 62.71 -47.32
N ILE C 291 -1.20 63.73 -47.18
CA ILE C 291 -0.10 63.68 -46.23
C ILE C 291 -0.58 63.80 -44.79
N ALA C 292 -1.81 64.29 -44.60
CA ALA C 292 -2.31 64.51 -43.24
C ALA C 292 -2.33 63.23 -42.44
N GLY C 293 -2.54 62.08 -43.08
CA GLY C 293 -2.57 60.81 -42.38
C GLY C 293 -1.21 60.28 -41.99
N LYS C 294 -0.14 60.91 -42.43
CA LYS C 294 1.21 60.45 -42.11
C LYS C 294 1.52 60.74 -40.64
N VAL C 295 2.74 60.40 -40.23
CA VAL C 295 3.20 60.58 -38.86
C VAL C 295 4.55 61.28 -38.89
N VAL C 296 4.71 62.29 -38.05
CA VAL C 296 5.94 63.08 -38.07
C VAL C 296 7.12 62.20 -37.64
N ALA C 297 8.23 62.34 -38.37
CA ALA C 297 9.38 61.44 -38.19
C ALA C 297 10.35 61.94 -37.13
N LYS C 298 10.63 63.23 -37.09
CA LYS C 298 11.60 63.82 -36.18
C LYS C 298 10.87 64.77 -35.22
N ASP C 299 11.65 65.44 -34.38
CA ASP C 299 11.11 66.37 -33.39
C ASP C 299 11.28 67.78 -33.94
N TYR C 300 10.26 68.28 -34.62
CA TYR C 300 10.31 69.61 -35.22
C TYR C 300 10.15 70.68 -34.14
N ILE C 301 11.12 71.59 -34.11
CA ILE C 301 11.18 72.69 -33.15
C ILE C 301 11.19 74.00 -33.93
N ASP C 302 10.35 74.94 -33.50
CA ASP C 302 10.30 76.24 -34.17
C ASP C 302 11.65 76.94 -34.05
N GLU C 303 12.33 77.11 -35.19
CA GLU C 303 13.68 77.66 -35.17
C GLU C 303 13.70 79.12 -34.73
N SER C 304 12.58 79.83 -34.85
CA SER C 304 12.53 81.22 -34.43
C SER C 304 12.81 81.37 -32.94
N THR C 305 12.22 80.49 -32.12
CA THR C 305 12.40 80.52 -30.67
C THR C 305 12.84 79.17 -30.11
N GLY C 306 13.15 78.20 -30.96
CA GLY C 306 13.59 76.91 -30.48
C GLY C 306 12.58 76.19 -29.62
N GLU C 307 11.30 76.30 -29.97
CA GLU C 307 10.21 75.66 -29.23
C GLU C 307 9.74 74.44 -29.98
N LEU C 308 9.57 73.32 -29.24
CA LEU C 308 9.18 72.07 -29.88
C LEU C 308 7.80 72.18 -30.49
N ILE C 309 7.73 72.28 -31.81
CA ILE C 309 6.44 72.26 -32.48
C ILE C 309 5.76 70.91 -32.24
N CYS C 310 6.51 69.83 -32.42
CA CYS C 310 5.97 68.51 -32.15
C CYS C 310 7.09 67.47 -32.17
N ALA C 311 7.08 66.59 -31.19
CA ALA C 311 7.95 65.42 -31.22
C ALA C 311 7.45 64.43 -32.26
N ALA C 312 8.32 63.49 -32.62
CA ALA C 312 7.96 62.49 -33.61
C ALA C 312 6.85 61.59 -33.07
N ASN C 313 6.37 60.69 -33.92
CA ASN C 313 5.34 59.71 -33.57
C ASN C 313 4.00 60.40 -33.30
N MET C 314 3.70 61.44 -34.06
CA MET C 314 2.44 62.16 -33.96
C MET C 314 1.87 62.39 -35.36
N GLU C 315 0.55 62.30 -35.46
CA GLU C 315 -0.11 62.48 -36.75
C GLU C 315 -0.10 63.95 -37.16
N LEU C 316 -0.18 64.18 -38.46
CA LEU C 316 -0.08 65.52 -39.02
C LEU C 316 -1.46 66.15 -39.17
N SER C 317 -1.69 67.25 -38.47
CA SER C 317 -2.88 68.07 -38.66
C SER C 317 -2.48 69.33 -39.44
N LEU C 318 -3.42 69.81 -40.26
CA LEU C 318 -3.10 70.89 -41.19
C LEU C 318 -2.64 72.15 -40.46
N ASP C 319 -3.13 72.37 -39.24
CA ASP C 319 -2.63 73.48 -38.44
C ASP C 319 -1.14 73.31 -38.16
N LEU C 320 -0.72 72.10 -37.81
CA LEU C 320 0.70 71.84 -37.60
C LEU C 320 1.47 72.02 -38.90
N LEU C 321 0.89 71.61 -40.02
CA LEU C 321 1.56 71.79 -41.31
C LEU C 321 1.79 73.27 -41.59
N ALA C 322 0.77 74.10 -41.37
CA ALA C 322 0.94 75.54 -41.57
C ALA C 322 1.96 76.12 -40.61
N LYS C 323 1.94 75.67 -39.35
CA LYS C 323 2.88 76.20 -38.36
C LYS C 323 4.32 75.88 -38.74
N LEU C 324 4.58 74.64 -39.16
CA LEU C 324 5.94 74.31 -39.58
C LEU C 324 6.29 74.98 -40.91
N SER C 325 5.29 75.27 -41.74
CA SER C 325 5.55 76.00 -42.98
C SER C 325 6.02 77.42 -42.68
N GLN C 326 5.38 78.09 -41.71
CA GLN C 326 5.78 79.45 -41.39
C GLN C 326 7.17 79.49 -40.76
N SER C 327 7.53 78.48 -39.96
CA SER C 327 8.83 78.44 -39.31
C SER C 327 9.96 78.22 -40.31
N GLY C 328 9.67 77.83 -41.55
CA GLY C 328 10.69 77.54 -42.53
C GLY C 328 11.07 76.08 -42.66
N HIS C 329 10.33 75.18 -42.01
CA HIS C 329 10.63 73.75 -42.07
C HIS C 329 10.19 73.21 -43.43
N LYS C 330 11.07 73.39 -44.41
CA LYS C 330 10.80 72.86 -45.74
C LYS C 330 10.68 71.34 -45.70
N ARG C 331 11.45 70.69 -44.83
CA ARG C 331 11.43 69.24 -44.71
C ARG C 331 10.33 68.82 -43.75
N ILE C 332 9.44 67.93 -44.21
CA ILE C 332 8.32 67.44 -43.41
C ILE C 332 8.41 65.93 -43.34
N GLU C 333 9.64 65.41 -43.31
CA GLU C 333 9.88 63.98 -43.44
C GLU C 333 9.06 63.16 -42.46
N THR C 334 8.38 62.15 -42.97
CA THR C 334 7.49 61.30 -42.19
C THR C 334 7.96 59.85 -42.29
N LEU C 335 7.62 59.08 -41.27
CA LEU C 335 7.94 57.66 -41.26
C LEU C 335 7.13 56.96 -42.34
N PHE C 336 7.77 56.07 -43.10
CA PHE C 336 7.06 55.37 -44.15
C PHE C 336 5.99 54.48 -43.52
N THR C 337 4.73 54.88 -43.68
CA THR C 337 3.61 54.17 -43.09
C THR C 337 3.05 53.16 -44.09
N ASN C 338 2.66 52.00 -43.57
CA ASN C 338 2.03 50.95 -44.34
C ASN C 338 1.61 49.89 -43.34
N ASP C 339 0.81 48.93 -43.80
CA ASP C 339 0.42 47.80 -42.96
C ASP C 339 0.70 46.48 -43.65
N LEU C 340 0.53 46.44 -44.97
CA LEU C 340 0.69 45.18 -45.68
C LEU C 340 2.11 44.63 -45.54
N ASP C 341 3.10 45.51 -45.59
CA ASP C 341 4.50 45.10 -45.56
C ASP C 341 5.35 45.83 -44.53
N HIS C 342 4.93 47.00 -44.05
CA HIS C 342 5.73 47.80 -43.12
C HIS C 342 4.86 48.31 -41.97
N GLY C 343 4.07 47.40 -41.40
CA GLY C 343 3.24 47.73 -40.26
C GLY C 343 4.05 48.28 -39.10
N PRO C 344 3.95 49.60 -38.83
CA PRO C 344 4.76 50.15 -37.73
C PRO C 344 4.12 49.89 -36.37
N TYR C 345 4.18 48.64 -35.92
CA TYR C 345 3.62 48.31 -34.62
C TYR C 345 4.43 48.97 -33.50
N ILE C 346 5.73 49.16 -33.72
CA ILE C 346 6.56 49.78 -32.69
C ILE C 346 6.23 51.26 -32.55
N SER C 347 5.64 51.88 -33.58
CA SER C 347 5.13 53.24 -33.39
C SER C 347 4.01 53.26 -32.37
N GLU C 348 3.09 52.30 -32.47
CA GLU C 348 2.05 52.18 -31.45
C GLU C 348 2.66 51.86 -30.09
N THR C 349 3.71 51.03 -30.07
CA THR C 349 4.40 50.76 -28.81
C THR C 349 4.95 52.05 -28.21
N LEU C 350 5.56 52.90 -29.05
CA LEU C 350 6.07 54.17 -28.57
C LEU C 350 4.95 55.04 -28.04
N ARG C 351 3.78 55.01 -28.70
CA ARG C 351 2.63 55.74 -28.18
C ARG C 351 2.25 55.24 -26.80
N VAL C 352 2.24 53.91 -26.61
CA VAL C 352 1.95 53.34 -25.30
C VAL C 352 3.11 53.54 -24.33
N ASP C 353 4.30 53.89 -24.83
CA ASP C 353 5.47 54.07 -23.99
C ASP C 353 5.20 55.12 -22.91
N PRO C 354 5.14 54.73 -21.63
CA PRO C 354 4.76 55.73 -20.61
C PRO C 354 5.72 56.90 -20.51
N THR C 355 7.01 56.69 -20.76
CA THR C 355 8.02 57.72 -20.56
C THR C 355 9.03 57.66 -21.71
N ASN C 356 10.01 58.55 -21.66
CA ASN C 356 11.10 58.57 -22.63
C ASN C 356 12.49 58.71 -22.02
N ASP C 357 12.60 59.18 -20.78
CA ASP C 357 13.92 59.38 -20.18
C ASP C 357 14.64 58.04 -20.02
N ARG C 358 15.95 58.07 -20.28
CA ARG C 358 16.76 56.87 -20.10
C ARG C 358 16.69 56.42 -18.64
N LEU C 359 16.88 57.34 -17.70
CA LEU C 359 16.80 56.98 -16.29
C LEU C 359 15.41 56.49 -15.93
N SER C 360 14.38 57.02 -16.59
CA SER C 360 13.02 56.54 -16.33
C SER C 360 12.89 55.07 -16.74
N ALA C 361 13.43 54.70 -17.89
CA ALA C 361 13.39 53.31 -18.30
C ALA C 361 14.22 52.43 -17.38
N LEU C 362 15.35 52.96 -16.90
CA LEU C 362 16.15 52.23 -15.93
C LEU C 362 15.33 51.95 -14.67
N VAL C 363 14.60 52.96 -14.20
CA VAL C 363 13.75 52.78 -13.02
C VAL C 363 12.67 51.77 -13.31
N GLU C 364 12.13 51.78 -14.53
CA GLU C 364 11.12 50.80 -14.91
C GLU C 364 11.68 49.39 -14.79
N ILE C 365 12.88 49.17 -15.33
CA ILE C 365 13.51 47.86 -15.22
C ILE C 365 13.78 47.52 -13.76
N TYR C 366 14.21 48.51 -12.98
CA TYR C 366 14.56 48.28 -11.59
C TYR C 366 13.36 47.80 -10.80
N ARG C 367 12.20 48.42 -11.01
CA ARG C 367 10.98 47.95 -10.37
C ARG C 367 10.52 46.63 -10.97
N MET C 368 10.77 46.42 -12.27
CA MET C 368 10.34 45.20 -12.93
C MET C 368 11.02 43.98 -12.33
N MET C 369 12.34 44.05 -12.13
CA MET C 369 13.08 42.89 -11.62
C MET C 369 12.83 42.69 -10.13
N ARG C 370 12.90 43.78 -9.36
CA ARG C 370 12.78 43.74 -7.90
C ARG C 370 11.64 44.68 -7.49
N PRO C 371 10.39 44.21 -7.47
CA PRO C 371 9.28 45.13 -7.20
C PRO C 371 9.36 45.73 -5.81
N GLY C 372 8.97 47.00 -5.71
CA GLY C 372 8.83 47.69 -4.44
C GLY C 372 10.11 48.23 -3.84
N GLU C 373 11.25 48.01 -4.48
CA GLU C 373 12.51 48.47 -3.91
C GLU C 373 12.68 49.97 -4.11
N PRO C 374 13.50 50.62 -3.29
CA PRO C 374 13.76 52.06 -3.50
C PRO C 374 14.49 52.28 -4.81
N PRO C 375 13.94 53.09 -5.73
CA PRO C 375 14.64 53.33 -7.00
C PRO C 375 15.98 54.01 -6.78
N THR C 376 16.93 53.71 -7.66
CA THR C 376 18.29 54.23 -7.54
C THR C 376 18.95 54.19 -8.90
N ARG C 377 19.68 55.26 -9.24
CA ARG C 377 20.33 55.33 -10.54
C ARG C 377 21.44 54.29 -10.66
N GLU C 378 22.35 54.24 -9.70
CA GLU C 378 23.50 53.36 -9.81
C GLU C 378 23.06 51.90 -9.84
N ALA C 379 22.17 51.52 -8.92
CA ALA C 379 21.72 50.13 -8.88
C ALA C 379 20.94 49.78 -10.14
N ALA C 380 20.12 50.70 -10.64
CA ALA C 380 19.37 50.43 -11.87
C ALA C 380 20.31 50.21 -13.04
N GLU C 381 21.33 51.06 -13.17
CA GLU C 381 22.30 50.90 -14.25
C GLU C 381 23.04 49.58 -14.13
N SER C 382 23.46 49.24 -12.91
CA SER C 382 24.16 47.97 -12.71
C SER C 382 23.28 46.79 -13.07
N LEU C 383 22.00 46.84 -12.67
CA LEU C 383 21.07 45.77 -13.03
C LEU C 383 20.94 45.66 -14.54
N PHE C 384 20.70 46.78 -15.22
CA PHE C 384 20.52 46.76 -16.65
C PHE C 384 21.74 46.19 -17.36
N GLU C 385 22.94 46.54 -16.89
CA GLU C 385 24.14 46.03 -17.55
C GLU C 385 24.38 44.56 -17.23
N ASN C 386 24.19 44.16 -15.97
CA ASN C 386 24.54 42.80 -15.58
C ASN C 386 23.54 41.77 -16.06
N LEU C 387 22.30 42.17 -16.35
CA LEU C 387 21.34 41.20 -16.85
C LEU C 387 21.79 40.58 -18.16
N PHE C 388 22.32 41.40 -19.06
CA PHE C 388 22.74 40.93 -20.38
C PHE C 388 24.20 41.23 -20.70
N PHE C 389 24.66 42.46 -20.47
CA PHE C 389 25.97 42.84 -20.99
C PHE C 389 27.10 42.17 -20.22
N SER C 390 27.02 42.15 -18.89
CA SER C 390 28.13 41.62 -18.10
C SER C 390 28.28 40.13 -18.34
N GLU C 391 29.51 39.70 -18.61
CA GLU C 391 29.77 38.31 -18.95
C GLU C 391 29.44 37.38 -17.79
N ASP C 392 29.72 37.79 -16.56
CA ASP C 392 29.61 36.87 -15.43
C ASP C 392 28.19 36.36 -15.25
N ARG C 393 27.19 37.24 -15.38
CA ARG C 393 25.80 36.88 -15.16
C ARG C 393 25.03 36.63 -16.44
N TYR C 394 25.72 36.49 -17.57
CA TYR C 394 25.04 36.21 -18.84
C TYR C 394 26.08 35.70 -19.83
N ASP C 395 25.78 34.57 -20.47
CA ASP C 395 26.72 34.00 -21.42
C ASP C 395 25.94 33.12 -22.39
N LEU C 396 25.71 33.64 -23.59
CA LEU C 396 25.38 32.76 -24.71
C LEU C 396 26.61 31.95 -25.03
N SER C 397 26.61 30.67 -24.66
CA SER C 397 27.76 29.83 -24.95
C SER C 397 27.96 29.74 -26.46
N ALA C 398 29.10 29.17 -26.85
CA ALA C 398 29.48 29.14 -28.26
C ALA C 398 28.39 28.53 -29.11
N VAL C 399 27.72 27.49 -28.60
CA VAL C 399 26.57 26.95 -29.29
C VAL C 399 25.49 28.01 -29.41
N GLY C 400 25.24 28.72 -28.31
CA GLY C 400 24.24 29.79 -28.35
C GLY C 400 24.59 30.86 -29.36
N ARG C 401 25.86 31.28 -29.40
CA ARG C 401 26.28 32.30 -30.34
C ARG C 401 26.11 31.81 -31.77
N MET C 402 26.49 30.56 -32.04
CA MET C 402 26.37 30.05 -33.40
C MET C 402 24.92 30.00 -33.84
N LYS C 403 24.03 29.48 -32.98
CA LYS C 403 22.62 29.43 -33.36
C LYS C 403 22.06 30.83 -33.54
N PHE C 404 22.43 31.76 -32.66
CA PHE C 404 21.90 33.11 -32.76
C PHE C 404 22.34 33.78 -34.05
N ASN C 405 23.63 33.69 -34.37
CA ASN C 405 24.13 34.31 -35.57
C ASN C 405 23.51 33.69 -36.82
N ARG C 406 23.38 32.37 -36.84
CA ARG C 406 22.81 31.72 -38.00
C ARG C 406 21.34 32.05 -38.16
N SER C 407 20.61 32.17 -37.05
CA SER C 407 19.19 32.49 -37.13
C SER C 407 18.97 33.89 -37.71
N LEU C 408 19.84 34.84 -37.35
CA LEU C 408 19.77 36.19 -37.89
C LEU C 408 20.53 36.34 -39.19
N LEU C 409 20.92 35.24 -39.83
CA LEU C 409 21.57 35.28 -41.14
C LEU C 409 22.84 36.11 -41.11
N ARG C 410 23.52 36.12 -39.97
CA ARG C 410 24.81 36.79 -39.88
C ARG C 410 25.86 36.04 -40.67
N GLU C 411 26.79 36.78 -41.26
CA GLU C 411 27.90 36.16 -41.96
C GLU C 411 28.82 35.40 -41.01
N GLU C 412 28.77 35.73 -39.72
CA GLU C 412 29.77 35.27 -38.77
C GLU C 412 29.30 33.99 -38.06
N ILE C 413 30.27 33.16 -37.70
CA ILE C 413 29.99 31.91 -37.01
C ILE C 413 30.38 31.95 -35.54
N GLU C 414 31.29 32.85 -35.14
CA GLU C 414 31.77 32.93 -33.77
C GLU C 414 31.78 34.39 -33.32
N GLY C 415 31.39 34.60 -32.07
CA GLY C 415 31.34 35.94 -31.51
C GLY C 415 31.28 35.85 -30.00
N SER C 416 31.21 37.02 -29.37
CA SER C 416 31.18 37.07 -27.92
C SER C 416 29.90 36.44 -27.37
N GLY C 417 30.00 35.89 -26.16
CA GLY C 417 28.88 35.24 -25.53
C GLY C 417 27.87 36.17 -24.90
N ILE C 418 28.11 37.47 -24.95
CA ILE C 418 27.18 38.46 -24.45
C ILE C 418 26.47 39.11 -25.62
N LEU C 419 25.33 39.73 -25.35
CA LEU C 419 24.55 40.37 -26.39
C LEU C 419 25.16 41.74 -26.69
N SER C 420 24.44 42.55 -27.47
CA SER C 420 24.84 43.92 -27.73
C SER C 420 23.62 44.66 -28.25
N LYS C 421 23.80 45.95 -28.53
CA LYS C 421 22.70 46.75 -29.05
C LYS C 421 22.17 46.16 -30.34
N ASP C 422 23.07 45.92 -31.30
CA ASP C 422 22.66 45.44 -32.61
C ASP C 422 22.00 44.08 -32.52
N ASP C 423 22.38 43.26 -31.54
CA ASP C 423 21.79 41.94 -31.41
C ASP C 423 20.29 42.04 -31.17
N ILE C 424 19.90 42.73 -30.11
CA ILE C 424 18.48 42.88 -29.81
C ILE C 424 17.80 43.66 -30.92
N ILE C 425 18.51 44.63 -31.51
CA ILE C 425 17.91 45.41 -32.58
C ILE C 425 17.53 44.51 -33.75
N ASP C 426 18.45 43.64 -34.16
CA ASP C 426 18.16 42.75 -35.28
C ASP C 426 17.10 41.72 -34.92
N VAL C 427 17.07 41.29 -33.66
CA VAL C 427 16.00 40.38 -33.23
C VAL C 427 14.66 41.07 -33.40
N MET C 428 14.56 42.33 -32.96
CA MET C 428 13.33 43.09 -33.13
C MET C 428 13.00 43.23 -34.61
N LYS C 429 14.03 43.51 -35.42
CA LYS C 429 13.83 43.68 -36.86
C LYS C 429 13.19 42.45 -37.46
N LYS C 430 13.78 41.27 -37.22
CA LYS C 430 13.22 40.07 -37.82
C LYS C 430 11.88 39.73 -37.21
N LEU C 431 11.66 40.08 -35.94
CA LEU C 431 10.36 39.82 -35.34
C LEU C 431 9.27 40.59 -36.06
N ILE C 432 9.48 41.90 -36.24
CA ILE C 432 8.48 42.71 -36.93
C ILE C 432 8.38 42.27 -38.39
N ASP C 433 9.49 41.87 -39.00
CA ASP C 433 9.43 41.36 -40.37
C ASP C 433 8.49 40.16 -40.44
N ILE C 434 8.64 39.22 -39.52
CA ILE C 434 7.78 38.05 -39.50
C ILE C 434 6.33 38.48 -39.32
N ARG C 435 6.09 39.38 -38.37
CA ARG C 435 4.71 39.86 -38.19
C ARG C 435 4.22 40.60 -39.41
N ASN C 436 5.14 41.21 -40.17
CA ASN C 436 4.80 41.90 -41.41
C ASN C 436 4.82 40.97 -42.62
N GLY C 437 4.65 39.67 -42.41
CA GLY C 437 4.65 38.74 -43.52
C GLY C 437 5.99 38.60 -44.20
N LYS C 438 7.08 38.65 -43.44
CA LYS C 438 8.43 38.44 -43.96
C LYS C 438 9.14 37.49 -43.01
N GLY C 439 9.08 36.20 -43.32
CA GLY C 439 9.75 35.19 -42.54
C GLY C 439 8.80 34.27 -41.81
N GLU C 440 9.06 32.97 -41.90
CA GLU C 440 8.30 31.97 -41.17
C GLU C 440 8.80 31.92 -39.73
N VAL C 441 8.44 30.86 -39.00
CA VAL C 441 8.85 30.70 -37.62
C VAL C 441 9.47 29.32 -37.45
N ASP C 442 10.23 29.16 -36.37
CA ASP C 442 10.86 27.91 -36.04
C ASP C 442 9.95 27.07 -35.15
N ASP C 443 10.11 25.75 -35.23
CA ASP C 443 9.42 24.81 -34.36
C ASP C 443 10.47 24.15 -33.48
N ILE C 444 10.29 24.27 -32.16
CA ILE C 444 11.32 23.82 -31.25
C ILE C 444 11.50 22.32 -31.31
N ASP C 445 10.48 21.57 -31.74
CA ASP C 445 10.64 20.13 -31.86
C ASP C 445 11.32 19.72 -33.16
N HIS C 446 12.04 20.61 -33.81
CA HIS C 446 12.90 20.27 -34.94
C HIS C 446 14.32 20.13 -34.42
N LEU C 447 14.94 18.97 -34.65
CA LEU C 447 16.14 18.58 -33.91
C LEU C 447 17.30 19.53 -34.15
N GLY C 448 17.24 20.36 -35.18
CA GLY C 448 18.23 21.42 -35.31
C GLY C 448 18.25 22.32 -34.09
N ASN C 449 17.08 22.61 -33.52
CA ASN C 449 17.00 23.48 -32.35
C ASN C 449 17.12 22.73 -31.04
N ARG C 450 16.75 21.45 -31.01
CA ARG C 450 17.04 20.65 -29.83
C ARG C 450 18.52 20.30 -29.79
N ARG C 451 19.02 20.06 -28.57
CA ARG C 451 20.43 19.86 -28.34
C ARG C 451 20.60 18.77 -27.29
N ILE C 452 21.71 18.04 -27.39
CA ILE C 452 21.96 16.87 -26.56
C ILE C 452 23.10 17.20 -25.60
N ARG C 453 22.80 17.26 -24.32
CA ARG C 453 23.78 17.57 -23.29
C ARG C 453 24.22 16.27 -22.63
N SER C 454 25.51 16.00 -22.68
CA SER C 454 26.08 14.74 -22.20
C SER C 454 26.47 14.85 -20.73
N VAL C 455 27.23 13.88 -20.23
CA VAL C 455 27.68 13.93 -18.84
C VAL C 455 28.72 15.02 -18.65
N GLY C 456 29.63 15.15 -19.61
CA GLY C 456 30.74 16.08 -19.44
C GLY C 456 30.27 17.52 -19.30
N GLU C 457 29.31 17.93 -20.14
CA GLU C 457 28.81 19.29 -20.05
C GLU C 457 28.16 19.54 -18.69
N MET C 458 27.38 18.57 -18.20
CA MET C 458 26.71 18.75 -16.92
C MET C 458 27.74 18.84 -15.79
N ALA C 459 28.76 17.99 -15.83
CA ALA C 459 29.80 18.05 -14.81
C ALA C 459 30.52 19.39 -14.84
N GLU C 460 30.84 19.89 -16.05
CA GLU C 460 31.49 21.18 -16.17
C GLU C 460 30.60 22.28 -15.60
N ASN C 461 29.29 22.20 -15.86
CA ASN C 461 28.38 23.22 -15.35
C ASN C 461 28.40 23.24 -13.82
N GLN C 462 28.23 22.08 -13.20
CA GLN C 462 28.22 22.07 -11.73
C GLN C 462 29.56 22.47 -11.16
N PHE C 463 30.65 22.03 -11.79
CA PHE C 463 31.97 22.41 -11.30
C PHE C 463 32.21 23.90 -11.45
N ARG C 464 31.67 24.51 -12.50
CA ARG C 464 31.79 25.96 -12.64
C ARG C 464 31.00 26.68 -11.55
N VAL C 465 29.83 26.14 -11.20
CA VAL C 465 29.09 26.71 -10.07
C VAL C 465 29.95 26.67 -8.81
N GLY C 466 30.55 25.51 -8.54
CA GLY C 466 31.43 25.41 -7.40
C GLY C 466 32.61 26.35 -7.48
N LEU C 467 33.17 26.50 -8.68
CA LEU C 467 34.32 27.38 -8.85
C LEU C 467 33.95 28.82 -8.55
N VAL C 468 32.79 29.27 -9.01
CA VAL C 468 32.41 30.66 -8.75
C VAL C 468 32.14 30.86 -7.26
N ARG C 469 31.57 29.85 -6.60
CA ARG C 469 31.34 29.97 -5.17
C ARG C 469 32.66 30.10 -4.41
N VAL C 470 33.60 29.19 -4.68
CA VAL C 470 34.89 29.27 -4.00
C VAL C 470 35.64 30.53 -4.40
N GLU C 471 35.44 31.02 -5.62
CA GLU C 471 36.06 32.28 -6.01
C GLU C 471 35.50 33.44 -5.20
N ARG C 472 34.19 33.42 -4.95
CA ARG C 472 33.60 34.44 -4.09
C ARG C 472 34.21 34.38 -2.70
N ALA C 473 34.38 33.18 -2.17
CA ALA C 473 35.04 33.03 -0.87
C ALA C 473 36.47 33.56 -0.93
N VAL C 474 37.17 33.28 -2.04
CA VAL C 474 38.56 33.73 -2.19
C VAL C 474 38.62 35.25 -2.18
N LYS C 475 37.72 35.90 -2.90
CA LYS C 475 37.68 37.36 -2.89
C LYS C 475 37.37 37.88 -1.50
N GLU C 476 36.45 37.21 -0.80
CA GLU C 476 36.13 37.61 0.56
C GLU C 476 37.37 37.60 1.44
N ARG C 477 38.16 36.52 1.35
CA ARG C 477 39.35 36.44 2.18
C ARG C 477 40.43 37.42 1.71
N LEU C 478 40.55 37.62 0.40
CA LEU C 478 41.58 38.51 -0.14
C LEU C 478 41.32 39.95 0.27
N SER C 479 40.05 40.36 0.32
CA SER C 479 39.73 41.71 0.75
C SER C 479 40.20 41.95 2.19
N LEU C 480 40.25 40.90 3.00
CA LEU C 480 40.83 40.93 4.34
C LEU C 480 42.21 40.29 4.38
N GLY C 481 42.82 40.06 3.21
CA GLY C 481 44.05 39.31 3.11
C GLY C 481 45.21 39.92 3.88
N ASP C 482 45.96 39.07 4.57
CA ASP C 482 47.16 39.50 5.27
C ASP C 482 48.37 39.44 4.33
N LEU C 483 49.46 40.06 4.78
CA LEU C 483 50.62 40.29 3.93
C LEU C 483 51.50 39.05 3.92
N ASP C 484 51.30 38.19 2.91
CA ASP C 484 52.20 37.05 2.64
C ASP C 484 52.31 36.12 3.84
N THR C 485 51.29 36.11 4.70
CA THR C 485 51.30 35.27 5.89
C THR C 485 50.55 33.96 5.70
N LEU C 486 49.92 33.74 4.54
CA LEU C 486 49.21 32.51 4.27
C LEU C 486 49.29 32.21 2.78
N MET C 487 49.58 30.97 2.44
CA MET C 487 49.64 30.52 1.06
C MET C 487 48.25 30.11 0.58
N PRO C 488 48.09 29.78 -0.71
CA PRO C 488 46.74 29.46 -1.21
C PRO C 488 46.16 28.15 -0.67
N GLN C 489 45.95 28.10 0.65
CA GLN C 489 45.13 27.07 1.26
C GLN C 489 44.04 27.66 2.15
N ASP C 490 44.29 28.79 2.79
CA ASP C 490 43.24 29.50 3.51
C ASP C 490 42.30 30.21 2.54
N MET C 491 42.87 30.82 1.50
CA MET C 491 42.03 31.43 0.47
C MET C 491 41.15 30.40 -0.21
N ILE C 492 41.62 29.16 -0.30
CA ILE C 492 40.93 28.12 -1.03
C ILE C 492 40.11 27.30 -0.06
N ASN C 493 39.19 26.50 -0.61
CA ASN C 493 38.41 25.57 0.18
C ASN C 493 37.86 24.51 -0.76
N ALA C 494 38.24 23.25 -0.53
CA ALA C 494 37.79 22.16 -1.38
C ALA C 494 36.36 21.73 -1.11
N LYS C 495 35.81 22.05 0.06
CA LYS C 495 34.52 21.47 0.45
C LYS C 495 33.40 21.86 -0.49
N PRO C 496 33.21 23.14 -0.86
CA PRO C 496 32.03 23.49 -1.67
C PRO C 496 31.98 22.77 -3.01
N ILE C 497 33.10 22.70 -3.73
CA ILE C 497 33.07 22.08 -5.05
C ILE C 497 32.77 20.60 -4.92
N SER C 498 33.37 19.92 -3.95
CA SER C 498 33.14 18.50 -3.78
C SER C 498 31.68 18.24 -3.41
N ALA C 499 31.15 19.05 -2.49
CA ALA C 499 29.75 18.90 -2.09
C ALA C 499 28.82 19.10 -3.27
N ALA C 500 29.06 20.13 -4.07
CA ALA C 500 28.20 20.41 -5.21
C ALA C 500 28.25 19.27 -6.22
N VAL C 501 29.46 18.85 -6.59
CA VAL C 501 29.57 17.85 -7.64
C VAL C 501 29.03 16.50 -7.17
N LYS C 502 29.29 16.13 -5.92
CA LYS C 502 28.75 14.87 -5.42
C LYS C 502 27.25 14.95 -5.21
N GLU C 503 26.72 16.15 -4.94
CA GLU C 503 25.28 16.31 -4.92
C GLU C 503 24.71 16.06 -6.30
N PHE C 504 25.39 16.54 -7.34
CA PHE C 504 24.91 16.31 -8.70
C PHE C 504 24.97 14.84 -9.06
N PHE C 505 26.18 14.26 -9.10
CA PHE C 505 26.32 12.87 -9.51
C PHE C 505 25.54 11.93 -8.61
N GLY C 506 25.22 12.35 -7.40
CA GLY C 506 24.45 11.55 -6.47
C GLY C 506 22.98 11.93 -6.53
N SER C 507 22.57 12.81 -5.63
CA SER C 507 21.17 13.21 -5.56
C SER C 507 20.83 14.14 -6.71
N SER C 508 20.50 13.58 -7.86
CA SER C 508 20.00 14.37 -8.98
C SER C 508 19.07 13.49 -9.80
N GLN C 509 18.17 14.13 -10.53
CA GLN C 509 17.21 13.36 -11.32
C GLN C 509 17.85 12.72 -12.55
N LEU C 510 19.12 13.03 -12.83
CA LEU C 510 19.83 12.41 -13.95
C LEU C 510 21.05 11.67 -13.45
N SER C 511 20.86 10.77 -12.48
CA SER C 511 21.90 9.86 -12.03
C SER C 511 21.26 8.52 -11.65
N GLN C 512 20.38 8.02 -12.50
CA GLN C 512 19.51 6.92 -12.12
C GLN C 512 20.31 5.66 -11.81
N PHE C 513 19.79 4.86 -10.89
CA PHE C 513 20.39 3.56 -10.60
C PHE C 513 20.34 2.71 -11.85
N MET C 514 21.51 2.26 -12.30
CA MET C 514 21.61 1.63 -13.61
C MET C 514 20.73 0.40 -13.67
N ASP C 515 20.07 0.22 -14.81
CA ASP C 515 19.16 -0.89 -15.05
C ASP C 515 20.01 -2.07 -15.55
N GLN C 516 20.44 -2.91 -14.63
CA GLN C 516 21.45 -3.92 -14.90
C GLN C 516 20.90 -5.33 -15.09
N ASN C 517 19.59 -5.51 -15.12
CA ASN C 517 19.07 -6.86 -15.20
C ASN C 517 19.18 -7.46 -16.60
N ASN C 518 20.04 -6.93 -17.46
CA ASN C 518 20.38 -7.53 -18.75
C ASN C 518 21.46 -6.69 -19.39
N PRO C 519 22.36 -7.24 -20.19
CA PRO C 519 23.32 -6.37 -20.89
C PRO C 519 22.63 -5.33 -21.75
N LEU C 520 21.56 -5.73 -22.43
CA LEU C 520 20.84 -4.78 -23.28
C LEU C 520 20.22 -3.69 -22.44
N SER C 521 19.71 -4.03 -21.26
CA SER C 521 19.14 -3.00 -20.40
C SER C 521 20.21 -1.99 -20.01
N GLU C 522 21.40 -2.47 -19.66
CA GLU C 522 22.49 -1.56 -19.34
C GLU C 522 22.80 -0.64 -20.52
N ILE C 523 23.00 -1.21 -21.71
CA ILE C 523 23.46 -0.37 -22.81
C ILE C 523 22.36 0.57 -23.26
N THR C 524 21.10 0.15 -23.23
CA THR C 524 20.03 1.08 -23.57
C THR C 524 19.94 2.19 -22.53
N HIS C 525 20.05 1.85 -21.25
CA HIS C 525 19.94 2.88 -20.24
C HIS C 525 21.12 3.84 -20.28
N LYS C 526 22.24 3.45 -20.89
CA LYS C 526 23.32 4.42 -21.09
C LYS C 526 23.00 5.34 -22.26
N ARG C 527 22.91 4.79 -23.46
CA ARG C 527 22.46 5.57 -24.61
C ARG C 527 20.98 5.85 -24.40
N ARG C 528 20.72 6.90 -23.65
CA ARG C 528 19.36 7.38 -23.49
C ARG C 528 19.38 8.88 -23.65
N ILE C 529 18.29 9.41 -24.19
CA ILE C 529 18.17 10.81 -24.50
C ILE C 529 16.90 11.29 -23.82
N SER C 530 17.03 11.87 -22.64
CA SER C 530 15.91 12.29 -21.83
C SER C 530 15.63 13.76 -22.05
N ALA C 531 14.36 14.12 -22.14
CA ALA C 531 13.94 15.50 -22.27
C ALA C 531 13.62 16.15 -20.93
N LEU C 532 13.83 15.44 -19.83
CA LEU C 532 13.52 15.94 -18.50
C LEU C 532 14.74 16.67 -17.93
N GLY C 533 14.78 16.83 -16.61
CA GLY C 533 15.97 17.32 -15.96
C GLY C 533 15.98 18.83 -15.84
N PRO C 534 17.01 19.36 -15.18
CA PRO C 534 17.09 20.82 -15.00
C PRO C 534 17.18 21.53 -16.34
N GLY C 535 16.52 22.69 -16.41
CA GLY C 535 16.46 23.42 -17.65
C GLY C 535 15.80 22.62 -18.75
N GLY C 536 14.79 21.84 -18.40
CA GLY C 536 14.11 20.99 -19.37
C GLY C 536 12.61 21.00 -19.21
N LEU C 537 11.95 20.11 -19.93
CA LEU C 537 10.50 20.07 -20.01
C LEU C 537 10.00 19.04 -19.00
N THR C 538 9.42 19.52 -17.90
CA THR C 538 8.92 18.60 -16.89
C THR C 538 7.81 17.72 -17.47
N ARG C 539 7.72 16.50 -16.97
CA ARG C 539 6.86 15.46 -17.55
C ARG C 539 5.37 15.77 -17.45
N GLU C 540 4.93 16.93 -16.99
CA GLU C 540 3.51 17.29 -17.06
C GLU C 540 3.35 18.63 -17.75
N ARG C 541 4.36 19.50 -17.65
CA ARG C 541 4.30 20.78 -18.36
C ARG C 541 4.43 20.58 -19.86
N ALA C 542 5.20 19.59 -20.29
CA ALA C 542 5.32 19.31 -21.71
C ALA C 542 3.96 18.91 -22.28
N GLY C 543 3.70 19.35 -23.50
CA GLY C 543 2.39 19.17 -24.10
C GLY C 543 2.31 17.96 -25.01
N PHE C 544 2.10 18.22 -26.30
CA PHE C 544 2.06 17.16 -27.29
C PHE C 544 2.94 17.40 -28.50
N GLU C 545 3.35 18.64 -28.76
CA GLU C 545 4.27 18.88 -29.87
C GLU C 545 5.65 18.29 -29.61
N VAL C 546 5.97 17.88 -28.39
CA VAL C 546 7.23 17.24 -28.08
C VAL C 546 7.07 15.74 -27.86
N ARG C 547 5.94 15.28 -27.34
CA ARG C 547 5.69 13.84 -27.28
C ARG C 547 5.48 13.25 -28.65
N ASP C 548 5.33 14.08 -29.67
CA ASP C 548 5.22 13.60 -31.03
C ASP C 548 6.60 13.27 -31.57
N VAL C 549 6.65 12.86 -32.84
CA VAL C 549 7.89 12.50 -33.51
C VAL C 549 8.04 13.40 -34.72
N HIS C 550 9.08 14.12 -34.76
CA HIS C 550 9.34 15.09 -35.80
C HIS C 550 10.00 14.42 -37.00
N PRO C 551 9.83 14.91 -38.24
CA PRO C 551 10.37 14.17 -39.37
C PRO C 551 11.88 14.29 -39.57
N THR C 552 12.60 14.77 -38.57
CA THR C 552 14.06 14.70 -38.57
C THR C 552 14.59 13.70 -37.56
N HIS C 553 13.72 13.06 -36.78
CA HIS C 553 14.16 11.98 -35.92
C HIS C 553 14.85 10.87 -36.71
N TYR C 554 14.39 10.63 -37.93
CA TYR C 554 14.99 9.64 -38.81
C TYR C 554 16.51 9.81 -38.86
N GLY C 555 17.22 8.76 -38.48
CA GLY C 555 18.66 8.80 -38.47
C GLY C 555 19.29 9.40 -37.24
N ARG C 556 18.50 9.91 -36.30
CA ARG C 556 19.02 10.55 -35.11
C ARG C 556 18.35 10.09 -33.84
N VAL C 557 17.14 9.52 -33.90
CA VAL C 557 16.44 9.09 -32.70
C VAL C 557 15.46 7.99 -33.10
N CYS C 558 15.42 6.92 -32.36
CA CYS C 558 14.60 5.80 -32.75
C CYS C 558 13.14 6.15 -32.51
N PRO C 559 12.29 6.11 -33.53
CA PRO C 559 10.86 6.31 -33.26
C PRO C 559 10.25 5.24 -32.37
N ILE C 560 10.65 3.99 -32.55
CA ILE C 560 9.98 2.89 -31.88
C ILE C 560 10.23 2.94 -30.38
N GLU C 561 11.49 3.11 -29.98
CA GLU C 561 11.88 2.87 -28.61
C GLU C 561 11.59 4.08 -27.74
N THR C 562 10.72 3.91 -26.77
CA THR C 562 10.48 4.95 -25.78
C THR C 562 9.58 4.38 -24.69
N PRO C 563 9.80 4.73 -23.42
CA PRO C 563 8.89 4.26 -22.38
C PRO C 563 7.51 4.81 -22.65
N GLU C 564 6.50 4.04 -22.25
CA GLU C 564 5.12 4.47 -22.37
C GLU C 564 4.52 4.70 -20.99
N GLY C 565 3.32 5.25 -20.99
CA GLY C 565 2.62 5.54 -19.76
C GLY C 565 2.66 7.04 -19.44
N PRO C 566 3.12 7.40 -18.24
CA PRO C 566 3.11 8.83 -17.89
C PRO C 566 3.91 9.69 -18.85
N ASN C 567 5.15 9.33 -19.14
CA ASN C 567 6.06 10.14 -19.95
C ASN C 567 6.41 9.35 -21.19
N ILE C 568 5.55 9.45 -22.19
CA ILE C 568 5.76 8.84 -23.49
C ILE C 568 6.38 9.91 -24.38
N GLY C 569 7.47 9.56 -25.05
CA GLY C 569 8.05 10.47 -26.00
C GLY C 569 8.90 11.58 -25.43
N LEU C 570 9.07 11.61 -24.12
CA LEU C 570 10.04 12.51 -23.51
C LEU C 570 11.41 11.88 -23.36
N ILE C 571 11.51 10.56 -23.52
CA ILE C 571 12.70 9.79 -23.16
C ILE C 571 13.20 9.04 -24.38
N ASN C 572 13.15 9.69 -25.54
CA ASN C 572 13.62 9.08 -26.78
C ASN C 572 14.98 8.44 -26.61
N SER C 573 15.22 7.35 -27.34
CA SER C 573 16.52 6.70 -27.37
C SER C 573 17.36 7.28 -28.50
N LEU C 574 18.47 6.63 -28.80
CA LEU C 574 19.40 7.11 -29.81
C LEU C 574 19.56 6.06 -30.89
N SER C 575 19.69 6.48 -32.14
CA SER C 575 19.84 5.54 -33.24
C SER C 575 21.15 4.79 -33.09
N VAL C 576 21.27 3.70 -33.83
CA VAL C 576 22.48 2.89 -33.66
C VAL C 576 23.69 3.62 -34.20
N TYR C 577 23.55 4.33 -35.31
CA TYR C 577 24.68 5.04 -35.92
C TYR C 577 24.78 6.50 -35.51
N ALA C 578 23.87 7.01 -34.70
CA ALA C 578 23.87 8.42 -34.40
C ALA C 578 25.11 8.82 -33.62
N GLN C 579 25.45 10.09 -33.71
CA GLN C 579 26.54 10.67 -32.95
C GLN C 579 26.06 11.99 -32.37
N THR C 580 27.00 12.79 -31.88
CA THR C 580 26.72 14.15 -31.44
C THR C 580 27.68 15.10 -32.15
N ASN C 581 27.12 16.09 -32.82
CA ASN C 581 27.93 17.08 -33.50
C ASN C 581 28.76 17.86 -32.49
N GLU C 582 29.83 18.49 -32.98
CA GLU C 582 30.76 19.16 -32.07
C GLU C 582 30.05 20.18 -31.20
N TYR C 583 29.01 20.82 -31.72
CA TYR C 583 28.20 21.71 -30.90
C TYR C 583 27.25 20.95 -30.00
N GLY C 584 26.77 19.79 -30.45
CA GLY C 584 25.87 18.98 -29.66
C GLY C 584 24.51 18.79 -30.28
N PHE C 585 24.43 18.75 -31.61
CA PHE C 585 23.20 18.47 -32.33
C PHE C 585 23.32 17.10 -32.99
N LEU C 586 22.28 16.28 -32.85
CA LEU C 586 22.38 14.89 -33.26
C LEU C 586 22.58 14.72 -34.76
N GLU C 587 23.78 14.34 -35.17
CA GLU C 587 24.09 14.13 -36.58
C GLU C 587 23.86 12.67 -36.93
N THR C 588 24.21 12.30 -38.15
CA THR C 588 24.04 10.93 -38.61
C THR C 588 24.88 10.74 -39.86
N PRO C 589 25.27 9.52 -40.20
CA PRO C 589 26.12 9.32 -41.37
C PRO C 589 25.31 9.07 -42.62
N TYR C 590 25.84 9.54 -43.73
CA TYR C 590 25.25 9.34 -45.04
C TYR C 590 26.33 9.01 -46.04
N ARG C 591 25.99 8.20 -47.03
CA ARG C 591 26.93 7.85 -48.08
C ARG C 591 26.97 8.97 -49.11
N LYS C 592 28.14 9.54 -49.32
CA LYS C 592 28.29 10.57 -50.34
C LYS C 592 27.95 9.99 -51.70
N VAL C 593 27.25 10.78 -52.51
CA VAL C 593 26.80 10.36 -53.82
C VAL C 593 27.30 11.41 -54.81
N THR C 594 28.35 11.06 -55.55
CA THR C 594 28.82 11.85 -56.68
C THR C 594 28.27 11.20 -57.95
N ASP C 595 27.50 11.97 -58.71
CA ASP C 595 26.76 11.50 -59.89
C ASP C 595 26.07 10.18 -59.52
N GLY C 596 25.94 9.26 -60.47
CA GLY C 596 25.34 7.97 -60.15
C GLY C 596 26.15 7.18 -59.15
N VAL C 597 27.46 7.39 -59.11
CA VAL C 597 28.34 6.65 -58.22
C VAL C 597 28.04 7.05 -56.78
N VAL C 598 27.45 6.13 -56.01
CA VAL C 598 27.25 6.32 -54.58
C VAL C 598 28.57 6.01 -53.90
N THR C 599 29.40 7.04 -53.74
CA THR C 599 30.76 6.82 -53.23
C THR C 599 30.71 6.31 -51.81
N ASP C 600 31.47 5.25 -51.53
CA ASP C 600 31.44 4.64 -50.22
C ASP C 600 31.97 5.54 -49.12
N GLU C 601 32.64 6.64 -49.46
CA GLU C 601 33.04 7.60 -48.45
C GLU C 601 31.82 8.14 -47.72
N ILE C 602 31.95 8.34 -46.42
CA ILE C 602 30.84 8.64 -45.54
C ILE C 602 30.99 10.06 -45.01
N HIS C 603 29.86 10.77 -44.92
CA HIS C 603 29.81 12.14 -44.45
C HIS C 603 28.80 12.23 -43.32
N TYR C 604 29.15 12.96 -42.27
CA TYR C 604 28.27 13.13 -41.12
C TYR C 604 27.51 14.44 -41.23
N LEU C 605 26.19 14.35 -41.26
CA LEU C 605 25.31 15.49 -41.46
C LEU C 605 24.55 15.80 -40.18
N SER C 606 24.44 17.09 -39.88
CA SER C 606 23.69 17.55 -38.72
C SER C 606 22.20 17.48 -39.03
N ALA C 607 21.39 18.17 -38.23
CA ALA C 607 19.95 18.17 -38.45
C ALA C 607 19.56 19.12 -39.58
N ILE C 608 19.96 20.39 -39.47
CA ILE C 608 19.57 21.38 -40.48
C ILE C 608 20.16 21.01 -41.85
N GLU C 609 21.42 20.58 -41.87
CA GLU C 609 22.08 20.28 -43.14
C GLU C 609 21.35 19.18 -43.91
N GLU C 610 20.57 18.35 -43.23
CA GLU C 610 19.87 17.28 -43.92
C GLU C 610 18.90 17.83 -44.95
N GLY C 611 18.12 18.85 -44.57
CA GLY C 611 17.12 19.38 -45.48
C GLY C 611 17.71 20.03 -46.71
N ASN C 612 18.88 20.65 -46.58
CA ASN C 612 19.46 21.38 -47.70
C ASN C 612 19.65 20.48 -48.92
N TYR C 613 19.83 19.18 -48.70
CA TYR C 613 20.05 18.22 -49.77
C TYR C 613 18.87 17.28 -49.88
N VAL C 614 19.01 16.29 -50.74
CA VAL C 614 18.00 15.26 -50.96
C VAL C 614 18.66 13.90 -50.73
N ILE C 615 18.00 13.06 -49.94
CA ILE C 615 18.57 11.83 -49.44
C ILE C 615 17.76 10.64 -49.94
N ALA C 616 18.45 9.54 -50.20
CA ALA C 616 17.81 8.31 -50.64
C ALA C 616 17.62 7.36 -49.46
N GLN C 617 16.48 6.68 -49.43
CA GLN C 617 16.21 5.72 -48.38
C GLN C 617 17.19 4.55 -48.50
N ALA C 618 17.47 3.91 -47.36
CA ALA C 618 18.60 2.99 -47.26
C ALA C 618 18.45 1.80 -48.18
N ASN C 619 17.25 1.26 -48.31
CA ASN C 619 17.03 0.03 -49.06
C ASN C 619 16.75 0.30 -50.54
N SER C 620 17.29 1.38 -51.09
CA SER C 620 17.24 1.62 -52.53
C SER C 620 18.38 0.88 -53.19
N ASN C 621 18.05 0.02 -54.15
CA ASN C 621 19.04 -0.91 -54.68
C ASN C 621 20.12 -0.18 -55.46
N LEU C 622 21.21 -0.89 -55.71
CA LEU C 622 22.31 -0.41 -56.55
C LEU C 622 22.65 -1.49 -57.57
N ASP C 623 23.70 -1.27 -58.35
CA ASP C 623 24.04 -2.13 -59.48
C ASP C 623 25.55 -2.34 -59.58
N GLU C 624 26.19 -2.60 -58.44
CA GLU C 624 27.62 -2.90 -58.33
C GLU C 624 28.54 -1.73 -58.67
N GLU C 625 27.99 -0.58 -59.06
CA GLU C 625 28.78 0.63 -59.30
C GLU C 625 28.29 1.80 -58.47
N GLY C 626 27.31 1.59 -57.59
CA GLY C 626 26.69 2.68 -56.87
C GLY C 626 25.59 3.38 -57.62
N HIS C 627 25.45 3.14 -58.92
CA HIS C 627 24.36 3.72 -59.69
C HIS C 627 23.04 3.10 -59.26
N PHE C 628 22.02 3.93 -59.16
CA PHE C 628 20.69 3.45 -58.78
C PHE C 628 20.08 2.72 -59.96
N VAL C 629 19.77 1.44 -59.76
CA VAL C 629 19.18 0.66 -60.85
C VAL C 629 17.84 1.26 -61.27
N GLU C 630 17.08 1.77 -60.32
CA GLU C 630 15.83 2.47 -60.61
C GLU C 630 16.14 3.96 -60.71
N ASP C 631 16.04 4.51 -61.92
CA ASP C 631 16.53 5.87 -62.15
C ASP C 631 15.75 6.89 -61.33
N LEU C 632 14.42 6.76 -61.28
CA LEU C 632 13.58 7.68 -60.53
C LEU C 632 13.50 7.24 -59.06
N VAL C 633 14.68 7.12 -58.45
CA VAL C 633 14.79 6.46 -57.15
C VAL C 633 14.01 7.23 -56.10
N THR C 634 13.32 6.49 -55.23
CA THR C 634 12.64 7.10 -54.10
C THR C 634 13.67 7.75 -53.18
N CYS C 635 13.35 8.95 -52.71
CA CYS C 635 14.27 9.72 -51.90
C CYS C 635 13.45 10.63 -51.01
N ARG C 636 14.11 11.15 -49.97
CA ARG C 636 13.48 12.05 -49.04
C ARG C 636 14.16 13.42 -49.13
N SER C 637 13.39 14.43 -48.75
CA SER C 637 13.72 15.83 -49.00
C SER C 637 13.35 16.61 -47.74
N LYS C 638 13.15 17.91 -47.89
CA LYS C 638 12.98 18.79 -46.73
C LYS C 638 11.66 18.42 -46.06
N GLY C 639 11.68 17.31 -45.34
CA GLY C 639 10.49 16.75 -44.74
C GLY C 639 9.56 16.05 -45.71
N GLU C 640 10.00 15.83 -46.94
CA GLU C 640 9.15 15.28 -48.00
C GLU C 640 9.70 13.92 -48.43
N SER C 641 9.06 13.36 -49.46
CA SER C 641 9.45 12.05 -49.99
C SER C 641 8.87 11.92 -51.38
N SER C 642 9.74 11.76 -52.37
CA SER C 642 9.30 11.66 -53.76
C SER C 642 10.31 10.87 -54.56
N LEU C 643 9.92 10.51 -55.78
CA LEU C 643 10.77 9.76 -56.70
C LEU C 643 11.64 10.76 -57.45
N PHE C 644 12.84 10.98 -56.95
CA PHE C 644 13.76 11.93 -57.58
C PHE C 644 14.51 11.24 -58.70
N SER C 645 15.02 12.05 -59.62
CA SER C 645 15.75 11.52 -60.76
C SER C 645 17.08 10.90 -60.29
N ARG C 646 17.65 10.07 -61.17
CA ARG C 646 18.87 9.35 -60.82
C ARG C 646 20.02 10.28 -60.47
N ASP C 647 20.01 11.51 -60.98
CA ASP C 647 21.06 12.48 -60.70
C ASP C 647 20.67 13.51 -59.66
N GLN C 648 19.39 13.61 -59.31
CA GLN C 648 18.92 14.55 -58.30
C GLN C 648 18.99 13.93 -56.91
N VAL C 649 20.14 13.38 -56.56
CA VAL C 649 20.37 12.74 -55.27
C VAL C 649 21.77 13.09 -54.82
N ASP C 650 21.88 13.69 -53.64
CA ASP C 650 23.17 14.10 -53.12
C ASP C 650 23.68 13.23 -51.99
N TYR C 651 22.83 12.41 -51.38
CA TYR C 651 23.27 11.54 -50.30
C TYR C 651 22.39 10.30 -50.24
N MET C 652 22.94 9.26 -49.63
CA MET C 652 22.24 8.01 -49.40
C MET C 652 22.57 7.51 -48.00
N ASP C 653 21.67 6.71 -47.44
CA ASP C 653 21.87 6.19 -46.10
C ASP C 653 23.05 5.22 -46.07
N VAL C 654 23.50 4.92 -44.86
CA VAL C 654 24.59 3.98 -44.68
C VAL C 654 24.07 2.56 -44.59
N SER C 655 22.94 2.35 -43.95
CA SER C 655 22.49 0.99 -43.73
C SER C 655 21.00 0.96 -43.47
N THR C 656 20.43 -0.22 -43.60
CA THR C 656 18.99 -0.44 -43.52
C THR C 656 18.44 -0.34 -42.11
N GLN C 657 19.20 0.14 -41.13
CA GLN C 657 18.76 0.12 -39.74
C GLN C 657 19.20 1.35 -38.98
N GLN C 658 19.41 2.48 -39.66
CA GLN C 658 19.81 3.68 -38.95
C GLN C 658 18.62 4.47 -38.44
N VAL C 659 17.40 4.00 -38.65
CA VAL C 659 16.23 4.66 -38.10
C VAL C 659 15.89 4.18 -36.70
N VAL C 660 16.44 3.04 -36.28
CA VAL C 660 16.02 2.37 -35.05
C VAL C 660 17.16 2.44 -34.03
N SER C 661 16.89 1.94 -32.84
CA SER C 661 17.90 1.84 -31.78
C SER C 661 18.19 0.37 -31.47
N VAL C 662 19.34 0.14 -30.83
CA VAL C 662 19.70 -1.23 -30.46
C VAL C 662 18.65 -1.84 -29.56
N GLY C 663 18.02 -1.03 -28.72
CA GLY C 663 16.97 -1.54 -27.86
C GLY C 663 15.80 -2.11 -28.62
N ALA C 664 15.66 -1.77 -29.91
CA ALA C 664 14.61 -2.29 -30.75
C ALA C 664 15.10 -2.86 -32.06
N SER C 665 16.38 -2.75 -32.39
CA SER C 665 16.88 -3.40 -33.60
C SER C 665 17.22 -4.86 -33.36
N LEU C 666 17.32 -5.29 -32.11
CA LEU C 666 17.41 -6.70 -31.81
C LEU C 666 16.14 -7.44 -32.23
N ILE C 667 15.02 -6.75 -32.36
CA ILE C 667 13.80 -7.42 -32.80
C ILE C 667 14.03 -7.97 -34.20
N PRO C 668 13.69 -9.21 -34.49
CA PRO C 668 13.79 -9.70 -35.86
C PRO C 668 12.47 -9.49 -36.59
N PHE C 669 12.56 -9.38 -37.90
CA PHE C 669 11.39 -9.12 -38.73
C PHE C 669 10.64 -7.90 -38.23
N LEU C 670 11.39 -6.89 -37.76
CA LEU C 670 10.75 -5.70 -37.24
C LEU C 670 9.93 -4.99 -38.30
N GLU C 671 10.27 -5.17 -39.57
CA GLU C 671 9.50 -4.55 -40.63
C GLU C 671 8.07 -5.04 -40.62
N HIS C 672 7.85 -6.34 -40.50
CA HIS C 672 6.50 -6.89 -40.49
C HIS C 672 5.85 -6.73 -39.13
N ASP C 673 5.77 -5.51 -38.62
CA ASP C 673 5.32 -5.31 -37.25
C ASP C 673 4.68 -3.95 -37.11
N ASP C 674 3.61 -3.88 -36.33
CA ASP C 674 3.01 -2.59 -36.05
C ASP C 674 3.93 -1.79 -35.13
N ALA C 675 3.79 -0.48 -35.17
CA ALA C 675 4.66 0.36 -34.34
C ALA C 675 4.32 0.21 -32.86
N ASN C 676 3.04 0.08 -32.51
CA ASN C 676 2.69 -0.08 -31.10
C ASN C 676 3.33 -1.32 -30.52
N ARG C 677 3.14 -2.46 -31.17
CA ARG C 677 3.65 -3.70 -30.61
C ARG C 677 5.16 -3.77 -30.67
N ALA C 678 5.79 -3.16 -31.68
CA ALA C 678 7.24 -3.10 -31.66
C ALA C 678 7.73 -2.25 -30.51
N LEU C 679 7.01 -1.17 -30.20
CA LEU C 679 7.37 -0.36 -29.05
C LEU C 679 7.30 -1.16 -27.76
N MET C 680 6.18 -1.85 -27.54
CA MET C 680 6.06 -2.65 -26.32
C MET C 680 7.06 -3.81 -26.31
N GLY C 681 7.39 -4.35 -27.48
CA GLY C 681 8.42 -5.38 -27.53
C GLY C 681 9.78 -4.85 -27.15
N ALA C 682 10.14 -3.67 -27.63
CA ALA C 682 11.42 -3.09 -27.25
C ALA C 682 11.47 -2.83 -25.76
N ASN C 683 10.39 -2.27 -25.21
CA ASN C 683 10.36 -2.04 -23.76
C ASN C 683 10.46 -3.35 -23.00
N MET C 684 9.83 -4.41 -23.49
CA MET C 684 9.93 -5.69 -22.82
C MET C 684 11.35 -6.22 -22.86
N GLN C 685 11.95 -6.28 -24.05
CA GLN C 685 13.32 -6.78 -24.16
C GLN C 685 14.24 -6.06 -23.21
N ARG C 686 14.01 -4.77 -23.01
CA ARG C 686 14.91 -4.01 -22.17
C ARG C 686 14.94 -4.51 -20.73
N GLN C 687 13.97 -5.32 -20.31
CA GLN C 687 13.83 -5.75 -18.91
C GLN C 687 13.62 -7.24 -18.82
N ALA C 688 14.44 -8.02 -19.50
CA ALA C 688 14.34 -9.48 -19.46
C ALA C 688 15.45 -10.02 -18.57
N VAL C 689 15.06 -10.86 -17.61
CA VAL C 689 15.96 -11.36 -16.59
C VAL C 689 16.88 -12.38 -17.25
N PRO C 690 18.13 -12.56 -16.80
CA PRO C 690 19.03 -13.47 -17.50
C PRO C 690 18.95 -14.88 -16.94
N THR C 691 18.46 -15.82 -17.74
CA THR C 691 18.10 -17.13 -17.22
C THR C 691 19.34 -17.90 -16.79
N LEU C 692 19.13 -19.15 -16.38
CA LEU C 692 20.18 -19.91 -15.71
C LEU C 692 21.35 -20.19 -16.64
N ARG C 693 21.06 -20.74 -17.82
CA ARG C 693 22.07 -21.00 -18.84
C ARG C 693 21.70 -20.22 -20.08
N ALA C 694 22.61 -19.37 -20.53
CA ALA C 694 22.33 -18.55 -21.71
C ALA C 694 22.12 -19.44 -22.92
N ASP C 695 21.22 -19.03 -23.80
CA ASP C 695 20.91 -19.76 -25.02
C ASP C 695 20.89 -18.78 -26.18
N LYS C 696 21.86 -18.91 -27.08
CA LYS C 696 21.95 -18.13 -28.31
C LYS C 696 20.59 -18.02 -28.98
N PRO C 697 20.09 -16.82 -29.26
CA PRO C 697 18.80 -16.72 -29.93
C PRO C 697 18.84 -17.40 -31.28
N LEU C 698 17.77 -18.11 -31.61
CA LEU C 698 17.73 -18.84 -32.87
C LEU C 698 17.36 -17.96 -34.03
N VAL C 699 16.84 -16.76 -33.79
CA VAL C 699 16.56 -15.79 -34.85
C VAL C 699 17.00 -14.43 -34.34
N GLY C 700 18.23 -14.04 -34.66
CA GLY C 700 18.79 -12.78 -34.25
C GLY C 700 18.71 -11.76 -35.36
N THR C 701 19.53 -10.73 -35.26
CA THR C 701 19.55 -9.68 -36.26
C THR C 701 20.95 -9.23 -36.61
N GLY C 702 21.98 -9.96 -36.19
CA GLY C 702 23.35 -9.51 -36.41
C GLY C 702 23.78 -8.37 -35.52
N MET C 703 22.88 -7.80 -34.71
CA MET C 703 23.24 -6.76 -33.77
C MET C 703 23.48 -7.30 -32.37
N GLU C 704 23.07 -8.54 -32.08
CA GLU C 704 23.33 -9.10 -30.78
C GLU C 704 24.82 -9.23 -30.52
N ARG C 705 25.60 -9.59 -31.54
CA ARG C 705 27.04 -9.74 -31.36
C ARG C 705 27.68 -8.43 -30.88
N ALA C 706 27.44 -7.35 -31.61
CA ALA C 706 28.05 -6.08 -31.24
C ALA C 706 27.53 -5.57 -29.91
N VAL C 707 26.23 -5.74 -29.65
CA VAL C 707 25.67 -5.26 -28.39
C VAL C 707 26.35 -5.98 -27.23
N ALA C 708 26.48 -7.29 -27.33
CA ALA C 708 27.11 -8.03 -26.23
C ALA C 708 28.59 -7.68 -26.10
N VAL C 709 29.31 -7.55 -27.20
CA VAL C 709 30.73 -7.27 -27.10
C VAL C 709 30.95 -5.90 -26.46
N ASP C 710 30.24 -4.88 -26.92
CA ASP C 710 30.50 -3.52 -26.51
C ASP C 710 29.72 -3.10 -25.28
N SER C 711 28.81 -3.94 -24.78
CA SER C 711 28.05 -3.57 -23.60
C SER C 711 28.97 -3.40 -22.40
N GLY C 712 29.92 -4.30 -22.24
CA GLY C 712 30.90 -4.21 -21.18
C GLY C 712 31.04 -5.49 -20.40
N VAL C 713 29.94 -6.18 -20.10
CA VAL C 713 30.00 -7.44 -19.34
C VAL C 713 30.14 -8.55 -20.37
N THR C 714 31.34 -8.69 -20.89
CA THR C 714 31.71 -9.91 -21.58
C THR C 714 33.18 -10.27 -21.41
N ALA C 715 33.95 -9.51 -20.63
CA ALA C 715 35.37 -9.79 -20.41
C ALA C 715 36.11 -10.00 -21.74
N VAL C 716 36.08 -8.96 -22.57
CA VAL C 716 36.73 -9.03 -23.87
C VAL C 716 38.23 -9.00 -23.69
N ALA C 717 38.94 -9.78 -24.51
CA ALA C 717 40.39 -9.86 -24.41
C ALA C 717 41.03 -8.52 -24.73
N LYS C 718 42.35 -8.48 -24.59
CA LYS C 718 43.15 -7.30 -24.90
C LYS C 718 44.27 -7.58 -25.88
N ARG C 719 44.89 -8.75 -25.80
CA ARG C 719 45.94 -9.14 -26.73
C ARG C 719 45.75 -10.59 -27.12
N GLY C 720 46.07 -10.91 -28.36
CA GLY C 720 45.91 -12.25 -28.86
C GLY C 720 47.00 -13.18 -28.37
N GLY C 721 46.80 -14.47 -28.63
CA GLY C 721 47.77 -15.47 -28.22
C GLY C 721 47.14 -16.82 -27.95
N VAL C 722 47.46 -17.40 -26.79
CA VAL C 722 46.94 -18.70 -26.39
C VAL C 722 46.40 -18.58 -24.97
N VAL C 723 45.46 -19.45 -24.64
CA VAL C 723 44.83 -19.45 -23.33
C VAL C 723 45.63 -20.40 -22.44
N GLN C 724 46.52 -19.83 -21.63
CA GLN C 724 47.43 -20.65 -20.84
C GLN C 724 46.67 -21.51 -19.84
N TYR C 725 45.71 -20.93 -19.13
CA TYR C 725 45.09 -21.61 -18.01
C TYR C 725 43.68 -21.07 -17.80
N VAL C 726 42.68 -21.86 -18.19
CA VAL C 726 41.29 -21.52 -17.91
C VAL C 726 40.98 -21.86 -16.47
N ASP C 727 39.89 -21.29 -15.96
CA ASP C 727 39.41 -21.63 -14.62
C ASP C 727 38.00 -21.05 -14.48
N ALA C 728 37.32 -21.49 -13.44
CA ALA C 728 35.99 -20.97 -13.17
C ALA C 728 36.00 -19.55 -12.63
N SER C 729 37.19 -19.02 -12.26
CA SER C 729 37.27 -17.70 -11.65
C SER C 729 38.41 -16.87 -12.22
N ARG C 730 39.08 -17.33 -13.26
CA ARG C 730 40.26 -16.63 -13.76
C ARG C 730 40.68 -17.25 -15.08
N ILE C 731 41.10 -16.41 -16.02
CA ILE C 731 41.69 -16.85 -17.28
C ILE C 731 43.01 -16.14 -17.42
N VAL C 732 44.06 -16.89 -17.71
CA VAL C 732 45.38 -16.35 -17.97
C VAL C 732 45.70 -16.58 -19.43
N ILE C 733 46.11 -15.51 -20.13
CA ILE C 733 46.31 -15.55 -21.56
C ILE C 733 47.78 -15.29 -21.83
N LYS C 734 48.47 -16.30 -22.35
CA LYS C 734 49.81 -16.09 -22.88
C LYS C 734 49.69 -15.25 -24.14
N VAL C 735 50.40 -14.13 -24.14
CA VAL C 735 50.31 -13.17 -25.23
C VAL C 735 51.06 -13.71 -26.43
N ASN C 736 50.53 -13.44 -27.62
CA ASN C 736 51.26 -13.77 -28.83
C ASN C 736 52.54 -12.93 -28.89
N GLU C 737 53.60 -13.53 -29.42
CA GLU C 737 54.94 -12.94 -29.31
C GLU C 737 54.98 -11.54 -29.91
N ASP C 738 54.35 -11.36 -31.07
CA ASP C 738 54.41 -10.08 -31.75
C ASP C 738 53.81 -8.96 -30.90
N GLU C 739 52.68 -9.23 -30.26
CA GLU C 739 51.98 -8.22 -29.47
C GLU C 739 52.61 -8.00 -28.10
N MET C 740 53.64 -8.75 -27.74
CA MET C 740 54.26 -8.59 -26.44
C MET C 740 54.91 -7.22 -26.31
N TYR C 741 54.89 -6.69 -25.09
CA TYR C 741 55.53 -5.43 -24.78
C TYR C 741 57.04 -5.56 -24.95
N PRO C 742 57.78 -4.46 -24.84
CA PRO C 742 59.25 -4.57 -24.82
C PRO C 742 59.77 -5.44 -23.69
N GLY C 743 59.02 -5.60 -22.61
CA GLY C 743 59.45 -6.48 -21.53
C GLY C 743 58.29 -6.96 -20.71
N GLU C 744 58.40 -8.18 -20.20
CA GLU C 744 57.47 -8.74 -19.22
C GLU C 744 56.04 -8.78 -19.77
N ALA C 745 55.86 -9.56 -20.82
CA ALA C 745 54.55 -9.89 -21.36
C ALA C 745 54.22 -11.34 -21.00
N GLY C 746 53.11 -11.83 -21.53
CA GLY C 746 52.65 -13.17 -21.20
C GLY C 746 51.72 -13.22 -20.01
N ILE C 747 50.98 -12.15 -19.73
CA ILE C 747 50.16 -12.06 -18.54
C ILE C 747 48.93 -11.22 -18.87
N ASP C 748 47.75 -11.80 -18.69
CA ASP C 748 46.50 -11.05 -18.69
C ASP C 748 45.71 -11.24 -17.40
N ILE C 749 45.62 -12.47 -16.90
CA ILE C 749 44.98 -12.76 -15.63
C ILE C 749 43.60 -12.12 -15.59
N TYR C 750 42.77 -12.47 -16.56
CA TYR C 750 41.41 -11.91 -16.59
C TYR C 750 40.65 -12.46 -15.39
N ASN C 751 40.45 -11.60 -14.40
CA ASN C 751 39.70 -11.98 -13.20
C ASN C 751 38.22 -11.93 -13.54
N LEU C 752 37.64 -13.06 -13.91
CA LEU C 752 36.21 -13.14 -14.10
C LEU C 752 35.49 -12.79 -12.80
N THR C 753 34.20 -12.54 -12.92
CA THR C 753 33.36 -12.14 -11.79
C THR C 753 32.45 -13.31 -11.44
N LYS C 754 32.81 -14.04 -10.40
CA LYS C 754 31.91 -15.02 -9.82
C LYS C 754 30.72 -14.29 -9.21
N TYR C 755 29.79 -15.07 -8.64
CA TYR C 755 28.44 -14.57 -8.37
C TYR C 755 28.45 -13.34 -7.48
N THR C 756 27.72 -12.31 -7.92
CA THR C 756 27.56 -11.08 -7.17
C THR C 756 26.23 -10.45 -7.53
N ARG C 757 25.69 -9.66 -6.59
CA ARG C 757 24.37 -9.07 -6.77
C ARG C 757 24.40 -7.96 -7.81
N SER C 758 23.34 -7.88 -8.60
CA SER C 758 23.12 -6.80 -9.55
C SER C 758 22.24 -5.75 -8.92
N ASN C 759 21.94 -4.70 -9.68
CA ASN C 759 21.13 -3.62 -9.14
C ASN C 759 19.63 -3.94 -9.13
N GLN C 760 19.23 -5.11 -9.60
CA GLN C 760 17.85 -5.54 -9.49
C GLN C 760 17.75 -7.01 -9.06
N ASN C 761 18.72 -7.49 -8.30
CA ASN C 761 18.72 -8.86 -7.79
C ASN C 761 18.74 -9.86 -8.94
N THR C 762 19.84 -9.85 -9.69
CA THR C 762 20.11 -10.85 -10.71
C THR C 762 21.60 -11.13 -10.72
N CYS C 763 21.98 -12.39 -10.57
CA CYS C 763 23.39 -12.71 -10.42
C CYS C 763 24.17 -12.25 -11.64
N ILE C 764 25.29 -11.58 -11.42
CA ILE C 764 26.21 -11.19 -12.48
C ILE C 764 27.32 -12.22 -12.46
N ASN C 765 27.12 -13.31 -13.19
CA ASN C 765 28.04 -14.43 -13.23
C ASN C 765 28.70 -14.49 -14.58
N GLN C 766 30.03 -14.51 -14.60
CA GLN C 766 30.81 -14.64 -15.82
C GLN C 766 31.46 -16.02 -15.84
N MET C 767 31.22 -16.76 -16.91
CA MET C 767 31.78 -18.09 -17.09
C MET C 767 32.78 -18.08 -18.25
N PRO C 768 33.77 -18.98 -18.23
CA PRO C 768 34.78 -18.97 -19.29
C PRO C 768 34.32 -19.80 -20.47
N CYS C 769 34.43 -19.23 -21.67
CA CYS C 769 33.98 -19.87 -22.90
C CYS C 769 35.16 -20.15 -23.83
N VAL C 770 36.27 -20.61 -23.27
CA VAL C 770 37.43 -21.01 -24.06
C VAL C 770 37.94 -22.33 -23.52
N SER C 771 38.15 -23.30 -24.42
CA SER C 771 38.81 -24.53 -24.04
C SER C 771 40.29 -24.28 -23.85
N LEU C 772 40.90 -25.08 -22.98
CA LEU C 772 42.31 -24.86 -22.62
C LEU C 772 43.20 -25.02 -23.85
N GLY C 773 44.12 -24.07 -24.02
CA GLY C 773 45.05 -24.10 -25.13
C GLY C 773 44.55 -23.50 -26.42
N GLU C 774 43.27 -23.10 -26.48
CA GLU C 774 42.75 -22.55 -27.73
C GLU C 774 43.33 -21.17 -27.98
N PRO C 775 43.81 -20.86 -29.18
CA PRO C 775 44.26 -19.49 -29.46
C PRO C 775 43.10 -18.52 -29.42
N VAL C 776 43.42 -17.26 -29.10
CA VAL C 776 42.44 -16.18 -29.05
C VAL C 776 43.03 -14.95 -29.73
N GLU C 777 42.21 -14.29 -30.53
CA GLU C 777 42.60 -13.07 -31.22
C GLU C 777 42.15 -11.86 -30.41
N ARG C 778 42.72 -10.70 -30.74
CA ARG C 778 42.44 -9.48 -29.99
C ARG C 778 40.96 -9.13 -30.08
N GLY C 779 40.43 -8.61 -28.98
CA GLY C 779 39.08 -8.10 -28.99
C GLY C 779 38.00 -9.15 -29.11
N ASP C 780 38.30 -10.40 -28.79
CA ASP C 780 37.31 -11.46 -28.87
C ASP C 780 36.62 -11.61 -27.51
N VAL C 781 35.86 -12.68 -27.35
CA VAL C 781 35.04 -12.90 -26.16
C VAL C 781 35.64 -14.10 -25.43
N LEU C 782 36.37 -13.83 -24.36
CA LEU C 782 36.96 -14.91 -23.57
C LEU C 782 35.93 -15.55 -22.64
N ALA C 783 35.06 -14.75 -22.03
CA ALA C 783 34.17 -15.25 -20.99
C ALA C 783 32.78 -14.67 -21.19
N ASP C 784 31.80 -15.55 -21.32
CA ASP C 784 30.41 -15.11 -21.46
C ASP C 784 29.96 -14.42 -20.19
N GLY C 785 29.20 -13.34 -20.35
CA GLY C 785 28.65 -12.63 -19.22
C GLY C 785 27.32 -13.22 -18.80
N PRO C 786 26.51 -12.45 -18.08
CA PRO C 786 25.12 -12.87 -17.86
C PRO C 786 24.31 -12.64 -19.11
N SER C 787 23.62 -13.68 -19.56
CA SER C 787 22.90 -13.64 -20.83
C SER C 787 23.87 -13.30 -21.96
N THR C 788 24.83 -14.19 -22.16
CA THR C 788 25.69 -14.20 -23.33
C THR C 788 26.07 -15.64 -23.61
N ASP C 789 26.40 -15.92 -24.86
CA ASP C 789 26.64 -17.29 -25.29
C ASP C 789 27.64 -17.24 -26.44
N LEU C 790 28.91 -17.48 -26.12
CA LEU C 790 30.00 -17.37 -27.10
C LEU C 790 30.06 -15.98 -27.72
N GLY C 791 29.68 -14.96 -26.94
CA GLY C 791 29.64 -13.61 -27.42
C GLY C 791 28.23 -13.15 -27.73
N GLU C 792 27.46 -13.97 -28.46
CA GLU C 792 26.12 -13.57 -28.86
C GLU C 792 25.25 -13.32 -27.63
N LEU C 793 24.49 -12.23 -27.67
CA LEU C 793 23.58 -11.93 -26.58
C LEU C 793 22.45 -12.94 -26.57
N ALA C 794 22.10 -13.42 -25.37
CA ALA C 794 21.05 -14.43 -25.20
C ALA C 794 20.19 -14.02 -24.01
N LEU C 795 19.11 -13.31 -24.28
CA LEU C 795 18.29 -12.73 -23.22
C LEU C 795 17.39 -13.79 -22.60
N GLY C 796 16.51 -14.38 -23.40
CA GLY C 796 15.66 -15.45 -22.93
C GLY C 796 16.15 -16.83 -23.29
N GLN C 797 15.29 -17.62 -23.93
CA GLN C 797 15.66 -18.95 -24.40
C GLN C 797 14.71 -19.35 -25.52
N ASN C 798 15.15 -20.31 -26.33
CA ASN C 798 14.24 -20.92 -27.28
C ASN C 798 13.11 -21.61 -26.55
N MET C 799 12.02 -21.84 -27.26
CA MET C 799 10.94 -22.66 -26.71
C MET C 799 10.01 -23.04 -27.84
N ARG C 800 9.95 -24.32 -28.15
CA ARG C 800 9.16 -24.81 -29.27
C ARG C 800 7.69 -24.50 -29.03
N VAL C 801 7.13 -23.54 -29.76
CA VAL C 801 5.78 -23.06 -29.52
C VAL C 801 4.86 -23.54 -30.63
N ALA C 802 3.57 -23.62 -30.32
CA ALA C 802 2.54 -24.02 -31.27
C ALA C 802 1.34 -23.12 -31.09
N PHE C 803 1.15 -22.17 -31.99
CA PHE C 803 0.02 -21.26 -31.91
C PHE C 803 -1.26 -22.05 -32.09
N MET C 804 -1.98 -22.30 -31.01
CA MET C 804 -3.27 -22.97 -31.10
C MET C 804 -4.02 -22.71 -29.81
N PRO C 805 -5.30 -22.40 -29.85
CA PRO C 805 -6.02 -22.15 -28.59
C PRO C 805 -6.33 -23.46 -27.90
N TRP C 806 -5.61 -23.75 -26.83
CA TRP C 806 -5.83 -24.99 -26.12
C TRP C 806 -7.07 -24.81 -25.26
N ASN C 807 -7.35 -25.74 -24.34
CA ASN C 807 -8.62 -25.67 -23.62
C ASN C 807 -8.62 -24.46 -22.70
N GLY C 808 -8.74 -23.27 -23.28
CA GLY C 808 -8.96 -22.08 -22.49
C GLY C 808 -7.72 -21.48 -21.87
N TYR C 809 -6.78 -22.30 -21.42
CA TYR C 809 -5.76 -21.82 -20.51
C TYR C 809 -4.93 -20.70 -21.10
N ASN C 810 -4.95 -20.53 -22.42
CA ASN C 810 -4.47 -19.31 -23.07
C ASN C 810 -5.72 -18.61 -23.61
N PHE C 811 -6.39 -17.86 -22.74
CA PHE C 811 -7.69 -17.27 -23.09
C PHE C 811 -7.52 -15.84 -23.62
N GLU C 812 -7.08 -14.92 -22.76
CA GLU C 812 -6.84 -13.56 -23.24
C GLU C 812 -5.48 -13.45 -23.89
N ASP C 813 -4.43 -13.66 -23.12
CA ASP C 813 -3.09 -13.78 -23.67
C ASP C 813 -2.28 -14.82 -22.94
N SER C 814 -2.90 -15.62 -22.09
CA SER C 814 -2.16 -16.54 -21.24
C SER C 814 -1.36 -17.52 -22.09
N ILE C 815 -0.42 -18.19 -21.44
CA ILE C 815 0.59 -19.00 -22.08
C ILE C 815 0.71 -20.30 -21.33
N LEU C 816 0.36 -21.41 -21.95
CA LEU C 816 0.70 -22.70 -21.37
C LEU C 816 2.21 -22.82 -21.24
N VAL C 817 2.65 -23.83 -20.50
CA VAL C 817 4.05 -24.21 -20.55
C VAL C 817 4.14 -25.65 -20.09
N SER C 818 4.69 -26.51 -20.92
CA SER C 818 4.81 -27.90 -20.52
C SER C 818 5.74 -28.01 -19.34
N GLU C 819 5.55 -29.05 -18.53
CA GLU C 819 6.42 -29.24 -17.39
C GLU C 819 7.87 -29.32 -17.81
N ARG C 820 8.13 -29.79 -19.04
CA ARG C 820 9.50 -29.96 -19.48
C ARG C 820 10.28 -28.66 -19.35
N VAL C 821 9.68 -27.53 -19.74
CA VAL C 821 10.37 -26.25 -19.66
C VAL C 821 10.78 -25.93 -18.23
N VAL C 822 9.96 -26.31 -17.25
CA VAL C 822 10.38 -26.16 -15.86
C VAL C 822 11.11 -27.41 -15.35
N GLN C 823 10.86 -28.58 -15.94
CA GLN C 823 11.52 -29.79 -15.48
C GLN C 823 13.00 -29.72 -15.80
N GLU C 824 13.34 -29.60 -17.09
CA GLU C 824 14.71 -29.40 -17.49
C GLU C 824 15.24 -28.04 -17.04
N ASP C 825 14.39 -27.20 -16.47
CA ASP C 825 14.81 -26.01 -15.73
C ASP C 825 15.66 -25.11 -16.62
N ARG C 826 15.02 -24.59 -17.67
CA ARG C 826 15.67 -23.66 -18.56
C ARG C 826 15.28 -22.22 -18.29
N PHE C 827 14.22 -21.98 -17.54
CA PHE C 827 13.88 -20.67 -17.01
C PHE C 827 14.05 -20.73 -15.51
N THR C 828 15.13 -20.14 -15.00
CA THR C 828 15.42 -20.20 -13.57
C THR C 828 16.50 -19.18 -13.29
N THR C 829 16.15 -18.15 -12.56
CA THR C 829 17.07 -17.05 -12.30
C THR C 829 17.71 -17.26 -10.94
N ILE C 830 18.72 -16.43 -10.64
CA ILE C 830 19.57 -16.61 -9.48
C ILE C 830 19.54 -15.35 -8.63
N HIS C 831 18.38 -14.71 -8.48
CA HIS C 831 18.24 -13.50 -7.68
C HIS C 831 19.07 -13.58 -6.40
N ILE C 832 19.87 -12.55 -6.16
CA ILE C 832 20.75 -12.49 -4.99
C ILE C 832 20.39 -11.24 -4.22
N GLN C 833 19.76 -11.40 -3.06
CA GLN C 833 19.34 -10.27 -2.26
C GLN C 833 20.49 -9.73 -1.43
N GLU C 834 20.25 -8.60 -0.77
CA GLU C 834 21.24 -7.96 0.09
C GLU C 834 20.52 -7.41 1.32
N LEU C 835 20.46 -8.20 2.39
CA LEU C 835 19.94 -7.73 3.66
C LEU C 835 21.07 -7.11 4.47
N ALA C 836 20.87 -5.88 4.90
CA ALA C 836 21.86 -5.13 5.65
C ALA C 836 21.35 -4.92 7.07
N CYS C 837 22.11 -5.38 8.06
CA CYS C 837 21.82 -5.17 9.47
C CYS C 837 22.89 -4.27 10.07
N VAL C 838 22.46 -3.29 10.86
CA VAL C 838 23.34 -2.27 11.41
C VAL C 838 23.19 -2.23 12.92
N SER C 839 24.23 -1.71 13.58
CA SER C 839 24.27 -1.62 15.03
C SER C 839 24.59 -0.18 15.42
N ARG C 840 23.54 0.59 15.69
CA ARG C 840 23.68 1.99 16.07
C ARG C 840 23.93 2.08 17.57
N ASP C 841 24.08 3.32 18.05
CA ASP C 841 24.21 3.62 19.47
C ASP C 841 23.21 4.72 19.81
N THR C 842 21.98 4.32 20.13
CA THR C 842 20.95 5.25 20.53
C THR C 842 21.15 5.60 22.00
N LYS C 843 20.15 6.26 22.60
CA LYS C 843 20.20 6.54 24.02
C LYS C 843 20.19 5.24 24.81
N LEU C 844 20.76 5.29 26.01
CA LEU C 844 20.75 4.16 26.95
C LEU C 844 21.63 3.02 26.44
N GLY C 845 22.81 3.36 25.92
CA GLY C 845 23.80 2.38 25.56
C GLY C 845 23.72 1.94 24.11
N PRO C 846 24.74 1.22 23.64
CA PRO C 846 24.80 0.83 22.24
C PRO C 846 23.94 -0.39 21.94
N GLU C 847 23.74 -0.62 20.64
CA GLU C 847 23.09 -1.84 20.18
C GLU C 847 24.12 -2.97 20.15
N GLU C 848 23.69 -4.15 20.57
CA GLU C 848 24.56 -5.31 20.69
C GLU C 848 24.20 -6.34 19.62
N ILE C 849 25.22 -6.89 18.98
CA ILE C 849 25.05 -7.90 17.95
C ILE C 849 25.36 -9.29 18.48
N THR C 850 25.32 -9.46 19.79
CA THR C 850 25.67 -10.73 20.41
C THR C 850 24.66 -11.80 20.03
N ALA C 851 25.14 -13.06 20.03
CA ALA C 851 24.23 -14.18 19.81
C ALA C 851 23.20 -14.31 20.91
N ASP C 852 23.51 -13.80 22.11
CA ASP C 852 22.57 -13.85 23.22
C ASP C 852 21.33 -13.03 22.89
N ILE C 853 20.18 -13.70 22.84
CA ILE C 853 18.91 -13.04 22.57
C ILE C 853 17.87 -13.63 23.52
N PRO C 854 17.05 -12.83 24.19
CA PRO C 854 15.95 -13.40 24.98
C PRO C 854 14.76 -13.75 24.10
N ASN C 855 13.90 -14.62 24.64
CA ASN C 855 12.62 -14.95 24.01
C ASN C 855 12.81 -15.52 22.61
N VAL C 856 13.81 -16.38 22.47
CA VAL C 856 14.05 -17.09 21.21
C VAL C 856 14.46 -18.53 21.54
N GLY C 857 13.90 -19.47 20.79
CA GLY C 857 14.19 -20.86 21.02
C GLY C 857 15.60 -21.23 20.58
N GLU C 858 16.02 -22.42 21.00
CA GLU C 858 17.33 -22.93 20.60
C GLU C 858 17.40 -23.19 19.10
N ALA C 859 16.26 -23.39 18.44
CA ALA C 859 16.27 -23.61 17.00
C ALA C 859 16.86 -22.42 16.26
N ALA C 860 16.47 -21.21 16.63
CA ALA C 860 17.00 -20.03 15.97
C ALA C 860 18.50 -19.92 16.14
N LEU C 861 18.99 -20.15 17.36
CA LEU C 861 20.42 -20.05 17.65
C LEU C 861 21.21 -21.25 17.16
N SER C 862 20.54 -22.29 16.66
CA SER C 862 21.26 -23.49 16.25
C SER C 862 22.24 -23.19 15.12
N LYS C 863 21.81 -22.41 14.12
CA LYS C 863 22.62 -22.17 12.95
C LYS C 863 23.49 -20.91 13.07
N LEU C 864 23.20 -20.03 14.02
CA LEU C 864 24.03 -18.86 14.20
C LEU C 864 25.43 -19.25 14.65
N ASP C 865 26.35 -18.30 14.55
CA ASP C 865 27.66 -18.42 15.16
C ASP C 865 27.66 -17.77 16.53
N GLU C 866 28.73 -17.98 17.28
CA GLU C 866 28.80 -17.44 18.64
C GLU C 866 28.67 -15.92 18.64
N SER C 867 29.24 -15.26 17.64
CA SER C 867 29.16 -13.80 17.59
C SER C 867 27.72 -13.34 17.41
N GLY C 868 26.96 -14.04 16.59
CA GLY C 868 25.57 -13.69 16.31
C GLY C 868 25.29 -13.50 14.84
N ILE C 869 26.11 -14.11 13.99
CA ILE C 869 26.03 -13.98 12.55
C ILE C 869 26.01 -15.37 11.94
N VAL C 870 25.10 -15.60 10.99
CA VAL C 870 24.92 -16.93 10.43
C VAL C 870 26.16 -17.33 9.65
N TYR C 871 26.44 -18.63 9.62
CA TYR C 871 27.57 -19.16 8.89
C TYR C 871 27.31 -19.12 7.39
N ILE C 872 28.37 -18.96 6.62
CA ILE C 872 28.23 -18.97 5.16
C ILE C 872 27.66 -20.32 4.73
N GLY C 873 26.88 -20.30 3.66
CA GLY C 873 26.30 -21.53 3.17
C GLY C 873 25.22 -22.10 4.06
N ALA C 874 24.59 -21.27 4.87
CA ALA C 874 23.53 -21.72 5.76
C ALA C 874 22.20 -21.62 5.02
N GLU C 875 21.56 -22.76 4.79
CA GLU C 875 20.30 -22.80 4.07
C GLU C 875 19.22 -22.22 4.97
N VAL C 876 19.17 -20.90 5.04
CA VAL C 876 18.18 -20.21 5.86
C VAL C 876 16.81 -20.40 5.23
N THR C 877 15.77 -20.02 5.97
CA THR C 877 14.40 -20.00 5.45
C THR C 877 13.68 -18.85 6.12
N GLY C 878 12.37 -18.76 5.91
CA GLY C 878 11.59 -17.69 6.47
C GLY C 878 11.60 -17.69 7.98
N GLY C 879 11.98 -16.56 8.59
CA GLY C 879 11.94 -16.37 10.02
C GLY C 879 13.25 -16.61 10.74
N ASP C 880 14.20 -17.30 10.12
CA ASP C 880 15.48 -17.55 10.76
C ASP C 880 16.23 -16.24 10.95
N ILE C 881 16.93 -16.13 12.08
CA ILE C 881 17.72 -14.93 12.33
C ILE C 881 18.98 -14.97 11.48
N LEU C 882 19.16 -13.95 10.65
CA LEU C 882 20.42 -13.79 9.94
C LEU C 882 21.48 -13.17 10.84
N VAL C 883 21.10 -12.15 11.60
CA VAL C 883 22.02 -11.43 12.48
C VAL C 883 21.35 -11.28 13.83
N GLY C 884 22.06 -11.65 14.90
CA GLY C 884 21.50 -11.56 16.22
C GLY C 884 21.71 -10.19 16.84
N LYS C 885 20.70 -9.34 16.74
CA LYS C 885 20.77 -7.96 17.18
C LYS C 885 19.74 -7.70 18.26
N VAL C 886 20.08 -6.80 19.19
CA VAL C 886 19.25 -6.52 20.35
C VAL C 886 19.43 -5.06 20.75
N THR C 887 18.46 -4.52 21.48
CA THR C 887 18.45 -3.16 21.96
C THR C 887 18.21 -3.13 23.46
N PRO C 888 18.62 -2.06 24.17
CA PRO C 888 18.71 -2.09 25.63
C PRO C 888 17.40 -1.70 26.34
N LYS C 889 16.31 -2.37 25.97
CA LYS C 889 15.04 -2.31 26.69
C LYS C 889 14.51 -0.88 26.82
N GLY C 890 14.12 -0.33 25.68
CA GLY C 890 13.37 0.92 25.68
C GLY C 890 14.15 2.07 26.28
N GLU C 891 13.50 2.81 27.17
CA GLU C 891 14.01 4.10 27.65
C GLU C 891 13.54 4.31 29.08
N THR C 892 13.65 5.55 29.56
CA THR C 892 13.25 5.92 30.91
C THR C 892 11.74 5.91 31.02
N GLN C 893 11.21 4.94 31.76
CA GLN C 893 9.78 4.72 31.91
C GLN C 893 9.43 4.60 33.40
N LEU C 894 8.21 4.17 33.68
CA LEU C 894 7.72 3.93 35.04
C LEU C 894 7.73 5.28 35.77
N THR C 895 8.44 5.40 36.89
CA THR C 895 8.31 6.54 37.80
C THR C 895 9.69 6.98 38.26
N PRO C 896 9.82 8.03 39.07
CA PRO C 896 11.16 8.39 39.57
C PRO C 896 11.82 7.27 40.34
N GLU C 897 11.05 6.32 40.87
CA GLU C 897 11.66 5.09 41.36
C GLU C 897 12.45 4.41 40.24
N GLU C 898 12.02 4.56 38.99
CA GLU C 898 12.80 4.03 37.89
C GLU C 898 14.11 4.78 37.73
N LYS C 899 14.09 6.10 37.94
CA LYS C 899 15.34 6.86 37.95
C LYS C 899 16.23 6.41 39.09
N LEU C 900 15.63 6.09 40.24
CA LEU C 900 16.37 5.51 41.34
C LEU C 900 17.03 4.21 40.92
N LEU C 901 16.28 3.35 40.21
CA LEU C 901 16.85 2.11 39.70
C LEU C 901 18.02 2.38 38.78
N ARG C 902 17.86 3.34 37.86
CA ARG C 902 18.94 3.68 36.95
C ARG C 902 20.17 4.16 37.72
N ALA C 903 19.95 4.93 38.78
CA ALA C 903 21.06 5.32 39.64
C ALA C 903 21.73 4.10 40.25
N ILE C 904 20.93 3.14 40.71
CA ILE C 904 21.45 1.87 41.22
C ILE C 904 21.72 0.88 40.09
N PHE C 905 21.24 1.16 38.88
CA PHE C 905 21.31 0.25 37.74
C PHE C 905 20.31 -0.88 37.94
N GLY C 906 19.64 -1.28 36.87
CA GLY C 906 18.64 -2.33 36.94
C GLY C 906 19.21 -3.66 37.40
N GLU C 907 18.37 -4.69 37.46
CA GLU C 907 18.75 -6.01 37.96
C GLU C 907 18.27 -7.09 37.01
N LYS C 908 18.56 -6.90 35.73
CA LYS C 908 18.11 -7.79 34.66
C LYS C 908 19.32 -8.40 33.96
N ALA C 909 19.43 -9.73 34.00
CA ALA C 909 20.46 -10.41 33.24
C ALA C 909 20.28 -10.17 31.75
N SER C 910 19.05 -10.30 31.25
CA SER C 910 18.78 -10.01 29.84
C SER C 910 19.04 -8.54 29.55
N ASP C 911 18.21 -7.65 30.11
CA ASP C 911 18.37 -6.21 29.97
C ASP C 911 18.57 -5.81 28.51
N VAL C 912 17.88 -6.51 27.61
CA VAL C 912 18.04 -6.24 26.19
C VAL C 912 16.81 -6.77 25.46
N LYS C 913 16.27 -5.93 24.59
CA LYS C 913 15.13 -6.30 23.76
C LYS C 913 15.63 -6.93 22.44
N ASP C 914 14.80 -7.79 21.87
CA ASP C 914 15.18 -8.53 20.67
C ASP C 914 14.88 -7.69 19.43
N SER C 915 15.91 -7.46 18.61
CA SER C 915 15.78 -6.73 17.36
C SER C 915 16.61 -7.38 16.27
N SER C 916 16.60 -8.70 16.22
CA SER C 916 17.38 -9.43 15.22
C SER C 916 16.72 -9.33 13.86
N LEU C 917 17.56 -9.23 12.83
CA LEU C 917 17.11 -9.16 11.45
C LEU C 917 16.99 -10.57 10.88
N ARG C 918 15.77 -10.95 10.52
CA ARG C 918 15.47 -12.29 10.03
C ARG C 918 15.28 -12.26 8.52
N VAL C 919 15.16 -13.45 7.94
CA VAL C 919 14.81 -13.50 6.52
C VAL C 919 13.45 -12.87 6.34
N PRO C 920 13.22 -12.06 5.31
CA PRO C 920 11.86 -11.61 5.04
C PRO C 920 10.94 -12.80 4.77
N ASN C 921 9.70 -12.68 5.22
CA ASN C 921 8.75 -13.77 5.07
C ASN C 921 8.53 -14.08 3.58
N GLY C 922 8.63 -15.36 3.24
CA GLY C 922 8.31 -15.83 1.91
C GLY C 922 9.46 -16.00 0.95
N VAL C 923 10.71 -15.95 1.43
CA VAL C 923 11.88 -16.12 0.57
C VAL C 923 12.81 -17.14 1.21
N SER C 924 13.24 -18.12 0.41
CA SER C 924 14.28 -19.06 0.81
C SER C 924 15.63 -18.42 0.52
N GLY C 925 16.70 -19.21 0.59
CA GLY C 925 17.99 -18.73 0.13
C GLY C 925 19.20 -19.37 0.79
N THR C 926 20.31 -19.37 0.07
CA THR C 926 21.58 -19.92 0.54
C THR C 926 22.57 -18.77 0.64
N VAL C 927 22.95 -18.42 1.86
CA VAL C 927 23.82 -17.27 2.07
C VAL C 927 25.13 -17.50 1.36
N ILE C 928 25.54 -16.53 0.53
CA ILE C 928 26.81 -16.61 -0.19
C ILE C 928 27.90 -15.99 0.68
N ASP C 929 27.76 -14.71 0.98
CA ASP C 929 28.79 -13.97 1.69
C ASP C 929 28.13 -13.08 2.72
N VAL C 930 28.87 -12.79 3.77
CA VAL C 930 28.44 -11.91 4.84
C VAL C 930 29.60 -10.98 5.14
N GLN C 931 29.53 -9.77 4.61
CA GLN C 931 30.56 -8.77 4.86
C GLN C 931 30.33 -8.09 6.20
N VAL C 932 31.43 -7.70 6.84
CA VAL C 932 31.39 -6.98 8.11
C VAL C 932 32.14 -5.67 7.94
N PHE C 933 31.55 -4.58 8.43
CA PHE C 933 32.12 -3.25 8.35
C PHE C 933 32.14 -2.64 9.74
N THR C 934 33.24 -1.96 10.07
CA THR C 934 33.47 -1.47 11.41
C THR C 934 33.81 0.01 11.37
N ARG C 935 33.15 0.77 12.24
CA ARG C 935 33.57 2.13 12.50
C ARG C 935 34.93 2.12 13.17
N ASP C 936 35.79 3.07 12.80
CA ASP C 936 37.10 3.14 13.41
C ASP C 936 36.97 3.34 14.90
N GLY C 937 37.83 2.66 15.67
CA GLY C 937 37.74 2.67 17.11
C GLY C 937 36.82 1.63 17.69
N VAL C 938 36.36 0.66 16.90
CA VAL C 938 35.56 -0.45 17.37
C VAL C 938 36.35 -1.72 17.12
N GLU C 939 36.63 -2.47 18.18
CA GLU C 939 37.43 -3.69 18.06
C GLU C 939 36.62 -4.78 17.39
N LYS C 940 37.21 -5.42 16.38
CA LYS C 940 36.50 -6.40 15.58
C LYS C 940 36.22 -7.65 16.38
N ASP C 941 34.98 -8.13 16.32
CA ASP C 941 34.54 -9.26 17.12
C ASP C 941 34.87 -10.57 16.40
N LYS C 942 34.34 -11.69 16.90
CA LYS C 942 34.78 -13.00 16.43
C LYS C 942 34.47 -13.21 14.95
N ARG C 943 33.22 -12.93 14.54
CA ARG C 943 32.89 -13.07 13.13
C ARG C 943 33.68 -12.09 12.28
N ALA C 944 33.82 -10.85 12.76
CA ALA C 944 34.57 -9.85 12.03
C ALA C 944 36.01 -10.27 11.84
N LEU C 945 36.63 -10.80 12.90
CA LEU C 945 38.02 -11.23 12.80
C LEU C 945 38.15 -12.46 11.92
N GLU C 946 37.15 -13.35 11.95
CA GLU C 946 37.14 -14.49 11.04
C GLU C 946 37.18 -14.02 9.59
N ILE C 947 36.26 -13.12 9.23
CA ILE C 947 36.19 -12.63 7.87
C ILE C 947 37.45 -11.85 7.51
N GLU C 948 37.97 -11.07 8.46
CA GLU C 948 39.16 -10.29 8.22
C GLU C 948 40.34 -11.20 7.87
N GLU C 949 40.55 -12.24 8.68
CA GLU C 949 41.63 -13.18 8.42
C GLU C 949 41.40 -13.89 7.10
N MET C 950 40.15 -14.26 6.79
CA MET C 950 39.86 -14.93 5.54
C MET C 950 40.24 -14.07 4.35
N GLN C 951 39.79 -12.82 4.34
CA GLN C 951 40.10 -11.93 3.22
C GLN C 951 41.58 -11.64 3.13
N LEU C 952 42.25 -11.49 4.28
CA LEU C 952 43.68 -11.22 4.26
C LEU C 952 44.45 -12.40 3.67
N LYS C 953 44.13 -13.62 4.10
CA LYS C 953 44.80 -14.80 3.57
C LYS C 953 44.53 -14.94 2.08
N GLN C 954 43.29 -14.71 1.66
CA GLN C 954 42.97 -14.82 0.24
C GLN C 954 43.73 -13.78 -0.57
N ALA C 955 43.85 -12.56 -0.05
CA ALA C 955 44.60 -11.53 -0.77
C ALA C 955 46.07 -11.89 -0.85
N LYS C 956 46.63 -12.43 0.23
CA LYS C 956 48.00 -12.92 0.17
C LYS C 956 48.15 -13.96 -0.93
N LYS C 957 47.21 -14.90 -1.00
CA LYS C 957 47.24 -15.92 -2.04
C LYS C 957 47.19 -15.28 -3.42
N ASP C 958 46.32 -14.28 -3.59
CA ASP C 958 46.15 -13.67 -4.91
C ASP C 958 47.43 -12.97 -5.36
N LEU C 959 48.00 -12.15 -4.49
CA LEU C 959 49.24 -11.47 -4.86
C LEU C 959 50.36 -12.47 -5.11
N SER C 960 50.44 -13.51 -4.28
CA SER C 960 51.48 -14.51 -4.46
C SER C 960 51.33 -15.22 -5.80
N GLU C 961 50.11 -15.59 -6.17
CA GLU C 961 49.92 -16.37 -7.39
C GLU C 961 50.13 -15.50 -8.62
N GLU C 962 49.69 -14.23 -8.59
CA GLU C 962 49.94 -13.39 -9.75
C GLU C 962 51.44 -13.14 -9.91
N LEU C 963 52.15 -12.91 -8.79
CA LEU C 963 53.60 -12.75 -8.88
C LEU C 963 54.26 -14.01 -9.41
N GLN C 964 53.80 -15.18 -8.95
CA GLN C 964 54.37 -16.43 -9.41
C GLN C 964 54.14 -16.63 -10.91
N ILE C 965 52.94 -16.35 -11.39
CA ILE C 965 52.65 -16.53 -12.81
C ILE C 965 53.47 -15.57 -13.65
N LEU C 966 53.60 -14.32 -13.19
CA LEU C 966 54.41 -13.36 -13.94
C LEU C 966 55.88 -13.74 -13.93
N GLU C 967 56.37 -14.25 -12.80
CA GLU C 967 57.74 -14.75 -12.74
C GLU C 967 57.93 -15.94 -13.68
N ALA C 968 56.91 -16.80 -13.78
CA ALA C 968 56.98 -17.93 -14.70
C ALA C 968 57.06 -17.44 -16.14
N GLY C 969 56.28 -16.42 -16.49
CA GLY C 969 56.39 -15.84 -17.82
C GLY C 969 57.75 -15.23 -18.07
N LEU C 970 58.29 -14.52 -17.07
CA LEU C 970 59.60 -13.91 -17.21
C LEU C 970 60.68 -14.97 -17.43
N PHE C 971 60.64 -16.05 -16.66
CA PHE C 971 61.65 -17.09 -16.80
C PHE C 971 61.44 -17.89 -18.08
N SER C 972 60.20 -18.00 -18.56
CA SER C 972 59.99 -18.60 -19.87
C SER C 972 60.63 -17.75 -20.96
N ARG C 973 60.51 -16.42 -20.84
CA ARG C 973 61.19 -15.54 -21.78
C ARG C 973 62.71 -15.70 -21.67
N ILE C 974 63.23 -15.82 -20.45
CA ILE C 974 64.67 -16.00 -20.27
C ILE C 974 65.11 -17.30 -20.94
N ARG C 975 64.35 -18.38 -20.74
CA ARG C 975 64.68 -19.65 -21.39
C ARG C 975 64.63 -19.52 -22.90
N ALA C 976 63.64 -18.80 -23.43
CA ALA C 976 63.53 -18.61 -24.87
C ALA C 976 64.75 -17.87 -25.41
N VAL C 977 65.21 -16.85 -24.69
CA VAL C 977 66.43 -16.16 -25.08
C VAL C 977 67.63 -17.12 -25.01
N LEU C 978 67.69 -17.92 -23.96
CA LEU C 978 68.79 -18.85 -23.76
C LEU C 978 68.77 -20.01 -24.75
N VAL C 979 67.69 -20.17 -25.53
CA VAL C 979 67.74 -21.14 -26.62
C VAL C 979 68.89 -20.82 -27.56
N ALA C 980 69.09 -19.53 -27.85
CA ALA C 980 70.21 -19.06 -28.65
C ALA C 980 71.15 -18.30 -27.73
N GLY C 981 72.34 -18.86 -27.50
CA GLY C 981 73.30 -18.26 -26.62
C GLY C 981 73.14 -18.72 -25.18
N GLY C 982 74.17 -19.31 -24.60
CA GLY C 982 74.07 -19.85 -23.26
C GLY C 982 73.05 -20.96 -23.18
N VAL C 983 73.09 -21.88 -24.14
CA VAL C 983 72.10 -22.93 -24.26
C VAL C 983 72.55 -24.22 -23.55
N GLU C 984 73.49 -24.10 -22.62
CA GLU C 984 74.00 -25.26 -21.91
C GLU C 984 72.86 -25.94 -21.16
N ALA C 985 72.41 -27.10 -21.66
CA ALA C 985 71.22 -27.74 -21.10
C ALA C 985 71.51 -28.29 -19.71
N GLU C 986 72.61 -29.04 -19.58
CA GLU C 986 72.93 -29.65 -18.29
C GLU C 986 73.18 -28.59 -17.23
N LYS C 987 73.94 -27.55 -17.57
CA LYS C 987 74.20 -26.48 -16.60
C LYS C 987 72.93 -25.68 -16.32
N LEU C 988 72.06 -25.53 -17.32
CA LEU C 988 70.83 -24.78 -17.12
C LEU C 988 69.90 -25.50 -16.16
N ASP C 989 69.64 -26.79 -16.40
CA ASP C 989 68.67 -27.52 -15.60
C ASP C 989 69.26 -28.11 -14.32
N LYS C 990 70.58 -28.09 -14.16
CA LYS C 990 71.19 -28.56 -12.92
C LYS C 990 70.90 -27.58 -11.79
N LEU C 991 71.36 -26.34 -11.94
CA LEU C 991 71.14 -25.34 -10.91
C LEU C 991 69.67 -24.93 -10.89
N PRO C 992 69.15 -24.48 -9.73
CA PRO C 992 67.75 -24.05 -9.67
C PRO C 992 67.56 -22.66 -10.24
N ARG C 993 66.35 -22.12 -10.13
CA ARG C 993 66.00 -20.82 -10.69
C ARG C 993 66.63 -19.65 -9.94
N ASP C 994 67.50 -19.89 -8.95
CA ASP C 994 68.06 -18.79 -8.19
C ASP C 994 68.90 -17.87 -9.07
N ARG C 995 69.71 -18.43 -9.96
CA ARG C 995 70.61 -17.65 -10.81
C ARG C 995 70.60 -18.23 -12.21
N TRP C 996 69.91 -17.54 -13.13
CA TRP C 996 69.92 -17.87 -14.55
C TRP C 996 70.60 -16.79 -15.38
N LEU C 997 71.45 -15.97 -14.77
CA LEU C 997 72.27 -15.00 -15.49
C LEU C 997 73.76 -15.33 -15.45
N GLU C 998 74.20 -16.16 -14.49
CA GLU C 998 75.60 -16.54 -14.42
C GLU C 998 76.03 -17.47 -15.54
N LEU C 999 75.10 -17.99 -16.33
CA LEU C 999 75.46 -18.85 -17.44
C LEU C 999 76.28 -18.08 -18.47
N GLY C 1000 77.16 -18.81 -19.16
CA GLY C 1000 78.03 -18.17 -20.13
C GLY C 1000 77.25 -17.51 -21.25
N LEU C 1001 77.69 -16.32 -21.64
CA LEU C 1001 77.11 -15.60 -22.78
C LEU C 1001 78.11 -14.54 -23.21
N THR C 1002 78.48 -14.56 -24.48
CA THR C 1002 79.50 -13.66 -24.99
C THR C 1002 78.97 -12.22 -25.00
N ASP C 1003 79.74 -11.32 -25.60
CA ASP C 1003 79.36 -9.91 -25.65
C ASP C 1003 78.21 -9.71 -26.64
N GLU C 1004 76.98 -9.74 -26.13
CA GLU C 1004 75.79 -9.69 -26.96
C GLU C 1004 74.70 -8.92 -26.22
N GLU C 1005 73.71 -8.46 -26.99
CA GLU C 1005 72.54 -7.82 -26.39
C GLU C 1005 71.68 -8.79 -25.60
N LYS C 1006 71.88 -10.10 -25.77
CA LYS C 1006 71.07 -11.07 -25.04
C LYS C 1006 71.29 -10.96 -23.54
N GLN C 1007 72.55 -10.84 -23.12
CA GLN C 1007 72.83 -10.71 -21.69
C GLN C 1007 72.35 -9.39 -21.14
N ASN C 1008 72.39 -8.31 -21.94
CA ASN C 1008 71.81 -7.05 -21.52
C ASN C 1008 70.30 -7.18 -21.32
N GLN C 1009 69.63 -7.90 -22.23
CA GLN C 1009 68.20 -8.16 -22.06
C GLN C 1009 67.94 -8.96 -20.80
N LEU C 1010 68.79 -9.97 -20.54
CA LEU C 1010 68.63 -10.76 -19.32
C LEU C 1010 68.81 -9.90 -18.08
N GLU C 1011 69.76 -8.97 -18.12
CA GLU C 1011 69.95 -8.05 -17.00
C GLU C 1011 68.72 -7.18 -16.81
N GLN C 1012 68.13 -6.70 -17.90
CA GLN C 1012 66.89 -5.93 -17.81
C GLN C 1012 65.79 -6.76 -17.17
N LEU C 1013 65.68 -8.03 -17.58
CA LEU C 1013 64.66 -8.91 -17.00
C LEU C 1013 64.92 -9.17 -15.53
N ALA C 1014 66.19 -9.26 -15.12
CA ALA C 1014 66.50 -9.44 -13.70
C ALA C 1014 66.11 -8.21 -12.89
N GLU C 1015 66.37 -7.01 -13.44
CA GLU C 1015 65.89 -5.80 -12.79
C GLU C 1015 64.37 -5.82 -12.67
N GLN C 1016 63.69 -6.27 -13.73
CA GLN C 1016 62.24 -6.41 -13.66
C GLN C 1016 61.83 -7.39 -12.57
N TYR C 1017 62.58 -8.48 -12.41
CA TYR C 1017 62.26 -9.47 -11.39
C TYR C 1017 62.38 -8.88 -9.99
N ASP C 1018 63.47 -8.15 -9.73
CA ASP C 1018 63.63 -7.55 -8.41
C ASP C 1018 62.56 -6.48 -8.16
N GLU C 1019 62.25 -5.69 -9.18
CA GLU C 1019 61.17 -4.73 -9.07
C GLU C 1019 59.85 -5.42 -8.79
N LEU C 1020 59.64 -6.59 -9.40
CA LEU C 1020 58.41 -7.35 -9.14
C LEU C 1020 58.34 -7.80 -7.69
N LYS C 1021 59.46 -8.29 -7.15
CA LYS C 1021 59.49 -8.65 -5.74
C LYS C 1021 59.09 -7.47 -4.87
N HIS C 1022 59.75 -6.33 -5.07
CA HIS C 1022 59.50 -5.17 -4.22
C HIS C 1022 58.06 -4.67 -4.39
N GLU C 1023 57.58 -4.60 -5.62
CA GLU C 1023 56.23 -4.13 -5.88
C GLU C 1023 55.20 -5.08 -5.27
N PHE C 1024 55.44 -6.38 -5.37
CA PHE C 1024 54.56 -7.35 -4.73
C PHE C 1024 54.51 -7.12 -3.23
N GLU C 1025 55.67 -6.89 -2.61
CA GLU C 1025 55.69 -6.64 -1.17
C GLU C 1025 54.88 -5.39 -0.83
N LYS C 1026 55.05 -4.32 -1.61
CA LYS C 1026 54.35 -3.08 -1.31
C LYS C 1026 52.85 -3.22 -1.50
N LYS C 1027 52.44 -3.90 -2.58
CA LYS C 1027 51.01 -4.15 -2.78
C LYS C 1027 50.45 -5.01 -1.66
N LEU C 1028 51.20 -6.01 -1.21
CA LEU C 1028 50.75 -6.86 -0.13
C LEU C 1028 50.53 -6.04 1.14
N GLU C 1029 51.49 -5.18 1.47
CA GLU C 1029 51.34 -4.35 2.66
C GLU C 1029 50.16 -3.41 2.52
N ALA C 1030 50.00 -2.80 1.34
CA ALA C 1030 48.90 -1.87 1.14
C ALA C 1030 47.55 -2.58 1.30
N LYS C 1031 47.43 -3.77 0.72
CA LYS C 1031 46.19 -4.52 0.82
C LYS C 1031 45.92 -4.93 2.26
N ARG C 1032 46.96 -5.34 2.99
CA ARG C 1032 46.78 -5.65 4.40
C ARG C 1032 46.28 -4.43 5.16
N ARG C 1033 46.86 -3.27 4.87
CA ARG C 1033 46.43 -2.05 5.56
C ARG C 1033 44.98 -1.73 5.24
N LYS C 1034 44.59 -1.81 3.98
CA LYS C 1034 43.22 -1.51 3.60
C LYS C 1034 42.24 -2.47 4.26
N ILE C 1035 42.59 -3.76 4.31
CA ILE C 1035 41.71 -4.73 4.92
C ILE C 1035 41.58 -4.47 6.41
N THR C 1036 42.70 -4.22 7.09
CA THR C 1036 42.69 -4.15 8.54
C THR C 1036 42.01 -2.88 9.04
N GLN C 1037 42.27 -1.75 8.38
CA GLN C 1037 41.75 -0.48 8.86
C GLN C 1037 40.23 -0.48 8.83
N GLY C 1038 39.62 0.05 9.89
CA GLY C 1038 38.18 0.14 9.96
C GLY C 1038 37.62 1.25 9.08
N ASP C 1039 36.48 0.97 8.47
CA ASP C 1039 35.90 1.83 7.45
C ASP C 1039 34.87 2.76 8.09
N ASP C 1040 35.00 4.05 7.80
CA ASP C 1040 34.05 5.03 8.31
C ASP C 1040 32.66 4.74 7.74
N LEU C 1041 31.64 4.90 8.58
CA LEU C 1041 30.27 4.59 8.25
C LEU C 1041 29.41 5.84 8.47
N ALA C 1042 28.11 5.66 8.39
CA ALA C 1042 27.20 6.74 8.78
C ALA C 1042 27.34 6.99 10.28
N PRO C 1043 27.10 8.21 10.75
CA PRO C 1043 27.36 8.52 12.16
C PRO C 1043 26.48 7.71 13.09
N GLY C 1044 27.05 7.39 14.25
CA GLY C 1044 26.31 6.72 15.31
C GLY C 1044 26.25 5.21 15.20
N VAL C 1045 26.98 4.59 14.27
CA VAL C 1045 26.95 3.16 14.05
C VAL C 1045 28.31 2.57 14.38
N LEU C 1046 28.32 1.56 15.25
CA LEU C 1046 29.57 0.89 15.62
C LEU C 1046 30.05 -0.02 14.51
N LYS C 1047 29.14 -0.79 13.92
CA LYS C 1047 29.47 -1.78 12.90
C LYS C 1047 28.19 -2.22 12.22
N ILE C 1048 28.32 -2.60 10.95
CA ILE C 1048 27.20 -3.10 10.16
C ILE C 1048 27.64 -4.36 9.44
N VAL C 1049 26.81 -5.39 9.48
CA VAL C 1049 27.08 -6.66 8.81
C VAL C 1049 26.01 -6.85 7.77
N LYS C 1050 26.43 -7.02 6.51
CA LYS C 1050 25.52 -7.15 5.38
C LYS C 1050 25.64 -8.56 4.81
N VAL C 1051 24.52 -9.23 4.67
CA VAL C 1051 24.47 -10.63 4.28
C VAL C 1051 23.73 -10.73 2.95
N TYR C 1052 24.30 -11.47 2.00
CA TYR C 1052 23.77 -11.58 0.65
C TYR C 1052 23.02 -12.90 0.50
N LEU C 1053 21.71 -12.86 0.62
CA LEU C 1053 20.90 -14.02 0.31
C LEU C 1053 20.95 -14.30 -1.18
N ALA C 1054 20.93 -15.58 -1.54
CA ALA C 1054 20.85 -16.01 -2.92
C ALA C 1054 19.75 -17.04 -3.06
N VAL C 1055 18.83 -16.82 -3.99
CA VAL C 1055 17.68 -17.68 -4.17
C VAL C 1055 17.62 -18.11 -5.62
N LYS C 1056 16.91 -19.20 -5.86
CA LYS C 1056 16.79 -19.80 -7.19
C LYS C 1056 15.31 -19.95 -7.50
N ARG C 1057 14.69 -18.87 -7.98
CA ARG C 1057 13.30 -18.95 -8.35
C ARG C 1057 13.12 -19.93 -9.51
N ARG C 1058 11.88 -20.28 -9.77
CA ARG C 1058 11.55 -21.16 -10.87
C ARG C 1058 10.30 -20.64 -11.55
N ILE C 1059 10.26 -20.81 -12.87
CA ILE C 1059 9.09 -20.43 -13.65
C ILE C 1059 7.86 -21.09 -13.05
N GLN C 1060 6.83 -20.30 -12.77
CA GLN C 1060 5.68 -20.76 -11.99
C GLN C 1060 4.44 -20.05 -12.49
N PRO C 1061 3.24 -20.51 -12.10
CA PRO C 1061 2.02 -20.05 -12.77
C PRO C 1061 1.54 -18.65 -12.41
N GLY C 1062 2.44 -17.69 -12.29
CA GLY C 1062 2.03 -16.31 -12.22
C GLY C 1062 3.04 -15.38 -12.84
N ASP C 1063 4.10 -15.91 -13.43
CA ASP C 1063 5.18 -15.09 -13.96
C ASP C 1063 4.65 -14.33 -15.17
N LYS C 1064 5.55 -13.68 -15.90
CA LYS C 1064 5.15 -12.95 -17.11
C LYS C 1064 6.23 -13.15 -18.17
N MET C 1065 6.15 -14.24 -18.90
CA MET C 1065 7.02 -14.38 -20.06
C MET C 1065 6.52 -13.45 -21.14
N ALA C 1066 7.33 -13.31 -22.19
CA ALA C 1066 6.89 -12.49 -23.31
C ALA C 1066 7.83 -12.70 -24.48
N GLY C 1067 7.27 -12.82 -25.67
CA GLY C 1067 8.08 -12.87 -26.87
C GLY C 1067 8.80 -11.56 -27.06
N ARG C 1068 9.36 -11.32 -28.24
CA ARG C 1068 10.04 -10.07 -28.49
C ARG C 1068 9.20 -9.06 -29.25
N HIS C 1069 8.13 -9.49 -29.94
CA HIS C 1069 7.21 -8.54 -30.57
C HIS C 1069 6.08 -8.16 -29.63
N GLY C 1070 6.39 -7.71 -28.42
CA GLY C 1070 5.38 -7.15 -27.57
C GLY C 1070 4.23 -8.08 -27.17
N ASN C 1071 4.37 -9.39 -27.38
CA ASN C 1071 3.26 -10.31 -27.15
C ASN C 1071 3.36 -10.90 -25.75
N LYS C 1072 3.02 -10.07 -24.76
CA LYS C 1072 3.14 -10.45 -23.36
C LYS C 1072 2.30 -11.66 -23.02
N GLY C 1073 2.31 -12.08 -21.76
CA GLY C 1073 1.51 -13.20 -21.32
C GLY C 1073 1.94 -13.68 -19.95
N VAL C 1074 1.00 -14.16 -19.15
CA VAL C 1074 1.28 -14.71 -17.84
C VAL C 1074 1.07 -16.20 -17.89
N ILE C 1075 2.08 -16.95 -17.48
CA ILE C 1075 2.02 -18.41 -17.54
C ILE C 1075 0.83 -18.90 -16.76
N SER C 1076 -0.07 -19.61 -17.42
CA SER C 1076 -1.34 -19.93 -16.83
C SER C 1076 -1.40 -21.32 -16.21
N LYS C 1077 -0.45 -22.19 -16.52
CA LYS C 1077 -0.47 -23.56 -16.01
C LYS C 1077 0.81 -24.24 -16.43
N ILE C 1078 1.26 -25.18 -15.62
CA ILE C 1078 2.43 -25.99 -15.94
C ILE C 1078 1.92 -27.41 -16.14
N ASN C 1079 1.62 -27.76 -17.39
CA ASN C 1079 1.01 -29.04 -17.67
C ASN C 1079 2.00 -30.17 -17.52
N PRO C 1080 1.52 -31.40 -17.32
CA PRO C 1080 2.41 -32.55 -17.45
C PRO C 1080 2.90 -32.66 -18.87
N ILE C 1081 3.95 -33.48 -19.07
CA ILE C 1081 4.51 -33.59 -20.42
C ILE C 1081 3.49 -34.20 -21.37
N GLU C 1082 2.51 -34.95 -20.85
CA GLU C 1082 1.61 -35.69 -21.72
C GLU C 1082 0.53 -34.77 -22.30
N ASP C 1083 -0.10 -33.99 -21.43
CA ASP C 1083 -1.25 -33.20 -21.85
C ASP C 1083 -0.89 -32.25 -22.98
N MET C 1084 0.38 -31.90 -23.14
CA MET C 1084 0.74 -31.05 -24.24
C MET C 1084 0.47 -31.74 -25.56
N PRO C 1085 0.24 -30.98 -26.63
CA PRO C 1085 0.03 -31.60 -27.94
C PRO C 1085 1.34 -31.88 -28.64
N TYR C 1086 1.49 -33.12 -29.12
CA TYR C 1086 2.75 -33.57 -29.69
C TYR C 1086 2.62 -33.77 -31.19
N ASP C 1087 3.67 -33.40 -31.93
CA ASP C 1087 3.66 -33.55 -33.37
C ASP C 1087 3.82 -35.03 -33.75
N GLU C 1088 3.91 -35.30 -35.05
CA GLU C 1088 3.65 -36.64 -35.54
C GLU C 1088 4.63 -37.66 -34.98
N ASN C 1089 5.91 -37.30 -34.87
CA ASN C 1089 6.94 -38.25 -34.46
C ASN C 1089 7.30 -38.15 -32.98
N GLY C 1090 6.36 -37.69 -32.14
CA GLY C 1090 6.44 -37.89 -30.70
C GLY C 1090 6.77 -36.63 -29.91
N THR C 1091 7.61 -35.76 -30.43
CA THR C 1091 8.14 -34.67 -29.63
C THR C 1091 7.01 -33.73 -29.18
N PRO C 1092 6.80 -33.55 -27.88
CA PRO C 1092 5.79 -32.57 -27.46
C PRO C 1092 6.16 -31.14 -27.82
N VAL C 1093 5.29 -30.19 -27.49
CA VAL C 1093 5.52 -28.78 -27.72
C VAL C 1093 5.52 -28.08 -26.37
N ASP C 1094 6.42 -27.13 -26.20
CA ASP C 1094 6.71 -26.57 -24.89
C ASP C 1094 5.95 -25.28 -24.59
N ILE C 1095 5.16 -24.77 -25.51
CA ILE C 1095 4.32 -23.60 -25.26
C ILE C 1095 3.10 -23.74 -26.17
N VAL C 1096 1.98 -23.18 -25.74
CA VAL C 1096 0.83 -23.10 -26.60
C VAL C 1096 0.20 -21.72 -26.48
N LEU C 1097 0.66 -20.76 -27.28
CA LEU C 1097 0.15 -19.41 -27.20
C LEU C 1097 -1.24 -19.35 -27.82
N ASN C 1098 -1.83 -18.16 -27.85
CA ASN C 1098 -3.18 -17.98 -28.36
C ASN C 1098 -3.12 -17.35 -29.74
N PRO C 1099 -3.68 -17.95 -30.79
CA PRO C 1099 -3.57 -17.34 -32.12
C PRO C 1099 -4.23 -15.99 -32.20
N LEU C 1100 -5.35 -15.79 -31.51
CA LEU C 1100 -6.15 -14.59 -31.67
C LEU C 1100 -5.46 -13.34 -31.14
N GLY C 1101 -4.24 -13.45 -30.64
CA GLY C 1101 -3.44 -12.27 -30.40
C GLY C 1101 -2.73 -11.74 -31.62
N VAL C 1102 -2.73 -12.48 -32.72
CA VAL C 1102 -2.06 -12.05 -33.95
C VAL C 1102 -2.93 -11.14 -34.81
N PRO C 1103 -4.15 -11.54 -35.20
CA PRO C 1103 -4.85 -10.78 -36.23
C PRO C 1103 -5.15 -9.35 -35.81
N SER C 1104 -5.79 -9.16 -34.66
CA SER C 1104 -5.79 -7.85 -34.04
C SER C 1104 -4.45 -7.65 -33.34
N ARG C 1105 -4.25 -6.48 -32.76
CA ARG C 1105 -2.95 -6.04 -32.24
C ARG C 1105 -1.84 -6.54 -33.16
N MET C 1106 -1.93 -6.08 -34.42
CA MET C 1106 -1.23 -6.70 -35.53
C MET C 1106 0.27 -6.68 -35.31
N ASN C 1107 0.84 -7.84 -35.03
CA ASN C 1107 2.28 -8.00 -34.88
C ASN C 1107 2.72 -9.25 -35.63
N ILE C 1108 2.31 -9.38 -36.89
CA ILE C 1108 2.52 -10.63 -37.60
C ILE C 1108 4.00 -10.93 -37.79
N GLY C 1109 4.88 -10.05 -37.33
CA GLY C 1109 6.28 -10.42 -37.27
C GLY C 1109 6.51 -11.74 -36.57
N GLN C 1110 5.84 -11.96 -35.43
CA GLN C 1110 6.16 -13.12 -34.62
C GLN C 1110 5.84 -14.41 -35.36
N ILE C 1111 4.86 -14.42 -36.24
CA ILE C 1111 4.64 -15.64 -37.02
C ILE C 1111 5.82 -15.91 -37.93
N LEU C 1112 6.34 -14.87 -38.58
CA LEU C 1112 7.53 -15.09 -39.41
C LEU C 1112 8.69 -15.57 -38.57
N GLU C 1113 8.84 -15.01 -37.37
CA GLU C 1113 9.89 -15.48 -36.48
C GLU C 1113 9.71 -16.95 -36.15
N THR C 1114 8.47 -17.37 -35.87
CA THR C 1114 8.21 -18.76 -35.55
C THR C 1114 8.59 -19.65 -36.72
N HIS C 1115 8.22 -19.27 -37.94
CA HIS C 1115 8.56 -20.11 -39.08
C HIS C 1115 10.05 -20.19 -39.29
N LEU C 1116 10.73 -19.04 -39.27
CA LEU C 1116 12.16 -19.09 -39.53
C LEU C 1116 12.88 -19.83 -38.42
N GLY C 1117 12.40 -19.72 -37.19
CA GLY C 1117 12.96 -20.53 -36.13
C GLY C 1117 12.74 -22.00 -36.37
N MET C 1118 11.57 -22.37 -36.89
CA MET C 1118 11.32 -23.77 -37.18
C MET C 1118 12.30 -24.27 -38.21
N ALA C 1119 12.59 -23.47 -39.22
CA ALA C 1119 13.58 -23.89 -40.22
C ALA C 1119 14.96 -23.98 -39.60
N ALA C 1120 15.28 -23.04 -38.71
CA ALA C 1120 16.59 -23.09 -38.05
C ALA C 1120 16.75 -24.38 -37.27
N LYS C 1121 15.77 -24.72 -36.45
CA LYS C 1121 15.85 -25.98 -35.74
C LYS C 1121 15.76 -27.16 -36.69
N GLY C 1122 15.17 -26.99 -37.86
CA GLY C 1122 15.16 -28.08 -38.83
C GLY C 1122 16.55 -28.39 -39.33
N ILE C 1123 17.29 -27.36 -39.70
CA ILE C 1123 18.69 -27.58 -40.10
C ILE C 1123 19.48 -28.11 -38.91
N GLY C 1124 19.17 -27.63 -37.71
CA GLY C 1124 19.84 -28.17 -36.54
C GLY C 1124 19.60 -29.66 -36.37
N ASP C 1125 18.35 -30.10 -36.54
CA ASP C 1125 18.05 -31.51 -36.43
C ASP C 1125 18.74 -32.31 -37.52
N LYS C 1126 18.82 -31.75 -38.72
CA LYS C 1126 19.53 -32.44 -39.79
C LYS C 1126 20.99 -32.66 -39.41
N ILE C 1127 21.65 -31.62 -38.90
CA ILE C 1127 23.05 -31.75 -38.51
C ILE C 1127 23.18 -32.72 -37.36
N ASN C 1128 22.22 -32.71 -36.42
CA ASN C 1128 22.29 -33.63 -35.30
C ASN C 1128 22.16 -35.07 -35.77
N ALA C 1129 21.27 -35.32 -36.73
CA ALA C 1129 21.16 -36.66 -37.28
C ALA C 1129 22.46 -37.08 -37.94
N MET C 1130 23.08 -36.18 -38.70
CA MET C 1130 24.33 -36.54 -39.35
C MET C 1130 25.42 -36.83 -38.32
N LEU C 1131 25.48 -36.05 -37.25
CA LEU C 1131 26.51 -36.28 -36.24
C LEU C 1131 26.26 -37.59 -35.50
N LYS C 1132 25.00 -37.90 -35.19
CA LYS C 1132 24.70 -39.11 -34.42
C LYS C 1132 25.07 -40.36 -35.19
N GLN C 1133 24.95 -40.33 -36.52
CA GLN C 1133 25.45 -41.42 -37.34
C GLN C 1133 26.97 -41.40 -37.47
N GLN C 1134 27.63 -40.36 -36.94
CA GLN C 1134 29.07 -40.19 -37.07
C GLN C 1134 29.48 -40.13 -38.53
N GLN C 1135 28.72 -39.36 -39.31
CA GLN C 1135 29.03 -39.17 -40.71
C GLN C 1135 30.42 -38.55 -40.84
N GLU C 1136 30.98 -38.67 -42.04
CA GLU C 1136 32.37 -38.30 -42.30
C GLU C 1136 32.42 -36.99 -43.07
N VAL C 1137 32.77 -35.91 -42.38
CA VAL C 1137 33.07 -34.58 -42.90
C VAL C 1137 32.39 -34.21 -44.21
N ALA C 1138 32.61 -35.03 -45.26
CA ALA C 1138 32.07 -34.70 -46.57
C ALA C 1138 30.58 -34.45 -46.51
N LYS C 1139 29.84 -35.34 -45.83
CA LYS C 1139 28.41 -35.13 -45.66
C LYS C 1139 28.14 -33.83 -44.92
N LEU C 1140 28.77 -33.67 -43.75
CA LEU C 1140 28.61 -32.43 -43.00
C LEU C 1140 29.01 -31.23 -43.85
N ARG C 1141 30.29 -31.17 -44.25
CA ARG C 1141 30.80 -30.01 -44.97
C ARG C 1141 29.91 -29.63 -46.14
N GLU C 1142 29.48 -30.62 -46.93
CA GLU C 1142 28.55 -30.34 -48.02
C GLU C 1142 27.27 -29.71 -47.49
N PHE C 1143 26.68 -30.32 -46.46
CA PHE C 1143 25.38 -29.84 -46.00
C PHE C 1143 25.47 -28.44 -45.41
N ILE C 1144 26.50 -28.19 -44.61
CA ILE C 1144 26.67 -26.87 -44.01
C ILE C 1144 26.94 -25.84 -45.08
N GLN C 1145 27.77 -26.17 -46.07
CA GLN C 1145 28.01 -25.23 -47.16
C GLN C 1145 26.72 -24.89 -47.88
N ARG C 1146 25.91 -25.92 -48.17
CA ARG C 1146 24.64 -25.67 -48.85
C ARG C 1146 23.74 -24.78 -48.01
N ALA C 1147 23.65 -25.08 -46.72
CA ALA C 1147 22.78 -24.28 -45.85
C ALA C 1147 23.25 -22.84 -45.78
N TYR C 1148 24.56 -22.63 -45.69
CA TYR C 1148 25.06 -21.27 -45.62
C TYR C 1148 25.00 -20.56 -46.95
N ASP C 1149 24.80 -21.28 -48.06
CA ASP C 1149 24.75 -20.58 -49.34
C ASP C 1149 23.43 -19.84 -49.49
N LEU C 1150 22.33 -20.58 -49.73
CA LEU C 1150 20.95 -20.10 -49.69
C LEU C 1150 20.80 -18.67 -50.18
N GLY C 1151 21.52 -18.34 -51.24
CA GLY C 1151 21.97 -16.98 -51.48
C GLY C 1151 21.53 -16.35 -52.78
N ALA C 1152 20.25 -16.51 -53.14
CA ALA C 1152 19.65 -15.83 -54.28
C ALA C 1152 20.18 -14.41 -54.40
N ASP C 1153 20.22 -13.69 -53.29
CA ASP C 1153 21.00 -12.45 -53.21
C ASP C 1153 21.29 -12.22 -51.73
N VAL C 1154 22.54 -12.40 -51.33
CA VAL C 1154 22.96 -12.28 -49.95
C VAL C 1154 24.38 -11.71 -49.92
N ARG C 1155 24.88 -11.48 -48.71
CA ARG C 1155 26.21 -10.92 -48.51
C ARG C 1155 27.13 -11.83 -47.72
N GLN C 1156 26.67 -12.99 -47.26
CA GLN C 1156 27.54 -13.90 -46.54
C GLN C 1156 28.69 -14.38 -47.42
N LYS C 1157 28.37 -15.16 -48.44
CA LYS C 1157 29.36 -15.70 -49.37
C LYS C 1157 30.46 -16.42 -48.62
N VAL C 1158 30.10 -17.17 -47.59
CA VAL C 1158 31.07 -17.91 -46.79
C VAL C 1158 31.51 -19.14 -47.56
N ASP C 1159 32.60 -19.77 -47.12
CA ASP C 1159 33.11 -20.97 -47.76
C ASP C 1159 33.73 -21.85 -46.68
N LEU C 1160 33.25 -23.08 -46.58
CA LEU C 1160 33.77 -24.04 -45.62
C LEU C 1160 34.81 -24.96 -46.24
N SER C 1161 35.22 -24.71 -47.48
CA SER C 1161 36.28 -25.52 -48.08
C SER C 1161 37.58 -25.38 -47.29
N THR C 1162 38.00 -24.14 -47.04
CA THR C 1162 39.21 -23.87 -46.28
C THR C 1162 38.83 -23.63 -44.82
N PHE C 1163 38.48 -24.73 -44.15
CA PHE C 1163 37.90 -24.62 -42.82
C PHE C 1163 38.40 -25.67 -41.83
N SER C 1164 39.44 -26.43 -42.16
CA SER C 1164 40.18 -27.22 -41.18
C SER C 1164 39.24 -28.19 -40.44
N ASP C 1165 38.85 -29.24 -41.17
CA ASP C 1165 37.67 -30.06 -40.88
C ASP C 1165 37.43 -30.30 -39.40
N GLU C 1166 38.49 -30.39 -38.59
CA GLU C 1166 38.30 -30.40 -37.14
C GLU C 1166 37.42 -29.23 -36.72
N GLU C 1167 37.74 -28.02 -37.21
CA GLU C 1167 36.89 -26.88 -36.90
C GLU C 1167 35.52 -27.02 -37.50
N VAL C 1168 35.38 -27.71 -38.63
CA VAL C 1168 34.06 -28.00 -39.15
C VAL C 1168 33.30 -28.89 -38.17
N MET C 1169 33.99 -29.86 -37.57
CA MET C 1169 33.34 -30.70 -36.59
C MET C 1169 32.92 -29.89 -35.37
N ARG C 1170 33.77 -28.95 -34.94
CA ARG C 1170 33.40 -28.09 -33.83
C ARG C 1170 32.20 -27.24 -34.18
N LEU C 1171 32.15 -26.75 -35.41
CA LEU C 1171 31.00 -25.97 -35.86
C LEU C 1171 29.75 -26.81 -35.83
N ALA C 1172 29.83 -28.05 -36.30
CA ALA C 1172 28.66 -28.93 -36.26
C ALA C 1172 28.22 -29.14 -34.82
N GLU C 1173 29.18 -29.31 -33.90
CA GLU C 1173 28.82 -29.50 -32.50
C GLU C 1173 28.11 -28.28 -31.94
N ASN C 1174 28.57 -27.09 -32.29
CA ASN C 1174 27.92 -25.87 -31.82
C ASN C 1174 26.63 -25.55 -32.55
N LEU C 1175 26.35 -26.22 -33.66
CA LEU C 1175 25.10 -26.04 -34.40
C LEU C 1175 24.15 -27.21 -34.25
N ARG C 1176 24.50 -28.23 -33.48
CA ARG C 1176 23.69 -29.45 -33.47
C ARG C 1176 22.36 -29.29 -32.76
N LYS C 1177 22.03 -28.11 -32.26
CA LYS C 1177 20.72 -27.85 -31.68
C LYS C 1177 20.12 -26.56 -32.26
N GLY C 1178 20.51 -26.24 -33.49
CA GLY C 1178 20.00 -25.05 -34.15
C GLY C 1178 21.04 -24.36 -35.00
N MET C 1179 20.64 -23.89 -36.17
CA MET C 1179 21.52 -23.15 -37.07
C MET C 1179 21.15 -21.68 -36.96
N PRO C 1180 21.86 -20.88 -36.18
CA PRO C 1180 21.39 -19.50 -35.94
C PRO C 1180 21.26 -18.71 -37.23
N ILE C 1181 20.17 -17.97 -37.33
CA ILE C 1181 19.81 -17.22 -38.53
C ILE C 1181 19.69 -15.76 -38.16
N ALA C 1182 20.35 -14.90 -38.93
CA ALA C 1182 20.24 -13.47 -38.75
C ALA C 1182 19.27 -12.88 -39.77
N THR C 1183 18.81 -11.69 -39.47
CA THR C 1183 17.83 -11.02 -40.30
C THR C 1183 17.83 -9.54 -39.96
N PRO C 1184 18.75 -8.74 -40.52
CA PRO C 1184 18.75 -7.31 -40.21
C PRO C 1184 17.36 -6.73 -40.36
N VAL C 1185 17.11 -5.67 -39.60
CA VAL C 1185 15.74 -5.29 -39.29
C VAL C 1185 14.92 -5.06 -40.56
N PHE C 1186 15.32 -4.09 -41.38
CA PHE C 1186 14.52 -3.72 -42.54
C PHE C 1186 15.06 -4.28 -43.86
N ASP C 1187 16.24 -4.88 -43.85
CA ASP C 1187 16.72 -5.71 -44.96
C ASP C 1187 16.51 -7.18 -44.63
N GLY C 1188 15.26 -7.52 -44.32
CA GLY C 1188 14.95 -8.79 -43.70
C GLY C 1188 15.15 -9.99 -44.59
N ALA C 1189 14.46 -11.08 -44.25
CA ALA C 1189 14.51 -12.33 -44.99
C ALA C 1189 13.14 -12.61 -45.58
N LYS C 1190 13.04 -12.57 -46.90
CA LYS C 1190 11.76 -12.68 -47.56
C LYS C 1190 11.16 -14.06 -47.34
N GLU C 1191 9.87 -14.19 -47.60
CA GLU C 1191 9.17 -15.44 -47.33
C GLU C 1191 9.73 -16.58 -48.18
N ALA C 1192 9.95 -16.34 -49.47
CA ALA C 1192 10.39 -17.41 -50.36
C ALA C 1192 11.69 -18.01 -49.87
N GLU C 1193 12.58 -17.19 -49.32
CA GLU C 1193 13.80 -17.72 -48.73
C GLU C 1193 13.48 -18.63 -47.55
N ILE C 1194 12.48 -18.26 -46.75
CA ILE C 1194 12.10 -19.11 -45.62
C ILE C 1194 11.56 -20.44 -46.14
N LYS C 1195 10.76 -20.40 -47.20
CA LYS C 1195 10.24 -21.65 -47.77
C LYS C 1195 11.39 -22.53 -48.22
N GLU C 1196 12.37 -21.96 -48.90
CA GLU C 1196 13.51 -22.77 -49.33
C GLU C 1196 14.29 -23.31 -48.14
N LEU C 1197 14.52 -22.47 -47.13
CA LEU C 1197 15.29 -22.90 -45.97
C LEU C 1197 14.61 -24.06 -45.27
N LEU C 1198 13.29 -23.95 -45.05
CA LEU C 1198 12.55 -25.07 -44.50
C LEU C 1198 12.69 -26.29 -45.40
N LYS C 1199 12.62 -26.09 -46.72
CA LYS C 1199 12.71 -27.20 -47.65
C LYS C 1199 14.08 -27.86 -47.59
N LEU C 1200 15.10 -27.16 -47.11
CA LEU C 1200 16.41 -27.79 -46.96
C LEU C 1200 16.36 -28.87 -45.89
N GLY C 1201 15.75 -28.57 -44.75
CA GLY C 1201 15.28 -29.62 -43.89
C GLY C 1201 14.08 -30.29 -44.54
N ASP C 1202 13.67 -31.42 -43.97
CA ASP C 1202 12.56 -32.13 -44.57
C ASP C 1202 11.20 -31.55 -44.17
N LEU C 1203 11.19 -30.49 -43.37
CA LEU C 1203 9.94 -30.00 -42.81
C LEU C 1203 9.04 -29.46 -43.91
N PRO C 1204 7.72 -29.46 -43.70
CA PRO C 1204 6.82 -28.98 -44.75
C PRO C 1204 7.00 -27.50 -45.01
N THR C 1205 6.68 -27.09 -46.23
CA THR C 1205 6.88 -25.71 -46.64
C THR C 1205 5.92 -24.76 -45.92
N SER C 1206 4.75 -25.25 -45.52
CA SER C 1206 3.75 -24.37 -44.93
C SER C 1206 4.25 -23.72 -43.66
N GLY C 1207 5.12 -24.41 -42.92
CA GLY C 1207 5.42 -24.02 -41.56
C GLY C 1207 4.47 -24.59 -40.54
N GLN C 1208 3.44 -25.32 -40.97
CA GLN C 1208 2.47 -25.94 -40.09
C GLN C 1208 2.60 -27.46 -40.15
N ILE C 1209 2.35 -28.10 -39.01
CA ILE C 1209 2.39 -29.55 -38.88
C ILE C 1209 1.10 -29.99 -38.22
N ARG C 1210 0.70 -31.23 -38.46
CA ARG C 1210 -0.42 -31.78 -37.71
C ARG C 1210 0.02 -32.08 -36.29
N LEU C 1211 -0.77 -31.63 -35.33
CA LEU C 1211 -0.51 -31.87 -33.92
C LEU C 1211 -1.60 -32.79 -33.38
N TYR C 1212 -1.19 -33.83 -32.67
CA TYR C 1212 -2.13 -34.68 -31.97
C TYR C 1212 -2.41 -34.11 -30.59
N ASP C 1213 -3.60 -34.35 -30.09
CA ASP C 1213 -4.00 -33.88 -28.78
C ASP C 1213 -3.57 -34.91 -27.74
N GLY C 1214 -2.71 -34.50 -26.82
CA GLY C 1214 -2.13 -35.44 -25.89
C GLY C 1214 -3.17 -36.11 -25.01
N ARG C 1215 -4.13 -35.33 -24.51
CA ARG C 1215 -5.04 -35.86 -23.50
C ARG C 1215 -5.93 -36.97 -24.05
N THR C 1216 -6.41 -36.82 -25.28
CA THR C 1216 -7.27 -37.84 -25.88
C THR C 1216 -6.51 -38.79 -26.80
N GLY C 1217 -5.60 -38.27 -27.61
CA GLY C 1217 -4.95 -39.06 -28.62
C GLY C 1217 -5.59 -39.03 -29.98
N GLU C 1218 -6.44 -38.04 -30.25
CA GLU C 1218 -6.98 -37.82 -31.57
C GLU C 1218 -6.13 -36.80 -32.30
N GLN C 1219 -6.55 -36.47 -33.52
CA GLN C 1219 -5.86 -35.50 -34.35
C GLN C 1219 -6.59 -34.17 -34.28
N PHE C 1220 -5.84 -33.09 -34.09
CA PHE C 1220 -6.38 -31.77 -34.34
C PHE C 1220 -6.57 -31.61 -35.84
N GLU C 1221 -7.81 -31.43 -36.29
CA GLU C 1221 -8.01 -30.99 -37.66
C GLU C 1221 -7.49 -29.57 -37.80
N ARG C 1222 -7.48 -29.05 -39.01
CA ARG C 1222 -6.98 -27.69 -39.21
C ARG C 1222 -5.53 -27.65 -38.75
N PRO C 1223 -4.58 -28.20 -39.52
CA PRO C 1223 -3.18 -28.27 -39.07
C PRO C 1223 -2.67 -26.97 -38.47
N VAL C 1224 -1.71 -27.06 -37.56
CA VAL C 1224 -1.36 -25.96 -36.67
C VAL C 1224 0.11 -25.59 -36.82
N THR C 1225 0.43 -24.32 -36.58
CA THR C 1225 1.80 -23.85 -36.64
C THR C 1225 2.62 -24.45 -35.49
N VAL C 1226 3.92 -24.62 -35.73
CA VAL C 1226 4.88 -25.07 -34.72
C VAL C 1226 6.26 -24.54 -35.08
N GLY C 1227 6.84 -23.71 -34.24
CA GLY C 1227 8.19 -23.24 -34.51
C GLY C 1227 8.95 -22.90 -33.26
N TYR C 1228 9.98 -22.06 -33.35
CA TYR C 1228 10.85 -21.77 -32.21
C TYR C 1228 10.91 -20.28 -31.94
N MET C 1229 9.94 -19.79 -31.18
CA MET C 1229 9.88 -18.38 -30.86
C MET C 1229 10.71 -18.13 -29.61
N TYR C 1230 11.73 -17.29 -29.74
CA TYR C 1230 12.71 -17.08 -28.69
C TYR C 1230 12.09 -16.24 -27.59
N MET C 1231 11.59 -16.88 -26.54
CA MET C 1231 10.79 -16.20 -25.52
C MET C 1231 11.64 -15.78 -24.34
N LEU C 1232 11.27 -14.66 -23.74
CA LEU C 1232 11.94 -14.09 -22.59
C LEU C 1232 11.21 -14.49 -21.31
N LYS C 1233 11.74 -14.07 -20.17
CA LYS C 1233 11.07 -14.21 -18.87
C LYS C 1233 11.24 -12.88 -18.14
N LEU C 1234 10.34 -11.92 -18.38
CA LEU C 1234 10.48 -10.63 -17.75
C LEU C 1234 10.39 -10.77 -16.24
N ASN C 1235 11.06 -9.88 -15.53
CA ASN C 1235 11.18 -9.99 -14.08
C ASN C 1235 10.00 -9.34 -13.38
N HIS C 1236 8.80 -9.75 -13.75
CA HIS C 1236 7.60 -9.51 -12.95
C HIS C 1236 7.21 -10.88 -12.41
N LEU C 1237 7.86 -11.26 -11.33
CA LEU C 1237 7.74 -12.58 -10.76
C LEU C 1237 6.62 -12.59 -9.74
N VAL C 1238 5.82 -13.64 -9.75
CA VAL C 1238 4.60 -13.64 -8.96
C VAL C 1238 4.92 -13.51 -7.48
N ASP C 1239 5.95 -14.23 -7.02
CA ASP C 1239 6.25 -14.24 -5.59
C ASP C 1239 6.95 -12.98 -5.11
N ASP C 1240 7.21 -12.02 -6.00
CA ASP C 1240 7.48 -10.65 -5.59
C ASP C 1240 6.24 -9.76 -5.67
N LYS C 1241 5.15 -10.25 -6.27
CA LYS C 1241 3.91 -9.51 -6.37
C LYS C 1241 2.93 -9.87 -5.26
N MET C 1242 2.62 -11.14 -5.09
CA MET C 1242 1.62 -11.53 -4.12
C MET C 1242 2.03 -11.06 -2.73
N HIS C 1243 1.05 -10.58 -1.96
CA HIS C 1243 1.32 -10.07 -0.62
C HIS C 1243 0.04 -10.16 0.20
N ALA C 1244 -0.06 -11.19 1.04
CA ALA C 1244 -1.23 -11.35 1.89
C ALA C 1244 -1.14 -10.43 3.10
N ARG C 1245 -2.19 -10.45 3.92
CA ARG C 1245 -2.25 -9.62 5.09
C ARG C 1245 -3.48 -9.98 5.91
N SER C 1246 -3.32 -10.31 7.20
CA SER C 1246 -4.47 -10.46 8.09
C SER C 1246 -4.43 -9.46 9.24
N THR C 1247 -3.39 -9.46 10.06
CA THR C 1247 -3.27 -8.51 11.16
C THR C 1247 -1.82 -8.14 11.40
N GLY C 1248 -1.07 -7.86 10.33
CA GLY C 1248 0.33 -7.58 10.45
C GLY C 1248 0.62 -6.27 11.20
N SER C 1249 1.86 -5.83 11.08
CA SER C 1249 2.30 -4.61 11.73
C SER C 1249 1.51 -3.40 11.21
N TYR C 1250 1.12 -2.53 12.13
CA TYR C 1250 0.32 -1.36 11.83
C TYR C 1250 1.21 -0.14 11.62
N SER C 1251 0.59 1.01 11.38
CA SER C 1251 1.30 2.24 11.06
C SER C 1251 1.67 2.99 12.32
N LEU C 1252 2.37 4.11 12.14
CA LEU C 1252 2.84 4.91 13.27
C LEU C 1252 1.74 5.85 13.78
N VAL C 1253 1.35 6.80 12.95
CA VAL C 1253 0.43 7.86 13.35
C VAL C 1253 -0.96 7.68 12.74
N THR C 1254 -1.01 7.25 11.48
CA THR C 1254 -2.30 6.92 10.88
C THR C 1254 -2.95 5.73 11.59
N GLN C 1255 -2.15 4.86 12.19
CA GLN C 1255 -2.60 3.67 12.90
C GLN C 1255 -3.37 2.73 12.00
N GLN C 1256 -3.25 2.87 10.68
CA GLN C 1256 -3.80 1.89 9.77
C GLN C 1256 -2.79 0.77 9.57
N PRO C 1257 -3.23 -0.37 9.04
CA PRO C 1257 -2.28 -1.42 8.67
C PRO C 1257 -1.16 -0.84 7.81
N LEU C 1258 0.07 -1.23 8.13
CA LEU C 1258 1.21 -0.66 7.43
C LEU C 1258 1.15 -1.03 5.95
N GLY C 1259 1.34 -0.03 5.10
CA GLY C 1259 1.28 -0.22 3.66
C GLY C 1259 2.68 -0.40 3.07
N GLY C 1260 2.74 -1.10 1.95
CA GLY C 1260 4.00 -1.34 1.28
C GLY C 1260 4.35 -2.82 1.26
N LYS C 1261 4.76 -3.32 0.09
CA LYS C 1261 5.15 -4.72 -0.02
C LYS C 1261 6.36 -5.04 0.85
N ALA C 1262 7.22 -4.05 1.07
CA ALA C 1262 8.43 -4.25 1.86
C ALA C 1262 8.15 -4.41 3.35
N GLN C 1263 6.91 -4.20 3.79
CA GLN C 1263 6.57 -4.35 5.20
C GLN C 1263 5.23 -5.05 5.39
N PHE C 1264 4.90 -6.01 4.52
CA PHE C 1264 3.74 -6.88 4.71
C PHE C 1264 2.43 -6.10 4.60
N GLY C 1265 2.28 -5.36 3.50
CA GLY C 1265 1.19 -4.42 3.37
C GLY C 1265 0.00 -4.94 2.59
N GLY C 1266 -1.19 -4.48 3.00
CA GLY C 1266 -2.42 -4.86 2.34
C GLY C 1266 -2.88 -3.85 1.31
N GLN C 1267 -3.64 -4.33 0.33
CA GLN C 1267 -3.99 -3.49 -0.81
C GLN C 1267 -4.76 -2.27 -0.35
N ARG C 1268 -4.45 -1.13 -0.98
CA ARG C 1268 -5.01 0.15 -0.60
C ARG C 1268 -6.46 0.27 -1.07
N PHE C 1269 -7.33 0.67 -0.16
CA PHE C 1269 -8.75 0.80 -0.44
C PHE C 1269 -9.05 2.26 -0.73
N GLY C 1270 -8.70 2.67 -1.95
CA GLY C 1270 -8.82 4.06 -2.35
C GLY C 1270 -10.25 4.48 -2.55
N GLU C 1271 -10.41 5.76 -2.90
CA GLU C 1271 -11.75 6.34 -2.96
C GLU C 1271 -12.62 5.61 -3.97
N MET C 1272 -12.10 5.40 -5.19
CA MET C 1272 -12.93 4.87 -6.26
C MET C 1272 -13.52 3.52 -5.88
N GLU C 1273 -12.83 2.73 -5.06
CA GLU C 1273 -13.44 1.52 -4.56
C GLU C 1273 -14.55 1.83 -3.58
N VAL C 1274 -14.45 2.93 -2.82
CA VAL C 1274 -15.54 3.31 -1.93
C VAL C 1274 -16.78 3.64 -2.73
N TRP C 1275 -16.62 4.36 -3.83
CA TRP C 1275 -17.76 4.56 -4.72
C TRP C 1275 -18.28 3.24 -5.24
N ALA C 1276 -17.37 2.34 -5.61
CA ALA C 1276 -17.80 1.05 -6.14
C ALA C 1276 -18.69 0.31 -5.16
N LEU C 1277 -18.37 0.39 -3.88
CA LEU C 1277 -19.24 -0.23 -2.88
C LEU C 1277 -20.53 0.54 -2.70
N GLU C 1278 -20.46 1.87 -2.74
CA GLU C 1278 -21.68 2.66 -2.56
C GLU C 1278 -22.70 2.35 -3.65
N ALA C 1279 -22.23 2.15 -4.88
CA ALA C 1279 -23.15 1.83 -5.97
C ALA C 1279 -23.96 0.59 -5.64
N TYR C 1280 -23.28 -0.46 -5.22
CA TYR C 1280 -23.99 -1.56 -4.61
C TYR C 1280 -24.66 -1.09 -3.33
N GLY C 1281 -25.72 -1.77 -2.96
CA GLY C 1281 -26.28 -1.46 -1.67
C GLY C 1281 -25.37 -1.78 -0.51
N ALA C 1282 -24.32 -2.56 -0.75
CA ALA C 1282 -23.49 -3.08 0.32
C ALA C 1282 -22.95 -1.94 1.16
N ALA C 1283 -23.34 -1.92 2.43
CA ALA C 1283 -22.99 -0.85 3.34
C ALA C 1283 -22.14 -1.34 4.50
N TYR C 1284 -22.52 -2.46 5.12
CA TYR C 1284 -21.75 -2.96 6.25
C TYR C 1284 -20.32 -3.26 5.83
N THR C 1285 -20.14 -3.84 4.65
CA THR C 1285 -18.77 -4.12 4.20
C THR C 1285 -17.98 -2.83 4.03
N LEU C 1286 -18.61 -1.76 3.53
CA LEU C 1286 -17.91 -0.49 3.46
C LEU C 1286 -17.65 0.05 4.86
N GLN C 1287 -18.67 0.02 5.72
CA GLN C 1287 -18.52 0.57 7.05
C GLN C 1287 -17.42 -0.15 7.81
N GLU C 1288 -17.17 -1.41 7.47
CA GLU C 1288 -16.10 -2.19 8.09
C GLU C 1288 -14.77 -2.00 7.38
N MET C 1289 -14.77 -1.70 6.08
CA MET C 1289 -13.52 -1.32 5.43
C MET C 1289 -13.03 0.01 5.96
N LEU C 1290 -13.91 0.85 6.47
CA LEU C 1290 -13.50 2.17 6.94
C LEU C 1290 -13.11 2.19 8.42
N THR C 1291 -13.80 1.43 9.26
CA THR C 1291 -13.68 1.56 10.71
C THR C 1291 -13.05 0.33 11.38
N VAL C 1292 -13.64 -0.84 11.23
CA VAL C 1292 -13.20 -2.00 11.99
C VAL C 1292 -12.00 -2.68 11.37
N LYS C 1293 -11.48 -2.18 10.26
CA LYS C 1293 -10.28 -2.72 9.65
C LYS C 1293 -9.33 -1.63 9.21
N SER C 1294 -9.52 -0.39 9.66
CA SER C 1294 -8.59 0.69 9.41
C SER C 1294 -7.95 1.19 10.69
N ASP C 1295 -8.73 1.71 11.64
CA ASP C 1295 -8.17 2.38 12.81
C ASP C 1295 -8.81 1.99 14.14
N ASP C 1296 -10.02 1.46 14.16
CA ASP C 1296 -10.75 1.24 15.41
C ASP C 1296 -10.07 0.12 16.19
N VAL C 1297 -9.25 0.49 17.18
CA VAL C 1297 -8.55 -0.51 17.97
C VAL C 1297 -9.53 -1.33 18.77
N ASN C 1298 -10.48 -0.69 19.46
CA ASN C 1298 -11.48 -1.43 20.19
C ASN C 1298 -12.32 -2.27 19.25
N GLY C 1299 -12.74 -1.70 18.13
CA GLY C 1299 -13.49 -2.46 17.15
C GLY C 1299 -12.68 -3.61 16.58
N ARG C 1300 -11.40 -3.36 16.29
CA ARG C 1300 -10.54 -4.42 15.78
C ARG C 1300 -10.48 -5.58 16.76
N THR C 1301 -10.19 -5.28 18.04
CA THR C 1301 -10.09 -6.34 19.02
C THR C 1301 -11.41 -7.06 19.20
N LYS C 1302 -12.51 -6.32 19.28
CA LYS C 1302 -13.81 -6.95 19.46
C LYS C 1302 -14.15 -7.87 18.29
N MET C 1303 -13.87 -7.41 17.06
CA MET C 1303 -14.14 -8.24 15.90
C MET C 1303 -13.27 -9.49 15.92
N TYR C 1304 -12.01 -9.34 16.31
CA TYR C 1304 -11.15 -10.53 16.40
C TYR C 1304 -11.69 -11.52 17.42
N LYS C 1305 -12.15 -11.01 18.58
CA LYS C 1305 -12.75 -11.87 19.58
C LYS C 1305 -13.94 -12.62 18.99
N ASN C 1306 -14.82 -11.90 18.30
CA ASN C 1306 -16.02 -12.52 17.76
C ASN C 1306 -15.66 -13.58 16.72
N ILE C 1307 -14.66 -13.30 15.88
CA ILE C 1307 -14.29 -14.26 14.84
C ILE C 1307 -13.70 -15.52 15.47
N VAL C 1308 -12.75 -15.37 16.40
CA VAL C 1308 -12.19 -16.55 17.02
C VAL C 1308 -13.22 -17.25 17.88
N ASP C 1309 -14.07 -16.49 18.58
CA ASP C 1309 -15.12 -17.10 19.38
C ASP C 1309 -16.20 -17.76 18.53
N GLY C 1310 -16.20 -17.53 17.22
CA GLY C 1310 -17.18 -18.14 16.34
C GLY C 1310 -18.42 -17.32 16.10
N ASN C 1311 -18.40 -16.02 16.42
CA ASN C 1311 -19.52 -15.13 16.18
C ASN C 1311 -19.13 -14.12 15.11
N HIS C 1312 -19.96 -14.01 14.08
CA HIS C 1312 -19.72 -13.10 12.97
C HIS C 1312 -20.60 -11.87 13.20
N GLN C 1313 -20.02 -10.82 13.78
CA GLN C 1313 -20.83 -9.67 14.15
C GLN C 1313 -19.95 -8.46 14.43
N MET C 1314 -20.24 -7.36 13.75
CA MET C 1314 -19.66 -6.08 14.08
C MET C 1314 -20.38 -5.52 15.30
N GLU C 1315 -19.85 -4.46 15.89
CA GLU C 1315 -20.46 -3.84 17.06
C GLU C 1315 -21.12 -2.53 16.63
N PRO C 1316 -22.45 -2.43 16.62
CA PRO C 1316 -23.07 -1.19 16.14
C PRO C 1316 -22.74 -0.03 17.06
N GLY C 1317 -22.38 1.09 16.46
CA GLY C 1317 -22.00 2.26 17.20
C GLY C 1317 -21.17 3.17 16.32
N MET C 1318 -21.24 4.46 16.62
CA MET C 1318 -20.51 5.43 15.84
C MET C 1318 -19.00 5.18 15.99
N PRO C 1319 -18.22 5.22 14.92
CA PRO C 1319 -16.77 5.10 15.06
C PRO C 1319 -16.22 6.21 15.95
N GLU C 1320 -15.20 5.85 16.73
CA GLU C 1320 -14.59 6.82 17.64
C GLU C 1320 -14.01 8.02 16.92
N SER C 1321 -13.75 7.92 15.61
CA SER C 1321 -13.29 9.08 14.86
C SER C 1321 -14.31 10.21 14.95
N PHE C 1322 -15.60 9.87 14.91
CA PHE C 1322 -16.61 10.89 15.12
C PHE C 1322 -16.44 11.56 16.46
N ASN C 1323 -16.16 10.78 17.51
CA ASN C 1323 -16.01 11.35 18.84
C ASN C 1323 -14.80 12.25 18.92
N VAL C 1324 -13.69 11.85 18.28
CA VAL C 1324 -12.50 12.70 18.24
C VAL C 1324 -12.81 14.00 17.53
N LEU C 1325 -13.50 13.93 16.40
CA LEU C 1325 -13.85 15.16 15.69
C LEU C 1325 -14.77 16.03 16.53
N LEU C 1326 -15.70 15.40 17.24
CA LEU C 1326 -16.65 16.15 18.05
C LEU C 1326 -15.93 16.92 19.14
N LYS C 1327 -15.00 16.25 19.83
CA LYS C 1327 -14.23 16.94 20.85
C LYS C 1327 -13.33 18.00 20.25
N GLU C 1328 -12.80 17.76 19.05
CA GLU C 1328 -12.02 18.78 18.36
C GLU C 1328 -12.83 20.04 18.16
N ILE C 1329 -14.05 19.90 17.64
CA ILE C 1329 -14.89 21.06 17.42
C ILE C 1329 -15.24 21.71 18.75
N ARG C 1330 -15.58 20.91 19.76
CA ARG C 1330 -15.93 21.46 21.06
C ARG C 1330 -14.76 22.21 21.69
N SER C 1331 -13.52 21.89 21.31
CA SER C 1331 -12.40 22.73 21.71
C SER C 1331 -12.66 24.18 21.33
N LEU C 1332 -13.08 24.39 20.09
CA LEU C 1332 -13.62 25.69 19.71
C LEU C 1332 -14.98 25.87 20.34
N GLY C 1333 -15.36 27.13 20.54
CA GLY C 1333 -16.64 27.42 21.15
C GLY C 1333 -17.78 27.15 20.19
N ILE C 1334 -18.00 25.89 19.87
CA ILE C 1334 -19.04 25.47 18.93
C ILE C 1334 -19.81 24.33 19.57
N ASN C 1335 -21.14 24.45 19.59
CA ASN C 1335 -21.96 23.46 20.27
C ASN C 1335 -21.79 22.08 19.66
N ILE C 1336 -21.93 21.98 18.34
CA ILE C 1336 -21.74 20.76 17.56
C ILE C 1336 -22.44 19.58 18.23
N GLU C 1337 -23.67 19.78 18.68
CA GLU C 1337 -24.41 18.74 19.37
C GLU C 1337 -24.97 17.73 18.36
N LEU C 1338 -25.50 16.64 18.90
CA LEU C 1338 -26.17 15.62 18.11
C LEU C 1338 -27.66 15.92 18.07
N GLU C 1339 -28.45 14.99 17.53
CA GLU C 1339 -29.90 15.15 17.44
C GLU C 1339 -30.53 13.79 17.75
N ASP C 1340 -31.80 13.65 17.37
CA ASP C 1340 -32.57 12.41 17.48
C ASP C 1340 -31.74 11.16 17.22
N GLU D 1 -26.66 5.36 15.78
CA GLU D 1 -27.51 5.89 16.84
C GLU D 1 -27.49 7.41 16.81
N PHE D 2 -27.49 7.98 15.61
CA PHE D 2 -27.18 9.39 15.45
C PHE D 2 -27.88 9.92 14.20
N ASP D 3 -28.98 10.63 14.39
CA ASP D 3 -29.68 11.29 13.29
C ASP D 3 -28.94 12.57 12.95
N ALA D 4 -29.59 13.47 12.19
CA ALA D 4 -28.92 14.64 11.62
C ALA D 4 -28.07 15.37 12.64
N ILE D 5 -27.05 16.06 12.15
CA ILE D 5 -26.05 16.71 12.98
C ILE D 5 -26.38 18.19 13.08
N LYS D 6 -26.10 18.79 14.23
CA LYS D 6 -26.37 20.19 14.50
C LYS D 6 -25.09 20.88 14.95
N ILE D 7 -24.89 22.10 14.45
CA ILE D 7 -23.73 22.91 14.78
C ILE D 7 -24.23 24.31 15.16
N ALA D 8 -23.69 24.86 16.23
CA ALA D 8 -24.12 26.17 16.69
C ALA D 8 -23.02 26.79 17.54
N LEU D 9 -23.09 28.12 17.67
CA LEU D 9 -22.17 28.84 18.55
C LEU D 9 -22.39 28.40 19.98
N ALA D 10 -21.28 28.12 20.68
CA ALA D 10 -21.36 27.54 22.02
C ALA D 10 -21.55 28.63 23.07
N SER D 11 -22.48 28.42 23.96
CA SER D 11 -22.67 29.32 25.09
C SER D 11 -21.63 29.02 26.17
N PRO D 12 -21.22 30.03 26.95
CA PRO D 12 -20.24 29.75 28.02
C PRO D 12 -20.69 28.66 28.98
N ASP D 13 -21.98 28.66 29.34
CA ASP D 13 -22.48 27.60 30.20
C ASP D 13 -22.37 26.25 29.52
N MET D 14 -22.56 26.20 28.20
CA MET D 14 -22.36 24.95 27.48
C MET D 14 -20.92 24.48 27.63
N ILE D 15 -19.97 25.39 27.47
CA ILE D 15 -18.56 25.04 27.58
C ILE D 15 -18.26 24.50 28.97
N ARG D 16 -18.70 25.21 30.00
CA ARG D 16 -18.44 24.73 31.35
C ARG D 16 -19.17 23.42 31.62
N SER D 17 -20.29 23.18 30.94
CA SER D 17 -20.97 21.90 31.01
C SER D 17 -20.22 20.80 30.27
N TRP D 18 -19.26 21.16 29.43
CA TRP D 18 -18.38 20.17 28.80
C TRP D 18 -17.11 19.93 29.61
N SER D 19 -17.18 19.99 30.94
CA SER D 19 -16.00 19.74 31.75
C SER D 19 -16.40 19.22 33.12
N PHE D 20 -15.47 18.50 33.75
CA PHE D 20 -15.60 18.08 35.14
C PHE D 20 -15.08 19.14 36.10
N GLY D 21 -14.06 19.89 35.69
CA GLY D 21 -13.47 20.94 36.49
C GLY D 21 -12.71 21.89 35.60
N GLU D 22 -12.18 22.95 36.22
CA GLU D 22 -11.48 24.02 35.53
C GLU D 22 -10.00 23.95 35.80
N VAL D 23 -9.19 24.11 34.77
CA VAL D 23 -7.76 24.26 34.92
C VAL D 23 -7.46 25.65 35.45
N LYS D 24 -6.46 25.76 36.34
CA LYS D 24 -6.13 27.04 36.96
C LYS D 24 -4.63 27.26 37.11
N LYS D 25 -3.78 26.38 36.58
CA LYS D 25 -2.34 26.50 36.78
C LYS D 25 -1.63 25.92 35.56
N PRO D 26 -0.71 26.66 34.92
CA PRO D 26 0.06 26.07 33.82
C PRO D 26 1.24 25.28 34.36
N GLU D 27 1.14 23.96 34.28
CA GLU D 27 2.20 23.06 34.71
C GLU D 27 2.06 21.76 33.95
N THR D 28 3.19 21.11 33.67
CA THR D 28 3.22 19.89 32.87
C THR D 28 3.56 18.66 33.69
N ILE D 29 4.73 18.66 34.35
CA ILE D 29 5.14 17.55 35.20
C ILE D 29 6.04 18.09 36.29
N ASN D 30 6.45 17.22 37.20
CA ASN D 30 7.36 17.65 38.27
C ASN D 30 8.67 18.16 37.73
N TYR D 31 9.27 17.42 36.79
CA TYR D 31 10.66 17.40 36.36
C TYR D 31 11.55 16.68 37.37
N ARG D 32 11.04 16.35 38.56
CA ARG D 32 11.65 15.37 39.45
C ARG D 32 10.91 14.04 39.38
N THR D 33 9.63 14.03 39.74
CA THR D 33 8.73 12.91 39.56
C THR D 33 7.84 13.16 38.35
N PHE D 34 6.81 12.34 38.19
CA PHE D 34 5.79 12.53 37.18
C PHE D 34 4.64 13.39 37.68
N LYS D 35 4.87 14.19 38.73
CA LYS D 35 3.88 15.02 39.41
C LYS D 35 3.01 15.81 38.44
N PRO D 36 1.73 15.45 38.27
CA PRO D 36 0.80 16.33 37.55
C PRO D 36 0.28 17.42 38.46
N GLU D 37 1.00 18.55 38.50
CA GLU D 37 0.70 19.64 39.41
C GLU D 37 -0.79 19.95 39.45
N ARG D 38 -1.30 20.22 40.64
CA ARG D 38 -2.72 20.44 40.81
C ARG D 38 -3.17 21.61 39.96
N ASP D 39 -4.33 21.46 39.33
CA ASP D 39 -4.81 22.41 38.33
C ASP D 39 -3.81 22.59 37.20
N GLY D 40 -3.00 21.57 36.95
CA GLY D 40 -2.03 21.63 35.87
C GLY D 40 -2.67 21.46 34.50
N LEU D 41 -1.87 21.73 33.47
CA LEU D 41 -2.35 21.58 32.11
C LEU D 41 -2.71 20.14 31.78
N PHE D 42 -2.21 19.18 32.58
CA PHE D 42 -2.57 17.77 32.47
C PHE D 42 -3.09 17.27 33.81
N CYS D 43 -3.93 18.09 34.46
CA CYS D 43 -4.37 17.80 35.81
C CYS D 43 -5.12 16.47 35.88
N ALA D 44 -4.79 15.69 36.91
CA ALA D 44 -5.37 14.35 37.02
C ALA D 44 -6.88 14.41 37.23
N ARG D 45 -7.33 15.29 38.12
CA ARG D 45 -8.75 15.33 38.46
C ARG D 45 -9.59 16.01 37.40
N ILE D 46 -8.98 16.80 36.51
CA ILE D 46 -9.73 17.43 35.42
C ILE D 46 -9.79 16.54 34.19
N PHE D 47 -8.78 15.70 33.98
CA PHE D 47 -8.69 14.87 32.79
C PHE D 47 -8.80 13.38 33.07
N GLY D 48 -8.14 12.88 34.11
CA GLY D 48 -8.23 11.48 34.47
C GLY D 48 -6.96 10.96 35.10
N PRO D 49 -6.90 9.67 35.36
CA PRO D 49 -5.69 9.09 35.94
C PRO D 49 -4.65 8.80 34.88
N VAL D 50 -3.39 9.09 35.22
CA VAL D 50 -2.31 8.91 34.25
C VAL D 50 -2.14 7.43 33.92
N LYS D 51 -2.35 6.54 34.90
CA LYS D 51 -2.27 5.11 34.71
C LYS D 51 -3.61 4.46 35.02
N ASP D 52 -3.88 3.35 34.34
CA ASP D 52 -5.21 2.78 34.30
C ASP D 52 -5.67 2.32 35.68
N TYR D 53 -6.88 2.71 36.05
CA TYR D 53 -7.52 2.28 37.29
C TYR D 53 -6.60 2.54 38.50
N GLU D 54 -6.10 3.78 38.59
CA GLU D 54 -5.22 4.17 39.67
C GLU D 54 -5.60 5.55 40.16
N CYS D 55 -5.22 5.84 41.40
CA CYS D 55 -5.26 7.20 41.94
C CYS D 55 -3.84 7.71 42.10
N LEU D 56 -3.63 8.99 41.81
CA LEU D 56 -2.30 9.58 41.93
C LEU D 56 -1.74 9.36 43.33
N CYS D 57 -2.60 9.45 44.35
CA CYS D 57 -2.18 9.11 45.69
C CYS D 57 -1.79 7.65 45.82
N GLY D 58 -2.29 6.79 44.94
CA GLY D 58 -1.98 5.37 45.01
C GLY D 58 -2.77 4.59 46.02
N LYS D 59 -3.81 5.20 46.61
CA LYS D 59 -4.60 4.51 47.62
C LYS D 59 -5.22 3.23 47.04
N TYR D 60 -6.06 3.38 46.03
CA TYR D 60 -6.74 2.25 45.42
C TYR D 60 -5.91 1.71 44.27
N LYS D 61 -6.14 0.44 43.91
CA LYS D 61 -5.24 -0.27 43.00
C LYS D 61 -6.00 -1.19 42.04
N ARG D 62 -6.27 -0.63 40.86
CA ARG D 62 -6.41 -1.32 39.58
C ARG D 62 -7.69 -2.11 39.31
N LEU D 63 -8.49 -2.45 40.32
CA LEU D 63 -9.90 -2.71 40.04
C LEU D 63 -10.82 -2.39 41.21
N LYS D 64 -10.30 -2.48 42.42
CA LYS D 64 -11.15 -2.68 43.58
C LYS D 64 -12.11 -1.52 43.78
N HIS D 65 -11.57 -0.31 43.82
CA HIS D 65 -12.36 0.91 43.98
C HIS D 65 -12.56 1.57 42.62
N ARG D 66 -13.11 0.79 41.69
CA ARG D 66 -13.28 1.26 40.33
C ARG D 66 -14.27 2.42 40.29
N GLY D 67 -13.98 3.39 39.43
CA GLY D 67 -14.84 4.56 39.29
C GLY D 67 -15.01 5.35 40.58
N VAL D 68 -13.99 5.33 41.44
CA VAL D 68 -14.02 6.07 42.70
C VAL D 68 -13.16 7.32 42.55
N ILE D 69 -13.69 8.44 43.03
CA ILE D 69 -12.92 9.66 43.13
C ILE D 69 -12.15 9.61 44.44
N CYS D 70 -10.84 9.46 44.37
CA CYS D 70 -10.03 9.35 45.59
C CYS D 70 -10.26 10.56 46.47
N GLU D 71 -10.67 10.33 47.71
CA GLU D 71 -10.99 11.45 48.60
C GLU D 71 -9.80 12.35 48.83
N LYS D 72 -8.58 11.83 48.64
CA LYS D 72 -7.38 12.60 48.92
C LYS D 72 -6.90 13.35 47.68
N CYS D 73 -6.60 12.62 46.61
CA CYS D 73 -6.15 13.25 45.37
C CYS D 73 -7.30 13.67 44.47
N GLY D 74 -8.53 13.27 44.78
CA GLY D 74 -9.69 13.74 44.02
C GLY D 74 -9.72 13.28 42.58
N VAL D 75 -9.41 12.01 42.33
CA VAL D 75 -9.30 11.49 40.97
C VAL D 75 -10.13 10.22 40.84
N GLU D 76 -10.94 10.15 39.78
CA GLU D 76 -11.69 8.96 39.45
C GLU D 76 -10.75 7.77 39.28
N VAL D 77 -11.29 6.57 39.48
CA VAL D 77 -10.57 5.34 39.16
C VAL D 77 -11.19 4.73 37.90
N THR D 78 -10.64 5.06 36.74
CA THR D 78 -11.07 4.49 35.47
C THR D 78 -9.85 4.33 34.58
N GLN D 79 -10.07 3.84 33.37
CA GLN D 79 -8.98 3.58 32.46
C GLN D 79 -8.33 4.89 32.02
N THR D 80 -7.06 4.82 31.65
CA THR D 80 -6.37 6.00 31.17
C THR D 80 -7.03 6.56 29.91
N LYS D 81 -7.72 5.71 29.14
CA LYS D 81 -8.39 6.18 27.93
C LYS D 81 -9.50 7.18 28.23
N VAL D 82 -10.01 7.20 29.47
CA VAL D 82 -10.99 8.22 29.84
C VAL D 82 -10.36 9.60 29.73
N ARG D 83 -9.03 9.69 29.86
CA ARG D 83 -8.33 10.94 29.67
C ARG D 83 -8.48 11.48 28.24
N ARG D 84 -8.85 10.63 27.29
CA ARG D 84 -8.92 11.04 25.90
C ARG D 84 -10.07 11.99 25.61
N GLU D 85 -11.16 11.95 26.38
CA GLU D 85 -12.36 12.71 26.07
C GLU D 85 -12.74 13.75 27.11
N ARG D 86 -12.22 13.67 28.33
CA ARG D 86 -12.62 14.59 29.38
C ARG D 86 -12.11 15.99 29.04
N MET D 87 -13.01 16.84 28.55
CA MET D 87 -12.66 18.19 28.20
C MET D 87 -12.49 19.05 29.44
N GLY D 88 -11.73 20.13 29.30
CA GLY D 88 -11.58 21.12 30.36
C GLY D 88 -11.94 22.50 29.84
N HIS D 89 -11.72 23.48 30.70
CA HIS D 89 -12.03 24.86 30.33
C HIS D 89 -11.20 25.82 31.18
N ILE D 90 -10.80 26.93 30.57
CA ILE D 90 -10.10 28.01 31.24
C ILE D 90 -11.04 29.21 31.26
N GLU D 91 -11.39 29.66 32.46
CA GLU D 91 -12.21 30.85 32.58
C GLU D 91 -11.37 32.08 32.26
N LEU D 92 -11.86 32.92 31.35
CA LEU D 92 -11.12 34.11 30.95
C LEU D 92 -11.35 35.22 31.96
N ALA D 93 -10.28 35.98 32.25
CA ALA D 93 -10.40 37.11 33.16
C ALA D 93 -11.35 38.17 32.60
N SER D 94 -11.27 38.42 31.31
CA SER D 94 -12.13 39.36 30.61
C SER D 94 -12.67 38.70 29.36
N PRO D 95 -13.81 39.15 28.84
CA PRO D 95 -14.30 38.62 27.56
C PRO D 95 -13.27 38.85 26.46
N THR D 96 -13.13 37.86 25.59
CA THR D 96 -12.12 37.87 24.53
C THR D 96 -12.77 37.42 23.24
N ALA D 97 -12.56 38.20 22.18
CA ALA D 97 -13.23 37.94 20.92
C ALA D 97 -12.72 36.65 20.28
N HIS D 98 -13.63 35.97 19.59
CA HIS D 98 -13.30 34.77 18.84
C HIS D 98 -12.92 35.17 17.41
N ILE D 99 -11.70 34.84 17.01
CA ILE D 99 -11.19 35.33 15.73
C ILE D 99 -11.99 34.78 14.56
N TRP D 100 -12.47 33.54 14.68
CA TRP D 100 -13.11 32.88 13.54
C TRP D 100 -14.30 33.69 13.03
N PHE D 101 -15.15 34.14 13.94
CA PHE D 101 -16.27 34.96 13.54
C PHE D 101 -15.85 36.39 13.23
N LEU D 102 -14.65 36.79 13.66
CA LEU D 102 -14.12 38.10 13.30
C LEU D 102 -13.58 38.12 11.87
N LYS D 103 -13.01 37.00 11.41
CA LYS D 103 -12.31 36.93 10.14
C LYS D 103 -12.81 35.75 9.31
N SER D 104 -14.14 35.61 9.21
CA SER D 104 -14.67 34.60 8.32
C SER D 104 -14.49 34.98 6.86
N LEU D 105 -14.33 36.26 6.55
CA LEU D 105 -14.01 36.73 5.21
C LEU D 105 -15.07 36.29 4.21
N PRO D 106 -16.25 36.91 4.19
CA PRO D 106 -16.65 38.13 4.92
C PRO D 106 -16.91 37.88 6.39
N SER D 107 -16.51 38.80 7.26
CA SER D 107 -16.70 38.60 8.69
C SER D 107 -18.19 38.53 9.01
N ARG D 108 -18.57 37.54 9.83
CA ARG D 108 -19.95 37.47 10.29
C ARG D 108 -20.21 38.53 11.36
N ILE D 109 -19.24 38.74 12.25
CA ILE D 109 -19.37 39.80 13.24
C ILE D 109 -19.54 41.14 12.56
N GLY D 110 -18.88 41.34 11.42
CA GLY D 110 -18.98 42.58 10.67
C GLY D 110 -20.41 43.00 10.41
N LEU D 111 -21.10 42.27 9.54
CA LEU D 111 -22.50 42.61 9.28
C LEU D 111 -23.38 42.36 10.49
N LEU D 112 -22.97 41.52 11.43
CA LEU D 112 -23.74 41.35 12.65
C LEU D 112 -23.87 42.67 13.39
N LEU D 113 -22.77 43.41 13.51
CA LEU D 113 -22.78 44.76 14.02
C LEU D 113 -22.77 45.81 12.92
N ASP D 114 -22.58 45.39 11.67
CA ASP D 114 -22.56 46.29 10.51
C ASP D 114 -21.57 47.44 10.73
N MET D 115 -20.32 47.05 10.91
CA MET D 115 -19.22 47.98 11.14
C MET D 115 -18.10 47.67 10.16
N PRO D 116 -17.35 48.68 9.70
CA PRO D 116 -16.18 48.37 8.87
C PRO D 116 -15.18 47.51 9.64
N LEU D 117 -14.55 46.59 8.91
CA LEU D 117 -13.55 45.73 9.53
C LEU D 117 -12.45 46.55 10.19
N ARG D 118 -12.10 47.71 9.62
CA ARG D 118 -11.03 48.51 10.19
C ARG D 118 -11.39 48.96 11.60
N ASP D 119 -12.55 49.58 11.77
CA ASP D 119 -12.93 50.11 13.08
C ASP D 119 -13.18 49.00 14.09
N ILE D 120 -13.80 47.90 13.64
CA ILE D 120 -14.06 46.80 14.56
C ILE D 120 -12.74 46.19 15.02
N GLU D 121 -11.74 46.15 14.15
CA GLU D 121 -10.42 45.67 14.56
C GLU D 121 -9.74 46.68 15.48
N ARG D 122 -9.90 47.98 15.21
CA ARG D 122 -9.34 49.00 16.09
C ARG D 122 -9.86 48.82 17.51
N VAL D 123 -11.18 48.71 17.64
CA VAL D 123 -11.77 48.55 18.96
C VAL D 123 -11.37 47.21 19.56
N LEU D 124 -11.33 46.16 18.73
CA LEU D 124 -10.98 44.83 19.21
C LEU D 124 -9.56 44.80 19.76
N TYR D 125 -8.59 45.26 18.98
CA TYR D 125 -7.18 45.12 19.32
C TYR D 125 -6.65 46.27 20.16
N PHE D 126 -7.54 47.04 20.80
CA PHE D 126 -7.17 48.08 21.75
C PHE D 126 -6.37 49.21 21.10
N GLU D 127 -7.03 49.91 20.17
CA GLU D 127 -6.54 51.21 19.71
C GLU D 127 -7.68 52.18 19.41
N SER D 128 -8.88 51.95 19.94
CA SER D 128 -10.00 52.86 19.72
C SER D 128 -11.13 52.52 20.67
N TYR D 129 -11.82 53.54 21.14
CA TYR D 129 -12.99 53.39 22.01
C TYR D 129 -14.24 53.52 21.16
N VAL D 130 -14.97 52.41 21.01
CA VAL D 130 -16.25 52.46 20.31
C VAL D 130 -17.24 53.27 21.13
N VAL D 131 -18.18 53.90 20.43
CA VAL D 131 -19.28 54.58 21.10
C VAL D 131 -20.36 53.56 21.44
N ILE D 132 -20.85 53.61 22.68
CA ILE D 132 -21.88 52.70 23.17
C ILE D 132 -22.98 53.56 23.76
N GLU D 133 -24.11 53.62 23.05
CA GLU D 133 -25.26 54.44 23.46
C GLU D 133 -24.82 55.90 23.68
N GLY D 134 -24.42 56.51 22.56
CA GLY D 134 -23.97 57.90 22.61
C GLY D 134 -24.98 58.84 23.22
N GLY D 135 -26.27 58.55 23.04
CA GLY D 135 -27.30 59.31 23.74
C GLY D 135 -27.32 60.75 23.32
N MET D 136 -27.54 61.63 24.31
CA MET D 136 -27.71 63.07 24.07
C MET D 136 -26.32 63.73 23.96
N THR D 137 -25.63 63.35 22.90
CA THR D 137 -24.31 63.90 22.60
C THR D 137 -24.13 63.91 21.09
N ASN D 138 -23.09 64.62 20.64
CA ASN D 138 -22.78 64.63 19.21
C ASN D 138 -22.44 63.25 18.68
N LEU D 139 -22.05 62.33 19.55
CA LEU D 139 -21.68 60.99 19.16
C LEU D 139 -22.91 60.09 19.06
N GLU D 140 -22.74 58.97 18.36
CA GLU D 140 -23.83 58.04 18.10
C GLU D 140 -23.35 56.61 18.29
N ARG D 141 -24.30 55.70 18.44
CA ARG D 141 -24.01 54.33 18.83
C ARG D 141 -22.98 53.69 17.90
N GLN D 142 -23.23 53.72 16.58
CA GLN D 142 -22.34 53.05 15.64
C GLN D 142 -20.97 53.73 15.53
N GLN D 143 -20.83 54.96 16.03
CA GLN D 143 -19.60 55.70 15.86
C GLN D 143 -18.47 55.09 16.70
N ILE D 144 -17.24 55.35 16.27
CA ILE D 144 -16.03 54.95 16.98
C ILE D 144 -15.13 56.17 17.11
N LEU D 145 -14.14 56.05 18.00
CA LEU D 145 -13.25 57.15 18.31
C LEU D 145 -11.83 56.63 18.46
N THR D 146 -10.87 57.36 17.90
CA THR D 146 -9.48 57.12 18.23
C THR D 146 -9.19 57.69 19.62
N GLU D 147 -7.93 57.58 20.05
CA GLU D 147 -7.58 57.98 21.41
C GLU D 147 -7.83 59.47 21.62
N GLU D 148 -7.41 60.31 20.67
CA GLU D 148 -7.63 61.74 20.82
C GLU D 148 -9.13 62.07 20.77
N GLN D 149 -9.88 61.42 19.90
CA GLN D 149 -11.30 61.67 19.82
C GLN D 149 -12.02 61.19 21.07
N TYR D 150 -11.62 60.03 21.60
CA TYR D 150 -12.20 59.57 22.85
C TYR D 150 -11.89 60.52 23.99
N LEU D 151 -10.65 61.02 24.06
CA LEU D 151 -10.29 61.99 25.08
C LEU D 151 -11.14 63.25 24.96
N ASP D 152 -11.31 63.75 23.73
CA ASP D 152 -12.12 64.94 23.52
C ASP D 152 -13.58 64.69 23.91
N ALA D 153 -14.10 63.51 23.58
CA ALA D 153 -15.46 63.15 23.97
C ALA D 153 -15.59 63.16 25.49
N LEU D 154 -14.60 62.61 26.18
CA LEU D 154 -14.60 62.65 27.64
C LEU D 154 -14.58 64.09 28.14
N GLU D 155 -13.77 64.94 27.52
CA GLU D 155 -13.71 66.34 27.95
C GLU D 155 -15.06 67.01 27.81
N GLU D 156 -15.74 66.80 26.67
CA GLU D 156 -16.96 67.56 26.41
C GLU D 156 -18.16 66.99 27.17
N PHE D 157 -18.35 65.67 27.14
CA PHE D 157 -19.53 65.03 27.72
C PHE D 157 -19.12 63.83 28.57
N GLY D 158 -18.10 64.02 29.41
CA GLY D 158 -17.62 62.94 30.25
C GLY D 158 -18.40 62.78 31.54
N ASP D 159 -19.73 62.80 31.45
CA ASP D 159 -20.62 62.61 32.60
C ASP D 159 -21.50 61.38 32.44
N GLU D 160 -22.21 61.28 31.32
CA GLU D 160 -23.08 60.14 31.03
C GLU D 160 -22.64 59.32 29.84
N PHE D 161 -21.81 59.88 28.97
CA PHE D 161 -21.39 59.17 27.76
C PHE D 161 -20.56 57.94 28.12
N ASP D 162 -20.71 56.89 27.32
CA ASP D 162 -20.01 55.62 27.54
C ASP D 162 -19.27 55.23 26.27
N ALA D 163 -18.00 54.88 26.43
CA ALA D 163 -17.20 54.36 25.34
C ALA D 163 -16.05 53.56 25.92
N LYS D 164 -15.88 52.33 25.43
CA LYS D 164 -14.84 51.43 25.91
C LYS D 164 -14.04 50.91 24.73
N MET D 165 -12.78 50.55 25.00
CA MET D 165 -11.87 50.06 23.99
C MET D 165 -11.44 48.65 24.36
N GLY D 166 -11.60 47.72 23.41
CA GLY D 166 -11.20 46.34 23.61
C GLY D 166 -12.22 45.33 23.13
N ALA D 167 -11.94 44.05 23.35
CA ALA D 167 -12.91 43.02 22.97
C ALA D 167 -14.18 43.13 23.80
N GLU D 168 -14.04 43.40 25.10
CA GLU D 168 -15.21 43.58 25.95
C GLU D 168 -16.13 44.68 25.41
N ALA D 169 -15.56 45.69 24.74
CA ALA D 169 -16.39 46.69 24.10
C ALA D 169 -17.24 46.06 23.00
N ILE D 170 -16.65 45.17 22.21
CA ILE D 170 -17.41 44.48 21.18
C ILE D 170 -18.51 43.63 21.80
N GLN D 171 -18.19 42.99 22.93
CA GLN D 171 -19.19 42.19 23.63
C GLN D 171 -20.36 43.08 24.06
N ALA D 172 -20.06 44.24 24.63
CA ALA D 172 -21.11 45.15 25.06
C ALA D 172 -21.96 45.60 23.87
N LEU D 173 -21.31 45.90 22.74
CA LEU D 173 -22.05 46.21 21.53
C LEU D 173 -23.02 45.08 21.18
N LEU D 174 -22.54 43.84 21.25
CA LEU D 174 -23.40 42.70 20.96
C LEU D 174 -24.55 42.61 21.94
N LYS D 175 -24.33 43.01 23.20
CA LYS D 175 -25.45 43.09 24.14
C LYS D 175 -26.47 44.10 23.67
N SER D 176 -26.01 45.22 23.10
CA SER D 176 -26.87 46.31 22.66
C SER D 176 -27.24 46.07 21.20
N MET D 177 -28.23 45.20 21.00
CA MET D 177 -28.79 44.96 19.68
C MET D 177 -30.10 44.18 19.78
N ASP D 178 -31.13 44.63 19.09
CA ASP D 178 -32.43 43.97 19.06
C ASP D 178 -32.70 43.58 17.61
N LEU D 179 -32.41 42.32 17.28
CA LEU D 179 -32.46 41.88 15.89
C LEU D 179 -33.86 41.85 15.32
N GLU D 180 -34.91 41.90 16.16
CA GLU D 180 -36.26 41.95 15.62
C GLU D 180 -36.58 43.32 15.02
N GLN D 181 -36.23 44.38 15.75
CA GLN D 181 -36.36 45.72 15.19
C GLN D 181 -35.52 45.86 13.94
N GLU D 182 -34.32 45.30 13.95
CA GLU D 182 -33.46 45.32 12.78
C GLU D 182 -34.12 44.59 11.61
N CYS D 183 -34.72 43.42 11.89
CA CYS D 183 -35.45 42.70 10.86
C CYS D 183 -36.53 43.57 10.25
N GLU D 184 -37.36 44.18 11.09
CA GLU D 184 -38.46 44.99 10.60
C GLU D 184 -37.94 46.13 9.72
N GLN D 185 -37.01 46.91 10.24
CA GLN D 185 -36.57 48.11 9.51
C GLN D 185 -35.83 47.72 8.23
N LEU D 186 -35.04 46.65 8.26
CA LEU D 186 -34.29 46.26 7.08
C LEU D 186 -35.18 45.64 6.01
N ARG D 187 -36.22 44.92 6.42
CA ARG D 187 -37.20 44.47 5.43
C ARG D 187 -37.94 45.64 4.80
N GLU D 188 -38.29 46.64 5.62
CA GLU D 188 -38.90 47.84 5.07
C GLU D 188 -37.97 48.50 4.05
N GLU D 189 -36.70 48.66 4.41
CA GLU D 189 -35.73 49.28 3.52
C GLU D 189 -35.56 48.46 2.24
N LEU D 190 -35.47 47.14 2.37
CA LEU D 190 -35.44 46.27 1.20
C LEU D 190 -36.63 46.52 0.30
N ASN D 191 -37.79 46.75 0.89
CA ASN D 191 -38.95 47.14 0.10
C ASN D 191 -38.71 48.47 -0.59
N GLU D 192 -38.07 49.41 0.11
CA GLU D 192 -37.78 50.71 -0.47
C GLU D 192 -36.61 50.67 -1.45
N THR D 193 -35.60 49.83 -1.18
CA THR D 193 -34.38 49.84 -1.98
C THR D 193 -34.69 49.43 -3.41
N ASN D 194 -33.92 50.00 -4.34
CA ASN D 194 -34.00 49.69 -5.76
C ASN D 194 -32.66 49.29 -6.34
N SER D 195 -31.57 49.88 -5.87
CA SER D 195 -30.24 49.51 -6.31
C SER D 195 -29.96 48.06 -5.95
N GLU D 196 -29.70 47.24 -6.97
CA GLU D 196 -29.60 45.80 -6.76
C GLU D 196 -28.48 45.47 -5.77
N THR D 197 -27.37 46.20 -5.82
CA THR D 197 -26.32 45.98 -4.84
C THR D 197 -26.80 46.37 -3.44
N LYS D 198 -27.56 47.45 -3.34
CA LYS D 198 -28.12 47.83 -2.04
C LYS D 198 -29.05 46.74 -1.52
N ARG D 199 -29.92 46.22 -2.40
CA ARG D 199 -30.77 45.12 -2.00
C ARG D 199 -29.95 43.91 -1.57
N LYS D 200 -28.85 43.65 -2.27
CA LYS D 200 -28.01 42.50 -1.95
C LYS D 200 -27.39 42.62 -0.57
N LYS D 201 -26.78 43.77 -0.27
CA LYS D 201 -26.19 43.94 1.05
C LYS D 201 -27.25 43.91 2.13
N LEU D 202 -28.40 44.55 1.88
CA LEU D 202 -29.47 44.53 2.87
C LEU D 202 -29.98 43.12 3.09
N THR D 203 -30.06 42.30 2.04
CA THR D 203 -30.53 40.95 2.21
C THR D 203 -29.48 40.06 2.85
N LYS D 204 -28.20 40.39 2.68
CA LYS D 204 -27.17 39.73 3.48
C LYS D 204 -27.40 40.02 4.95
N ARG D 205 -27.68 41.27 5.29
CA ARG D 205 -27.96 41.62 6.68
C ARG D 205 -29.23 40.92 7.17
N ILE D 206 -30.26 40.87 6.32
CA ILE D 206 -31.51 40.27 6.73
C ILE D 206 -31.36 38.76 6.89
N LYS D 207 -30.50 38.13 6.08
CA LYS D 207 -30.24 36.71 6.24
C LYS D 207 -29.45 36.46 7.52
N LEU D 208 -28.54 37.37 7.86
CA LEU D 208 -27.89 37.30 9.18
C LEU D 208 -28.92 37.31 10.29
N LEU D 209 -29.82 38.29 10.26
CA LEU D 209 -30.83 38.39 11.32
C LEU D 209 -31.75 37.19 11.33
N GLU D 210 -32.12 36.71 10.14
CA GLU D 210 -32.93 35.50 10.03
C GLU D 210 -32.22 34.32 10.67
N ALA D 211 -30.92 34.19 10.42
CA ALA D 211 -30.15 33.11 11.04
C ALA D 211 -30.22 33.23 12.55
N PHE D 212 -29.89 34.40 13.08
CA PHE D 212 -29.85 34.55 14.54
C PHE D 212 -31.22 34.37 15.16
N VAL D 213 -32.28 34.71 14.45
CA VAL D 213 -33.63 34.53 14.98
C VAL D 213 -34.02 33.06 14.96
N GLN D 214 -34.01 32.46 13.77
CA GLN D 214 -34.36 31.06 13.63
C GLN D 214 -33.41 30.17 14.43
N SER D 215 -32.11 30.44 14.36
CA SER D 215 -31.16 29.72 15.20
C SER D 215 -31.33 30.15 16.65
N GLY D 216 -31.08 29.22 17.56
CA GLY D 216 -31.11 29.54 18.97
C GLY D 216 -29.93 30.36 19.44
N ASN D 217 -28.92 30.55 18.58
CA ASN D 217 -27.71 31.24 19.01
C ASN D 217 -28.00 32.68 19.38
N LYS D 218 -27.14 33.24 20.23
CA LYS D 218 -27.17 34.64 20.59
C LYS D 218 -25.82 35.29 20.30
N PRO D 219 -25.80 36.48 19.73
CA PRO D 219 -24.54 37.04 19.22
C PRO D 219 -23.50 37.32 20.30
N GLU D 220 -23.92 37.49 21.55
CA GLU D 220 -22.97 37.81 22.60
C GLU D 220 -21.94 36.70 22.80
N TRP D 221 -22.27 35.46 22.44
CA TRP D 221 -21.31 34.37 22.55
C TRP D 221 -20.18 34.50 21.54
N MET D 222 -20.29 35.40 20.56
CA MET D 222 -19.19 35.67 19.65
C MET D 222 -17.93 36.02 20.44
N ILE D 223 -18.08 36.78 21.52
CA ILE D 223 -16.96 37.14 22.38
C ILE D 223 -16.86 36.08 23.47
N LEU D 224 -15.79 35.29 23.41
CA LEU D 224 -15.59 34.23 24.39
C LEU D 224 -15.30 34.81 25.77
N THR D 225 -15.76 34.09 26.79
CA THR D 225 -15.38 34.34 28.17
C THR D 225 -14.79 33.11 28.83
N VAL D 226 -14.94 31.93 28.24
CA VAL D 226 -14.37 30.70 28.76
C VAL D 226 -13.83 29.92 27.56
N LEU D 227 -12.52 29.68 27.56
CA LEU D 227 -11.88 28.99 26.45
C LEU D 227 -11.84 27.49 26.75
N PRO D 228 -12.48 26.64 25.96
CA PRO D 228 -12.38 25.20 26.23
C PRO D 228 -10.97 24.70 25.97
N VAL D 229 -10.62 23.60 26.65
CA VAL D 229 -9.32 22.97 26.51
C VAL D 229 -9.53 21.51 26.14
N LEU D 230 -8.81 21.07 25.11
CA LEU D 230 -8.94 19.72 24.59
C LEU D 230 -8.37 18.71 25.60
N PRO D 231 -8.87 17.48 25.61
CA PRO D 231 -8.31 16.48 26.50
C PRO D 231 -6.84 16.25 26.19
N PRO D 232 -6.04 15.88 27.19
CA PRO D 232 -4.57 15.86 26.98
C PRO D 232 -4.12 14.87 25.93
N ASP D 233 -4.88 13.80 25.71
CA ASP D 233 -4.42 12.77 24.78
C ASP D 233 -4.54 13.22 23.34
N LEU D 234 -5.64 13.88 23.00
CA LEU D 234 -5.80 14.39 21.64
C LEU D 234 -4.78 15.46 21.31
N ARG D 235 -4.22 16.10 22.33
CA ARG D 235 -3.06 16.98 22.21
C ARG D 235 -1.91 16.30 22.94
N PRO D 236 -1.38 15.21 22.37
CA PRO D 236 -0.51 14.33 23.16
C PRO D 236 0.71 15.06 23.69
N LEU D 237 1.10 14.73 24.91
CA LEU D 237 2.23 15.40 25.56
C LEU D 237 3.56 14.93 25.03
N VAL D 238 3.63 13.76 24.40
CA VAL D 238 4.81 13.21 23.72
C VAL D 238 6.09 13.55 24.47
N PRO D 239 6.34 12.96 25.64
CA PRO D 239 7.57 13.25 26.38
C PRO D 239 8.81 13.00 25.54
N LEU D 240 9.73 13.96 25.57
CA LEU D 240 11.00 13.81 24.89
C LEU D 240 11.86 12.79 25.62
N ASP D 241 13.03 12.50 25.06
CA ASP D 241 13.93 11.49 25.62
C ASP D 241 14.75 12.08 26.78
N GLY D 242 14.01 12.57 27.77
CA GLY D 242 14.64 13.23 28.91
C GLY D 242 13.60 13.59 29.94
N GLY D 243 14.09 14.20 31.03
CA GLY D 243 13.21 14.56 32.13
C GLY D 243 12.10 15.52 31.72
N ARG D 244 12.43 16.44 30.82
CA ARG D 244 11.43 17.36 30.30
C ARG D 244 10.41 16.60 29.46
N PHE D 245 9.20 17.16 29.38
CA PHE D 245 8.14 16.62 28.54
C PHE D 245 7.87 17.61 27.41
N ALA D 246 8.09 17.18 26.17
CA ALA D 246 7.94 18.06 25.01
C ALA D 246 6.47 18.37 24.76
N ALA D 247 6.00 19.50 25.28
CA ALA D 247 4.57 19.80 25.29
C ALA D 247 4.08 20.23 23.91
N SER D 248 4.02 19.24 23.01
CA SER D 248 3.29 19.34 21.74
C SER D 248 3.51 20.66 21.01
N ASP D 249 2.50 21.15 20.30
CA ASP D 249 2.46 22.49 19.73
C ASP D 249 1.28 23.30 20.23
N LEU D 250 0.12 22.66 20.40
CA LEU D 250 -1.03 23.36 20.97
C LEU D 250 -0.81 23.65 22.45
N ASN D 251 -0.16 22.72 23.14
CA ASN D 251 0.11 22.92 24.56
C ASN D 251 0.95 24.17 24.79
N ASP D 252 1.84 24.51 23.85
CA ASP D 252 2.58 25.77 23.97
C ASP D 252 1.63 26.96 23.91
N LEU D 253 0.66 26.91 23.01
CA LEU D 253 -0.36 27.96 22.96
C LEU D 253 -1.08 28.04 24.30
N TYR D 254 -1.39 26.89 24.88
CA TYR D 254 -2.00 26.89 26.20
C TYR D 254 -1.08 27.51 27.25
N ARG D 255 0.22 27.21 27.19
CA ARG D 255 1.16 27.80 28.12
C ARG D 255 1.08 29.32 28.07
N ARG D 256 1.23 29.87 26.87
CA ARG D 256 1.23 31.31 26.70
C ARG D 256 -0.10 31.91 27.15
N VAL D 257 -1.21 31.33 26.71
CA VAL D 257 -2.52 31.87 27.03
C VAL D 257 -2.78 31.82 28.52
N ILE D 258 -2.46 30.69 29.15
CA ILE D 258 -2.71 30.53 30.58
C ILE D 258 -1.88 31.50 31.38
N ASN D 259 -0.59 31.66 31.02
CA ASN D 259 0.25 32.62 31.73
C ASN D 259 -0.31 34.02 31.59
N ARG D 260 -0.70 34.39 30.37
CA ARG D 260 -1.23 35.73 30.15
C ARG D 260 -2.51 35.95 30.94
N ASN D 261 -3.40 34.95 30.97
CA ASN D 261 -4.66 35.10 31.68
C ASN D 261 -4.43 35.17 33.19
N ASN D 262 -3.51 34.37 33.72
CA ASN D 262 -3.22 34.45 35.14
C ASN D 262 -2.66 35.82 35.50
N ARG D 263 -1.77 36.34 34.66
CA ARG D 263 -1.25 37.68 34.93
C ARG D 263 -2.33 38.73 34.81
N LEU D 264 -3.29 38.55 33.89
CA LEU D 264 -4.41 39.48 33.79
C LEU D 264 -5.26 39.44 35.05
N LYS D 265 -5.51 38.24 35.59
CA LYS D 265 -6.21 38.13 36.85
C LYS D 265 -5.46 38.85 37.96
N ARG D 266 -4.14 38.67 37.99
CA ARG D 266 -3.31 39.32 39.01
C ARG D 266 -3.44 40.84 38.91
N LEU D 267 -3.34 41.37 37.69
CA LEU D 267 -3.44 42.82 37.51
C LEU D 267 -4.82 43.33 37.90
N LEU D 268 -5.87 42.60 37.55
CA LEU D 268 -7.21 43.01 37.92
C LEU D 268 -7.36 43.06 39.44
N ASP D 269 -6.86 42.03 40.13
CA ASP D 269 -6.97 42.01 41.59
C ASP D 269 -6.15 43.14 42.20
N LEU D 270 -4.96 43.40 41.68
CA LEU D 270 -4.16 44.53 42.14
C LEU D 270 -4.63 45.86 41.58
N ALA D 271 -5.42 45.85 40.50
CA ALA D 271 -5.96 47.06 39.89
C ALA D 271 -4.83 48.02 39.49
N ALA D 272 -4.00 47.54 38.57
CA ALA D 272 -2.87 48.32 38.06
C ALA D 272 -3.39 49.46 37.19
N PRO D 273 -2.52 50.37 36.73
CA PRO D 273 -3.00 51.44 35.84
C PRO D 273 -3.62 50.90 34.57
N ASP D 274 -4.58 51.66 34.04
CA ASP D 274 -5.38 51.19 32.92
C ASP D 274 -4.55 50.89 31.68
N ILE D 275 -3.41 51.56 31.50
CA ILE D 275 -2.58 51.30 30.32
C ILE D 275 -2.01 49.89 30.37
N ILE D 276 -1.50 49.48 31.54
CA ILE D 276 -0.87 48.16 31.65
C ILE D 276 -1.91 47.07 31.45
N VAL D 277 -3.09 47.20 32.07
CA VAL D 277 -4.10 46.16 31.92
C VAL D 277 -4.66 46.16 30.52
N ARG D 278 -4.75 47.32 29.86
CA ARG D 278 -5.19 47.34 28.47
C ARG D 278 -4.19 46.59 27.59
N ASN D 279 -2.89 46.81 27.81
CA ASN D 279 -1.89 46.05 27.06
C ASN D 279 -2.00 44.55 27.36
N GLU D 280 -2.26 44.22 28.62
CA GLU D 280 -2.42 42.82 29.00
C GLU D 280 -3.60 42.18 28.28
N LYS D 281 -4.72 42.90 28.22
CA LYS D 281 -5.89 42.38 27.51
C LYS D 281 -5.61 42.24 26.03
N ARG D 282 -4.87 43.19 25.46
CA ARG D 282 -4.50 43.07 24.06
C ARG D 282 -3.66 41.83 23.82
N MET D 283 -2.68 41.59 24.69
CA MET D 283 -1.84 40.40 24.54
C MET D 283 -2.67 39.13 24.70
N LEU D 284 -3.61 39.12 25.65
CA LEU D 284 -4.44 37.94 25.84
C LEU D 284 -5.32 37.69 24.61
N GLN D 285 -5.87 38.76 24.04
CA GLN D 285 -6.69 38.59 22.83
C GLN D 285 -5.84 38.04 21.69
N GLU D 286 -4.62 38.57 21.53
CA GLU D 286 -3.73 38.03 20.51
C GLU D 286 -3.44 36.56 20.77
N ALA D 287 -3.18 36.20 22.03
CA ALA D 287 -2.85 34.82 22.36
C ALA D 287 -4.02 33.90 22.08
N VAL D 288 -5.23 34.32 22.42
CA VAL D 288 -6.40 33.49 22.17
C VAL D 288 -6.62 33.33 20.68
N ASP D 289 -6.43 34.41 19.91
CA ASP D 289 -6.57 34.29 18.46
C ASP D 289 -5.56 33.30 17.91
N ALA D 290 -4.32 33.36 18.40
CA ALA D 290 -3.30 32.41 17.95
C ALA D 290 -3.69 31.00 18.34
N LEU D 291 -4.23 30.81 19.54
CA LEU D 291 -4.69 29.49 19.94
C LEU D 291 -5.75 28.97 18.99
N LEU D 292 -6.70 29.83 18.61
CA LEU D 292 -7.75 29.43 17.69
C LEU D 292 -7.16 29.03 16.34
N ASP D 293 -6.55 29.99 15.65
CA ASP D 293 -5.91 29.70 14.36
C ASP D 293 -4.74 30.66 14.19
N ASN D 294 -3.55 30.22 14.61
CA ASN D 294 -2.38 31.07 14.53
C ASN D 294 -1.99 31.28 13.07
N GLY D 295 -1.55 32.49 12.76
CA GLY D 295 -1.19 32.87 11.41
C GLY D 295 -2.30 33.51 10.60
N ARG D 296 -3.45 33.80 11.22
CA ARG D 296 -4.56 34.44 10.51
C ARG D 296 -4.57 35.94 10.71
N ARG D 297 -4.49 36.41 11.95
CA ARG D 297 -4.51 37.84 12.25
C ARG D 297 -3.10 38.43 12.17
N GLY D 298 -2.20 37.95 13.03
CA GLY D 298 -0.84 38.43 13.07
C GLY D 298 0.14 37.41 12.52
N ARG D 299 1.42 37.68 12.76
CA ARG D 299 2.47 36.75 12.37
C ARG D 299 2.47 35.55 13.31
N ALA D 300 2.43 34.36 12.73
CA ALA D 300 2.35 33.14 13.52
C ALA D 300 3.59 32.97 14.38
N ILE D 301 3.38 32.70 15.66
CA ILE D 301 4.49 32.39 16.55
C ILE D 301 5.02 31.01 16.17
N THR D 302 6.19 30.66 16.71
CA THR D 302 6.88 29.45 16.33
C THR D 302 7.15 28.58 17.56
N GLY D 303 7.83 27.46 17.30
CA GLY D 303 8.31 26.61 18.37
C GLY D 303 9.73 26.98 18.75
N SER D 304 10.60 25.97 18.88
CA SER D 304 11.97 26.22 19.27
C SER D 304 12.69 27.06 18.22
N ASN D 305 12.53 26.72 16.95
CA ASN D 305 13.18 27.42 15.86
C ASN D 305 12.27 28.55 15.37
N LYS D 306 12.63 29.18 14.25
CA LYS D 306 11.76 30.12 13.58
C LYS D 306 10.55 29.44 12.92
N ARG D 307 10.56 28.12 12.82
CA ARG D 307 9.53 27.43 12.08
C ARG D 307 8.18 27.57 12.78
N PRO D 308 7.12 27.99 12.08
CA PRO D 308 5.85 28.25 12.76
C PRO D 308 5.23 26.97 13.30
N LEU D 309 4.42 27.14 14.34
CA LEU D 309 3.71 26.04 14.98
C LEU D 309 2.23 26.07 14.60
N LYS D 310 1.59 24.91 14.70
CA LYS D 310 0.21 24.76 14.25
C LYS D 310 -0.74 25.31 15.32
N SER D 311 -2.02 25.01 15.18
CA SER D 311 -3.05 25.49 16.09
C SER D 311 -4.21 24.50 16.06
N LEU D 312 -5.12 24.68 17.01
CA LEU D 312 -6.28 23.80 17.09
C LEU D 312 -7.06 23.80 15.78
N ALA D 313 -7.19 24.96 15.15
CA ALA D 313 -7.90 25.03 13.88
C ALA D 313 -7.22 24.19 12.81
N ASP D 314 -5.89 24.04 12.88
CA ASP D 314 -5.21 23.19 11.92
C ASP D 314 -5.65 21.74 12.04
N MET D 315 -6.17 21.33 13.20
CA MET D 315 -6.73 20.00 13.34
C MET D 315 -7.93 19.79 12.42
N ILE D 316 -8.59 20.87 12.01
CA ILE D 316 -9.74 20.81 11.13
C ILE D 316 -9.40 21.33 9.73
N LYS D 317 -8.12 21.27 9.35
CA LYS D 317 -7.68 21.83 8.09
C LYS D 317 -6.53 20.99 7.56
N GLY D 318 -6.36 21.02 6.24
CA GLY D 318 -5.26 20.32 5.61
C GLY D 318 -5.52 18.83 5.48
N LYS D 319 -4.52 18.14 4.94
CA LYS D 319 -4.64 16.70 4.75
C LYS D 319 -4.84 15.97 6.08
N GLN D 320 -4.12 16.40 7.12
CA GLN D 320 -4.35 15.84 8.45
C GLN D 320 -5.63 16.37 9.07
N GLY D 321 -6.36 17.27 8.41
CA GLY D 321 -7.64 17.70 8.89
C GLY D 321 -8.58 16.53 9.06
N ARG D 322 -9.21 16.43 10.23
CA ARG D 322 -10.02 15.27 10.55
C ARG D 322 -11.40 15.32 9.94
N PHE D 323 -11.65 16.22 9.00
CA PHE D 323 -12.83 16.13 8.15
C PHE D 323 -12.55 15.22 6.95
N ARG D 324 -11.61 15.62 6.10
CA ARG D 324 -11.19 14.81 4.96
C ARG D 324 -10.05 13.89 5.40
N GLN D 325 -10.43 12.84 6.14
CA GLN D 325 -9.49 11.84 6.60
C GLN D 325 -9.89 10.44 6.18
N ASN D 326 -11.17 10.08 6.29
CA ASN D 326 -11.64 8.79 5.82
C ASN D 326 -11.87 8.75 4.33
N LEU D 327 -11.46 9.79 3.60
CA LEU D 327 -11.58 9.84 2.15
C LEU D 327 -10.26 9.62 1.44
N LEU D 328 -9.15 9.98 2.07
CA LEU D 328 -7.85 9.90 1.39
C LEU D 328 -7.53 8.47 0.99
N GLY D 329 -7.68 7.52 1.91
CA GLY D 329 -7.43 6.12 1.60
C GLY D 329 -6.95 5.35 2.81
N LYS D 330 -7.49 4.15 3.01
CA LYS D 330 -7.22 3.36 4.20
C LYS D 330 -6.66 2.01 3.79
N ARG D 331 -5.54 1.62 4.41
CA ARG D 331 -4.91 0.33 4.10
C ARG D 331 -5.68 -0.75 4.83
N VAL D 332 -6.75 -1.23 4.19
CA VAL D 332 -7.67 -2.13 4.85
C VAL D 332 -6.98 -3.47 5.14
N ASP D 333 -7.35 -4.06 6.27
CA ASP D 333 -6.84 -5.38 6.64
C ASP D 333 -7.56 -6.47 5.87
N TYR D 334 -7.08 -7.70 6.04
CA TYR D 334 -7.60 -8.84 5.30
C TYR D 334 -7.49 -8.61 3.80
N SER D 335 -6.49 -7.86 3.39
CA SER D 335 -6.34 -7.51 2.00
C SER D 335 -5.57 -8.61 1.29
N GLY D 336 -5.08 -8.32 0.09
CA GLY D 336 -4.27 -9.27 -0.63
C GLY D 336 -3.77 -8.65 -1.90
N ARG D 337 -3.31 -9.50 -2.80
CA ARG D 337 -2.90 -9.09 -4.13
C ARG D 337 -2.45 -10.38 -4.84
N SER D 338 -2.25 -10.28 -6.14
CA SER D 338 -1.51 -11.29 -6.88
C SER D 338 -1.54 -10.93 -8.36
N VAL D 339 -0.71 -11.61 -9.11
CA VAL D 339 -0.89 -11.62 -10.56
C VAL D 339 -2.06 -12.56 -10.87
N ILE D 340 -2.62 -12.43 -12.06
CA ILE D 340 -3.84 -13.13 -12.43
C ILE D 340 -3.55 -14.20 -13.47
N THR D 341 -4.42 -15.20 -13.50
CA THR D 341 -4.28 -16.36 -14.35
C THR D 341 -5.67 -16.83 -14.77
N VAL D 342 -5.79 -17.31 -15.99
CA VAL D 342 -7.10 -17.73 -16.47
C VAL D 342 -7.58 -18.87 -15.61
N GLY D 343 -8.89 -19.04 -15.54
CA GLY D 343 -9.47 -20.05 -14.69
C GLY D 343 -10.58 -20.90 -15.29
N PRO D 344 -10.44 -21.38 -16.52
CA PRO D 344 -11.40 -22.39 -16.98
C PRO D 344 -11.36 -23.56 -16.02
N TYR D 345 -12.44 -24.32 -16.01
CA TYR D 345 -12.83 -25.32 -15.02
C TYR D 345 -13.46 -24.67 -13.79
N LEU D 346 -13.42 -23.35 -13.66
CA LEU D 346 -14.18 -22.69 -12.62
C LEU D 346 -15.60 -22.48 -13.10
N ARG D 347 -16.52 -22.44 -12.16
CA ARG D 347 -17.88 -22.04 -12.50
C ARG D 347 -17.87 -20.53 -12.73
N LEU D 348 -19.06 -19.92 -12.86
CA LEU D 348 -19.12 -18.48 -13.03
C LEU D 348 -19.26 -17.74 -11.72
N HIS D 349 -19.17 -18.44 -10.59
CA HIS D 349 -19.14 -17.79 -9.29
C HIS D 349 -18.05 -18.41 -8.44
N GLN D 350 -16.87 -18.61 -9.02
CA GLN D 350 -15.75 -19.14 -8.26
C GLN D 350 -14.46 -18.46 -8.69
N CYS D 351 -13.64 -18.14 -7.70
CA CYS D 351 -12.38 -17.44 -7.87
C CYS D 351 -11.29 -18.30 -7.27
N GLY D 352 -10.43 -18.85 -8.10
CA GLY D 352 -9.40 -19.70 -7.57
C GLY D 352 -8.43 -18.89 -6.74
N LEU D 353 -8.41 -19.13 -5.44
CA LEU D 353 -7.57 -18.40 -4.52
C LEU D 353 -6.37 -19.26 -4.11
N PRO D 354 -5.16 -18.70 -4.00
CA PRO D 354 -4.02 -19.54 -3.66
C PRO D 354 -4.10 -20.10 -2.26
N LYS D 355 -3.35 -21.19 -2.04
CA LYS D 355 -3.20 -21.70 -0.68
C LYS D 355 -2.39 -20.74 0.18
N LYS D 356 -1.23 -20.31 -0.31
CA LYS D 356 -0.32 -19.52 0.50
C LYS D 356 -0.89 -18.17 0.87
N MET D 357 -1.95 -17.73 0.19
CA MET D 357 -2.64 -16.50 0.51
C MET D 357 -3.97 -16.72 1.20
N ALA D 358 -4.54 -17.92 1.11
CA ALA D 358 -5.77 -18.23 1.81
C ALA D 358 -5.53 -18.78 3.21
N LEU D 359 -4.29 -19.09 3.56
CA LEU D 359 -3.93 -19.39 4.94
C LEU D 359 -3.36 -18.17 5.66
N GLU D 360 -3.37 -17.01 5.02
CA GLU D 360 -3.01 -15.75 5.66
C GLU D 360 -4.11 -14.70 5.50
N LEU D 361 -5.24 -15.07 4.91
CA LEU D 361 -6.44 -14.23 4.93
C LEU D 361 -7.44 -14.73 5.96
N PHE D 362 -7.86 -15.98 5.84
CA PHE D 362 -8.77 -16.56 6.82
C PHE D 362 -7.99 -17.16 8.00
N LYS D 363 -7.02 -16.44 8.51
CA LYS D 363 -6.27 -17.00 9.61
C LYS D 363 -7.13 -17.01 10.87
N PRO D 364 -7.69 -15.87 11.28
CA PRO D 364 -8.52 -15.88 12.49
C PRO D 364 -9.72 -16.81 12.40
N PHE D 365 -10.31 -16.94 11.21
CA PHE D 365 -11.41 -17.89 11.06
C PHE D 365 -10.91 -19.31 11.31
N ILE D 366 -9.71 -19.61 10.81
CA ILE D 366 -9.11 -20.92 11.09
C ILE D 366 -8.90 -21.09 12.58
N TYR D 367 -8.40 -20.06 13.26
CA TYR D 367 -8.23 -20.15 14.70
C TYR D 367 -9.54 -20.51 15.38
N GLY D 368 -10.62 -19.84 14.98
CA GLY D 368 -11.91 -20.09 15.60
C GLY D 368 -12.37 -21.51 15.40
N LYS D 369 -12.41 -21.96 14.15
CA LYS D 369 -12.89 -23.31 13.88
C LYS D 369 -11.93 -24.37 14.37
N LEU D 370 -10.68 -24.01 14.66
CA LEU D 370 -9.71 -24.97 15.16
C LEU D 370 -9.83 -25.13 16.67
N GLU D 371 -9.74 -24.03 17.40
CA GLU D 371 -9.89 -24.10 18.85
C GLU D 371 -11.27 -24.63 19.22
N LEU D 372 -12.31 -24.24 18.48
CA LEU D 372 -13.64 -24.74 18.79
C LEU D 372 -13.71 -26.25 18.61
N ARG D 373 -13.11 -26.77 17.54
CA ARG D 373 -13.10 -28.22 17.35
C ARG D 373 -12.23 -28.94 18.38
N GLY D 374 -11.40 -28.22 19.12
CA GLY D 374 -10.57 -28.81 20.13
C GLY D 374 -9.25 -29.37 19.64
N LEU D 375 -8.95 -29.23 18.34
CA LEU D 375 -7.66 -29.69 17.84
C LEU D 375 -6.52 -28.99 18.57
N ALA D 376 -6.70 -27.72 18.91
CA ALA D 376 -5.76 -27.01 19.77
C ALA D 376 -6.56 -25.92 20.48
N THR D 377 -6.97 -26.21 21.72
CA THR D 377 -7.88 -25.31 22.42
C THR D 377 -7.25 -23.94 22.64
N THR D 378 -6.06 -23.91 23.23
CA THR D 378 -5.41 -22.62 23.49
C THR D 378 -5.03 -21.95 22.19
N ILE D 379 -5.20 -20.63 22.16
CA ILE D 379 -5.07 -19.87 20.91
C ILE D 379 -3.64 -19.93 20.38
N LYS D 380 -2.65 -19.84 21.27
CA LYS D 380 -1.26 -19.83 20.82
C LYS D 380 -0.90 -21.15 20.17
N ALA D 381 -1.47 -22.25 20.68
CA ALA D 381 -1.30 -23.53 20.02
C ALA D 381 -1.88 -23.50 18.62
N ALA D 382 -3.05 -22.87 18.45
CA ALA D 382 -3.63 -22.78 17.12
C ALA D 382 -2.73 -21.99 16.18
N LYS D 383 -2.17 -20.89 16.66
CA LYS D 383 -1.24 -20.11 15.83
C LYS D 383 -0.05 -20.96 15.42
N LYS D 384 0.57 -21.64 16.39
CA LYS D 384 1.73 -22.45 16.07
C LYS D 384 1.37 -23.66 15.22
N MET D 385 0.11 -24.10 15.24
CA MET D 385 -0.30 -25.18 14.35
C MET D 385 -0.43 -24.67 12.92
N VAL D 386 -1.07 -23.52 12.72
CA VAL D 386 -1.21 -23.03 11.35
C VAL D 386 0.16 -22.71 10.78
N GLU D 387 1.04 -22.11 11.59
CA GLU D 387 2.37 -21.83 11.07
C GLU D 387 3.17 -23.10 10.86
N ARG D 388 2.71 -24.24 11.38
CA ARG D 388 3.38 -25.51 11.18
C ARG D 388 2.88 -26.26 9.96
N GLU D 389 1.89 -25.73 9.24
CA GLU D 389 1.43 -26.33 8.00
C GLU D 389 0.90 -27.74 8.23
N GLU D 390 0.37 -28.01 9.43
CA GLU D 390 -0.14 -29.33 9.73
C GLU D 390 -1.35 -29.64 8.85
N ALA D 391 -1.46 -30.91 8.45
CA ALA D 391 -2.44 -31.29 7.44
C ALA D 391 -3.86 -30.96 7.86
N VAL D 392 -4.14 -30.95 9.16
CA VAL D 392 -5.49 -30.67 9.63
C VAL D 392 -5.88 -29.24 9.29
N VAL D 393 -4.92 -28.30 9.29
CA VAL D 393 -5.29 -26.91 9.06
C VAL D 393 -5.79 -26.73 7.63
N TRP D 394 -5.29 -27.51 6.68
CA TRP D 394 -5.85 -27.43 5.33
C TRP D 394 -7.32 -27.81 5.34
N ASP D 395 -7.67 -28.88 6.07
CA ASP D 395 -9.07 -29.29 6.15
C ASP D 395 -9.93 -28.21 6.79
N ILE D 396 -9.44 -27.63 7.88
CA ILE D 396 -10.21 -26.60 8.56
C ILE D 396 -10.38 -25.38 7.67
N LEU D 397 -9.32 -25.00 6.96
CA LEU D 397 -9.41 -23.87 6.05
C LEU D 397 -10.40 -24.14 4.94
N ASP D 398 -10.41 -25.35 4.41
CA ASP D 398 -11.41 -25.70 3.40
C ASP D 398 -12.80 -25.54 3.98
N GLU D 399 -12.99 -25.98 5.22
CA GLU D 399 -14.30 -25.84 5.84
C GLU D 399 -14.70 -24.38 5.97
N VAL D 400 -13.78 -23.53 6.43
CA VAL D 400 -14.18 -22.13 6.67
C VAL D 400 -14.44 -21.42 5.35
N ILE D 401 -13.66 -21.71 4.31
CA ILE D 401 -13.87 -21.07 3.03
C ILE D 401 -14.91 -21.82 2.22
N ARG D 402 -15.60 -22.78 2.83
CA ARG D 402 -16.66 -23.50 2.13
C ARG D 402 -17.62 -22.54 1.46
N GLU D 403 -18.07 -21.52 2.19
CA GLU D 403 -18.89 -20.46 1.62
C GLU D 403 -18.58 -19.20 2.42
N HIS D 404 -17.68 -18.37 1.91
CA HIS D 404 -17.24 -17.18 2.63
C HIS D 404 -16.76 -16.16 1.61
N PRO D 405 -17.69 -15.58 0.86
CA PRO D 405 -17.33 -14.84 -0.35
C PRO D 405 -16.18 -13.87 -0.16
N VAL D 406 -15.31 -13.82 -1.16
CA VAL D 406 -14.22 -12.86 -1.20
C VAL D 406 -14.55 -11.81 -2.25
N LEU D 407 -13.97 -10.64 -2.10
CA LEU D 407 -14.18 -9.52 -3.00
C LEU D 407 -12.91 -9.30 -3.81
N LEU D 408 -13.00 -9.47 -5.12
CA LEU D 408 -11.88 -9.27 -6.02
C LEU D 408 -12.02 -7.92 -6.67
N ASN D 409 -11.03 -7.06 -6.48
CA ASN D 409 -11.10 -5.68 -6.93
C ASN D 409 -9.92 -5.37 -7.83
N ARG D 410 -10.21 -4.92 -9.06
CA ARG D 410 -9.16 -4.51 -9.97
C ARG D 410 -8.66 -3.12 -9.60
N ALA D 411 -7.63 -2.67 -10.28
CA ALA D 411 -6.96 -1.45 -9.84
C ALA D 411 -7.83 -0.21 -10.07
N PRO D 412 -8.04 0.27 -11.31
CA PRO D 412 -8.97 1.39 -11.47
C PRO D 412 -10.39 0.88 -11.46
N THR D 413 -11.18 1.27 -10.46
CA THR D 413 -12.52 0.74 -10.29
C THR D 413 -13.56 1.71 -10.83
N LEU D 414 -13.50 1.97 -12.15
CA LEU D 414 -14.45 2.89 -12.74
C LEU D 414 -15.88 2.37 -12.57
N HIS D 415 -16.17 1.22 -13.16
CA HIS D 415 -17.50 0.65 -13.06
C HIS D 415 -17.83 0.33 -11.60
N ARG D 416 -19.09 0.01 -11.37
CA ARG D 416 -19.51 -0.58 -10.10
C ARG D 416 -19.36 -2.09 -10.10
N LEU D 417 -19.11 -2.72 -11.25
CA LEU D 417 -18.72 -4.12 -11.29
C LEU D 417 -17.29 -4.35 -10.86
N GLY D 418 -16.46 -3.31 -10.83
CA GLY D 418 -15.07 -3.47 -10.47
C GLY D 418 -14.81 -3.83 -9.04
N ILE D 419 -15.81 -4.22 -8.26
CA ILE D 419 -15.58 -4.79 -6.94
C ILE D 419 -16.45 -6.02 -6.77
N GLN D 420 -16.70 -6.74 -7.86
CA GLN D 420 -17.47 -7.99 -7.81
C GLN D 420 -16.91 -8.92 -6.77
N ALA D 421 -17.70 -9.87 -6.31
CA ALA D 421 -17.29 -10.79 -5.25
C ALA D 421 -17.62 -12.21 -5.63
N PHE D 422 -16.69 -13.12 -5.36
CA PHE D 422 -16.81 -14.50 -5.77
C PHE D 422 -16.73 -15.39 -4.55
N GLU D 423 -17.08 -16.66 -4.74
CA GLU D 423 -16.73 -17.70 -3.78
C GLU D 423 -15.29 -18.14 -4.01
N PRO D 424 -14.61 -18.68 -3.00
CA PRO D 424 -13.25 -19.15 -3.19
C PRO D 424 -13.20 -20.66 -3.40
N VAL D 425 -12.28 -21.07 -4.27
CA VAL D 425 -11.88 -22.46 -4.41
C VAL D 425 -10.35 -22.47 -4.42
N LEU D 426 -9.75 -23.38 -3.66
CA LEU D 426 -8.32 -23.31 -3.41
C LEU D 426 -7.53 -24.09 -4.44
N ILE D 427 -6.54 -23.42 -5.04
CA ILE D 427 -5.61 -24.05 -5.95
C ILE D 427 -4.25 -24.09 -5.26
N GLU D 428 -3.25 -24.62 -5.94
CA GLU D 428 -1.88 -24.55 -5.47
C GLU D 428 -1.16 -23.42 -6.21
N GLY D 429 0.13 -23.29 -5.94
CA GLY D 429 0.84 -22.19 -6.56
C GLY D 429 0.45 -20.87 -5.92
N LYS D 430 0.55 -19.80 -6.71
CA LYS D 430 0.21 -18.47 -6.21
C LYS D 430 -0.24 -17.60 -7.38
N ALA D 431 -1.53 -17.65 -7.68
CA ALA D 431 -2.10 -16.78 -8.69
C ALA D 431 -3.62 -16.80 -8.58
N ILE D 432 -4.23 -15.64 -8.39
CA ILE D 432 -5.67 -15.57 -8.15
C ILE D 432 -6.38 -15.92 -9.44
N GLN D 433 -6.81 -17.17 -9.58
CA GLN D 433 -7.49 -17.51 -10.81
C GLN D 433 -8.80 -16.75 -10.88
N LEU D 434 -9.40 -16.74 -12.06
CA LEU D 434 -10.50 -15.82 -12.32
C LEU D 434 -11.26 -16.33 -13.52
N HIS D 435 -12.57 -16.46 -13.39
CA HIS D 435 -13.34 -17.07 -14.45
C HIS D 435 -13.18 -16.27 -15.73
N PRO D 436 -13.07 -16.90 -16.90
CA PRO D 436 -12.81 -16.11 -18.11
C PRO D 436 -13.91 -15.10 -18.43
N LEU D 437 -15.17 -15.50 -18.38
CA LEU D 437 -16.26 -14.62 -18.80
C LEU D 437 -16.30 -13.34 -17.99
N VAL D 438 -15.90 -13.39 -16.72
CA VAL D 438 -15.98 -12.22 -15.87
C VAL D 438 -14.70 -11.42 -15.96
N CYS D 439 -13.92 -11.66 -17.01
CA CYS D 439 -12.77 -10.83 -17.29
C CYS D 439 -13.12 -9.58 -18.07
N ALA D 440 -14.37 -9.40 -18.45
CA ALA D 440 -14.78 -8.24 -19.23
C ALA D 440 -15.12 -7.05 -18.34
N ALA D 441 -15.96 -7.26 -17.33
CA ALA D 441 -16.33 -6.18 -16.43
C ALA D 441 -15.10 -5.64 -15.70
N TYR D 442 -14.25 -6.54 -15.23
CA TYR D 442 -12.99 -6.11 -14.63
C TYR D 442 -12.13 -5.39 -15.66
N ASN D 443 -12.14 -5.87 -16.91
CA ASN D 443 -11.35 -5.41 -18.05
C ASN D 443 -9.93 -5.96 -18.00
N ALA D 444 -9.59 -6.79 -17.02
CA ALA D 444 -8.27 -7.42 -16.95
C ALA D 444 -7.92 -8.13 -18.25
N ASP D 445 -6.64 -8.40 -18.48
CA ASP D 445 -6.20 -8.99 -19.75
C ASP D 445 -5.19 -10.11 -19.55
N PHE D 446 -4.88 -10.50 -18.32
CA PHE D 446 -4.01 -11.64 -18.05
C PHE D 446 -2.62 -11.46 -18.64
N ASP D 447 -2.16 -10.22 -18.76
CA ASP D 447 -0.79 -9.92 -19.15
C ASP D 447 -0.10 -9.13 -18.05
N GLY D 448 -0.26 -9.58 -16.81
CA GLY D 448 0.33 -8.93 -15.65
C GLY D 448 -0.66 -8.21 -14.77
N ASP D 449 -1.96 -8.27 -15.07
CA ASP D 449 -2.94 -7.57 -14.28
C ASP D 449 -3.05 -8.19 -12.90
N GLN D 450 -3.24 -7.35 -11.88
CA GLN D 450 -3.21 -7.77 -10.49
C GLN D 450 -4.48 -7.33 -9.79
N MET D 451 -5.12 -8.25 -9.09
CA MET D 451 -6.38 -8.00 -8.41
C MET D 451 -6.21 -8.22 -6.93
N ALA D 452 -6.91 -7.43 -6.13
CA ALA D 452 -6.81 -7.50 -4.68
C ALA D 452 -7.98 -8.27 -4.11
N VAL D 453 -7.72 -9.06 -3.08
CA VAL D 453 -8.74 -9.85 -2.43
C VAL D 453 -9.00 -9.27 -1.05
N HIS D 454 -10.21 -8.77 -0.85
CA HIS D 454 -10.71 -8.44 0.48
C HIS D 454 -11.67 -9.52 0.92
N VAL D 455 -12.01 -9.50 2.21
CA VAL D 455 -13.00 -10.42 2.74
C VAL D 455 -14.02 -9.66 3.57
N PRO D 456 -15.27 -10.09 3.62
CA PRO D 456 -16.21 -9.51 4.59
C PRO D 456 -16.18 -10.27 5.90
N LEU D 457 -15.97 -9.58 7.02
CA LEU D 457 -15.94 -10.27 8.31
C LEU D 457 -17.35 -10.48 8.87
N THR D 458 -18.03 -9.39 9.19
CA THR D 458 -19.27 -9.52 9.94
C THR D 458 -20.36 -10.19 9.10
N LEU D 459 -21.21 -10.95 9.79
CA LEU D 459 -22.19 -11.81 9.12
C LEU D 459 -23.05 -11.02 8.14
N GLU D 460 -23.40 -9.78 8.50
CA GLU D 460 -24.10 -8.94 7.55
C GLU D 460 -23.28 -8.75 6.30
N ALA D 461 -21.97 -8.53 6.45
CA ALA D 461 -21.14 -8.31 5.28
C ALA D 461 -21.03 -9.57 4.45
N GLN D 462 -20.99 -10.73 5.09
CA GLN D 462 -21.02 -11.98 4.33
C GLN D 462 -22.29 -12.08 3.51
N LEU D 463 -23.43 -11.77 4.12
CA LEU D 463 -24.68 -11.86 3.37
C LEU D 463 -24.73 -10.86 2.24
N GLU D 464 -24.13 -9.69 2.44
CA GLU D 464 -24.06 -8.73 1.34
C GLU D 464 -23.21 -9.29 0.21
N ALA D 465 -22.02 -9.79 0.53
CA ALA D 465 -21.14 -10.29 -0.51
C ALA D 465 -21.76 -11.45 -1.26
N ARG D 466 -22.68 -12.18 -0.63
CA ARG D 466 -23.35 -13.27 -1.33
C ARG D 466 -24.62 -12.84 -2.06
N ALA D 467 -25.26 -11.75 -1.64
CA ALA D 467 -26.52 -11.32 -2.21
C ALA D 467 -26.38 -10.17 -3.19
N LEU D 468 -25.75 -9.08 -2.77
CA LEU D 468 -25.73 -7.86 -3.56
C LEU D 468 -24.59 -7.81 -4.56
N MET D 469 -23.52 -8.57 -4.36
CA MET D 469 -22.31 -8.41 -5.14
C MET D 469 -21.82 -9.70 -5.77
N MET D 470 -22.44 -10.84 -5.51
CA MET D 470 -21.89 -12.08 -6.02
C MET D 470 -21.85 -12.04 -7.54
N SER D 471 -20.82 -12.65 -8.11
CA SER D 471 -20.58 -12.50 -9.53
C SER D 471 -21.69 -13.09 -10.37
N THR D 472 -22.55 -13.92 -9.78
CA THR D 472 -23.64 -14.54 -10.49
C THR D 472 -24.95 -13.76 -10.38
N ASN D 473 -24.94 -12.58 -9.75
CA ASN D 473 -26.11 -11.72 -9.69
C ASN D 473 -25.87 -10.40 -10.40
N ASN D 474 -24.89 -10.34 -11.30
CA ASN D 474 -24.55 -9.14 -12.05
C ASN D 474 -24.30 -9.49 -13.50
N ILE D 475 -25.24 -10.20 -14.11
CA ILE D 475 -25.09 -10.47 -15.53
C ILE D 475 -25.31 -9.20 -16.35
N LEU D 476 -26.14 -8.28 -15.87
CA LEU D 476 -26.44 -7.05 -16.59
C LEU D 476 -25.70 -5.88 -15.94
N SER D 477 -24.90 -5.18 -16.73
CA SER D 477 -24.14 -4.06 -16.22
C SER D 477 -25.06 -2.88 -15.95
N PRO D 478 -24.61 -1.92 -15.14
CA PRO D 478 -25.50 -0.81 -14.77
C PRO D 478 -25.92 0.06 -15.94
N ALA D 479 -24.95 0.54 -16.72
CA ALA D 479 -25.25 1.52 -17.76
C ALA D 479 -26.20 0.95 -18.80
N ASN D 480 -25.76 -0.05 -19.53
CA ASN D 480 -26.50 -0.60 -20.67
C ASN D 480 -27.12 -1.93 -20.26
N GLY D 481 -28.40 -2.08 -20.58
CA GLY D 481 -29.15 -3.20 -20.03
C GLY D 481 -28.59 -4.55 -20.43
N GLU D 482 -28.06 -4.67 -21.64
CA GLU D 482 -27.70 -5.98 -22.19
C GLU D 482 -26.55 -6.58 -21.38
N PRO D 483 -26.35 -7.89 -21.48
CA PRO D 483 -25.43 -8.56 -20.55
C PRO D 483 -24.01 -8.06 -20.71
N ILE D 484 -23.24 -8.17 -19.61
CA ILE D 484 -21.80 -7.95 -19.63
C ILE D 484 -21.04 -9.23 -19.27
N ILE D 485 -21.73 -10.36 -19.20
CA ILE D 485 -21.10 -11.68 -19.22
C ILE D 485 -21.31 -12.17 -20.65
N VAL D 486 -20.42 -11.79 -21.54
CA VAL D 486 -20.57 -12.07 -22.97
C VAL D 486 -19.35 -12.84 -23.45
N PRO D 487 -19.50 -14.01 -24.08
CA PRO D 487 -18.34 -14.76 -24.56
C PRO D 487 -17.45 -13.92 -25.46
N SER D 488 -16.13 -13.99 -25.24
CA SER D 488 -15.25 -12.92 -25.68
C SER D 488 -14.26 -13.33 -26.78
N GLN D 489 -13.29 -14.21 -26.52
CA GLN D 489 -12.16 -14.33 -27.44
C GLN D 489 -12.03 -15.72 -28.04
N ASP D 490 -11.83 -16.76 -27.24
CA ASP D 490 -11.71 -18.12 -27.76
C ASP D 490 -13.00 -18.88 -27.70
N VAL D 491 -13.84 -18.59 -26.71
CA VAL D 491 -15.11 -19.28 -26.63
C VAL D 491 -15.96 -19.02 -27.88
N VAL D 492 -15.95 -17.80 -28.39
CA VAL D 492 -16.73 -17.52 -29.59
C VAL D 492 -16.09 -18.17 -30.81
N LEU D 493 -14.77 -18.23 -30.89
CA LEU D 493 -14.15 -18.94 -32.00
C LEU D 493 -14.51 -20.42 -31.95
N GLY D 494 -14.53 -21.00 -30.76
CA GLY D 494 -14.94 -22.38 -30.63
C GLY D 494 -16.38 -22.59 -31.05
N LEU D 495 -17.27 -21.73 -30.58
CA LEU D 495 -18.67 -21.86 -30.99
C LEU D 495 -18.79 -21.71 -32.50
N TYR D 496 -18.14 -20.70 -33.07
CA TYR D 496 -18.19 -20.47 -34.50
C TYR D 496 -17.76 -21.71 -35.26
N TYR D 497 -16.61 -22.27 -34.89
CA TYR D 497 -16.14 -23.46 -35.56
C TYR D 497 -17.13 -24.61 -35.38
N MET D 498 -17.67 -24.74 -34.17
CA MET D 498 -18.54 -25.85 -33.86
C MET D 498 -19.82 -25.83 -34.66
N THR D 499 -20.20 -24.71 -35.23
CA THR D 499 -21.41 -24.61 -36.05
C THR D 499 -21.09 -23.79 -37.28
N ARG D 500 -20.74 -24.46 -38.36
CA ARG D 500 -20.60 -23.80 -39.64
C ARG D 500 -20.98 -24.79 -40.73
N ASP D 501 -21.62 -24.26 -41.78
CA ASP D 501 -22.13 -25.09 -42.86
C ASP D 501 -21.00 -25.35 -43.84
N CYS D 502 -20.57 -26.60 -43.93
CA CYS D 502 -19.62 -27.05 -44.94
C CYS D 502 -20.37 -27.84 -45.98
N VAL D 503 -20.13 -27.53 -47.26
CA VAL D 503 -21.00 -28.05 -48.32
C VAL D 503 -20.92 -29.57 -48.38
N ASN D 504 -19.73 -30.13 -48.18
CA ASN D 504 -19.56 -31.58 -48.24
C ASN D 504 -18.43 -31.98 -47.31
N ALA D 505 -18.71 -32.93 -46.42
CA ALA D 505 -17.71 -33.44 -45.50
C ALA D 505 -18.19 -34.79 -45.00
N LYS D 506 -17.38 -35.41 -44.13
CA LYS D 506 -17.72 -36.72 -43.62
C LYS D 506 -19.04 -36.66 -42.86
N GLY D 507 -19.83 -37.72 -43.02
CA GLY D 507 -21.15 -37.76 -42.43
C GLY D 507 -22.19 -36.97 -43.19
N GLU D 508 -21.88 -36.51 -44.39
CA GLU D 508 -22.84 -35.75 -45.18
C GLU D 508 -24.03 -36.63 -45.55
N GLY D 509 -25.21 -36.05 -45.57
CA GLY D 509 -26.37 -36.71 -46.12
C GLY D 509 -26.82 -37.91 -45.32
N MET D 510 -27.42 -37.66 -44.16
CA MET D 510 -27.89 -38.73 -43.29
C MET D 510 -28.81 -38.12 -42.25
N VAL D 511 -29.52 -39.00 -41.54
CA VAL D 511 -30.46 -38.59 -40.50
C VAL D 511 -30.15 -39.43 -39.27
N LEU D 512 -29.55 -38.81 -38.26
CA LEU D 512 -29.05 -39.59 -37.15
C LEU D 512 -30.09 -39.88 -36.07
N THR D 513 -30.39 -38.87 -35.24
CA THR D 513 -31.24 -38.98 -34.07
C THR D 513 -31.28 -37.60 -33.47
N GLY D 514 -31.80 -37.45 -32.25
CA GLY D 514 -31.56 -36.25 -31.48
C GLY D 514 -30.07 -35.99 -31.28
N PRO D 515 -29.74 -34.97 -30.50
CA PRO D 515 -28.34 -34.55 -30.38
C PRO D 515 -27.38 -35.63 -29.87
N LYS D 516 -27.89 -36.57 -29.07
CA LYS D 516 -26.99 -37.53 -28.44
C LYS D 516 -26.21 -38.32 -29.47
N GLU D 517 -26.89 -38.85 -30.49
CA GLU D 517 -26.16 -39.58 -31.51
C GLU D 517 -25.29 -38.66 -32.33
N ALA D 518 -25.60 -37.36 -32.39
CA ALA D 518 -24.70 -36.44 -33.07
C ALA D 518 -23.36 -36.36 -32.35
N GLU D 519 -23.39 -36.21 -31.02
CA GLU D 519 -22.13 -36.22 -30.28
C GLU D 519 -21.43 -37.55 -30.41
N ARG D 520 -22.20 -38.65 -30.40
CA ARG D 520 -21.58 -39.96 -30.58
C ARG D 520 -20.90 -40.06 -31.94
N LEU D 521 -21.54 -39.53 -32.98
CA LEU D 521 -20.93 -39.54 -34.31
C LEU D 521 -19.65 -38.74 -34.33
N TYR D 522 -19.66 -37.56 -33.71
CA TYR D 522 -18.48 -36.72 -33.78
C TYR D 522 -17.32 -37.33 -33.01
N ARG D 523 -17.57 -37.81 -31.80
CA ARG D 523 -16.48 -38.32 -30.97
C ARG D 523 -15.80 -39.50 -31.62
N SER D 524 -16.57 -40.40 -32.22
CA SER D 524 -15.99 -41.55 -32.89
C SER D 524 -15.19 -41.17 -34.13
N GLY D 525 -15.29 -39.92 -34.59
CA GLY D 525 -14.61 -39.50 -35.79
C GLY D 525 -15.28 -39.93 -37.07
N LEU D 526 -16.45 -40.55 -36.99
CA LEU D 526 -17.15 -41.01 -38.18
C LEU D 526 -17.63 -39.82 -39.02
N ALA D 527 -18.25 -38.85 -38.39
CA ALA D 527 -18.81 -37.67 -39.06
C ALA D 527 -18.01 -36.44 -38.66
N SER D 528 -17.59 -35.67 -39.65
CA SER D 528 -16.84 -34.47 -39.36
C SER D 528 -17.74 -33.44 -38.69
N LEU D 529 -17.10 -32.48 -38.02
CA LEU D 529 -17.84 -31.55 -37.19
C LEU D 529 -18.80 -30.71 -38.03
N HIS D 530 -18.36 -30.24 -39.17
CA HIS D 530 -19.23 -29.53 -40.10
C HIS D 530 -19.82 -30.55 -41.07
N ALA D 531 -21.12 -30.79 -40.97
CA ALA D 531 -21.76 -31.75 -41.85
C ALA D 531 -23.24 -31.40 -41.92
N ARG D 532 -23.63 -30.70 -42.96
CA ARG D 532 -25.04 -30.39 -43.17
C ARG D 532 -25.83 -31.69 -43.20
N VAL D 533 -26.69 -31.87 -42.20
CA VAL D 533 -27.36 -33.14 -41.98
C VAL D 533 -28.64 -32.84 -41.22
N LYS D 534 -29.64 -33.68 -41.40
CA LYS D 534 -30.92 -33.52 -40.71
C LYS D 534 -30.91 -34.34 -39.44
N VAL D 535 -31.40 -33.76 -38.35
CA VAL D 535 -31.53 -34.45 -37.07
C VAL D 535 -32.93 -34.18 -36.53
N ARG D 536 -33.18 -34.61 -35.29
CA ARG D 536 -34.52 -34.56 -34.73
C ARG D 536 -34.58 -33.72 -33.45
N ILE D 537 -33.95 -32.54 -33.45
CA ILE D 537 -34.00 -31.71 -32.25
C ILE D 537 -35.45 -31.40 -31.91
N THR D 538 -35.76 -31.44 -30.62
CA THR D 538 -37.07 -31.08 -30.12
C THR D 538 -36.92 -29.83 -29.26
N GLU D 539 -37.76 -28.83 -29.52
CA GLU D 539 -37.69 -27.56 -28.85
C GLU D 539 -38.88 -27.41 -27.90
N TYR D 540 -38.59 -26.98 -26.69
CA TYR D 540 -39.62 -26.67 -25.69
C TYR D 540 -39.81 -25.17 -25.70
N GLU D 541 -40.73 -24.69 -26.54
CA GLU D 541 -41.01 -23.27 -26.61
C GLU D 541 -42.11 -22.90 -25.62
N LYS D 542 -42.02 -21.68 -25.09
CA LYS D 542 -43.01 -21.17 -24.14
C LYS D 542 -44.20 -20.58 -24.88
N ASP D 543 -44.76 -21.33 -25.84
CA ASP D 543 -45.89 -20.82 -26.60
C ASP D 543 -47.12 -20.67 -25.73
N ALA D 544 -47.40 -21.66 -24.89
CA ALA D 544 -48.48 -21.58 -23.93
C ALA D 544 -48.06 -20.69 -22.76
N ASN D 545 -49.04 -20.33 -21.93
CA ASN D 545 -48.81 -19.42 -20.82
C ASN D 545 -47.90 -20.09 -19.80
N GLY D 546 -46.63 -19.72 -19.81
CA GLY D 546 -45.68 -20.26 -18.84
C GLY D 546 -45.59 -21.76 -18.85
N GLU D 547 -45.60 -22.37 -20.03
CA GLU D 547 -45.59 -23.82 -20.16
C GLU D 547 -44.59 -24.23 -21.24
N LEU D 548 -43.81 -25.27 -20.95
CA LEU D 548 -42.83 -25.79 -21.90
C LEU D 548 -43.54 -26.68 -22.89
N VAL D 549 -43.98 -26.08 -23.99
CA VAL D 549 -44.65 -26.83 -25.05
C VAL D 549 -43.60 -27.43 -25.96
N ALA D 550 -43.57 -28.76 -26.04
CA ALA D 550 -42.53 -29.48 -26.75
C ALA D 550 -42.99 -29.84 -28.16
N LYS D 551 -42.16 -29.50 -29.15
CA LYS D 551 -42.40 -29.93 -30.52
C LYS D 551 -41.10 -30.44 -31.12
N THR D 552 -41.18 -31.57 -31.81
CA THR D 552 -40.03 -32.21 -32.43
C THR D 552 -40.31 -32.46 -33.89
N SER D 553 -39.27 -32.42 -34.71
CA SER D 553 -39.42 -32.60 -36.14
C SER D 553 -38.04 -32.70 -36.79
N LEU D 554 -37.97 -33.47 -37.87
CA LEU D 554 -36.72 -33.57 -38.62
C LEU D 554 -36.33 -32.22 -39.19
N LYS D 555 -35.26 -31.63 -38.67
CA LYS D 555 -34.78 -30.33 -39.10
C LYS D 555 -33.36 -30.44 -39.62
N ASP D 556 -33.10 -29.73 -40.73
CA ASP D 556 -31.75 -29.58 -41.22
C ASP D 556 -30.93 -28.82 -40.18
N THR D 557 -29.65 -29.13 -40.14
CA THR D 557 -28.71 -28.49 -39.23
C THR D 557 -27.32 -28.93 -39.65
N THR D 558 -26.34 -28.70 -38.79
CA THR D 558 -25.05 -29.34 -38.91
C THR D 558 -24.83 -30.23 -37.69
N VAL D 559 -24.01 -31.27 -37.87
CA VAL D 559 -23.74 -32.17 -36.78
C VAL D 559 -23.21 -31.40 -35.57
N GLY D 560 -22.30 -30.47 -35.82
CA GLY D 560 -21.81 -29.65 -34.74
C GLY D 560 -22.92 -28.82 -34.10
N ARG D 561 -23.84 -28.33 -34.92
CA ARG D 561 -24.95 -27.55 -34.37
C ARG D 561 -25.80 -28.42 -33.45
N ALA D 562 -26.09 -29.65 -33.86
CA ALA D 562 -26.83 -30.55 -32.99
C ALA D 562 -26.07 -30.79 -31.70
N ILE D 563 -24.75 -30.93 -31.79
CA ILE D 563 -23.95 -31.15 -30.59
C ILE D 563 -24.07 -29.97 -29.64
N LEU D 564 -23.99 -28.76 -30.18
CA LEU D 564 -24.09 -27.58 -29.32
C LEU D 564 -25.48 -27.42 -28.74
N TRP D 565 -26.51 -27.88 -29.44
CA TRP D 565 -27.88 -27.68 -28.96
C TRP D 565 -28.10 -28.30 -27.59
N MET D 566 -27.30 -29.30 -27.21
CA MET D 566 -27.48 -29.93 -25.90
C MET D 566 -27.25 -28.95 -24.76
N ILE D 567 -26.45 -27.91 -25.00
CA ILE D 567 -26.15 -26.97 -23.93
C ILE D 567 -27.26 -25.94 -23.76
N VAL D 568 -28.07 -25.69 -24.79
CA VAL D 568 -29.15 -24.72 -24.68
C VAL D 568 -30.21 -25.25 -23.72
N PRO D 569 -30.71 -24.45 -22.77
CA PRO D 569 -31.74 -24.97 -21.86
C PRO D 569 -33.05 -25.23 -22.58
N LYS D 570 -34.06 -25.65 -21.82
CA LYS D 570 -35.30 -26.15 -22.42
C LYS D 570 -36.02 -25.05 -23.22
N GLY D 571 -36.20 -23.88 -22.61
CA GLY D 571 -37.18 -22.95 -23.11
C GLY D 571 -36.90 -22.43 -24.50
N LEU D 572 -35.63 -22.28 -24.86
CA LEU D 572 -35.30 -21.58 -26.09
C LEU D 572 -35.80 -22.36 -27.31
N PRO D 573 -36.15 -21.67 -28.40
CA PRO D 573 -36.44 -22.36 -29.64
C PRO D 573 -35.15 -22.81 -30.32
N TYR D 574 -35.28 -23.85 -31.14
CA TYR D 574 -34.08 -24.45 -31.74
C TYR D 574 -33.35 -23.46 -32.63
N SER D 575 -34.08 -22.68 -33.42
CA SER D 575 -33.46 -21.75 -34.34
C SER D 575 -32.54 -20.74 -33.66
N ILE D 576 -32.59 -20.64 -32.33
CA ILE D 576 -31.66 -19.78 -31.60
C ILE D 576 -30.23 -20.18 -31.92
N VAL D 577 -29.98 -21.47 -32.13
CA VAL D 577 -28.69 -21.97 -32.57
C VAL D 577 -28.94 -22.84 -33.79
N ASN D 578 -28.99 -22.21 -34.96
CA ASN D 578 -28.85 -22.90 -36.23
C ASN D 578 -28.00 -22.14 -37.22
N GLN D 579 -27.69 -20.88 -36.95
CA GLN D 579 -26.80 -20.08 -37.78
C GLN D 579 -25.36 -20.47 -37.49
N ALA D 580 -24.41 -19.65 -37.95
CA ALA D 580 -23.00 -19.79 -37.59
C ALA D 580 -22.73 -18.76 -36.49
N LEU D 581 -22.82 -19.22 -35.24
CA LEU D 581 -22.85 -18.31 -34.10
C LEU D 581 -21.60 -17.45 -34.03
N GLY D 582 -21.77 -16.15 -34.25
CA GLY D 582 -20.69 -15.20 -34.12
C GLY D 582 -20.60 -14.68 -32.70
N LYS D 583 -19.99 -13.51 -32.56
CA LYS D 583 -20.05 -12.79 -31.30
C LYS D 583 -21.37 -12.04 -31.13
N LYS D 584 -22.12 -11.86 -32.21
CA LYS D 584 -23.39 -11.15 -32.12
C LYS D 584 -24.52 -12.11 -31.78
N ALA D 585 -24.68 -13.17 -32.58
CA ALA D 585 -25.75 -14.12 -32.34
C ALA D 585 -25.59 -14.82 -31.00
N ILE D 586 -24.36 -14.98 -30.51
CA ILE D 586 -24.17 -15.65 -29.23
C ILE D 586 -24.65 -14.76 -28.10
N SER D 587 -24.34 -13.47 -28.15
CA SER D 587 -24.86 -12.57 -27.13
C SER D 587 -26.37 -12.46 -27.24
N LYS D 588 -26.91 -12.48 -28.46
CA LYS D 588 -28.36 -12.46 -28.61
C LYS D 588 -28.99 -13.71 -28.01
N MET D 589 -28.38 -14.87 -28.21
CA MET D 589 -28.87 -16.10 -27.62
C MET D 589 -28.84 -16.03 -26.10
N LEU D 590 -27.73 -15.56 -25.54
CA LEU D 590 -27.63 -15.45 -24.08
C LEU D 590 -28.66 -14.48 -23.53
N ASN D 591 -28.84 -13.34 -24.18
CA ASN D 591 -29.83 -12.37 -23.73
C ASN D 591 -31.25 -12.93 -23.82
N THR D 592 -31.55 -13.63 -24.90
CA THR D 592 -32.87 -14.25 -25.03
C THR D 592 -33.10 -15.26 -23.93
N CYS D 593 -32.07 -16.04 -23.60
CA CYS D 593 -32.21 -16.98 -22.49
C CYS D 593 -32.51 -16.24 -21.19
N TYR D 594 -31.83 -15.10 -20.98
CA TYR D 594 -32.16 -14.27 -19.82
C TYR D 594 -33.64 -13.93 -19.81
N ARG D 595 -34.11 -13.26 -20.85
CA ARG D 595 -35.46 -12.72 -20.82
C ARG D 595 -36.52 -13.82 -20.76
N ILE D 596 -36.25 -14.98 -21.34
CA ILE D 596 -37.28 -16.01 -21.43
C ILE D 596 -37.31 -16.86 -20.18
N LEU D 597 -36.15 -17.27 -19.65
CA LEU D 597 -36.10 -18.20 -18.53
C LEU D 597 -35.36 -17.62 -17.32
N GLY D 598 -35.33 -16.32 -17.17
CA GLY D 598 -34.86 -15.74 -15.93
C GLY D 598 -33.35 -15.77 -15.81
N LEU D 599 -32.90 -15.74 -14.56
CA LEU D 599 -31.48 -15.51 -14.27
C LEU D 599 -30.69 -16.81 -14.14
N LYS D 600 -31.04 -17.64 -13.16
CA LYS D 600 -30.21 -18.80 -12.86
C LYS D 600 -29.95 -19.69 -14.07
N PRO D 601 -30.93 -19.99 -14.92
CA PRO D 601 -30.59 -20.69 -16.16
C PRO D 601 -29.60 -19.95 -17.01
N THR D 602 -29.57 -18.62 -16.97
CA THR D 602 -28.56 -17.92 -17.76
C THR D 602 -27.17 -18.14 -17.21
N VAL D 603 -27.00 -18.22 -15.90
CA VAL D 603 -25.68 -18.51 -15.36
C VAL D 603 -25.26 -19.92 -15.72
N ILE D 604 -26.19 -20.89 -15.59
CA ILE D 604 -25.85 -22.25 -15.99
C ILE D 604 -25.47 -22.29 -17.46
N PHE D 605 -26.21 -21.54 -18.28
CA PHE D 605 -25.97 -21.57 -19.71
C PHE D 605 -24.70 -20.83 -20.09
N ALA D 606 -24.31 -19.79 -19.34
CA ALA D 606 -23.04 -19.13 -19.60
C ALA D 606 -21.87 -20.06 -19.27
N ASP D 607 -21.95 -20.75 -18.13
CA ASP D 607 -20.93 -21.77 -17.84
C ASP D 607 -20.85 -22.77 -18.98
N GLN D 608 -21.99 -23.33 -19.37
CA GLN D 608 -21.96 -24.38 -20.37
C GLN D 608 -21.44 -23.86 -21.70
N ILE D 609 -21.81 -22.64 -22.09
CA ILE D 609 -21.34 -22.14 -23.37
C ILE D 609 -19.84 -21.91 -23.33
N MET D 610 -19.33 -21.36 -22.23
CA MET D 610 -17.89 -21.20 -22.15
C MET D 610 -17.17 -22.54 -22.26
N TYR D 611 -17.66 -23.55 -21.54
CA TYR D 611 -16.95 -24.83 -21.56
C TYR D 611 -17.03 -25.49 -22.93
N THR D 612 -18.23 -25.60 -23.49
CA THR D 612 -18.37 -26.22 -24.79
C THR D 612 -17.88 -25.32 -25.90
N GLY D 613 -17.40 -24.13 -25.59
CA GLY D 613 -16.71 -23.33 -26.58
C GLY D 613 -15.23 -23.59 -26.52
N PHE D 614 -14.66 -23.58 -25.31
CA PHE D 614 -13.23 -23.84 -25.19
C PHE D 614 -12.87 -25.21 -25.74
N ALA D 615 -13.67 -26.23 -25.41
CA ALA D 615 -13.31 -27.58 -25.80
C ALA D 615 -13.23 -27.71 -27.31
N TYR D 616 -14.25 -27.23 -28.03
CA TYR D 616 -14.25 -27.38 -29.46
C TYR D 616 -13.34 -26.38 -30.16
N ALA D 617 -13.02 -25.25 -29.54
CA ALA D 617 -11.96 -24.41 -30.07
C ALA D 617 -10.65 -25.15 -30.06
N ALA D 618 -10.34 -25.84 -28.96
CA ALA D 618 -9.12 -26.63 -28.91
C ALA D 618 -9.15 -27.73 -29.94
N ARG D 619 -10.23 -28.50 -29.98
CA ARG D 619 -10.30 -29.61 -30.91
C ARG D 619 -10.27 -29.12 -32.36
N SER D 620 -10.62 -27.87 -32.61
CA SER D 620 -10.47 -27.33 -33.96
C SER D 620 -9.01 -27.06 -34.27
N GLY D 621 -8.28 -26.50 -33.31
CA GLY D 621 -6.91 -26.13 -33.58
C GLY D 621 -6.79 -25.03 -34.61
N ALA D 622 -7.70 -24.06 -34.59
CA ALA D 622 -7.58 -22.93 -35.49
C ALA D 622 -6.29 -22.20 -35.19
N SER D 623 -5.35 -22.23 -36.13
CA SER D 623 -4.06 -21.61 -35.93
C SER D 623 -3.71 -20.73 -37.11
N VAL D 624 -3.03 -19.62 -36.83
CA VAL D 624 -2.77 -18.59 -37.83
C VAL D 624 -1.43 -18.90 -38.48
N GLY D 625 -1.46 -19.78 -39.48
CA GLY D 625 -0.30 -19.91 -40.34
C GLY D 625 -0.11 -18.67 -41.18
N ILE D 626 1.13 -18.42 -41.59
CA ILE D 626 1.37 -17.21 -42.36
C ILE D 626 0.69 -17.31 -43.71
N ASP D 627 0.61 -18.50 -44.29
CA ASP D 627 0.06 -18.63 -45.63
C ASP D 627 -1.42 -18.31 -45.69
N ASP D 628 -2.10 -18.13 -44.57
CA ASP D 628 -3.53 -17.86 -44.58
C ASP D 628 -3.84 -16.37 -44.59
N MET D 629 -2.84 -15.50 -44.65
CA MET D 629 -3.06 -14.09 -44.91
C MET D 629 -2.87 -13.82 -46.40
N VAL D 630 -3.83 -14.32 -47.18
CA VAL D 630 -3.70 -14.27 -48.63
C VAL D 630 -3.68 -12.81 -49.09
N ILE D 631 -2.82 -12.53 -50.07
CA ILE D 631 -2.73 -11.21 -50.68
C ILE D 631 -3.40 -11.26 -52.05
N PRO D 632 -4.15 -10.25 -52.46
CA PRO D 632 -4.69 -10.27 -53.82
C PRO D 632 -3.57 -10.27 -54.86
N GLU D 633 -3.79 -11.01 -55.93
CA GLU D 633 -2.92 -10.91 -57.09
C GLU D 633 -3.16 -9.61 -57.86
N LYS D 634 -4.31 -8.98 -57.66
CA LYS D 634 -4.62 -7.71 -58.31
C LYS D 634 -4.01 -6.52 -57.59
N LYS D 635 -3.38 -6.73 -56.43
CA LYS D 635 -2.88 -5.61 -55.65
C LYS D 635 -1.86 -4.80 -56.44
N HIS D 636 -0.86 -5.46 -57.00
CA HIS D 636 0.18 -4.74 -57.71
C HIS D 636 -0.38 -4.03 -58.93
N GLU D 637 -1.34 -4.65 -59.63
CA GLU D 637 -1.93 -4.02 -60.79
C GLU D 637 -2.70 -2.76 -60.39
N ILE D 638 -3.50 -2.85 -59.32
CA ILE D 638 -4.26 -1.70 -58.87
C ILE D 638 -3.32 -0.59 -58.45
N ILE D 639 -2.24 -0.94 -57.76
CA ILE D 639 -1.30 0.07 -57.29
C ILE D 639 -0.57 0.71 -58.46
N SER D 640 -0.24 -0.08 -59.48
CA SER D 640 0.37 0.51 -60.67
C SER D 640 -0.59 1.48 -61.34
N GLU D 641 -1.88 1.12 -61.41
CA GLU D 641 -2.85 2.02 -62.00
C GLU D 641 -2.96 3.31 -61.20
N ALA D 642 -2.98 3.20 -59.87
CA ALA D 642 -3.02 4.41 -59.04
C ALA D 642 -1.77 5.25 -59.24
N GLU D 643 -0.60 4.60 -59.36
CA GLU D 643 0.63 5.33 -59.59
C GLU D 643 0.59 6.07 -60.91
N ALA D 644 0.08 5.43 -61.96
CA ALA D 644 -0.10 6.12 -63.23
C ALA D 644 -1.05 7.30 -63.09
N GLU D 645 -2.13 7.11 -62.34
CA GLU D 645 -3.10 8.19 -62.13
C GLU D 645 -2.44 9.40 -61.47
N VAL D 646 -1.72 9.18 -60.37
CA VAL D 646 -1.06 10.30 -59.71
C VAL D 646 0.00 10.90 -60.62
N ALA D 647 0.65 10.08 -61.44
CA ALA D 647 1.63 10.62 -62.38
C ALA D 647 0.99 11.61 -63.34
N GLU D 648 -0.14 11.21 -63.94
CA GLU D 648 -0.82 12.11 -64.87
C GLU D 648 -1.33 13.36 -64.17
N ILE D 649 -1.88 13.20 -62.96
CA ILE D 649 -2.39 14.35 -62.23
C ILE D 649 -1.25 15.32 -61.90
N GLN D 650 -0.12 14.79 -61.46
CA GLN D 650 1.01 15.65 -61.13
C GLN D 650 1.55 16.35 -62.37
N GLU D 651 1.63 15.63 -63.49
CA GLU D 651 2.11 16.26 -64.72
C GLU D 651 1.16 17.36 -65.16
N GLN D 652 -0.14 17.14 -65.05
CA GLN D 652 -1.11 18.16 -65.39
C GLN D 652 -0.98 19.38 -64.48
N PHE D 653 -0.76 19.14 -63.17
CA PHE D 653 -0.55 20.25 -62.25
C PHE D 653 0.69 21.04 -62.61
N GLN D 654 1.78 20.36 -62.97
CA GLN D 654 3.00 21.04 -63.38
C GLN D 654 2.74 21.97 -64.56
N SER D 655 1.84 21.56 -65.46
CA SER D 655 1.44 22.41 -66.58
C SER D 655 0.55 23.56 -66.15
N GLY D 656 0.09 23.58 -64.90
CA GLY D 656 -0.74 24.65 -64.39
C GLY D 656 -2.22 24.47 -64.61
N LEU D 657 -2.65 23.42 -65.30
CA LEU D 657 -4.08 23.24 -65.57
C LEU D 657 -4.88 23.08 -64.28
N VAL D 658 -4.27 22.51 -63.25
CA VAL D 658 -4.92 22.32 -61.94
C VAL D 658 -4.00 22.88 -60.87
N THR D 659 -4.58 23.64 -59.94
CA THR D 659 -3.81 24.26 -58.89
C THR D 659 -3.26 23.20 -57.93
N ALA D 660 -2.38 23.64 -57.02
CA ALA D 660 -1.72 22.72 -56.10
C ALA D 660 -2.73 22.05 -55.17
N GLY D 661 -3.66 22.82 -54.61
CA GLY D 661 -4.63 22.24 -53.70
C GLY D 661 -5.53 21.23 -54.38
N GLU D 662 -6.04 21.55 -55.56
CA GLU D 662 -6.88 20.62 -56.30
C GLU D 662 -6.09 19.36 -56.65
N ARG D 663 -4.84 19.53 -57.09
CA ARG D 663 -4.02 18.38 -57.41
C ARG D 663 -3.85 17.47 -56.20
N TYR D 664 -3.56 18.06 -55.04
CA TYR D 664 -3.38 17.27 -53.83
C TYR D 664 -4.66 16.54 -53.45
N ASN D 665 -5.79 17.24 -53.52
CA ASN D 665 -7.06 16.59 -53.16
C ASN D 665 -7.39 15.45 -54.12
N LYS D 666 -7.17 15.67 -55.41
CA LYS D 666 -7.41 14.60 -56.38
C LYS D 666 -6.49 13.42 -56.13
N VAL D 667 -5.24 13.69 -55.77
CA VAL D 667 -4.29 12.61 -55.51
C VAL D 667 -4.78 11.76 -54.35
N ILE D 668 -5.14 12.42 -53.23
CA ILE D 668 -5.56 11.62 -52.07
C ILE D 668 -6.86 10.91 -52.38
N ASP D 669 -7.75 11.51 -53.18
CA ASP D 669 -8.99 10.84 -53.52
C ASP D 669 -8.75 9.58 -54.34
N ILE D 670 -7.84 9.65 -55.33
CA ILE D 670 -7.60 8.46 -56.13
C ILE D 670 -6.85 7.41 -55.31
N TRP D 671 -6.01 7.83 -54.37
CA TRP D 671 -5.40 6.86 -53.47
C TRP D 671 -6.46 6.17 -52.62
N ALA D 672 -7.43 6.92 -52.13
CA ALA D 672 -8.52 6.31 -51.38
C ALA D 672 -9.30 5.33 -52.25
N ALA D 673 -9.54 5.69 -53.51
CA ALA D 673 -10.27 4.80 -54.41
C ALA D 673 -9.50 3.50 -54.62
N ALA D 674 -8.19 3.61 -54.87
CA ALA D 674 -7.39 2.41 -55.07
C ALA D 674 -7.35 1.56 -53.80
N ASN D 675 -7.29 2.23 -52.64
CA ASN D 675 -7.31 1.50 -51.38
C ASN D 675 -8.60 0.74 -51.22
N ASP D 676 -9.72 1.37 -51.58
CA ASP D 676 -11.00 0.67 -51.53
C ASP D 676 -11.00 -0.54 -52.46
N ARG D 677 -10.46 -0.38 -53.67
CA ARG D 677 -10.42 -1.50 -54.61
C ARG D 677 -9.62 -2.66 -54.01
N VAL D 678 -8.45 -2.37 -53.45
CA VAL D 678 -7.61 -3.43 -52.91
C VAL D 678 -8.26 -4.07 -51.70
N SER D 679 -8.91 -3.27 -50.86
CA SER D 679 -9.60 -3.82 -49.70
C SER D 679 -10.72 -4.75 -50.14
N LYS D 680 -11.48 -4.36 -51.14
CA LYS D 680 -12.53 -5.24 -51.64
C LYS D 680 -11.94 -6.52 -52.21
N ALA D 681 -10.83 -6.40 -52.94
CA ALA D 681 -10.22 -7.59 -53.52
C ALA D 681 -9.75 -8.56 -52.44
N MET D 682 -9.07 -8.05 -51.42
CA MET D 682 -8.55 -8.94 -50.38
C MET D 682 -9.67 -9.53 -49.54
N MET D 683 -10.68 -8.72 -49.22
CA MET D 683 -11.79 -9.28 -48.48
C MET D 683 -12.54 -10.33 -49.29
N ASP D 684 -12.53 -10.20 -50.62
CA ASP D 684 -13.15 -11.22 -51.45
C ASP D 684 -12.29 -12.47 -51.55
N ASN D 685 -10.97 -12.33 -51.53
CA ASN D 685 -10.11 -13.51 -51.56
C ASN D 685 -10.16 -14.27 -50.24
N LEU D 686 -10.05 -13.55 -49.12
CA LEU D 686 -10.16 -14.19 -47.82
C LEU D 686 -11.52 -14.85 -47.66
N GLN D 687 -12.58 -14.06 -47.65
CA GLN D 687 -13.91 -14.63 -47.61
C GLN D 687 -14.16 -15.42 -48.88
N THR D 688 -15.24 -16.20 -48.88
CA THR D 688 -15.58 -17.13 -49.96
C THR D 688 -14.31 -17.80 -50.46
N GLU D 689 -14.18 -17.98 -51.77
CA GLU D 689 -12.92 -18.34 -52.39
C GLU D 689 -12.55 -19.80 -52.18
N THR D 690 -13.28 -20.51 -51.32
CA THR D 690 -13.03 -21.92 -51.06
C THR D 690 -13.95 -22.70 -51.99
N VAL D 691 -13.42 -23.11 -53.13
CA VAL D 691 -14.14 -23.91 -54.10
C VAL D 691 -13.79 -25.37 -53.86
N ILE D 692 -14.80 -26.21 -53.69
CA ILE D 692 -14.62 -27.62 -53.39
C ILE D 692 -15.76 -28.41 -54.01
N ASN D 693 -15.48 -29.67 -54.29
CA ASN D 693 -16.50 -30.57 -54.82
C ASN D 693 -17.58 -30.83 -53.77
N ARG D 694 -18.81 -30.98 -54.24
CA ARG D 694 -19.96 -31.26 -53.37
C ARG D 694 -20.45 -32.69 -53.52
N ASP D 695 -19.56 -33.60 -53.92
CA ASP D 695 -19.82 -34.96 -54.39
C ASP D 695 -20.29 -34.96 -55.84
N GLY D 696 -20.64 -33.82 -56.41
CA GLY D 696 -20.89 -33.70 -57.84
C GLY D 696 -19.86 -32.80 -58.46
N GLN D 697 -20.24 -31.58 -58.83
CA GLN D 697 -19.31 -30.61 -59.40
C GLN D 697 -18.76 -29.74 -58.27
N GLU D 698 -18.02 -28.70 -58.64
CA GLU D 698 -17.45 -27.80 -57.65
C GLU D 698 -18.44 -26.71 -57.29
N GLU D 699 -18.23 -26.13 -56.11
CA GLU D 699 -18.99 -24.96 -55.70
C GLU D 699 -18.19 -24.26 -54.62
N LYS D 700 -18.49 -22.98 -54.41
CA LYS D 700 -17.76 -22.16 -53.46
C LYS D 700 -18.55 -22.02 -52.16
N GLN D 701 -17.81 -21.95 -51.05
CA GLN D 701 -18.39 -21.75 -49.73
C GLN D 701 -17.53 -20.76 -48.96
N VAL D 702 -18.08 -20.23 -47.87
CA VAL D 702 -17.31 -19.31 -47.03
C VAL D 702 -16.08 -20.03 -46.52
N SER D 703 -14.93 -19.35 -46.62
CA SER D 703 -13.66 -20.01 -46.38
C SER D 703 -13.46 -20.31 -44.90
N PHE D 704 -12.46 -21.15 -44.64
CA PHE D 704 -12.05 -21.51 -43.29
C PHE D 704 -10.69 -20.94 -42.92
N ASN D 705 -10.17 -19.99 -43.70
CA ASN D 705 -8.89 -19.39 -43.35
C ASN D 705 -8.96 -18.79 -41.95
N SER D 706 -7.94 -19.07 -41.14
CA SER D 706 -8.01 -18.74 -39.72
C SER D 706 -8.21 -17.25 -39.52
N ILE D 707 -7.57 -16.42 -40.34
CA ILE D 707 -7.78 -14.98 -40.21
C ILE D 707 -9.22 -14.62 -40.54
N TYR D 708 -9.72 -15.12 -41.67
CA TYR D 708 -11.10 -14.79 -42.03
C TYR D 708 -12.07 -15.45 -41.07
N MET D 709 -11.78 -16.65 -40.61
CA MET D 709 -12.65 -17.30 -39.65
C MET D 709 -12.77 -16.44 -38.40
N MET D 710 -11.66 -15.94 -37.91
CA MET D 710 -11.69 -15.02 -36.80
C MET D 710 -12.56 -13.82 -37.11
N ALA D 711 -12.28 -13.14 -38.23
CA ALA D 711 -12.92 -11.85 -38.49
C ALA D 711 -14.42 -11.99 -38.65
N ASP D 712 -14.86 -13.00 -39.42
CA ASP D 712 -16.29 -13.23 -39.56
C ASP D 712 -16.92 -13.61 -38.23
N SER D 713 -16.24 -14.46 -37.45
CA SER D 713 -16.75 -14.81 -36.14
C SER D 713 -16.82 -13.60 -35.23
N GLY D 714 -15.98 -12.60 -35.47
CA GLY D 714 -15.87 -11.52 -34.54
C GLY D 714 -15.15 -11.90 -33.27
N ALA D 715 -14.30 -12.93 -33.32
CA ALA D 715 -13.54 -13.31 -32.15
C ALA D 715 -12.68 -12.15 -31.66
N ARG D 716 -11.70 -11.74 -32.46
CA ARG D 716 -10.98 -10.50 -32.17
C ARG D 716 -10.35 -10.01 -33.46
N GLY D 717 -10.87 -8.92 -34.00
CA GLY D 717 -10.34 -8.32 -35.21
C GLY D 717 -11.37 -8.24 -36.31
N SER D 718 -11.87 -7.03 -36.56
CA SER D 718 -12.88 -6.83 -37.58
C SER D 718 -12.21 -6.68 -38.94
N ALA D 719 -12.99 -6.39 -39.98
CA ALA D 719 -12.47 -6.40 -41.34
C ALA D 719 -11.32 -5.41 -41.53
N ALA D 720 -11.33 -4.30 -40.77
CA ALA D 720 -10.32 -3.26 -40.98
C ALA D 720 -8.92 -3.81 -40.73
N GLN D 721 -8.74 -4.56 -39.66
CA GLN D 721 -7.39 -4.98 -39.31
C GLN D 721 -6.88 -6.07 -40.24
N ILE D 722 -7.72 -7.02 -40.64
CA ILE D 722 -7.24 -8.00 -41.60
C ILE D 722 -6.98 -7.34 -42.94
N ARG D 723 -7.73 -6.29 -43.26
CA ARG D 723 -7.41 -5.47 -44.43
C ARG D 723 -6.01 -4.91 -44.30
N GLN D 724 -5.67 -4.41 -43.11
CA GLN D 724 -4.33 -3.90 -42.88
C GLN D 724 -3.29 -5.01 -42.95
N LEU D 725 -3.70 -6.24 -42.68
CA LEU D 725 -2.76 -7.36 -42.73
C LEU D 725 -2.47 -7.79 -44.15
N ALA D 726 -3.45 -7.70 -45.05
CA ALA D 726 -3.29 -8.15 -46.43
C ALA D 726 -3.39 -7.03 -47.46
N GLY D 727 -4.35 -6.12 -47.34
CA GLY D 727 -4.47 -5.01 -48.26
C GLY D 727 -3.53 -3.87 -47.90
N MET D 728 -3.55 -2.84 -48.73
CA MET D 728 -2.79 -1.64 -48.42
C MET D 728 -3.22 -1.10 -47.08
N ARG D 729 -2.25 -0.72 -46.25
CA ARG D 729 -2.59 -0.27 -44.91
C ARG D 729 -2.91 1.22 -44.84
N GLY D 730 -3.35 1.82 -45.93
CA GLY D 730 -3.91 3.15 -45.89
C GLY D 730 -2.89 4.25 -46.08
N LEU D 731 -3.36 5.47 -45.86
CA LEU D 731 -2.56 6.69 -45.96
C LEU D 731 -2.43 7.25 -44.54
N MET D 732 -1.24 7.12 -43.97
CA MET D 732 -1.04 7.57 -42.61
C MET D 732 -0.89 9.08 -42.57
N ALA D 733 -1.65 9.72 -41.68
CA ALA D 733 -1.62 11.17 -41.58
C ALA D 733 -0.34 11.64 -40.92
N LYS D 734 0.19 12.77 -41.40
CA LYS D 734 1.41 13.33 -40.86
C LYS D 734 1.16 13.75 -39.40
N PRO D 735 2.21 14.09 -38.66
CA PRO D 735 2.01 14.37 -37.22
C PRO D 735 1.03 15.48 -36.95
N ASP D 736 0.94 16.49 -37.82
CA ASP D 736 -0.05 17.54 -37.64
C ASP D 736 -1.46 16.98 -37.73
N GLY D 737 -1.70 16.09 -38.68
CA GLY D 737 -3.02 15.54 -38.91
C GLY D 737 -3.40 15.54 -40.38
N SER D 738 -2.72 16.38 -41.16
CA SER D 738 -2.97 16.42 -42.60
C SER D 738 -2.63 15.07 -43.22
N ILE D 739 -3.48 14.60 -44.11
CA ILE D 739 -3.33 13.26 -44.67
C ILE D 739 -2.17 13.25 -45.65
N ILE D 740 -1.24 12.32 -45.47
CA ILE D 740 -0.08 12.23 -46.35
C ILE D 740 -0.55 11.90 -47.77
N GLU D 741 0.06 12.57 -48.74
CA GLU D 741 -0.32 12.38 -50.13
C GLU D 741 0.00 10.96 -50.61
N THR D 742 1.15 10.42 -50.21
CA THR D 742 1.60 9.13 -50.72
C THR D 742 1.38 8.07 -49.65
N PRO D 743 0.43 7.16 -49.81
CA PRO D 743 0.08 6.25 -48.73
C PRO D 743 1.08 5.11 -48.62
N ILE D 744 0.86 4.27 -47.61
CA ILE D 744 1.63 3.04 -47.47
C ILE D 744 1.03 2.03 -48.45
N THR D 745 1.87 1.54 -49.37
CA THR D 745 1.44 0.60 -50.39
C THR D 745 2.04 -0.79 -50.16
N ALA D 746 2.08 -1.21 -48.90
CA ALA D 746 2.64 -2.52 -48.58
C ALA D 746 1.98 -3.04 -47.31
N ASN D 747 1.27 -4.15 -47.44
CA ASN D 747 0.65 -4.80 -46.30
C ASN D 747 1.71 -5.30 -45.34
N PHE D 748 1.27 -5.88 -44.23
CA PHE D 748 2.22 -6.38 -43.24
C PHE D 748 2.88 -7.68 -43.66
N ARG D 749 2.17 -8.55 -44.38
CA ARG D 749 2.76 -9.81 -44.78
C ARG D 749 4.01 -9.57 -45.61
N GLU D 750 3.89 -8.77 -46.67
CA GLU D 750 5.08 -8.22 -47.28
C GLU D 750 5.69 -7.19 -46.34
N GLY D 751 6.94 -6.84 -46.59
CA GLY D 751 7.65 -5.97 -45.69
C GLY D 751 7.30 -4.50 -45.87
N LEU D 752 7.55 -3.73 -44.82
CA LEU D 752 7.56 -2.29 -44.91
C LEU D 752 8.97 -1.82 -45.28
N ASN D 753 9.11 -0.52 -45.48
CA ASN D 753 10.39 0.12 -45.77
C ASN D 753 10.69 1.13 -44.66
N VAL D 754 11.95 1.50 -44.54
CA VAL D 754 12.34 2.43 -43.48
C VAL D 754 11.50 3.69 -43.56
N LEU D 755 11.29 4.21 -44.76
CA LEU D 755 10.48 5.41 -44.89
C LEU D 755 9.05 5.15 -44.46
N GLN D 756 8.45 4.07 -44.97
CA GLN D 756 7.05 3.79 -44.68
C GLN D 756 6.83 3.50 -43.20
N TYR D 757 7.70 2.68 -42.62
CA TYR D 757 7.55 2.37 -41.22
C TYR D 757 7.77 3.61 -40.36
N PHE D 758 8.78 4.41 -40.71
CA PHE D 758 9.01 5.63 -39.97
C PHE D 758 7.81 6.56 -40.06
N ILE D 759 7.06 6.50 -41.17
CA ILE D 759 5.83 7.28 -41.25
C ILE D 759 4.78 6.73 -40.30
N SER D 760 4.64 5.40 -40.24
CA SER D 760 3.60 4.82 -39.39
C SER D 760 3.83 5.11 -37.91
N THR D 761 5.09 5.28 -37.52
CA THR D 761 5.36 5.58 -36.12
C THR D 761 4.67 6.86 -35.66
N HIS D 762 4.46 7.81 -36.58
CA HIS D 762 3.78 9.06 -36.22
C HIS D 762 2.41 8.79 -35.63
N GLY D 763 1.54 8.17 -36.42
CA GLY D 763 0.21 7.86 -35.94
C GLY D 763 0.24 6.98 -34.71
N ALA D 764 1.15 6.00 -34.67
CA ALA D 764 1.20 5.12 -33.51
C ALA D 764 1.47 5.91 -32.23
N ARG D 765 2.52 6.72 -32.21
CA ARG D 765 2.88 7.41 -30.98
C ARG D 765 1.83 8.45 -30.61
N LYS D 766 1.24 9.13 -31.61
CA LYS D 766 0.21 10.09 -31.28
C LYS D 766 -0.96 9.40 -30.59
N GLY D 767 -1.36 8.23 -31.09
CA GLY D 767 -2.41 7.48 -30.43
C GLY D 767 -2.07 7.12 -29.00
N LEU D 768 -0.84 6.65 -28.77
CA LEU D 768 -0.46 6.26 -27.41
C LEU D 768 -0.53 7.45 -26.46
N ALA D 769 0.05 8.58 -26.85
CA ALA D 769 0.07 9.74 -25.97
C ALA D 769 -1.35 10.23 -25.69
N ASP D 770 -2.19 10.27 -26.73
CA ASP D 770 -3.55 10.75 -26.52
C ASP D 770 -4.32 9.85 -25.57
N THR D 771 -4.12 8.53 -25.66
CA THR D 771 -4.75 7.64 -24.69
C THR D 771 -4.24 7.92 -23.27
N ALA D 772 -2.93 8.10 -23.13
CA ALA D 772 -2.38 8.33 -21.80
C ALA D 772 -2.98 9.58 -21.16
N LEU D 773 -3.24 10.61 -21.97
CA LEU D 773 -3.85 11.83 -21.42
C LEU D 773 -5.34 11.63 -21.13
N LYS D 774 -6.06 10.97 -22.05
CA LYS D 774 -7.48 10.75 -21.85
C LYS D 774 -7.75 9.91 -20.62
N THR D 775 -6.78 9.12 -20.17
CA THR D 775 -6.91 8.42 -18.89
C THR D 775 -7.32 9.39 -17.79
N ALA D 776 -6.43 10.34 -17.47
CA ALA D 776 -6.72 11.30 -16.42
C ALA D 776 -7.92 12.17 -16.76
N ASN D 777 -8.14 12.44 -18.05
CA ASN D 777 -9.33 13.21 -18.41
C ASN D 777 -10.61 12.53 -17.95
N SER D 778 -10.77 11.25 -18.30
CA SER D 778 -11.95 10.50 -17.86
C SER D 778 -12.00 10.39 -16.35
N GLY D 779 -10.83 10.27 -15.70
CA GLY D 779 -10.82 10.24 -14.25
C GLY D 779 -11.43 11.49 -13.65
N TYR D 780 -10.99 12.65 -14.12
CA TYR D 780 -11.53 13.91 -13.60
C TYR D 780 -13.02 14.00 -13.87
N LEU D 781 -13.46 13.60 -15.06
CA LEU D 781 -14.88 13.68 -15.36
C LEU D 781 -15.70 12.81 -14.41
N THR D 782 -15.25 11.58 -14.16
CA THR D 782 -15.99 10.73 -13.23
C THR D 782 -16.03 11.38 -11.86
N ARG D 783 -14.92 11.98 -11.43
CA ARG D 783 -14.91 12.56 -10.09
C ARG D 783 -15.91 13.70 -9.96
N ARG D 784 -15.98 14.59 -10.96
CA ARG D 784 -16.98 15.65 -10.89
C ARG D 784 -18.38 15.06 -10.85
N LEU D 785 -18.65 14.09 -11.72
CA LEU D 785 -20.01 13.57 -11.79
C LEU D 785 -20.42 12.94 -10.48
N VAL D 786 -19.57 12.11 -9.89
CA VAL D 786 -19.94 11.48 -8.63
C VAL D 786 -19.96 12.50 -7.51
N ASP D 787 -19.26 13.62 -7.66
CA ASP D 787 -19.34 14.66 -6.65
C ASP D 787 -20.70 15.34 -6.65
N VAL D 788 -21.30 15.53 -7.84
CA VAL D 788 -22.61 16.17 -7.89
C VAL D 788 -23.77 15.19 -7.93
N ALA D 789 -23.51 13.89 -8.03
CA ALA D 789 -24.58 12.91 -8.05
C ALA D 789 -24.72 12.15 -6.74
N GLN D 790 -23.65 12.07 -5.93
CA GLN D 790 -23.70 11.25 -4.73
C GLN D 790 -24.81 11.68 -3.78
N ASP D 791 -25.28 12.92 -3.90
CA ASP D 791 -26.37 13.37 -3.04
C ASP D 791 -27.56 12.43 -3.11
N LEU D 792 -27.96 12.04 -4.31
CA LEU D 792 -29.24 11.36 -4.47
C LEU D 792 -29.23 9.98 -3.87
N VAL D 793 -30.44 9.47 -3.65
CA VAL D 793 -30.68 8.09 -3.25
C VAL D 793 -32.16 7.83 -3.41
N VAL D 794 -32.52 6.70 -4.00
CA VAL D 794 -33.92 6.45 -4.31
C VAL D 794 -34.67 6.22 -2.99
N THR D 795 -35.34 7.26 -2.49
CA THR D 795 -35.92 7.25 -1.17
C THR D 795 -37.44 7.30 -1.14
N GLU D 796 -38.09 7.39 -2.29
CA GLU D 796 -39.54 7.52 -2.35
C GLU D 796 -40.11 6.50 -3.30
N ASP D 797 -41.09 5.74 -2.83
CA ASP D 797 -41.70 4.72 -3.69
C ASP D 797 -42.39 5.36 -4.88
N ASP D 798 -43.08 6.48 -4.68
CA ASP D 798 -43.77 7.13 -5.78
C ASP D 798 -44.07 8.57 -5.39
N CYS D 799 -43.65 9.51 -6.24
CA CYS D 799 -43.93 10.91 -6.01
C CYS D 799 -45.30 11.33 -6.54
N GLY D 800 -45.96 10.47 -7.32
CA GLY D 800 -47.32 10.73 -7.74
C GLY D 800 -47.46 11.99 -8.56
N THR D 801 -46.58 12.17 -9.52
CA THR D 801 -46.60 13.33 -10.41
C THR D 801 -47.36 12.99 -11.69
N HIS D 802 -47.32 13.93 -12.63
CA HIS D 802 -47.84 13.71 -13.97
C HIS D 802 -46.90 14.25 -15.05
N GLU D 803 -45.82 14.93 -14.69
CA GLU D 803 -45.00 15.66 -15.66
C GLU D 803 -43.79 14.80 -16.02
N GLY D 804 -44.03 13.82 -16.88
CA GLY D 804 -42.97 13.02 -17.47
C GLY D 804 -42.73 13.46 -18.90
N ILE D 805 -41.47 13.48 -19.30
CA ILE D 805 -41.15 13.87 -20.66
C ILE D 805 -41.79 12.89 -21.63
N MET D 806 -41.99 13.35 -22.87
CA MET D 806 -42.56 12.54 -23.93
C MET D 806 -41.45 12.08 -24.85
N MET D 807 -41.17 10.78 -24.84
CA MET D 807 -40.07 10.22 -25.61
C MET D 807 -40.54 9.83 -27.00
N THR D 808 -39.69 10.11 -27.98
CA THR D 808 -39.94 9.79 -29.38
C THR D 808 -38.64 9.23 -29.96
N PRO D 809 -38.73 8.47 -31.04
CA PRO D 809 -37.49 8.05 -31.72
C PRO D 809 -36.70 9.27 -32.16
N VAL D 810 -35.39 9.18 -32.01
CA VAL D 810 -34.52 10.34 -32.23
C VAL D 810 -33.96 10.28 -33.65
N ILE D 811 -34.12 11.38 -34.39
CA ILE D 811 -33.86 11.43 -35.82
C ILE D 811 -32.63 12.30 -36.04
N GLU D 812 -31.56 11.70 -36.54
CA GLU D 812 -30.29 12.40 -36.77
C GLU D 812 -30.27 12.95 -38.20
N GLY D 813 -31.13 13.92 -38.44
CA GLY D 813 -31.20 14.54 -39.75
C GLY D 813 -31.57 13.57 -40.85
N GLY D 814 -32.62 12.78 -40.64
CA GLY D 814 -33.02 11.77 -41.60
C GLY D 814 -32.43 10.41 -41.36
N ASP D 815 -31.85 10.16 -40.19
CA ASP D 815 -31.15 8.93 -39.86
C ASP D 815 -31.55 8.42 -38.49
N VAL D 816 -32.85 8.27 -38.26
CA VAL D 816 -33.37 7.77 -36.99
C VAL D 816 -32.67 6.47 -36.61
N LYS D 817 -31.95 6.48 -35.49
CA LYS D 817 -31.15 5.34 -35.05
C LYS D 817 -31.81 4.62 -33.89
N GLU D 818 -32.07 5.32 -32.78
CA GLU D 818 -32.69 4.71 -31.62
C GLU D 818 -34.19 4.80 -31.79
N PRO D 819 -34.91 3.70 -31.97
CA PRO D 819 -36.37 3.79 -32.01
C PRO D 819 -36.91 4.02 -30.61
N LEU D 820 -38.24 4.03 -30.48
CA LEU D 820 -38.82 4.20 -29.16
C LEU D 820 -38.55 3.01 -28.24
N ARG D 821 -38.04 1.90 -28.78
CA ARG D 821 -37.75 0.72 -27.97
C ARG D 821 -36.85 1.06 -26.79
N ASP D 822 -35.63 1.50 -27.07
CA ASP D 822 -34.62 1.62 -26.03
C ASP D 822 -34.93 2.76 -25.08
N ARG D 823 -34.95 3.99 -25.60
CA ARG D 823 -35.04 5.18 -24.75
C ARG D 823 -36.37 5.29 -24.01
N VAL D 824 -37.25 4.30 -24.08
CA VAL D 824 -38.37 4.18 -23.16
C VAL D 824 -38.44 2.83 -22.49
N LEU D 825 -37.49 1.93 -22.76
CA LEU D 825 -37.53 0.59 -22.19
C LEU D 825 -37.48 0.66 -20.68
N GLY D 826 -38.39 -0.07 -20.04
CA GLY D 826 -38.40 -0.13 -18.58
C GLY D 826 -38.92 1.09 -17.87
N ARG D 827 -38.48 2.28 -18.30
CA ARG D 827 -38.90 3.52 -17.67
C ARG D 827 -40.42 3.61 -17.63
N VAL D 828 -40.95 4.10 -16.52
CA VAL D 828 -42.38 4.00 -16.23
C VAL D 828 -43.13 5.10 -16.96
N THR D 829 -44.20 4.70 -17.65
CA THR D 829 -45.06 5.68 -18.31
C THR D 829 -45.75 6.58 -17.29
N ALA D 830 -45.86 7.85 -17.62
CA ALA D 830 -46.58 8.80 -16.77
C ALA D 830 -48.07 8.74 -17.05
N GLU D 831 -48.47 9.08 -18.27
CA GLU D 831 -49.86 8.98 -18.70
C GLU D 831 -50.11 7.63 -19.33
N ASP D 832 -51.35 7.17 -19.25
CA ASP D 832 -51.69 5.88 -19.82
C ASP D 832 -51.47 5.91 -21.32
N VAL D 833 -50.73 4.92 -21.83
CA VAL D 833 -50.39 4.94 -23.25
C VAL D 833 -51.66 4.79 -24.06
N LEU D 834 -51.92 5.76 -24.93
CA LEU D 834 -53.09 5.77 -25.77
C LEU D 834 -52.71 5.29 -27.17
N LYS D 835 -53.42 4.29 -27.65
CA LYS D 835 -53.19 3.81 -29.01
C LYS D 835 -53.50 4.93 -29.99
N PRO D 836 -52.84 4.96 -31.16
CA PRO D 836 -53.19 5.99 -32.15
C PRO D 836 -54.66 5.96 -32.53
N GLY D 837 -55.29 4.80 -32.49
CA GLY D 837 -56.74 4.73 -32.53
C GLY D 837 -57.33 5.50 -31.37
N THR D 838 -58.33 6.33 -31.66
CA THR D 838 -58.87 7.23 -30.64
C THR D 838 -59.55 6.45 -29.52
N ALA D 839 -59.46 7.00 -28.31
CA ALA D 839 -60.15 6.49 -27.14
C ALA D 839 -59.78 5.05 -26.83
N ASP D 840 -58.59 4.62 -27.23
CA ASP D 840 -58.13 3.24 -27.04
C ASP D 840 -56.87 3.29 -26.18
N ILE D 841 -57.06 3.24 -24.86
CA ILE D 841 -55.94 3.28 -23.94
C ILE D 841 -55.15 2.00 -24.08
N LEU D 842 -53.88 2.14 -24.49
CA LEU D 842 -53.03 0.96 -24.70
C LEU D 842 -52.64 0.33 -23.38
N VAL D 843 -51.96 1.08 -22.51
CA VAL D 843 -51.56 0.58 -21.19
C VAL D 843 -51.93 1.61 -20.13
N PRO D 844 -52.22 1.22 -18.89
CA PRO D 844 -52.59 2.20 -17.87
C PRO D 844 -51.49 3.22 -17.56
N ARG D 845 -51.80 4.17 -16.69
CA ARG D 845 -50.91 5.30 -16.42
C ARG D 845 -49.57 4.90 -15.84
N ASN D 846 -49.58 4.35 -14.63
CA ASN D 846 -48.36 4.16 -13.84
C ASN D 846 -47.94 2.70 -13.95
N THR D 847 -47.49 2.33 -15.15
CA THR D 847 -47.16 0.95 -15.48
C THR D 847 -45.73 0.85 -15.97
N LEU D 848 -45.09 -0.27 -15.65
CA LEU D 848 -43.70 -0.49 -15.98
C LEU D 848 -43.58 -0.98 -17.41
N LEU D 849 -42.69 -0.38 -18.19
CA LEU D 849 -42.56 -0.68 -19.62
C LEU D 849 -41.49 -1.75 -19.84
N HIS D 850 -41.79 -2.96 -19.37
CA HIS D 850 -40.88 -4.06 -19.59
C HIS D 850 -41.02 -4.54 -21.04
N GLU D 851 -40.33 -5.64 -21.36
CA GLU D 851 -40.12 -5.98 -22.76
C GLU D 851 -41.43 -6.27 -23.49
N GLN D 852 -42.38 -6.93 -22.82
CA GLN D 852 -43.63 -7.26 -23.50
C GLN D 852 -44.44 -6.01 -23.83
N TRP D 853 -44.49 -5.04 -22.91
CA TRP D 853 -45.16 -3.79 -23.24
C TRP D 853 -44.44 -3.07 -24.35
N CYS D 854 -43.12 -3.16 -24.39
CA CYS D 854 -42.38 -2.57 -25.51
C CYS D 854 -42.77 -3.25 -26.82
N ASP D 855 -42.95 -4.57 -26.79
CA ASP D 855 -43.40 -5.28 -27.99
C ASP D 855 -44.78 -4.81 -28.41
N LEU D 856 -45.66 -4.56 -27.43
CA LEU D 856 -46.97 -4.01 -27.73
C LEU D 856 -46.84 -2.63 -28.38
N LEU D 857 -45.91 -1.82 -27.87
CA LEU D 857 -45.68 -0.53 -28.50
C LEU D 857 -45.24 -0.70 -29.95
N GLU D 858 -44.36 -1.66 -30.20
CA GLU D 858 -43.91 -1.90 -31.57
C GLU D 858 -45.07 -2.32 -32.46
N GLU D 859 -45.92 -3.22 -31.98
CA GLU D 859 -47.03 -3.69 -32.81
C GLU D 859 -48.00 -2.54 -33.09
N ASN D 860 -48.25 -1.69 -32.10
CA ASN D 860 -49.06 -0.50 -32.32
C ASN D 860 -48.27 0.63 -32.96
N SER D 861 -46.94 0.59 -32.86
CA SER D 861 -46.07 1.57 -33.51
C SER D 861 -46.40 2.99 -33.04
N VAL D 862 -46.34 3.18 -31.73
CA VAL D 862 -46.58 4.49 -31.14
C VAL D 862 -45.34 5.35 -31.31
N ASP D 863 -45.51 6.54 -31.88
CA ASP D 863 -44.40 7.43 -32.19
C ASP D 863 -44.06 8.39 -31.06
N ALA D 864 -44.83 8.39 -29.99
CA ALA D 864 -44.55 9.27 -28.85
C ALA D 864 -45.35 8.79 -27.66
N VAL D 865 -44.67 8.55 -26.54
CA VAL D 865 -45.31 8.13 -25.31
C VAL D 865 -44.74 8.94 -24.16
N LYS D 866 -45.60 9.35 -23.24
CA LYS D 866 -45.16 10.15 -22.10
C LYS D 866 -44.61 9.21 -21.04
N VAL D 867 -43.35 9.43 -20.67
CA VAL D 867 -42.65 8.58 -19.72
C VAL D 867 -42.23 9.44 -18.54
N ARG D 868 -42.47 8.93 -17.34
CA ARG D 868 -42.00 9.62 -16.15
C ARG D 868 -40.49 9.74 -16.21
N SER D 869 -39.96 10.83 -15.68
CA SER D 869 -38.53 11.08 -15.71
C SER D 869 -38.07 11.68 -14.40
N VAL D 870 -36.91 11.23 -13.95
CA VAL D 870 -36.31 11.74 -12.73
C VAL D 870 -35.91 13.20 -12.83
N VAL D 871 -35.93 13.78 -14.04
CA VAL D 871 -35.59 15.19 -14.17
C VAL D 871 -36.59 16.07 -13.44
N SER D 872 -37.80 15.56 -13.22
CA SER D 872 -38.80 16.30 -12.45
C SER D 872 -39.70 15.27 -11.75
N CYS D 873 -39.33 14.92 -10.52
CA CYS D 873 -40.14 14.07 -9.67
C CYS D 873 -40.42 14.82 -8.37
N ASP D 874 -41.66 14.73 -7.91
CA ASP D 874 -42.11 15.50 -6.75
C ASP D 874 -41.64 14.78 -5.50
N THR D 875 -40.34 14.94 -5.20
CA THR D 875 -39.75 14.40 -3.99
C THR D 875 -38.84 15.45 -3.36
N ASP D 876 -38.68 15.33 -2.04
CA ASP D 876 -38.00 16.37 -1.27
C ASP D 876 -36.49 16.30 -1.46
N PHE D 877 -35.89 15.13 -1.21
CA PHE D 877 -34.43 14.99 -1.23
C PHE D 877 -34.00 13.70 -1.91
N GLY D 878 -34.86 13.11 -2.74
CA GLY D 878 -34.53 11.88 -3.43
C GLY D 878 -35.13 11.84 -4.81
N VAL D 879 -35.77 10.72 -5.14
CA VAL D 879 -36.30 10.53 -6.47
C VAL D 879 -37.20 9.31 -6.45
N CYS D 880 -38.37 9.43 -7.05
CA CYS D 880 -39.37 8.38 -6.92
C CYS D 880 -38.88 7.08 -7.51
N ALA D 881 -39.27 5.97 -6.88
CA ALA D 881 -38.91 4.66 -7.41
C ALA D 881 -39.57 4.43 -8.77
N HIS D 882 -40.88 4.68 -8.86
CA HIS D 882 -41.55 4.53 -10.15
C HIS D 882 -40.98 5.46 -11.18
N CYS D 883 -40.68 6.70 -10.78
CA CYS D 883 -40.24 7.70 -11.73
C CYS D 883 -38.83 7.43 -12.26
N TYR D 884 -38.10 6.49 -11.68
CA TYR D 884 -36.78 6.13 -12.17
C TYR D 884 -36.86 5.00 -13.19
N GLY D 885 -37.68 3.99 -12.92
CA GLY D 885 -37.87 2.88 -13.83
C GLY D 885 -37.21 1.60 -13.36
N ARG D 886 -36.64 0.85 -14.30
CA ARG D 886 -35.86 -0.32 -13.94
C ARG D 886 -34.48 0.10 -13.48
N ASP D 887 -33.86 -0.71 -12.62
CA ASP D 887 -32.54 -0.39 -12.12
C ASP D 887 -31.47 -0.54 -13.19
N LEU D 888 -31.74 -1.31 -14.24
CA LEU D 888 -30.75 -1.57 -15.28
C LEU D 888 -29.49 -2.20 -14.70
N ALA D 889 -29.66 -2.95 -13.62
CA ALA D 889 -28.68 -3.93 -13.19
C ALA D 889 -29.31 -5.23 -12.74
N ARG D 890 -30.63 -5.24 -12.50
CA ARG D 890 -31.37 -6.44 -12.13
C ARG D 890 -32.66 -6.61 -12.89
N GLY D 891 -33.23 -5.54 -13.44
CA GLY D 891 -34.39 -5.60 -14.30
C GLY D 891 -35.66 -5.08 -13.68
N HIS D 892 -35.95 -5.47 -12.45
CA HIS D 892 -37.16 -5.03 -11.79
C HIS D 892 -37.03 -3.57 -11.36
N ILE D 893 -38.17 -2.98 -11.00
CA ILE D 893 -38.17 -1.57 -10.59
C ILE D 893 -37.24 -1.39 -9.42
N ILE D 894 -36.55 -0.24 -9.39
CA ILE D 894 -35.51 -0.04 -8.39
C ILE D 894 -36.13 -0.04 -7.01
N ASN D 895 -35.63 -0.93 -6.15
CA ASN D 895 -36.08 -1.02 -4.78
C ASN D 895 -35.63 0.20 -3.99
N LYS D 896 -36.36 0.49 -2.92
CA LYS D 896 -36.06 1.62 -2.06
C LYS D 896 -34.64 1.53 -1.52
N GLY D 897 -33.82 2.51 -1.88
CA GLY D 897 -32.52 2.66 -1.24
C GLY D 897 -31.33 2.64 -2.17
N GLU D 898 -31.34 1.78 -3.19
CA GLU D 898 -30.15 1.61 -4.00
C GLU D 898 -29.73 2.93 -4.63
N ALA D 899 -28.57 3.45 -4.20
CA ALA D 899 -28.13 4.75 -4.68
C ALA D 899 -28.00 4.73 -6.19
N ILE D 900 -28.54 5.76 -6.83
CA ILE D 900 -28.45 5.90 -8.29
C ILE D 900 -27.44 6.95 -8.68
N GLY D 901 -27.14 7.91 -7.80
CA GLY D 901 -26.20 8.94 -8.17
C GLY D 901 -24.83 8.37 -8.47
N VAL D 902 -24.34 7.48 -7.59
CA VAL D 902 -23.03 6.87 -7.82
C VAL D 902 -23.13 5.65 -8.73
N ILE D 903 -24.35 5.24 -9.10
CA ILE D 903 -24.53 4.40 -10.27
C ILE D 903 -24.39 5.23 -11.52
N ALA D 904 -25.13 6.33 -11.58
CA ALA D 904 -25.12 7.19 -12.77
C ALA D 904 -23.72 7.67 -13.06
N ALA D 905 -23.15 8.46 -12.15
CA ALA D 905 -21.82 9.02 -12.32
C ALA D 905 -20.84 8.02 -12.91
N GLN D 906 -20.83 6.80 -12.38
CA GLN D 906 -19.88 5.82 -12.89
C GLN D 906 -20.27 5.31 -14.28
N SER D 907 -21.56 5.13 -14.53
CA SER D 907 -21.96 4.69 -15.86
C SER D 907 -21.67 5.74 -16.93
N ILE D 908 -21.90 7.01 -16.61
CA ILE D 908 -21.53 8.12 -17.50
C ILE D 908 -20.04 8.42 -17.42
N GLY D 909 -19.31 7.70 -16.58
CA GLY D 909 -17.88 7.81 -16.42
C GLY D 909 -17.19 6.75 -17.27
N GLU D 910 -16.99 5.57 -16.69
CA GLU D 910 -16.15 4.49 -17.21
C GLU D 910 -16.12 4.40 -18.74
N PRO D 911 -17.24 4.48 -19.48
CA PRO D 911 -17.15 4.49 -20.94
C PRO D 911 -16.73 5.85 -21.51
N GLY D 912 -15.71 6.45 -20.92
CA GLY D 912 -15.19 7.72 -21.37
C GLY D 912 -13.86 7.55 -22.06
N THR D 913 -13.02 6.67 -21.52
CA THR D 913 -11.74 6.39 -22.16
C THR D 913 -11.93 5.79 -23.54
N GLN D 914 -12.99 5.03 -23.75
CA GLN D 914 -13.30 4.55 -25.10
C GLN D 914 -13.61 5.71 -26.03
N LEU D 915 -14.19 6.78 -25.50
CA LEU D 915 -14.51 7.94 -26.33
C LEU D 915 -13.23 8.52 -26.93
N THR D 916 -13.28 8.83 -28.21
CA THR D 916 -12.10 9.31 -28.92
C THR D 916 -11.73 10.72 -28.45
N MET D 917 -10.44 10.93 -28.21
CA MET D 917 -9.94 12.24 -27.78
C MET D 917 -9.56 13.06 -29.01
N SER D 933 -27.73 21.14 -50.01
CA SER D 933 -28.33 21.95 -51.08
C SER D 933 -29.71 21.44 -51.42
N SER D 934 -29.87 20.11 -51.43
CA SER D 934 -31.14 19.48 -51.72
C SER D 934 -31.22 18.16 -50.99
N ILE D 935 -32.41 17.81 -50.51
CA ILE D 935 -32.64 16.58 -49.79
C ILE D 935 -33.25 15.57 -50.74
N GLN D 936 -32.65 14.38 -50.81
CA GLN D 936 -33.15 13.28 -51.62
C GLN D 936 -33.93 12.33 -50.72
N VAL D 937 -35.25 12.27 -50.92
CA VAL D 937 -36.07 11.34 -50.15
C VAL D 937 -35.64 9.92 -50.46
N LYS D 938 -35.46 9.12 -49.42
CA LYS D 938 -34.96 7.76 -49.54
C LYS D 938 -35.94 6.69 -49.10
N ASN D 939 -37.11 7.07 -48.58
CA ASN D 939 -38.09 6.11 -48.09
C ASN D 939 -39.48 6.54 -48.53
N LYS D 940 -40.42 5.61 -48.40
CA LYS D 940 -41.79 5.84 -48.84
C LYS D 940 -42.60 6.48 -47.73
N GLY D 941 -43.18 7.64 -48.01
CA GLY D 941 -43.94 8.35 -47.00
C GLY D 941 -44.60 9.57 -47.59
N SER D 942 -44.98 10.50 -46.70
CA SER D 942 -45.69 11.71 -47.07
C SER D 942 -45.01 12.90 -46.41
N ILE D 943 -45.22 14.07 -47.02
CA ILE D 943 -44.58 15.30 -46.56
C ILE D 943 -45.28 15.78 -45.30
N LYS D 944 -44.49 16.10 -44.28
CA LYS D 944 -44.98 16.73 -43.06
C LYS D 944 -44.07 17.91 -42.75
N LEU D 945 -44.66 19.00 -42.25
CA LEU D 945 -43.89 20.20 -41.96
C LEU D 945 -44.23 20.74 -40.58
N SER D 946 -43.19 21.08 -39.84
CA SER D 946 -43.28 21.70 -38.52
C SER D 946 -42.85 23.16 -38.63
N ASN D 947 -43.61 24.05 -38.01
CA ASN D 947 -43.45 25.50 -38.17
C ASN D 947 -43.49 25.88 -39.64
N VAL D 948 -44.66 25.65 -40.24
CA VAL D 948 -44.87 25.80 -41.68
C VAL D 948 -45.56 27.13 -41.94
N LYS D 949 -44.92 27.98 -42.75
CA LYS D 949 -45.54 29.20 -43.27
C LYS D 949 -44.93 29.41 -44.67
N SER D 950 -45.63 28.91 -45.68
CA SER D 950 -45.13 28.88 -47.05
C SER D 950 -46.20 29.42 -47.99
N VAL D 951 -45.83 29.55 -49.27
CA VAL D 951 -46.72 30.06 -50.30
C VAL D 951 -46.12 29.76 -51.67
N VAL D 952 -46.97 29.68 -52.70
CA VAL D 952 -46.48 29.42 -54.05
C VAL D 952 -45.58 30.55 -54.49
N ASN D 953 -44.45 30.19 -55.09
CA ASN D 953 -43.42 31.16 -55.46
C ASN D 953 -43.51 31.51 -56.94
N SER D 954 -42.71 32.50 -57.34
CA SER D 954 -42.62 32.87 -58.75
C SER D 954 -42.06 31.71 -59.58
N SER D 955 -41.06 31.02 -59.05
CA SER D 955 -40.54 29.84 -59.73
C SER D 955 -41.60 28.75 -59.87
N GLY D 956 -42.66 28.80 -59.06
CA GLY D 956 -43.79 27.92 -59.19
C GLY D 956 -43.80 26.76 -58.21
N LYS D 957 -42.68 26.48 -57.56
CA LYS D 957 -42.63 25.33 -56.65
C LYS D 957 -43.20 25.68 -55.28
N LEU D 958 -42.49 26.54 -54.54
CA LEU D 958 -42.95 27.07 -53.25
C LEU D 958 -41.86 27.97 -52.71
N VAL D 959 -42.20 28.75 -51.68
CA VAL D 959 -41.24 29.44 -50.83
C VAL D 959 -41.69 29.29 -49.39
N ILE D 960 -40.74 29.11 -48.49
CA ILE D 960 -41.02 28.99 -47.06
C ILE D 960 -40.78 30.36 -46.43
N THR D 961 -41.82 30.93 -45.84
CA THR D 961 -41.74 32.22 -45.17
C THR D 961 -41.45 32.11 -43.69
N SER D 962 -41.40 30.90 -43.14
CA SER D 962 -41.02 30.67 -41.76
C SER D 962 -39.53 30.35 -41.68
N ARG D 963 -38.91 30.78 -40.58
CA ARG D 963 -37.48 30.57 -40.41
C ARG D 963 -37.17 29.15 -39.99
N ASN D 964 -37.75 28.73 -38.86
CA ASN D 964 -37.44 27.44 -38.26
C ASN D 964 -38.38 26.34 -38.74
N THR D 965 -38.50 26.17 -40.05
CA THR D 965 -39.34 25.13 -40.62
C THR D 965 -38.55 23.82 -40.73
N GLU D 966 -39.23 22.71 -40.46
CA GLU D 966 -38.61 21.40 -40.52
C GLU D 966 -39.51 20.46 -41.33
N LEU D 967 -38.89 19.58 -42.13
CA LEU D 967 -39.60 18.71 -43.05
C LEU D 967 -39.34 17.26 -42.68
N LYS D 968 -40.42 16.52 -42.45
CA LYS D 968 -40.37 15.12 -42.04
C LYS D 968 -41.07 14.25 -43.09
N LEU D 969 -40.70 12.98 -43.10
CA LEU D 969 -41.25 11.98 -44.01
C LEU D 969 -42.06 10.99 -43.19
N ILE D 970 -43.38 11.20 -43.12
CA ILE D 970 -44.25 10.32 -42.35
C ILE D 970 -44.49 9.05 -43.15
N ASP D 971 -44.05 7.91 -42.61
CA ASP D 971 -44.21 6.66 -43.32
C ASP D 971 -45.68 6.33 -43.50
N GLU D 972 -45.95 5.28 -44.28
CA GLU D 972 -47.32 4.86 -44.50
C GLU D 972 -47.99 4.35 -43.22
N PHE D 973 -47.20 4.05 -42.17
CA PHE D 973 -47.74 3.66 -40.89
C PHE D 973 -48.19 4.85 -40.05
N GLY D 974 -48.14 6.07 -40.59
CA GLY D 974 -48.40 7.24 -39.78
C GLY D 974 -47.34 7.45 -38.72
N ARG D 975 -46.07 7.31 -39.09
CA ARG D 975 -44.97 7.41 -38.15
C ARG D 975 -43.81 8.13 -38.82
N THR D 976 -43.21 9.07 -38.10
CA THR D 976 -42.07 9.81 -38.62
C THR D 976 -40.86 8.90 -38.74
N LYS D 977 -40.15 9.01 -39.87
CA LYS D 977 -38.92 8.26 -40.10
C LYS D 977 -37.74 9.17 -40.36
N GLU D 978 -37.88 10.15 -41.25
CA GLU D 978 -36.80 11.07 -41.59
C GLU D 978 -37.22 12.49 -41.21
N SER D 979 -36.21 13.35 -41.02
CA SER D 979 -36.46 14.73 -40.64
C SER D 979 -35.25 15.58 -41.00
N TYR D 980 -35.50 16.72 -41.64
CA TYR D 980 -34.45 17.62 -42.10
C TYR D 980 -34.85 19.05 -41.78
N LYS D 981 -33.90 19.82 -41.26
CA LYS D 981 -34.12 21.24 -41.00
C LYS D 981 -34.21 21.98 -42.32
N VAL D 982 -35.38 22.50 -42.64
CA VAL D 982 -35.61 23.24 -43.88
C VAL D 982 -35.03 24.65 -43.72
N PRO D 983 -34.06 25.07 -44.52
CA PRO D 983 -33.60 26.46 -44.43
C PRO D 983 -34.66 27.44 -44.93
N TYR D 984 -34.57 28.67 -44.45
CA TYR D 984 -35.47 29.71 -44.93
C TYR D 984 -35.21 30.00 -46.40
N GLY D 985 -36.29 30.38 -47.09
CA GLY D 985 -36.18 30.70 -48.51
C GLY D 985 -35.77 29.51 -49.34
N ALA D 986 -36.38 28.36 -49.08
CA ALA D 986 -36.06 27.11 -49.76
C ALA D 986 -37.11 26.82 -50.82
N VAL D 987 -36.65 26.29 -51.96
CA VAL D 987 -37.55 25.87 -53.03
C VAL D 987 -38.11 24.50 -52.68
N LEU D 988 -39.43 24.41 -52.50
CA LEU D 988 -40.11 23.16 -52.17
C LEU D 988 -41.05 22.82 -53.32
N ALA D 989 -40.73 21.73 -54.03
CA ALA D 989 -41.53 21.35 -55.19
C ALA D 989 -42.98 21.07 -54.81
N LYS D 990 -43.17 20.22 -53.82
CA LYS D 990 -44.50 19.83 -53.36
C LYS D 990 -44.84 20.59 -52.07
N GLY D 991 -45.96 20.21 -51.45
CA GLY D 991 -46.38 20.81 -50.19
C GLY D 991 -46.76 19.74 -49.19
N ASP D 992 -47.14 20.21 -48.00
CA ASP D 992 -47.50 19.30 -46.92
C ASP D 992 -48.72 18.47 -47.32
N GLY D 993 -48.72 17.20 -46.90
CA GLY D 993 -49.85 16.34 -47.15
C GLY D 993 -49.89 15.70 -48.52
N GLU D 994 -48.74 15.60 -49.20
CA GLU D 994 -48.66 15.00 -50.53
C GLU D 994 -47.75 13.78 -50.46
N GLN D 995 -48.16 12.71 -51.16
CA GLN D 995 -47.39 11.48 -51.14
C GLN D 995 -46.00 11.73 -51.75
N VAL D 996 -44.97 11.28 -51.05
CA VAL D 996 -43.59 11.41 -51.50
C VAL D 996 -42.92 10.06 -51.28
N ALA D 997 -42.85 9.25 -52.34
CA ALA D 997 -42.22 7.95 -52.26
C ALA D 997 -40.70 8.10 -52.11
N GLY D 998 -40.05 6.97 -51.84
CA GLY D 998 -38.60 6.97 -51.72
C GLY D 998 -37.91 7.30 -53.02
N GLY D 999 -37.37 8.52 -53.11
CA GLY D 999 -36.68 8.95 -54.32
C GLY D 999 -36.92 10.41 -54.64
N GLU D 1000 -37.96 11.01 -54.08
CA GLU D 1000 -38.30 12.39 -54.40
C GLU D 1000 -37.23 13.34 -53.84
N THR D 1001 -37.11 14.50 -54.48
CA THR D 1001 -36.16 15.54 -54.10
C THR D 1001 -36.89 16.88 -53.93
N VAL D 1002 -37.97 16.84 -53.14
CA VAL D 1002 -38.82 18.02 -52.98
C VAL D 1002 -38.00 19.21 -52.45
N ALA D 1003 -37.16 18.96 -51.46
CA ALA D 1003 -36.40 20.04 -50.86
C ALA D 1003 -35.37 20.58 -51.84
N ASN D 1004 -35.25 21.90 -51.90
CA ASN D 1004 -34.32 22.54 -52.80
C ASN D 1004 -34.11 23.98 -52.35
N TRP D 1005 -32.86 24.43 -52.37
CA TRP D 1005 -32.53 25.77 -51.92
C TRP D 1005 -31.10 26.07 -52.31
N ASP D 1006 -30.74 27.34 -52.21
CA ASP D 1006 -29.35 27.75 -52.41
C ASP D 1006 -28.55 27.43 -51.15
N PRO D 1007 -27.51 26.59 -51.22
CA PRO D 1007 -26.77 26.27 -49.99
C PRO D 1007 -26.13 27.48 -49.33
N HIS D 1008 -25.87 28.55 -50.08
CA HIS D 1008 -25.31 29.79 -49.55
C HIS D 1008 -26.30 30.92 -49.82
N THR D 1009 -25.87 32.15 -49.51
CA THR D 1009 -26.68 33.34 -49.75
C THR D 1009 -27.91 33.35 -48.86
N MET D 1010 -28.43 34.55 -48.55
CA MET D 1010 -29.61 34.73 -47.72
C MET D 1010 -30.60 35.58 -48.51
N PRO D 1011 -31.31 34.99 -49.47
CA PRO D 1011 -32.16 35.79 -50.35
C PRO D 1011 -33.29 36.48 -49.59
N VAL D 1012 -33.62 37.69 -50.05
CA VAL D 1012 -34.76 38.44 -49.51
C VAL D 1012 -35.92 38.17 -50.47
N ILE D 1013 -36.71 37.15 -50.15
CA ILE D 1013 -37.80 36.72 -51.01
C ILE D 1013 -39.04 37.56 -50.71
N THR D 1014 -39.67 38.09 -51.75
CA THR D 1014 -40.91 38.85 -51.62
C THR D 1014 -42.08 37.93 -51.90
N GLU D 1015 -42.90 37.68 -50.88
CA GLU D 1015 -43.96 36.67 -50.98
C GLU D 1015 -45.06 37.06 -51.96
N VAL D 1016 -45.10 38.29 -52.44
CA VAL D 1016 -46.12 38.76 -53.38
C VAL D 1016 -45.44 39.60 -54.45
N SER D 1017 -46.24 40.02 -55.43
CA SER D 1017 -45.76 40.79 -56.57
C SER D 1017 -45.77 42.29 -56.23
N GLY D 1018 -45.46 43.12 -57.21
CA GLY D 1018 -45.49 44.57 -57.05
C GLY D 1018 -44.22 45.23 -57.53
N PHE D 1019 -44.37 46.42 -58.12
CA PHE D 1019 -43.25 47.12 -58.70
C PHE D 1019 -42.27 47.56 -57.62
N VAL D 1020 -40.97 47.34 -57.89
CA VAL D 1020 -39.94 47.76 -56.94
C VAL D 1020 -39.99 49.28 -56.81
N ARG D 1021 -39.90 49.76 -55.56
CA ARG D 1021 -39.89 51.18 -55.27
C ARG D 1021 -38.80 51.46 -54.24
N PHE D 1022 -37.95 52.44 -54.55
CA PHE D 1022 -36.84 52.81 -53.67
C PHE D 1022 -37.30 53.87 -52.67
N THR D 1023 -38.36 53.54 -51.95
CA THR D 1023 -38.91 54.44 -50.95
C THR D 1023 -37.96 54.48 -49.75
N ASP D 1024 -37.33 55.64 -49.54
CA ASP D 1024 -36.34 55.91 -48.50
C ASP D 1024 -34.97 55.38 -48.90
N MET D 1025 -34.83 54.69 -50.03
CA MET D 1025 -33.52 54.21 -50.48
C MET D 1025 -32.94 55.23 -51.46
N ILE D 1026 -32.30 56.26 -50.90
CA ILE D 1026 -31.71 57.31 -51.71
C ILE D 1026 -30.32 56.88 -52.14
N ASP D 1027 -30.04 57.00 -53.44
CA ASP D 1027 -28.74 56.64 -53.97
C ASP D 1027 -27.70 57.67 -53.52
N GLY D 1028 -26.55 57.17 -53.04
CA GLY D 1028 -25.51 58.01 -52.50
C GLY D 1028 -25.61 58.27 -51.01
N GLN D 1029 -26.77 58.02 -50.41
CA GLN D 1029 -26.98 58.19 -48.99
C GLN D 1029 -27.37 56.90 -48.27
N THR D 1030 -28.06 55.99 -48.95
CA THR D 1030 -28.46 54.71 -48.36
C THR D 1030 -28.08 53.55 -49.27
N ILE D 1031 -28.09 53.78 -50.59
CA ILE D 1031 -27.78 52.76 -51.57
C ILE D 1031 -26.78 53.35 -52.57
N THR D 1032 -26.17 52.47 -53.36
CA THR D 1032 -25.24 52.87 -54.40
C THR D 1032 -25.48 52.03 -55.64
N ARG D 1033 -25.61 52.69 -56.79
CA ARG D 1033 -25.80 52.01 -58.08
C ARG D 1033 -24.43 51.59 -58.60
N GLN D 1034 -23.89 50.55 -57.98
CA GLN D 1034 -22.53 50.12 -58.27
C GLN D 1034 -22.50 49.24 -59.52
N THR D 1035 -21.45 49.41 -60.32
CA THR D 1035 -21.29 48.65 -61.55
C THR D 1035 -20.58 47.35 -61.21
N ASP D 1036 -21.36 46.27 -61.05
CA ASP D 1036 -20.78 44.95 -60.82
C ASP D 1036 -20.19 44.45 -62.14
N GLU D 1037 -18.86 44.35 -62.19
CA GLU D 1037 -18.19 43.91 -63.40
C GLU D 1037 -18.12 42.39 -63.52
N LEU D 1038 -18.59 41.65 -62.52
CA LEU D 1038 -18.67 40.20 -62.65
C LEU D 1038 -19.58 39.81 -63.82
N THR D 1039 -20.80 40.34 -63.82
CA THR D 1039 -21.72 40.22 -64.95
C THR D 1039 -21.73 41.46 -65.83
N GLY D 1040 -20.91 42.47 -65.51
CA GLY D 1040 -20.86 43.68 -66.31
C GLY D 1040 -22.16 44.44 -66.34
N LEU D 1041 -22.90 44.46 -65.23
CA LEU D 1041 -24.18 45.16 -65.15
C LEU D 1041 -24.20 46.03 -63.89
N SER D 1042 -25.05 47.04 -63.92
CA SER D 1042 -25.22 47.92 -62.78
C SER D 1042 -26.27 47.34 -61.84
N SER D 1043 -25.91 47.26 -60.55
CA SER D 1043 -26.80 46.75 -59.52
C SER D 1043 -26.77 47.70 -58.33
N LEU D 1044 -27.90 47.81 -57.65
CA LEU D 1044 -28.00 48.64 -56.46
C LEU D 1044 -27.60 47.84 -55.24
N VAL D 1045 -26.70 48.41 -54.44
CA VAL D 1045 -26.18 47.78 -53.23
C VAL D 1045 -26.57 48.66 -52.06
N VAL D 1046 -27.29 48.09 -51.09
CA VAL D 1046 -27.63 48.81 -49.88
C VAL D 1046 -26.37 49.04 -49.06
N LEU D 1047 -26.27 50.21 -48.45
CA LEU D 1047 -25.11 50.61 -47.66
C LEU D 1047 -25.49 50.60 -46.18
N ASP D 1048 -24.66 49.98 -45.36
CA ASP D 1048 -24.94 49.88 -43.93
C ASP D 1048 -24.64 51.23 -43.27
N SER D 1049 -24.72 51.28 -41.94
CA SER D 1049 -24.59 52.56 -41.23
C SER D 1049 -23.24 53.20 -41.49
N ALA D 1050 -22.16 52.41 -41.45
CA ALA D 1050 -20.84 52.96 -41.72
C ALA D 1050 -20.67 53.27 -43.21
N GLU D 1051 -21.09 52.35 -44.08
CA GLU D 1051 -20.97 52.57 -45.52
C GLU D 1051 -21.88 53.71 -45.97
N ARG D 1052 -23.11 53.76 -45.45
CA ARG D 1052 -24.04 54.82 -45.81
C ARG D 1052 -23.76 56.07 -44.98
N THR D 1053 -24.32 57.19 -45.44
CA THR D 1053 -24.10 58.46 -44.79
C THR D 1053 -24.71 58.49 -43.39
N ALA D 1054 -24.08 59.25 -42.49
CA ALA D 1054 -24.65 59.45 -41.17
C ALA D 1054 -25.99 60.18 -41.27
N GLY D 1055 -26.08 61.18 -42.15
CA GLY D 1055 -27.36 61.81 -42.41
C GLY D 1055 -28.37 60.83 -43.00
N GLY D 1056 -27.90 59.93 -43.87
CA GLY D 1056 -28.71 58.86 -44.38
C GLY D 1056 -28.84 57.66 -43.46
N LYS D 1057 -28.18 57.70 -42.30
CA LYS D 1057 -28.34 56.62 -41.32
C LYS D 1057 -29.81 56.50 -40.89
N ASP D 1058 -30.45 57.63 -40.60
CA ASP D 1058 -31.87 57.60 -40.30
C ASP D 1058 -32.68 57.09 -41.50
N LEU D 1059 -32.25 57.42 -42.71
CA LEU D 1059 -32.91 56.97 -43.93
C LEU D 1059 -32.67 55.47 -44.08
N ARG D 1060 -33.64 54.68 -43.64
CA ARG D 1060 -33.45 53.23 -43.71
C ARG D 1060 -33.78 52.72 -45.11
N PRO D 1061 -33.08 51.68 -45.59
CA PRO D 1061 -33.33 51.22 -46.96
C PRO D 1061 -34.62 50.42 -47.06
N ALA D 1062 -35.76 51.10 -46.93
CA ALA D 1062 -37.06 50.47 -46.99
C ALA D 1062 -37.48 50.28 -48.43
N LEU D 1063 -38.33 49.28 -48.66
CA LEU D 1063 -38.89 48.99 -49.97
C LEU D 1063 -40.41 48.92 -49.83
N LYS D 1064 -41.07 50.08 -49.93
CA LYS D 1064 -42.53 50.12 -49.94
C LYS D 1064 -42.99 49.75 -51.34
N ILE D 1065 -43.14 48.44 -51.57
CA ILE D 1065 -43.53 47.96 -52.88
C ILE D 1065 -44.93 48.48 -53.22
N VAL D 1066 -45.15 48.78 -54.50
CA VAL D 1066 -46.44 49.22 -55.01
C VAL D 1066 -46.92 48.21 -56.03
N ASP D 1067 -48.17 47.77 -55.88
CA ASP D 1067 -48.74 46.76 -56.77
C ASP D 1067 -48.92 47.33 -58.16
N ALA D 1068 -49.49 46.50 -59.05
CA ALA D 1068 -49.75 46.95 -60.42
C ALA D 1068 -50.67 48.16 -60.45
N GLN D 1069 -51.63 48.22 -59.53
CA GLN D 1069 -52.52 49.38 -59.42
C GLN D 1069 -51.81 50.61 -58.86
N GLY D 1070 -50.59 50.47 -58.35
CA GLY D 1070 -49.84 51.58 -57.81
C GLY D 1070 -50.07 51.84 -56.34
N ASN D 1071 -51.05 51.17 -55.73
CA ASN D 1071 -51.25 51.31 -54.29
C ASN D 1071 -50.11 50.64 -53.53
N ASP D 1072 -49.77 51.21 -52.37
CA ASP D 1072 -48.71 50.65 -51.56
C ASP D 1072 -49.06 49.23 -51.16
N VAL D 1073 -48.11 48.31 -51.36
CA VAL D 1073 -48.34 46.89 -51.12
C VAL D 1073 -48.35 46.67 -49.60
N LEU D 1074 -49.54 46.46 -49.04
CA LEU D 1074 -49.62 46.03 -47.66
C LEU D 1074 -49.24 44.55 -47.55
N ILE D 1075 -48.58 44.20 -46.45
CA ILE D 1075 -48.22 42.80 -46.29
C ILE D 1075 -49.50 41.98 -46.17
N PRO D 1076 -49.65 40.82 -46.84
CA PRO D 1076 -50.92 40.09 -46.76
C PRO D 1076 -51.31 39.74 -45.32
N GLY D 1077 -52.41 40.33 -44.86
CA GLY D 1077 -52.85 40.17 -43.49
C GLY D 1077 -52.48 41.30 -42.55
N THR D 1078 -51.88 42.37 -43.06
CA THR D 1078 -51.54 43.53 -42.25
C THR D 1078 -51.95 44.80 -42.99
N ASP D 1079 -52.29 45.83 -42.22
CA ASP D 1079 -52.64 47.12 -42.81
C ASP D 1079 -51.41 47.92 -43.22
N MET D 1080 -50.30 47.75 -42.51
CA MET D 1080 -49.11 48.54 -42.78
C MET D 1080 -48.53 48.19 -44.15
N PRO D 1081 -47.84 49.12 -44.81
CA PRO D 1081 -47.21 48.80 -46.10
C PRO D 1081 -46.11 47.77 -45.93
N ALA D 1082 -45.82 47.08 -47.04
CA ALA D 1082 -44.76 46.07 -47.05
C ALA D 1082 -43.39 46.72 -47.28
N GLN D 1083 -43.06 47.64 -46.37
CA GLN D 1083 -41.80 48.36 -46.45
C GLN D 1083 -40.65 47.45 -46.00
N TYR D 1084 -40.15 46.62 -46.92
CA TYR D 1084 -39.10 45.67 -46.61
C TYR D 1084 -37.80 46.42 -46.34
N PHE D 1085 -37.42 46.52 -45.07
CA PHE D 1085 -36.15 47.13 -44.69
C PHE D 1085 -35.04 46.14 -44.99
N LEU D 1086 -34.35 46.33 -46.12
CA LEU D 1086 -33.23 45.48 -46.45
C LEU D 1086 -32.09 45.71 -45.47
N PRO D 1087 -31.22 44.73 -45.28
CA PRO D 1087 -30.10 44.92 -44.34
C PRO D 1087 -28.95 45.68 -44.98
N GLY D 1088 -28.01 46.07 -44.12
CA GLY D 1088 -26.83 46.78 -44.60
C GLY D 1088 -25.98 45.89 -45.49
N LYS D 1089 -25.29 46.53 -46.44
CA LYS D 1089 -24.41 45.85 -47.39
C LYS D 1089 -25.15 44.82 -48.23
N ALA D 1090 -26.47 44.96 -48.37
CA ALA D 1090 -27.23 44.08 -49.22
C ALA D 1090 -27.11 44.52 -50.67
N ILE D 1091 -27.28 43.56 -51.58
CA ILE D 1091 -27.11 43.80 -53.02
C ILE D 1091 -28.46 43.76 -53.70
N VAL D 1092 -29.07 44.93 -53.89
CA VAL D 1092 -30.39 45.02 -54.49
C VAL D 1092 -30.23 44.93 -56.01
N GLN D 1093 -30.31 43.71 -56.54
CA GLN D 1093 -30.08 43.51 -57.96
C GLN D 1093 -31.14 44.20 -58.80
N LEU D 1094 -32.40 44.14 -58.38
CA LEU D 1094 -33.48 44.71 -59.16
C LEU D 1094 -33.45 46.23 -59.10
N GLU D 1095 -34.01 46.85 -60.14
CA GLU D 1095 -34.11 48.29 -60.26
C GLU D 1095 -35.53 48.76 -59.92
N ASP D 1096 -35.70 50.07 -59.86
CA ASP D 1096 -37.02 50.63 -59.63
C ASP D 1096 -37.92 50.38 -60.85
N GLY D 1097 -39.20 50.19 -60.59
CA GLY D 1097 -40.15 49.96 -61.66
C GLY D 1097 -40.16 48.55 -62.20
N VAL D 1098 -39.50 47.62 -61.53
CA VAL D 1098 -39.49 46.21 -61.95
C VAL D 1098 -40.58 45.48 -61.18
N GLN D 1099 -41.46 44.81 -61.91
CA GLN D 1099 -42.58 44.10 -61.29
C GLN D 1099 -42.10 42.78 -60.74
N ILE D 1100 -42.09 42.64 -59.42
CA ILE D 1100 -41.60 41.44 -58.75
C ILE D 1100 -42.72 40.39 -58.76
N SER D 1101 -42.37 39.16 -58.41
CA SER D 1101 -43.30 38.05 -58.34
C SER D 1101 -43.19 37.39 -56.97
N SER D 1102 -43.92 36.29 -56.79
CA SER D 1102 -43.92 35.61 -55.49
C SER D 1102 -42.53 35.09 -55.16
N GLY D 1103 -42.07 35.39 -53.95
CA GLY D 1103 -40.74 34.99 -53.55
C GLY D 1103 -39.65 35.54 -54.44
N ASP D 1104 -39.72 36.83 -54.76
CA ASP D 1104 -38.69 37.46 -55.58
C ASP D 1104 -37.48 37.78 -54.73
N THR D 1105 -36.33 37.24 -55.11
CA THR D 1105 -35.09 37.42 -54.36
C THR D 1105 -34.45 38.73 -54.80
N LEU D 1106 -34.54 39.75 -53.96
CA LEU D 1106 -34.06 41.09 -54.30
C LEU D 1106 -32.62 41.32 -53.82
N ALA D 1107 -32.38 41.19 -52.52
CA ALA D 1107 -31.09 41.49 -51.93
C ALA D 1107 -30.24 40.22 -51.87
N ARG D 1108 -29.08 40.24 -52.53
CA ARG D 1108 -28.18 39.09 -52.57
C ARG D 1108 -27.25 39.14 -51.37
N ILE D 1109 -27.85 38.94 -50.19
CA ILE D 1109 -27.07 38.94 -48.96
C ILE D 1109 -26.16 37.72 -48.94
N PRO D 1110 -24.90 37.84 -48.50
CA PRO D 1110 -24.05 36.63 -48.45
C PRO D 1110 -24.61 35.55 -47.53
N GLY D 1121 -15.96 17.02 -29.46
CA GLY D 1121 -16.59 15.74 -29.72
C GLY D 1121 -16.21 14.68 -28.70
N GLY D 1122 -15.04 14.85 -28.10
CA GLY D 1122 -14.54 13.93 -27.10
C GLY D 1122 -14.98 14.31 -25.70
N LEU D 1123 -14.12 14.00 -24.73
CA LEU D 1123 -14.37 14.39 -23.35
C LEU D 1123 -14.63 15.88 -23.18
N PRO D 1124 -13.90 16.79 -23.83
CA PRO D 1124 -14.15 18.21 -23.60
C PRO D 1124 -15.59 18.64 -23.87
N ARG D 1125 -16.21 18.12 -24.92
CA ARG D 1125 -17.60 18.49 -25.18
C ARG D 1125 -18.52 17.99 -24.06
N VAL D 1126 -18.27 16.78 -23.56
CA VAL D 1126 -19.09 16.25 -22.48
C VAL D 1126 -18.93 17.11 -21.23
N ALA D 1127 -17.69 17.47 -20.91
CA ALA D 1127 -17.46 18.32 -19.76
C ALA D 1127 -18.17 19.66 -19.92
N ASP D 1128 -18.09 20.25 -21.11
CA ASP D 1128 -18.77 21.52 -21.34
C ASP D 1128 -20.27 21.39 -21.16
N LEU D 1129 -20.85 20.31 -21.69
CA LEU D 1129 -22.29 20.12 -21.53
C LEU D 1129 -22.66 19.99 -20.06
N PHE D 1130 -21.88 19.22 -19.30
CA PHE D 1130 -22.19 19.07 -17.88
C PHE D 1130 -21.82 20.33 -17.11
N GLU D 1131 -20.66 20.91 -17.41
CA GLU D 1131 -20.24 22.09 -16.67
C GLU D 1131 -21.00 23.34 -17.06
N ALA D 1132 -21.99 23.23 -17.96
CA ALA D 1132 -22.84 24.35 -18.36
C ALA D 1132 -22.00 25.51 -18.88
N ARG D 1133 -20.85 25.20 -19.48
CA ARG D 1133 -19.98 26.24 -20.01
C ARG D 1133 -20.66 26.90 -21.20
N ARG D 1134 -20.95 28.18 -21.08
CA ARG D 1134 -21.68 28.87 -22.12
C ARG D 1134 -20.84 28.95 -23.40
N PRO D 1135 -21.48 28.93 -24.57
CA PRO D 1135 -20.73 29.09 -25.81
C PRO D 1135 -20.12 30.47 -25.91
N LYS D 1136 -19.03 30.56 -26.69
CA LYS D 1136 -18.31 31.82 -26.80
C LYS D 1136 -19.09 32.86 -27.59
N GLU D 1137 -19.82 32.42 -28.61
CA GLU D 1137 -20.69 33.29 -29.39
C GLU D 1137 -22.08 32.65 -29.40
N PRO D 1138 -22.83 32.80 -28.31
CA PRO D 1138 -24.10 32.08 -28.20
C PRO D 1138 -25.09 32.48 -29.28
N ALA D 1139 -25.93 31.53 -29.65
CA ALA D 1139 -27.09 31.84 -30.46
C ALA D 1139 -28.08 32.63 -29.62
N ILE D 1140 -28.57 33.74 -30.16
CA ILE D 1140 -29.43 34.66 -29.43
C ILE D 1140 -30.89 34.31 -29.75
N LEU D 1141 -31.71 34.16 -28.73
CA LEU D 1141 -33.10 33.74 -28.85
C LEU D 1141 -34.03 34.88 -28.50
N ALA D 1142 -35.30 34.71 -28.88
CA ALA D 1142 -36.34 35.68 -28.58
C ALA D 1142 -36.85 35.43 -27.17
N GLU D 1143 -36.54 36.35 -26.24
CA GLU D 1143 -36.88 36.13 -24.85
C GLU D 1143 -38.39 36.15 -24.61
N ILE D 1144 -39.16 36.73 -25.52
CA ILE D 1144 -40.61 36.83 -25.37
C ILE D 1144 -41.23 36.84 -26.75
N SER D 1145 -42.47 36.35 -26.83
CA SER D 1145 -43.18 36.33 -28.10
C SER D 1145 -43.61 37.74 -28.50
N GLY D 1146 -43.57 37.99 -29.79
CA GLY D 1146 -43.99 39.29 -30.29
C GLY D 1146 -43.38 39.57 -31.66
N ILE D 1147 -43.58 40.81 -32.11
CA ILE D 1147 -43.00 41.28 -33.36
C ILE D 1147 -41.67 41.95 -33.06
N VAL D 1148 -40.64 41.60 -33.83
CA VAL D 1148 -39.31 42.14 -33.62
C VAL D 1148 -39.25 43.56 -34.18
N SER D 1149 -38.33 44.36 -33.66
CA SER D 1149 -38.15 45.72 -34.17
C SER D 1149 -36.73 46.17 -33.87
N PHE D 1150 -35.96 46.43 -34.93
CA PHE D 1150 -34.62 46.99 -34.75
C PHE D 1150 -34.73 48.34 -34.06
N GLY D 1151 -34.29 48.42 -32.82
CA GLY D 1151 -34.36 49.66 -32.08
C GLY D 1151 -33.24 50.62 -32.43
N LYS D 1152 -32.70 51.30 -31.42
CA LYS D 1152 -31.58 52.20 -31.66
C LYS D 1152 -30.39 51.43 -32.22
N GLU D 1153 -29.72 52.04 -33.19
CA GLU D 1153 -28.60 51.42 -33.89
C GLU D 1153 -27.33 52.20 -33.60
N THR D 1154 -26.21 51.67 -34.10
CA THR D 1154 -24.92 52.34 -34.13
C THR D 1154 -24.33 52.59 -32.74
N LYS D 1155 -24.96 52.09 -31.67
CA LYS D 1155 -24.41 52.26 -30.32
C LYS D 1155 -23.48 51.10 -29.98
N GLY D 1156 -22.52 50.83 -30.85
CA GLY D 1156 -21.63 49.70 -30.67
C GLY D 1156 -22.32 48.38 -30.96
N LYS D 1157 -23.44 48.14 -30.29
CA LYS D 1157 -24.30 47.00 -30.51
C LYS D 1157 -25.69 47.50 -30.90
N ARG D 1158 -26.30 46.87 -31.88
CA ARG D 1158 -27.62 47.29 -32.33
C ARG D 1158 -28.67 46.96 -31.27
N ARG D 1159 -29.52 47.93 -30.95
CA ARG D 1159 -30.59 47.69 -30.00
C ARG D 1159 -31.80 47.07 -30.70
N LEU D 1160 -32.37 46.05 -30.07
CA LEU D 1160 -33.48 45.29 -30.61
C LEU D 1160 -34.57 45.24 -29.56
N VAL D 1161 -35.81 45.52 -29.98
CA VAL D 1161 -36.96 45.52 -29.10
C VAL D 1161 -37.90 44.41 -29.56
N ILE D 1162 -38.57 43.78 -28.61
CA ILE D 1162 -39.61 42.80 -28.89
C ILE D 1162 -40.93 43.40 -28.43
N THR D 1163 -41.93 43.41 -29.31
CA THR D 1163 -43.24 43.97 -29.04
C THR D 1163 -44.26 42.84 -29.04
N PRO D 1164 -44.53 42.21 -27.89
CA PRO D 1164 -45.63 41.24 -27.82
C PRO D 1164 -46.92 41.78 -28.42
N VAL D 1165 -47.32 41.19 -29.54
CA VAL D 1165 -48.60 41.54 -30.16
C VAL D 1165 -49.74 41.18 -29.21
N ASP D 1166 -49.54 40.18 -28.36
CA ASP D 1166 -50.52 39.85 -27.34
C ASP D 1166 -50.58 40.91 -26.25
N GLY D 1167 -49.50 41.65 -26.03
CA GLY D 1167 -49.46 42.64 -24.99
C GLY D 1167 -48.66 43.88 -25.31
N SER D 1168 -47.77 44.27 -24.39
CA SER D 1168 -46.98 45.49 -24.50
C SER D 1168 -45.68 45.22 -25.25
N ASP D 1169 -44.75 46.16 -25.17
CA ASP D 1169 -43.41 46.04 -25.76
C ASP D 1169 -42.36 46.44 -24.74
N PRO D 1170 -42.23 45.67 -23.65
CA PRO D 1170 -41.33 46.10 -22.57
C PRO D 1170 -39.88 45.67 -22.74
N TYR D 1171 -39.64 44.63 -23.53
CA TYR D 1171 -38.32 44.00 -23.59
C TYR D 1171 -37.49 44.55 -24.74
N GLU D 1172 -36.25 44.92 -24.44
CA GLU D 1172 -35.31 45.38 -25.44
C GLU D 1172 -33.91 45.19 -24.91
N GLU D 1173 -32.96 44.97 -25.82
CA GLU D 1173 -31.57 44.72 -25.43
C GLU D 1173 -30.68 44.91 -26.64
N MET D 1174 -29.38 45.06 -26.39
CA MET D 1174 -28.41 45.26 -27.46
C MET D 1174 -27.77 43.93 -27.85
N ILE D 1175 -27.50 43.78 -29.16
CA ILE D 1175 -26.85 42.59 -29.69
C ILE D 1175 -25.73 43.04 -30.63
N PRO D 1176 -24.63 42.31 -30.74
CA PRO D 1176 -23.52 42.78 -31.59
C PRO D 1176 -23.95 42.93 -33.05
N LYS D 1177 -23.37 43.94 -33.70
CA LYS D 1177 -23.66 44.16 -35.12
C LYS D 1177 -23.15 43.01 -35.97
N TRP D 1178 -21.95 42.51 -35.66
CA TRP D 1178 -21.37 41.46 -36.48
C TRP D 1178 -22.17 40.16 -36.39
N ARG D 1179 -22.78 39.89 -35.24
CA ARG D 1179 -23.65 38.72 -35.13
C ARG D 1179 -24.86 38.91 -36.02
N GLN D 1180 -24.89 38.17 -37.13
CA GLN D 1180 -25.96 38.32 -38.10
C GLN D 1180 -27.29 37.86 -37.53
N LEU D 1181 -28.37 38.44 -38.07
CA LEU D 1181 -29.73 38.11 -37.69
C LEU D 1181 -30.38 37.31 -38.81
N ASN D 1182 -31.11 36.25 -38.45
CA ASN D 1182 -31.91 35.52 -39.41
C ASN D 1182 -33.27 36.15 -39.65
N VAL D 1183 -33.66 37.14 -38.85
CA VAL D 1183 -34.96 37.78 -38.95
C VAL D 1183 -34.77 39.24 -39.34
N PHE D 1184 -35.76 39.79 -40.03
CA PHE D 1184 -35.69 41.16 -40.54
C PHE D 1184 -36.13 42.14 -39.45
N GLU D 1185 -36.29 43.41 -39.81
CA GLU D 1185 -36.65 44.44 -38.86
C GLU D 1185 -38.00 44.15 -38.21
N GLY D 1186 -39.02 43.92 -39.03
CA GLY D 1186 -40.36 43.65 -38.53
C GLY D 1186 -40.88 42.29 -38.90
N GLU D 1187 -40.98 41.38 -37.93
CA GLU D 1187 -41.50 40.05 -38.16
C GLU D 1187 -42.06 39.51 -36.85
N ARG D 1188 -43.23 38.87 -36.94
CA ARG D 1188 -43.85 38.26 -35.77
C ARG D 1188 -43.05 37.04 -35.35
N VAL D 1189 -42.40 37.10 -34.19
CA VAL D 1189 -41.49 36.06 -33.72
C VAL D 1189 -41.95 35.56 -32.36
N GLU D 1190 -42.15 34.25 -32.25
CA GLU D 1190 -42.46 33.63 -30.98
C GLU D 1190 -41.22 33.59 -30.10
N ARG D 1191 -41.43 33.49 -28.79
CA ARG D 1191 -40.31 33.37 -27.88
C ARG D 1191 -39.51 32.11 -28.19
N GLY D 1192 -38.20 32.21 -28.04
CA GLY D 1192 -37.29 31.17 -28.48
C GLY D 1192 -36.83 31.32 -29.91
N ASP D 1193 -37.41 32.24 -30.66
CA ASP D 1193 -36.94 32.51 -32.01
C ASP D 1193 -35.46 32.92 -31.97
N VAL D 1194 -34.63 32.20 -32.71
CA VAL D 1194 -33.20 32.47 -32.70
C VAL D 1194 -32.97 33.83 -33.35
N ILE D 1195 -32.66 34.83 -32.52
CA ILE D 1195 -32.30 36.14 -33.07
C ILE D 1195 -31.05 36.01 -33.92
N SER D 1196 -30.08 35.24 -33.45
CA SER D 1196 -28.92 34.84 -34.23
C SER D 1196 -28.67 33.36 -34.02
N ASP D 1197 -28.06 32.72 -35.02
CA ASP D 1197 -27.77 31.30 -34.98
C ASP D 1197 -26.34 31.09 -34.48
N GLY D 1198 -25.90 29.83 -34.52
CA GLY D 1198 -24.59 29.46 -34.03
C GLY D 1198 -24.72 28.49 -32.86
N PRO D 1199 -23.65 28.31 -32.09
CA PRO D 1199 -23.75 27.42 -30.93
C PRO D 1199 -24.82 27.89 -29.96
N GLU D 1200 -25.55 26.94 -29.40
CA GLU D 1200 -26.70 27.21 -28.56
C GLU D 1200 -26.34 26.99 -27.10
N ALA D 1201 -26.58 28.00 -26.27
CA ALA D 1201 -26.31 27.88 -24.84
C ALA D 1201 -27.37 27.03 -24.17
N PRO D 1202 -27.04 26.32 -23.09
CA PRO D 1202 -28.07 25.56 -22.38
C PRO D 1202 -28.90 26.42 -21.44
N HIS D 1203 -28.24 27.37 -20.77
CA HIS D 1203 -28.89 28.07 -19.67
C HIS D 1203 -30.04 28.93 -20.16
N ASP D 1204 -29.94 29.48 -21.35
CA ASP D 1204 -31.04 30.27 -21.89
C ASP D 1204 -32.22 29.38 -22.25
N ILE D 1205 -31.96 28.13 -22.63
CA ILE D 1205 -33.06 27.20 -22.90
C ILE D 1205 -33.88 27.00 -21.65
N LEU D 1206 -33.22 26.77 -20.51
CA LEU D 1206 -33.93 26.73 -19.25
C LEU D 1206 -34.61 28.06 -18.97
N ARG D 1207 -33.95 29.16 -19.31
CA ARG D 1207 -34.52 30.48 -19.06
C ARG D 1207 -35.85 30.65 -19.75
N LEU D 1208 -35.98 30.10 -20.97
CA LEU D 1208 -37.16 30.29 -21.79
C LEU D 1208 -37.98 29.01 -21.91
N ARG D 1209 -37.36 27.91 -22.36
CA ARG D 1209 -38.10 26.67 -22.52
C ARG D 1209 -38.45 26.06 -21.17
N GLY D 1210 -37.54 26.15 -20.20
CA GLY D 1210 -37.78 25.60 -18.88
C GLY D 1210 -37.37 24.15 -18.77
N VAL D 1211 -37.57 23.61 -17.57
CA VAL D 1211 -37.28 22.20 -17.35
C VAL D 1211 -38.14 21.36 -18.27
N HIS D 1212 -37.67 20.14 -18.54
CA HIS D 1212 -38.17 19.21 -19.56
C HIS D 1212 -37.70 19.62 -20.95
N ALA D 1213 -36.96 20.71 -21.08
CA ALA D 1213 -36.34 21.11 -22.34
C ALA D 1213 -34.83 21.20 -22.22
N VAL D 1214 -34.32 21.73 -21.12
CA VAL D 1214 -32.90 21.62 -20.85
C VAL D 1214 -32.51 20.16 -20.72
N THR D 1215 -33.43 19.32 -20.22
CA THR D 1215 -33.18 17.89 -20.17
C THR D 1215 -33.01 17.41 -21.60
N ARG D 1216 -34.07 17.46 -22.39
CA ARG D 1216 -34.01 16.96 -23.76
C ARG D 1216 -32.94 17.65 -24.60
N TYR D 1217 -32.31 18.70 -24.11
CA TYR D 1217 -31.08 19.19 -24.74
C TYR D 1217 -29.85 18.45 -24.22
N ILE D 1218 -29.62 18.45 -22.90
CA ILE D 1218 -28.40 17.86 -22.37
C ILE D 1218 -28.37 16.36 -22.62
N VAL D 1219 -29.47 15.68 -22.33
CA VAL D 1219 -29.51 14.23 -22.53
C VAL D 1219 -29.27 13.93 -24.00
N ASN D 1220 -29.93 14.66 -24.90
CA ASN D 1220 -29.76 14.38 -26.32
C ASN D 1220 -28.33 14.63 -26.74
N GLU D 1221 -27.75 15.76 -26.33
CA GLU D 1221 -26.42 16.12 -26.80
C GLU D 1221 -25.36 15.15 -26.27
N VAL D 1222 -25.36 14.90 -24.97
CA VAL D 1222 -24.30 14.05 -24.43
C VAL D 1222 -24.52 12.60 -24.86
N GLN D 1223 -25.77 12.13 -24.90
CA GLN D 1223 -26.00 10.78 -25.37
C GLN D 1223 -25.69 10.65 -26.85
N ASP D 1224 -25.73 11.75 -27.59
CA ASP D 1224 -25.26 11.71 -28.97
C ASP D 1224 -23.74 11.65 -29.03
N VAL D 1225 -23.07 12.38 -28.15
CA VAL D 1225 -21.61 12.33 -28.13
C VAL D 1225 -21.13 10.95 -27.75
N TYR D 1226 -21.85 10.27 -26.85
CA TYR D 1226 -21.43 8.94 -26.42
C TYR D 1226 -21.91 7.86 -27.38
N ARG D 1227 -23.08 8.02 -27.99
CA ARG D 1227 -23.45 7.16 -29.09
C ARG D 1227 -22.56 7.36 -30.30
N LEU D 1228 -21.78 8.45 -30.32
CA LEU D 1228 -20.90 8.69 -31.45
C LEU D 1228 -19.92 7.55 -31.65
N GLN D 1229 -19.19 7.17 -30.60
CA GLN D 1229 -18.11 6.21 -30.80
C GLN D 1229 -18.61 4.77 -30.78
N GLY D 1230 -18.92 4.24 -29.59
CA GLY D 1230 -19.42 2.88 -29.52
C GLY D 1230 -20.30 2.53 -28.33
N VAL D 1231 -20.49 3.46 -27.40
CA VAL D 1231 -20.98 3.12 -26.09
C VAL D 1231 -22.48 3.37 -26.01
N LYS D 1232 -23.10 2.90 -24.93
CA LYS D 1232 -24.56 3.00 -24.75
C LYS D 1232 -24.83 3.37 -23.29
N ILE D 1233 -24.91 4.66 -23.02
CA ILE D 1233 -25.16 5.17 -21.68
C ILE D 1233 -26.64 5.49 -21.58
N ASN D 1234 -27.37 4.70 -20.81
CA ASN D 1234 -28.81 4.87 -20.76
C ASN D 1234 -29.17 6.23 -20.19
N ASP D 1235 -30.33 6.74 -20.59
CA ASP D 1235 -30.67 8.13 -20.34
C ASP D 1235 -30.98 8.42 -18.89
N LYS D 1236 -31.30 7.41 -18.08
CA LYS D 1236 -31.61 7.66 -16.67
C LYS D 1236 -30.43 8.34 -15.98
N HIS D 1237 -29.21 7.94 -16.33
CA HIS D 1237 -28.05 8.46 -15.63
C HIS D 1237 -27.81 9.92 -15.97
N ILE D 1238 -27.87 10.27 -17.26
CA ILE D 1238 -27.75 11.67 -17.61
C ILE D 1238 -28.87 12.46 -16.97
N GLU D 1239 -30.06 11.89 -16.91
CA GLU D 1239 -31.18 12.62 -16.35
C GLU D 1239 -30.98 12.92 -14.87
N VAL D 1240 -30.48 11.95 -14.09
CA VAL D 1240 -30.27 12.25 -12.67
C VAL D 1240 -29.14 13.25 -12.50
N ILE D 1241 -28.11 13.18 -13.34
CA ILE D 1241 -27.06 14.20 -13.22
C ILE D 1241 -27.61 15.58 -13.57
N VAL D 1242 -28.54 15.66 -14.52
CA VAL D 1242 -29.17 16.94 -14.81
C VAL D 1242 -29.98 17.42 -13.61
N ARG D 1243 -30.78 16.52 -13.03
CA ARG D 1243 -31.58 16.90 -11.87
C ARG D 1243 -30.71 17.46 -10.78
N GLN D 1244 -29.59 16.81 -10.50
CA GLN D 1244 -28.68 17.34 -9.50
C GLN D 1244 -28.06 18.65 -9.97
N MET D 1245 -27.90 18.84 -11.27
CA MET D 1245 -27.27 20.06 -11.77
C MET D 1245 -28.09 21.30 -11.42
N LEU D 1246 -29.42 21.21 -11.54
CA LEU D 1246 -30.29 22.38 -11.47
C LEU D 1246 -31.29 22.28 -10.32
N ARG D 1247 -30.81 21.94 -9.12
CA ARG D 1247 -31.69 21.86 -7.96
C ARG D 1247 -31.82 23.19 -7.22
N LYS D 1248 -31.38 24.30 -7.82
CA LYS D 1248 -31.47 25.62 -7.20
C LYS D 1248 -32.21 26.57 -8.13
N ALA D 1249 -33.09 27.38 -7.55
CA ALA D 1249 -33.96 28.29 -8.29
C ALA D 1249 -33.89 29.68 -7.68
N THR D 1250 -33.98 30.69 -8.56
CA THR D 1250 -34.09 32.06 -8.14
C THR D 1250 -35.54 32.38 -7.79
N ILE D 1251 -35.73 33.14 -6.72
CA ILE D 1251 -37.07 33.46 -6.24
C ILE D 1251 -37.65 34.57 -7.10
N VAL D 1252 -38.86 34.35 -7.62
CA VAL D 1252 -39.47 35.30 -8.53
C VAL D 1252 -40.33 36.33 -7.80
N ASN D 1253 -40.91 35.96 -6.66
CA ASN D 1253 -41.78 36.88 -5.93
C ASN D 1253 -41.61 36.64 -4.44
N ALA D 1254 -41.99 37.66 -3.67
CA ALA D 1254 -41.97 37.52 -2.21
C ALA D 1254 -42.94 36.45 -1.75
N GLY D 1255 -44.01 36.20 -2.51
CA GLY D 1255 -44.99 35.23 -2.09
C GLY D 1255 -45.58 35.66 -0.77
N SER D 1256 -45.35 34.85 0.27
CA SER D 1256 -45.73 35.21 1.64
C SER D 1256 -44.67 34.85 2.66
N SER D 1257 -43.55 34.27 2.25
CA SER D 1257 -42.47 33.91 3.15
C SER D 1257 -41.37 34.97 3.10
N ASP D 1258 -40.27 34.70 3.80
CA ASP D 1258 -39.15 35.63 3.82
C ASP D 1258 -38.41 35.70 2.51
N PHE D 1259 -38.66 34.77 1.58
CA PHE D 1259 -37.86 34.67 0.37
C PHE D 1259 -37.89 35.97 -0.43
N LEU D 1260 -36.75 36.66 -0.48
CA LEU D 1260 -36.63 37.84 -1.30
C LEU D 1260 -36.41 37.46 -2.76
N GLU D 1261 -36.75 38.38 -3.66
CA GLU D 1261 -36.64 38.09 -5.08
C GLU D 1261 -35.19 37.81 -5.48
N GLY D 1262 -34.25 38.63 -5.00
CA GLY D 1262 -32.86 38.42 -5.34
C GLY D 1262 -32.28 37.13 -4.82
N GLU D 1263 -32.86 36.59 -3.75
CA GLU D 1263 -32.37 35.35 -3.16
C GLU D 1263 -32.53 34.20 -4.15
N GLN D 1264 -31.61 33.25 -4.08
CA GLN D 1264 -31.69 31.98 -4.78
C GLN D 1264 -31.56 30.85 -3.79
N VAL D 1265 -32.50 29.90 -3.84
CA VAL D 1265 -32.59 28.84 -2.84
C VAL D 1265 -32.80 27.51 -3.54
N GLU D 1266 -32.42 26.43 -2.86
CA GLU D 1266 -32.56 25.10 -3.41
C GLU D 1266 -34.02 24.85 -3.77
N TYR D 1267 -34.22 24.29 -4.96
CA TYR D 1267 -35.58 24.14 -5.51
C TYR D 1267 -36.48 23.36 -4.57
N SER D 1268 -35.93 22.42 -3.81
CA SER D 1268 -36.73 21.69 -2.84
C SER D 1268 -37.30 22.63 -1.79
N ARG D 1269 -36.49 23.59 -1.33
CA ARG D 1269 -36.93 24.48 -0.27
C ARG D 1269 -38.12 25.32 -0.73
N VAL D 1270 -38.01 25.93 -1.91
CA VAL D 1270 -39.12 26.74 -2.40
C VAL D 1270 -40.32 25.86 -2.70
N LYS D 1271 -40.08 24.62 -3.16
CA LYS D 1271 -41.20 23.72 -3.42
C LYS D 1271 -42.00 23.47 -2.15
N ILE D 1272 -41.32 23.10 -1.06
CA ILE D 1272 -42.03 22.85 0.18
C ILE D 1272 -42.62 24.14 0.75
N ALA D 1273 -41.96 25.28 0.51
CA ALA D 1273 -42.52 26.56 0.92
C ALA D 1273 -43.87 26.79 0.27
N ASN D 1274 -43.95 26.61 -1.04
CA ASN D 1274 -45.22 26.75 -1.73
C ASN D 1274 -46.23 25.73 -1.22
N ARG D 1275 -45.75 24.51 -0.94
CA ARG D 1275 -46.66 23.48 -0.45
C ARG D 1275 -47.35 23.91 0.84
N GLU D 1276 -46.56 24.32 1.83
CA GLU D 1276 -47.12 24.67 3.12
C GLU D 1276 -47.86 26.01 3.10
N LEU D 1277 -47.50 26.91 2.18
CA LEU D 1277 -48.26 28.16 2.09
C LEU D 1277 -49.62 27.94 1.44
N GLU D 1278 -49.68 27.12 0.39
CA GLU D 1278 -50.95 26.84 -0.26
C GLU D 1278 -51.81 25.89 0.56
N ALA D 1279 -51.21 25.06 1.41
CA ALA D 1279 -52.01 24.27 2.33
C ALA D 1279 -52.84 25.17 3.24
N ASN D 1280 -52.24 26.24 3.72
CA ASN D 1280 -52.96 27.26 4.47
C ASN D 1280 -53.53 28.29 3.49
N GLY D 1281 -54.01 29.41 4.01
CA GLY D 1281 -54.49 30.46 3.15
C GLY D 1281 -53.41 31.33 2.55
N LYS D 1282 -52.15 31.08 2.88
CA LYS D 1282 -51.06 31.91 2.40
C LYS D 1282 -50.90 31.76 0.89
N VAL D 1283 -49.96 32.51 0.33
CA VAL D 1283 -49.65 32.50 -1.09
C VAL D 1283 -48.19 32.09 -1.26
N GLY D 1284 -47.94 31.15 -2.18
CA GLY D 1284 -46.60 30.70 -2.42
C GLY D 1284 -45.78 31.69 -3.22
N ALA D 1285 -44.47 31.48 -3.20
CA ALA D 1285 -43.52 32.34 -3.91
C ALA D 1285 -43.09 31.65 -5.19
N THR D 1286 -43.25 32.34 -6.32
CA THR D 1286 -42.83 31.77 -7.59
C THR D 1286 -41.31 31.73 -7.68
N TYR D 1287 -40.83 30.98 -8.67
CA TYR D 1287 -39.41 30.70 -8.79
C TYR D 1287 -39.05 30.49 -10.25
N SER D 1288 -37.75 30.35 -10.49
CA SER D 1288 -37.23 30.03 -11.81
C SER D 1288 -35.98 29.18 -11.60
N ARG D 1289 -36.05 27.91 -11.96
CA ARG D 1289 -34.93 27.00 -11.71
C ARG D 1289 -33.76 27.37 -12.59
N ASP D 1290 -32.57 27.41 -12.01
CA ASP D 1290 -31.36 27.86 -12.68
C ASP D 1290 -30.38 26.70 -12.84
N LEU D 1291 -29.84 26.57 -14.05
CA LEU D 1291 -28.87 25.52 -14.32
C LEU D 1291 -27.52 25.90 -13.73
N LEU D 1292 -26.82 24.91 -13.20
CA LEU D 1292 -25.48 25.10 -12.64
C LEU D 1292 -24.57 24.00 -13.15
N GLY D 1293 -23.37 24.38 -13.56
CA GLY D 1293 -22.38 23.39 -13.95
C GLY D 1293 -22.04 22.47 -12.80
N ILE D 1294 -21.65 21.23 -13.12
CA ILE D 1294 -21.44 20.24 -12.08
C ILE D 1294 -20.35 20.71 -11.11
N THR D 1295 -19.31 21.36 -11.61
CA THR D 1295 -18.36 21.97 -10.69
C THR D 1295 -19.06 23.02 -9.85
N LYS D 1296 -19.91 23.83 -10.47
CA LYS D 1296 -20.65 24.84 -9.72
C LYS D 1296 -21.60 24.20 -8.71
N ALA D 1297 -22.31 23.16 -9.15
CA ALA D 1297 -23.27 22.52 -8.26
C ALA D 1297 -22.56 21.88 -7.07
N SER D 1298 -21.41 21.25 -7.30
CA SER D 1298 -20.65 20.69 -6.19
C SER D 1298 -20.20 21.79 -5.25
N LEU D 1299 -19.76 22.93 -5.79
CA LEU D 1299 -19.43 24.06 -4.92
C LEU D 1299 -20.65 24.47 -4.11
N ALA D 1300 -21.82 24.55 -4.76
CA ALA D 1300 -23.06 24.70 -4.00
C ALA D 1300 -23.25 23.48 -3.12
N THR D 1301 -23.94 23.67 -2.01
CA THR D 1301 -23.99 22.65 -0.98
C THR D 1301 -25.32 22.70 -0.25
N GLU D 1302 -25.72 21.56 0.30
CA GLU D 1302 -26.89 21.46 1.16
C GLU D 1302 -26.55 20.73 2.46
N SER D 1303 -25.26 20.63 2.78
CA SER D 1303 -24.82 19.82 3.91
C SER D 1303 -23.42 20.29 4.28
N PHE D 1304 -23.26 20.86 5.48
CA PHE D 1304 -22.02 21.57 5.76
C PHE D 1304 -20.84 20.61 5.88
N ILE D 1305 -21.07 19.36 6.29
CA ILE D 1305 -19.98 18.41 6.36
C ILE D 1305 -19.36 18.20 4.98
N SER D 1306 -20.21 18.07 3.95
CA SER D 1306 -19.68 17.91 2.61
C SER D 1306 -18.82 19.11 2.22
N ALA D 1307 -19.35 20.32 2.39
CA ALA D 1307 -18.59 21.51 2.03
C ALA D 1307 -17.28 21.58 2.81
N ALA D 1308 -17.26 21.07 4.04
CA ALA D 1308 -15.99 20.91 4.73
C ALA D 1308 -15.10 19.94 3.98
N SER D 1309 -15.69 18.88 3.43
CA SER D 1309 -14.91 17.93 2.64
C SER D 1309 -14.32 18.57 1.40
N PHE D 1310 -14.85 19.70 0.95
CA PHE D 1310 -14.32 20.46 -0.18
C PHE D 1310 -13.47 21.63 0.28
N GLN D 1311 -12.70 21.45 1.36
CA GLN D 1311 -11.80 22.49 1.84
C GLN D 1311 -12.62 23.73 2.20
N GLU D 1312 -11.98 24.89 2.32
CA GLU D 1312 -12.55 26.08 2.97
C GLU D 1312 -13.30 25.69 4.23
N THR D 1313 -12.67 24.82 5.01
CA THR D 1313 -13.34 24.23 6.17
C THR D 1313 -13.71 25.28 7.20
N THR D 1314 -12.80 26.20 7.49
CA THR D 1314 -13.06 27.20 8.52
C THR D 1314 -14.25 28.06 8.15
N ARG D 1315 -14.33 28.47 6.89
CA ARG D 1315 -15.46 29.27 6.44
C ARG D 1315 -16.77 28.50 6.59
N VAL D 1316 -16.77 27.23 6.19
CA VAL D 1316 -17.98 26.42 6.27
C VAL D 1316 -18.42 26.28 7.73
N LEU D 1317 -17.48 25.97 8.62
CA LEU D 1317 -17.81 25.82 10.02
C LEU D 1317 -18.34 27.12 10.60
N THR D 1318 -17.69 28.24 10.31
CA THR D 1318 -18.14 29.52 10.84
C THR D 1318 -19.54 29.85 10.36
N GLU D 1319 -19.78 29.70 9.06
CA GLU D 1319 -21.09 29.99 8.50
C GLU D 1319 -22.15 29.09 9.12
N ALA D 1320 -21.87 27.80 9.23
CA ALA D 1320 -22.85 26.88 9.78
C ALA D 1320 -23.15 27.22 11.24
N ALA D 1321 -22.10 27.47 12.02
CA ALA D 1321 -22.30 27.74 13.44
C ALA D 1321 -23.12 29.00 13.65
N VAL D 1322 -22.78 30.09 12.94
CA VAL D 1322 -23.54 31.33 13.12
C VAL D 1322 -24.96 31.14 12.62
N ALA D 1323 -25.14 30.38 11.56
CA ALA D 1323 -26.48 30.14 11.03
C ALA D 1323 -27.24 29.07 11.81
N GLY D 1324 -26.59 28.36 12.73
CA GLY D 1324 -27.25 27.23 13.36
C GLY D 1324 -27.70 26.22 12.32
N LYS D 1325 -26.89 25.99 11.30
CA LYS D 1325 -27.28 25.24 10.11
C LYS D 1325 -27.21 23.75 10.40
N ARG D 1326 -28.34 23.20 10.84
CA ARG D 1326 -28.46 21.76 10.96
C ARG D 1326 -28.24 21.12 9.60
N ASP D 1327 -27.65 19.93 9.59
CA ASP D 1327 -27.33 19.21 8.38
C ASP D 1327 -27.90 17.80 8.43
N GLU D 1328 -28.62 17.41 7.39
CA GLU D 1328 -29.03 16.03 7.23
C GLU D 1328 -27.82 15.15 7.01
N LEU D 1329 -27.82 13.97 7.61
CA LEU D 1329 -26.86 12.94 7.25
C LEU D 1329 -27.42 12.19 6.03
N ARG D 1330 -27.49 12.94 4.93
CA ARG D 1330 -28.03 12.50 3.67
C ARG D 1330 -26.90 12.53 2.64
N GLY D 1331 -27.01 11.68 1.64
CA GLY D 1331 -25.94 11.54 0.68
C GLY D 1331 -24.76 10.79 1.28
N LEU D 1332 -24.03 10.10 0.42
CA LEU D 1332 -23.12 9.06 0.85
C LEU D 1332 -21.74 9.56 1.21
N LYS D 1333 -21.50 10.87 1.17
CA LYS D 1333 -20.17 11.39 1.46
C LYS D 1333 -20.04 11.98 2.84
N GLU D 1334 -21.13 12.49 3.43
CA GLU D 1334 -21.05 12.97 4.80
C GLU D 1334 -21.00 11.81 5.78
N ASN D 1335 -21.77 10.76 5.51
CA ASN D 1335 -21.79 9.62 6.43
C ASN D 1335 -20.47 8.89 6.45
N VAL D 1336 -19.80 8.78 5.31
CA VAL D 1336 -18.48 8.17 5.29
C VAL D 1336 -17.50 9.01 6.09
N ILE D 1337 -17.57 10.33 5.96
CA ILE D 1337 -16.65 11.19 6.70
C ILE D 1337 -16.87 11.05 8.20
N VAL D 1338 -18.11 11.17 8.64
CA VAL D 1338 -18.40 10.97 10.06
C VAL D 1338 -18.24 9.51 10.43
N GLY D 1339 -18.67 8.60 9.55
CA GLY D 1339 -18.44 7.19 9.73
C GLY D 1339 -19.65 6.33 10.02
N ARG D 1340 -20.87 6.89 10.00
CA ARG D 1340 -22.04 6.04 10.22
C ARG D 1340 -22.28 5.17 9.00
N LEU D 1341 -23.39 4.45 9.01
CA LEU D 1341 -23.72 3.59 7.88
C LEU D 1341 -23.95 4.43 6.64
N ILE D 1342 -23.19 4.14 5.59
CA ILE D 1342 -23.46 4.69 4.26
C ILE D 1342 -24.94 4.45 3.99
N PRO D 1343 -25.80 5.50 3.96
CA PRO D 1343 -27.25 5.30 4.01
C PRO D 1343 -27.87 5.03 2.64
N ALA D 1344 -27.33 4.04 1.93
CA ALA D 1344 -27.76 3.75 0.57
C ALA D 1344 -28.53 2.43 0.49
N GLY D 1345 -27.90 1.31 0.80
CA GLY D 1345 -28.55 0.03 0.63
C GLY D 1345 -28.92 -0.60 1.94
N THR D 1346 -28.14 -1.59 2.36
CA THR D 1346 -28.30 -2.14 3.69
C THR D 1346 -28.31 -1.03 4.73
N GLY D 1347 -27.46 -0.03 4.53
CA GLY D 1347 -27.48 1.12 5.42
C GLY D 1347 -28.83 1.81 5.43
N TYR D 1348 -29.44 1.99 4.26
CA TYR D 1348 -30.70 2.70 4.23
C TYR D 1348 -31.81 1.93 4.93
N ALA D 1349 -31.90 0.62 4.68
CA ALA D 1349 -32.90 -0.18 5.36
C ALA D 1349 -32.66 -0.16 6.87
N TYR D 1350 -31.39 -0.24 7.28
CA TYR D 1350 -31.08 -0.20 8.70
C TYR D 1350 -31.55 1.11 9.32
N HIS D 1351 -31.26 2.23 8.67
CA HIS D 1351 -31.64 3.52 9.23
C HIS D 1351 -33.15 3.69 9.28
N GLN D 1352 -33.85 3.31 8.21
CA GLN D 1352 -35.30 3.43 8.25
C GLN D 1352 -35.89 2.54 9.34
N ASP D 1353 -35.32 1.34 9.52
CA ASP D 1353 -35.78 0.48 10.60
C ASP D 1353 -35.56 1.15 11.95
N ARG D 1354 -34.38 1.73 12.14
CA ARG D 1354 -34.07 2.37 13.41
C ARG D 1354 -35.03 3.51 13.68
N MET D 1355 -35.35 4.29 12.65
CA MET D 1355 -36.34 5.35 12.83
C MET D 1355 -37.71 4.77 13.14
N ARG D 1356 -38.07 3.66 12.49
CA ARG D 1356 -39.38 3.06 12.71
C ARG D 1356 -39.54 2.58 14.14
N ARG D 1357 -38.49 1.98 14.70
CA ARG D 1357 -38.59 1.50 16.08
C ARG D 1357 -38.80 2.65 17.05
N ARG D 1358 -38.38 3.85 16.70
CA ARG D 1358 -38.66 5.02 17.50
C ARG D 1358 -40.03 5.58 17.13
N ARG E 1 -26.06 -22.66 -2.14
CA ARG E 1 -26.78 -21.67 -2.93
C ARG E 1 -25.80 -20.91 -3.81
N VAL E 2 -26.29 -20.44 -4.97
CA VAL E 2 -25.47 -19.73 -5.93
C VAL E 2 -26.07 -18.36 -6.28
N THR E 3 -27.33 -18.34 -6.68
CA THR E 3 -28.05 -17.10 -6.95
C THR E 3 -29.04 -16.84 -5.83
N VAL E 4 -29.57 -15.61 -5.81
CA VAL E 4 -30.50 -15.21 -4.76
C VAL E 4 -31.73 -14.57 -5.37
N GLN E 5 -32.00 -14.86 -6.65
CA GLN E 5 -33.16 -14.25 -7.29
C GLN E 5 -34.45 -14.71 -6.65
N ASP E 6 -34.52 -15.98 -6.26
CA ASP E 6 -35.75 -16.51 -5.68
C ASP E 6 -36.10 -15.81 -4.38
N ALA E 7 -35.10 -15.31 -3.66
CA ALA E 7 -35.35 -14.63 -2.39
C ALA E 7 -35.78 -13.18 -2.58
N VAL E 8 -35.61 -12.61 -3.76
CA VAL E 8 -35.95 -11.20 -3.95
C VAL E 8 -37.45 -10.98 -3.77
N GLU E 9 -38.27 -11.78 -4.47
CA GLU E 9 -39.71 -11.58 -4.40
C GLU E 9 -40.28 -11.98 -3.04
N LYS E 10 -39.62 -12.91 -2.36
CA LYS E 10 -40.09 -13.29 -1.03
C LYS E 10 -40.02 -12.12 -0.06
N ILE E 11 -38.94 -11.36 -0.11
CA ILE E 11 -38.80 -10.11 0.65
C ILE E 11 -38.46 -9.04 -0.38
N GLY E 12 -39.50 -8.38 -0.91
CA GLY E 12 -39.29 -7.44 -1.99
C GLY E 12 -38.55 -6.20 -1.54
N ASN E 13 -37.28 -6.12 -1.93
CA ASN E 13 -36.41 -4.97 -1.69
C ASN E 13 -34.97 -5.32 -2.01
N ARG E 14 -34.56 -6.57 -1.72
CA ARG E 14 -33.23 -7.07 -2.01
C ARG E 14 -32.19 -6.53 -1.04
N PHE E 15 -32.56 -5.56 -0.20
CA PHE E 15 -31.74 -5.12 0.91
C PHE E 15 -32.35 -5.50 2.24
N ASP E 16 -33.67 -5.30 2.40
CA ASP E 16 -34.34 -5.88 3.56
C ASP E 16 -34.19 -7.39 3.56
N LEU E 17 -34.06 -8.01 2.39
CA LEU E 17 -33.68 -9.41 2.34
C LEU E 17 -32.35 -9.63 3.05
N VAL E 18 -31.37 -8.76 2.79
CA VAL E 18 -30.06 -8.93 3.41
C VAL E 18 -30.16 -8.87 4.92
N LEU E 19 -30.83 -7.84 5.44
CA LEU E 19 -30.88 -7.67 6.88
C LEU E 19 -31.72 -8.74 7.56
N VAL E 20 -32.83 -9.16 6.92
CA VAL E 20 -33.64 -10.22 7.51
C VAL E 20 -32.87 -11.53 7.53
N ALA E 21 -32.18 -11.85 6.44
CA ALA E 21 -31.37 -13.06 6.41
C ALA E 21 -30.26 -12.98 7.45
N ALA E 22 -29.67 -11.80 7.65
CA ALA E 22 -28.64 -11.65 8.66
C ALA E 22 -29.21 -11.85 10.05
N ARG E 23 -30.42 -11.35 10.29
CA ARG E 23 -31.09 -11.60 11.56
C ARG E 23 -31.24 -13.09 11.82
N ARG E 24 -31.78 -13.81 10.83
CA ARG E 24 -31.99 -15.24 11.00
C ARG E 24 -30.66 -15.97 11.18
N ALA E 25 -29.64 -15.60 10.40
CA ALA E 25 -28.35 -16.26 10.50
C ALA E 25 -27.72 -16.02 11.86
N ARG E 26 -27.81 -14.80 12.38
CA ARG E 26 -27.28 -14.53 13.71
C ARG E 26 -28.02 -15.35 14.75
N GLN E 27 -29.34 -15.49 14.58
CA GLN E 27 -30.09 -16.37 15.46
C GLN E 27 -29.58 -17.80 15.40
N MET E 28 -29.19 -18.25 14.20
CA MET E 28 -28.80 -19.63 13.98
C MET E 28 -27.32 -19.90 14.18
N GLN E 29 -26.50 -18.88 14.47
CA GLN E 29 -25.06 -19.09 14.60
C GLN E 29 -24.62 -19.23 16.06
N VAL E 30 -24.95 -18.25 16.91
CA VAL E 30 -24.67 -18.33 18.33
C VAL E 30 -25.94 -18.33 19.17
N GLY E 31 -27.06 -17.84 18.63
CA GLY E 31 -28.31 -17.89 19.34
C GLY E 31 -28.99 -19.24 19.23
N GLY E 32 -28.22 -20.30 19.04
CA GLY E 32 -28.80 -21.63 19.01
C GLY E 32 -29.89 -21.70 17.97
N LYS E 33 -30.98 -22.37 18.33
CA LYS E 33 -32.19 -22.34 17.52
C LYS E 33 -31.91 -22.82 16.10
N ASP E 34 -31.64 -24.12 15.99
CA ASP E 34 -31.18 -24.76 14.76
C ASP E 34 -32.06 -24.41 13.56
N PRO E 35 -31.53 -24.46 12.34
CA PRO E 35 -32.36 -24.15 11.17
C PRO E 35 -33.50 -25.14 11.02
N LEU E 36 -34.59 -24.67 10.42
CA LEU E 36 -35.76 -25.50 10.18
C LEU E 36 -35.64 -26.32 8.89
N VAL E 37 -34.55 -26.18 8.16
CA VAL E 37 -34.31 -26.98 6.95
C VAL E 37 -32.95 -27.65 7.11
N PRO E 38 -32.73 -28.83 6.53
CA PRO E 38 -31.42 -29.48 6.69
C PRO E 38 -30.32 -28.70 5.99
N GLU E 39 -29.11 -28.86 6.51
CA GLU E 39 -27.92 -28.22 5.95
C GLU E 39 -27.07 -29.24 5.20
N GLU E 40 -26.27 -28.73 4.28
CA GLU E 40 -25.42 -29.55 3.40
C GLU E 40 -23.97 -29.08 3.51
N ASN E 41 -23.49 -28.98 4.75
CA ASN E 41 -22.24 -28.31 5.11
C ASN E 41 -22.33 -26.81 4.91
N ASP E 42 -23.52 -26.28 4.64
CA ASP E 42 -23.67 -24.86 4.36
C ASP E 42 -23.44 -24.04 5.61
N LYS E 43 -22.89 -22.85 5.43
CA LYS E 43 -22.81 -21.91 6.52
C LYS E 43 -24.22 -21.55 6.99
N THR E 44 -24.29 -20.95 8.17
CA THR E 44 -25.58 -20.57 8.72
C THR E 44 -26.29 -19.55 7.82
N THR E 45 -25.53 -18.62 7.25
CA THR E 45 -26.13 -17.57 6.44
C THR E 45 -26.80 -18.15 5.19
N VAL E 46 -26.16 -19.12 4.53
CA VAL E 46 -26.76 -19.70 3.35
C VAL E 46 -28.00 -20.49 3.74
N ILE E 47 -28.01 -21.11 4.93
CA ILE E 47 -29.22 -21.79 5.38
C ILE E 47 -30.34 -20.79 5.61
N ALA E 48 -30.00 -19.62 6.14
CA ALA E 48 -31.00 -18.58 6.33
C ALA E 48 -31.61 -18.16 5.00
N LEU E 49 -30.75 -17.92 4.01
CA LEU E 49 -31.25 -17.58 2.67
C LEU E 49 -32.11 -18.71 2.11
N ARG E 50 -31.68 -19.94 2.33
CA ARG E 50 -32.42 -21.09 1.81
C ARG E 50 -33.82 -21.14 2.40
N GLU E 51 -33.93 -20.95 3.72
CA GLU E 51 -35.24 -20.98 4.37
C GLU E 51 -36.08 -19.79 3.94
N ILE E 52 -35.45 -18.63 3.74
CA ILE E 52 -36.17 -17.47 3.23
C ILE E 52 -36.80 -17.79 1.89
N GLU E 53 -36.03 -18.46 1.01
CA GLU E 53 -36.58 -18.90 -0.26
C GLU E 53 -37.68 -19.93 -0.06
N GLU E 54 -37.54 -20.79 0.95
CA GLU E 54 -38.60 -21.73 1.27
C GLU E 54 -39.85 -21.05 1.80
N GLY E 55 -39.74 -19.80 2.25
CA GLY E 55 -40.89 -19.03 2.68
C GLY E 55 -41.26 -19.18 4.14
N LEU E 56 -40.61 -20.09 4.87
CA LEU E 56 -40.95 -20.31 6.26
C LEU E 56 -40.25 -19.34 7.21
N ILE E 57 -39.40 -18.45 6.69
CA ILE E 57 -38.74 -17.43 7.49
C ILE E 57 -38.96 -16.09 6.83
N ASN E 58 -39.42 -15.11 7.62
CA ASN E 58 -39.55 -13.74 7.17
C ASN E 58 -39.40 -12.83 8.39
N ASN E 59 -39.22 -11.53 8.13
CA ASN E 59 -39.04 -10.59 9.22
C ASN E 59 -40.23 -10.62 10.17
N GLN E 60 -41.43 -10.78 9.63
CA GLN E 60 -42.61 -10.89 10.47
C GLN E 60 -42.52 -12.09 11.39
N ILE E 61 -42.09 -13.23 10.86
CA ILE E 61 -41.99 -14.44 11.68
C ILE E 61 -40.94 -14.26 12.77
N LEU E 62 -39.79 -13.69 12.43
CA LEU E 62 -38.75 -13.47 13.41
C LEU E 62 -39.23 -12.54 14.53
N ASP E 63 -39.92 -11.46 14.14
CA ASP E 63 -40.46 -10.54 15.14
C ASP E 63 -41.49 -11.23 16.03
N VAL E 64 -42.34 -12.07 15.43
CA VAL E 64 -43.36 -12.77 16.21
C VAL E 64 -42.69 -13.67 17.25
N ARG E 65 -41.69 -14.44 16.82
CA ARG E 65 -41.02 -15.34 17.76
C ARG E 65 -40.26 -14.57 18.84
N GLU E 66 -39.59 -13.48 18.45
CA GLU E 66 -38.87 -12.68 19.42
C GLU E 66 -39.83 -12.10 20.47
N ARG E 67 -40.97 -11.57 20.02
CA ARG E 67 -41.95 -11.04 20.96
C ARG E 67 -42.50 -12.15 21.85
N GLN E 68 -42.77 -13.33 21.26
CA GLN E 68 -43.34 -14.43 22.03
C GLN E 68 -42.39 -14.83 23.16
N GLU E 69 -41.10 -14.95 22.87
CA GLU E 69 -40.16 -15.33 23.92
C GLU E 69 -39.86 -14.16 24.85
N GLN E 70 -40.00 -12.93 24.37
CA GLN E 70 -39.82 -11.76 25.22
C GLN E 70 -40.95 -11.63 26.24
N GLN E 71 -42.12 -12.20 25.93
CA GLN E 71 -43.19 -12.29 26.90
C GLN E 71 -42.92 -13.33 27.99
N GLU E 72 -41.86 -14.12 27.86
CA GLU E 72 -41.60 -15.23 28.76
C GLU E 72 -40.76 -14.85 29.96
N PRO F 1 -30.60 7.74 37.84
CA PRO F 1 -31.69 7.33 38.74
C PRO F 1 -31.31 7.41 40.22
N PHE F 2 -30.10 7.90 40.51
CA PHE F 2 -29.68 8.04 41.90
C PHE F 2 -30.54 9.09 42.60
N THR F 3 -30.71 8.90 43.91
CA THR F 3 -31.44 9.85 44.72
C THR F 3 -31.00 9.68 46.17
N LEU F 4 -31.18 10.74 46.95
CA LEU F 4 -30.78 10.70 48.35
C LEU F 4 -31.65 9.71 49.12
N GLY F 5 -31.00 8.84 49.90
CA GLY F 5 -31.69 7.86 50.71
C GLY F 5 -31.65 6.45 50.17
N GLN F 6 -31.34 6.27 48.88
CA GLN F 6 -31.28 4.93 48.32
C GLN F 6 -30.19 4.12 49.01
N ARG F 7 -30.31 2.79 48.89
CA ARG F 7 -29.27 1.87 49.34
C ARG F 7 -28.76 1.10 48.13
N TRP F 8 -27.43 1.04 48.00
CA TRP F 8 -26.77 0.38 46.89
C TRP F 8 -25.67 -0.53 47.43
N ILE F 9 -25.26 -1.49 46.60
CA ILE F 9 -24.16 -2.38 46.91
C ILE F 9 -23.05 -2.15 45.89
N SER F 10 -21.81 -2.05 46.37
CA SER F 10 -20.68 -1.98 45.47
C SER F 10 -20.52 -3.29 44.71
N ASP F 11 -20.15 -3.19 43.43
CA ASP F 11 -20.00 -4.38 42.61
C ASP F 11 -18.78 -5.18 43.03
N THR F 12 -17.58 -4.60 42.85
CA THR F 12 -16.35 -5.32 43.20
C THR F 12 -16.26 -5.55 44.71
N GLU F 13 -16.56 -4.53 45.50
CA GLU F 13 -16.36 -4.57 46.95
C GLU F 13 -17.67 -4.96 47.63
N SER F 14 -17.95 -6.26 47.62
CA SER F 14 -19.11 -6.79 48.32
C SER F 14 -18.89 -6.88 49.83
N GLU F 15 -17.69 -6.56 50.30
CA GLU F 15 -17.32 -6.75 51.70
C GLU F 15 -17.60 -5.53 52.57
N LEU F 16 -18.08 -4.44 51.97
CA LEU F 16 -18.33 -3.20 52.71
C LEU F 16 -19.75 -3.11 53.27
N GLY F 17 -20.62 -4.05 52.93
CA GLY F 17 -21.99 -3.99 53.38
C GLY F 17 -22.80 -3.00 52.57
N LEU F 18 -24.05 -2.80 52.99
CA LEU F 18 -24.91 -1.85 52.32
C LEU F 18 -24.36 -0.44 52.45
N GLY F 19 -24.50 0.34 51.39
CA GLY F 19 -24.06 1.73 51.38
C GLY F 19 -25.24 2.67 51.26
N THR F 20 -25.21 3.74 52.05
CA THR F 20 -26.25 4.76 52.05
C THR F 20 -25.86 5.87 51.09
N VAL F 21 -26.83 6.33 50.30
CA VAL F 21 -26.58 7.44 49.38
C VAL F 21 -26.59 8.72 50.18
N VAL F 22 -25.41 9.18 50.60
CA VAL F 22 -25.33 10.38 51.42
C VAL F 22 -25.70 11.60 50.59
N ALA F 23 -25.12 11.71 49.39
CA ALA F 23 -25.36 12.87 48.55
C ALA F 23 -25.08 12.52 47.10
N VAL F 24 -25.60 13.36 46.20
CA VAL F 24 -25.38 13.20 44.77
C VAL F 24 -24.91 14.54 44.22
N ASP F 25 -24.22 14.47 43.08
CA ASP F 25 -23.78 15.65 42.36
C ASP F 25 -24.11 15.42 40.88
N ALA F 26 -23.76 16.39 40.04
CA ALA F 26 -24.02 16.23 38.61
C ALA F 26 -23.29 15.03 38.03
N ARG F 27 -22.02 14.85 38.40
CA ARG F 27 -21.20 13.76 37.90
C ARG F 27 -20.66 12.84 38.99
N THR F 28 -20.94 13.13 40.26
CA THR F 28 -20.37 12.38 41.38
C THR F 28 -21.47 12.03 42.36
N VAL F 29 -21.16 11.07 43.22
CA VAL F 29 -22.09 10.58 44.23
C VAL F 29 -21.28 10.16 45.46
N THR F 30 -21.67 10.65 46.63
CA THR F 30 -21.02 10.34 47.89
C THR F 30 -21.89 9.34 48.64
N LEU F 31 -21.38 8.12 48.79
CA LEU F 31 -22.04 7.04 49.49
C LEU F 31 -21.37 6.79 50.83
N LEU F 32 -22.05 6.08 51.72
CA LEU F 32 -21.52 5.73 53.02
C LEU F 32 -21.94 4.33 53.39
N PHE F 33 -20.97 3.49 53.74
CA PHE F 33 -21.26 2.18 54.32
C PHE F 33 -21.29 2.34 55.83
N PRO F 34 -22.44 2.23 56.50
CA PRO F 34 -22.43 2.39 57.96
C PRO F 34 -21.83 1.21 58.69
N SER F 35 -21.90 0.00 58.11
CA SER F 35 -21.26 -1.15 58.74
C SER F 35 -19.75 -0.97 58.78
N THR F 36 -19.18 -0.46 57.69
CA THR F 36 -17.80 0.01 57.68
C THR F 36 -17.68 1.48 58.07
N GLY F 37 -18.78 2.22 58.03
CA GLY F 37 -18.74 3.64 58.37
C GLY F 37 -17.89 4.46 57.44
N GLU F 38 -17.66 4.00 56.22
CA GLU F 38 -16.72 4.61 55.30
C GLU F 38 -17.46 5.32 54.18
N ASN F 39 -17.07 6.57 53.91
CA ASN F 39 -17.62 7.35 52.82
C ASN F 39 -16.78 7.18 51.57
N ARG F 40 -17.44 7.09 50.43
CA ARG F 40 -16.77 6.89 49.15
C ARG F 40 -17.38 7.82 48.12
N LEU F 41 -16.52 8.55 47.40
CA LEU F 41 -16.95 9.44 46.34
C LEU F 41 -16.75 8.74 45.00
N TYR F 42 -17.84 8.23 44.44
CA TYR F 42 -17.82 7.57 43.15
C TYR F 42 -18.17 8.56 42.06
N ALA F 43 -17.65 8.32 40.87
CA ALA F 43 -18.12 9.01 39.69
C ALA F 43 -19.47 8.44 39.28
N ARG F 44 -20.42 9.33 38.96
CA ARG F 44 -21.72 8.86 38.52
C ARG F 44 -21.60 7.98 37.28
N SER F 45 -20.71 8.35 36.37
CA SER F 45 -20.44 7.53 35.20
C SER F 45 -19.70 6.26 35.59
N ASP F 46 -19.82 5.24 34.73
CA ASP F 46 -19.17 3.93 34.83
C ASP F 46 -19.88 3.01 35.84
N SER F 47 -20.81 3.51 36.65
CA SER F 47 -21.65 2.74 37.56
C SER F 47 -20.92 1.62 38.28
N PRO F 48 -19.96 1.91 39.17
CA PRO F 48 -19.33 0.82 39.93
C PRO F 48 -20.14 0.44 41.16
N VAL F 49 -21.47 0.31 41.01
CA VAL F 49 -22.36 0.01 42.11
C VAL F 49 -23.55 -0.79 41.58
N THR F 50 -24.44 -1.20 42.49
CA THR F 50 -25.64 -1.92 42.09
C THR F 50 -26.71 -1.69 43.15
N ARG F 51 -27.96 -1.65 42.69
CA ARG F 51 -29.12 -1.44 43.55
C ARG F 51 -29.78 -2.81 43.77
N VAL F 52 -29.35 -3.51 44.82
CA VAL F 52 -29.93 -4.81 45.13
C VAL F 52 -31.42 -4.65 45.40
N MET F 53 -32.20 -5.62 44.92
CA MET F 53 -33.65 -5.53 44.91
C MET F 53 -34.25 -6.56 45.85
N PHE F 54 -35.11 -6.10 46.75
CA PHE F 54 -35.94 -6.98 47.57
C PHE F 54 -37.27 -7.15 46.85
N ASN F 55 -37.41 -8.27 46.14
CA ASN F 55 -38.62 -8.50 45.38
C ASN F 55 -39.82 -8.62 46.33
N PRO F 56 -41.02 -8.36 45.83
CA PRO F 56 -42.21 -8.55 46.68
C PRO F 56 -42.27 -9.97 47.23
N GLY F 57 -42.66 -10.09 48.49
CA GLY F 57 -42.68 -11.36 49.17
C GLY F 57 -41.36 -11.75 49.81
N ASP F 58 -40.31 -10.97 49.61
CA ASP F 58 -39.03 -11.25 50.25
C ASP F 58 -39.10 -10.82 51.71
N THR F 59 -37.97 -10.87 52.41
CA THR F 59 -37.87 -10.49 53.81
C THR F 59 -36.70 -9.56 54.01
N ILE F 60 -36.89 -8.53 54.84
CA ILE F 60 -35.88 -7.54 55.11
C ILE F 60 -35.84 -7.27 56.61
N THR F 61 -34.75 -6.61 57.04
CA THR F 61 -34.55 -6.25 58.44
C THR F 61 -34.08 -4.80 58.50
N SER F 62 -34.69 -4.03 59.39
CA SER F 62 -34.26 -2.65 59.61
C SER F 62 -33.03 -2.63 60.51
N HIS F 63 -32.40 -1.46 60.59
CA HIS F 63 -31.17 -1.34 61.36
C HIS F 63 -31.37 -1.73 62.83
N ASP F 64 -32.59 -1.57 63.34
CA ASP F 64 -32.89 -2.02 64.70
C ASP F 64 -32.89 -3.53 64.84
N GLY F 65 -32.95 -4.27 63.74
CA GLY F 65 -32.80 -5.71 63.78
C GLY F 65 -34.07 -6.51 63.79
N TRP F 66 -35.22 -5.91 63.50
CA TRP F 66 -36.50 -6.61 63.46
C TRP F 66 -36.91 -6.82 62.01
N GLN F 67 -37.22 -8.06 61.66
CA GLN F 67 -37.44 -8.43 60.27
C GLN F 67 -38.83 -8.02 59.79
N MET F 68 -39.08 -8.23 58.51
CA MET F 68 -40.33 -7.83 57.88
C MET F 68 -40.58 -8.72 56.66
N GLN F 69 -41.72 -8.51 56.00
CA GLN F 69 -42.09 -9.22 54.79
C GLN F 69 -42.53 -8.18 53.77
N VAL F 70 -41.66 -7.87 52.81
CA VAL F 70 -41.98 -6.85 51.81
C VAL F 70 -43.12 -7.34 50.94
N GLU F 71 -44.10 -6.46 50.71
CA GLU F 71 -45.24 -6.76 49.87
C GLU F 71 -45.46 -5.76 48.74
N GLU F 72 -44.94 -4.54 48.85
CA GLU F 72 -45.07 -3.54 47.80
C GLU F 72 -43.87 -2.61 47.84
N VAL F 73 -43.61 -1.96 46.72
CA VAL F 73 -42.57 -0.94 46.63
C VAL F 73 -43.10 0.21 45.77
N LYS F 74 -42.80 1.44 46.18
CA LYS F 74 -43.19 2.62 45.44
C LYS F 74 -41.96 3.47 45.16
N GLU F 75 -41.99 4.19 44.03
CA GLU F 75 -40.87 5.01 43.58
C GLU F 75 -41.34 6.42 43.32
N GLU F 76 -40.63 7.39 43.88
CA GLU F 76 -40.90 8.81 43.65
C GLU F 76 -39.57 9.53 43.53
N ASN F 77 -39.43 10.33 42.47
CA ASN F 77 -38.21 11.11 42.24
C ASN F 77 -36.98 10.20 42.17
N GLY F 78 -37.14 9.03 41.56
CA GLY F 78 -36.06 8.07 41.52
C GLY F 78 -35.61 7.61 42.88
N LEU F 79 -36.54 7.49 43.82
CA LEU F 79 -36.25 7.05 45.18
C LEU F 79 -37.30 6.04 45.60
N LEU F 80 -36.86 4.90 46.14
CA LEU F 80 -37.71 3.75 46.40
C LEU F 80 -38.00 3.60 47.89
N THR F 81 -39.26 3.30 48.22
CA THR F 81 -39.71 3.07 49.58
C THR F 81 -40.51 1.77 49.62
N TYR F 82 -40.41 1.04 50.72
CA TYR F 82 -40.98 -0.29 50.81
C TYR F 82 -42.19 -0.31 51.73
N ILE F 83 -43.10 -1.25 51.46
CA ILE F 83 -44.26 -1.52 52.31
C ILE F 83 -44.31 -3.02 52.50
N GLY F 84 -44.54 -3.47 53.73
CA GLY F 84 -44.51 -4.89 54.01
C GLY F 84 -45.23 -5.20 55.30
N THR F 85 -45.33 -6.51 55.55
CA THR F 85 -45.93 -7.03 56.77
C THR F 85 -44.82 -7.54 57.69
N ARG F 86 -44.85 -7.11 58.94
CA ARG F 86 -43.84 -7.54 59.89
C ARG F 86 -43.91 -9.04 60.09
N LEU F 87 -42.82 -9.61 60.59
CA LEU F 87 -42.74 -11.02 60.92
C LEU F 87 -42.71 -11.29 62.41
N ASP F 88 -42.18 -10.37 63.22
CA ASP F 88 -42.20 -10.54 64.66
C ASP F 88 -43.62 -10.44 65.21
N THR F 89 -44.37 -9.42 64.78
CA THR F 89 -45.71 -9.17 65.26
C THR F 89 -46.79 -9.41 64.20
N GLU F 90 -46.40 -9.67 62.95
CA GLU F 90 -47.36 -9.94 61.88
C GLU F 90 -48.29 -8.74 61.67
N GLU F 91 -47.73 -7.54 61.79
CA GLU F 91 -48.46 -6.31 61.53
C GLU F 91 -48.30 -5.94 60.05
N SER F 92 -49.41 -5.89 59.33
CA SER F 92 -49.38 -5.53 57.92
C SER F 92 -49.37 -4.01 57.76
N GLY F 93 -49.07 -3.57 56.55
CA GLY F 93 -49.12 -2.15 56.24
C GLY F 93 -48.02 -1.32 56.87
N VAL F 94 -46.87 -1.92 57.18
CA VAL F 94 -45.76 -1.19 57.76
C VAL F 94 -44.86 -0.69 56.64
N ALA F 95 -44.63 0.62 56.61
CA ALA F 95 -43.81 1.26 55.57
C ALA F 95 -42.42 1.54 56.11
N LEU F 96 -41.43 1.39 55.24
CA LEU F 96 -40.03 1.64 55.58
C LEU F 96 -39.38 2.45 54.48
N ARG F 97 -38.76 3.56 54.87
CA ARG F 97 -37.79 4.22 53.99
C ARG F 97 -36.53 3.37 53.94
N GLU F 98 -36.02 3.16 52.72
CA GLU F 98 -34.91 2.23 52.52
C GLU F 98 -33.66 2.66 53.27
N VAL F 99 -33.58 3.93 53.68
CA VAL F 99 -32.41 4.40 54.40
C VAL F 99 -32.25 3.66 55.73
N PHE F 100 -33.36 3.20 56.31
CA PHE F 100 -33.35 2.55 57.63
C PHE F 100 -33.10 1.05 57.54
N LEU F 101 -32.53 0.57 56.45
CA LEU F 101 -32.22 -0.84 56.30
C LEU F 101 -30.94 -1.16 57.08
N ASP F 102 -30.58 -2.45 57.10
CA ASP F 102 -29.32 -2.84 57.69
C ASP F 102 -28.16 -2.21 56.95
N SER F 103 -27.03 -2.09 57.64
CA SER F 103 -25.82 -1.52 57.06
C SER F 103 -24.96 -2.56 56.37
N LYS F 104 -25.31 -3.84 56.47
CA LYS F 104 -24.54 -4.93 55.89
C LYS F 104 -25.47 -5.83 55.09
N LEU F 105 -25.02 -6.24 53.91
CA LEU F 105 -25.87 -6.93 52.95
C LEU F 105 -25.74 -8.43 53.10
N VAL F 106 -26.88 -9.12 53.06
CA VAL F 106 -26.94 -10.58 53.11
C VAL F 106 -27.80 -11.09 51.96
N PHE F 107 -27.79 -10.37 50.84
CA PHE F 107 -28.74 -10.60 49.75
C PHE F 107 -28.00 -10.33 48.42
N SER F 108 -28.76 -10.10 47.34
CA SER F 108 -28.25 -10.06 45.96
C SER F 108 -27.96 -11.47 45.45
N LYS F 109 -28.87 -12.39 45.73
CA LYS F 109 -28.77 -13.76 45.23
C LYS F 109 -28.88 -13.75 43.70
N PRO F 110 -28.18 -14.67 43.02
CA PRO F 110 -28.14 -14.63 41.54
C PRO F 110 -29.15 -15.50 40.81
N GLN F 111 -30.11 -16.13 41.50
CA GLN F 111 -31.04 -17.02 40.81
C GLN F 111 -31.90 -16.29 39.80
N ASP F 112 -32.07 -14.96 39.95
CA ASP F 112 -32.84 -14.21 38.98
C ASP F 112 -32.23 -14.31 37.60
N ARG F 113 -30.91 -14.51 37.50
CA ARG F 113 -30.30 -14.78 36.21
C ARG F 113 -30.89 -16.04 35.59
N LEU F 114 -31.05 -17.10 36.40
CA LEU F 114 -31.60 -18.34 35.87
C LEU F 114 -33.08 -18.18 35.54
N PHE F 115 -33.82 -17.45 36.36
CA PHE F 115 -35.26 -17.29 36.14
C PHE F 115 -35.58 -16.25 35.07
N ALA F 116 -34.59 -15.47 34.63
CA ALA F 116 -34.77 -14.48 33.58
C ALA F 116 -34.13 -14.88 32.26
N GLY F 117 -33.59 -16.09 32.16
CA GLY F 117 -33.00 -16.57 30.92
C GLY F 117 -31.54 -16.24 30.73
N GLN F 118 -30.82 -15.90 31.80
CA GLN F 118 -29.42 -15.51 31.72
C GLN F 118 -28.57 -16.58 32.40
N ILE F 119 -27.62 -17.13 31.65
CA ILE F 119 -26.76 -18.22 32.12
C ILE F 119 -25.45 -18.15 31.34
N ASP F 120 -24.44 -18.87 31.84
CA ASP F 120 -23.11 -18.84 31.24
C ASP F 120 -22.58 -20.26 31.03
N ARG F 121 -21.29 -20.37 30.69
CA ARG F 121 -20.67 -21.65 30.35
C ARG F 121 -19.89 -22.18 31.54
N MET F 122 -19.50 -23.46 31.45
CA MET F 122 -18.94 -24.15 32.59
C MET F 122 -17.58 -23.59 33.01
N ASP F 123 -16.84 -22.96 32.09
CA ASP F 123 -15.51 -22.44 32.42
C ASP F 123 -15.59 -21.10 33.15
N ARG F 124 -16.75 -20.76 33.69
CA ARG F 124 -16.93 -19.53 34.47
C ARG F 124 -17.30 -19.80 35.92
N PHE F 125 -17.32 -21.05 36.35
CA PHE F 125 -17.77 -21.43 37.68
C PHE F 125 -16.69 -22.16 38.47
N ALA F 126 -16.02 -23.13 37.86
CA ALA F 126 -14.95 -23.83 38.56
C ALA F 126 -13.81 -22.88 38.94
N LEU F 127 -13.39 -22.04 37.99
CA LEU F 127 -12.33 -21.08 38.29
C LEU F 127 -12.77 -20.13 39.39
N ARG F 128 -14.02 -19.67 39.34
CA ARG F 128 -14.53 -18.80 40.40
C ARG F 128 -14.45 -19.48 41.76
N TYR F 129 -14.93 -20.73 41.84
CA TYR F 129 -14.96 -21.41 43.13
C TYR F 129 -13.55 -21.63 43.67
N ARG F 130 -12.64 -22.09 42.80
CA ARG F 130 -11.28 -22.37 43.28
C ARG F 130 -10.56 -21.08 43.65
N ALA F 131 -10.79 -20.00 42.89
CA ALA F 131 -10.23 -18.70 43.26
C ALA F 131 -10.74 -18.26 44.62
N ARG F 132 -12.04 -18.44 44.87
CA ARG F 132 -12.60 -18.08 46.17
C ARG F 132 -11.97 -18.91 47.28
N LYS F 133 -11.81 -20.21 47.02
CA LYS F 133 -11.22 -21.10 48.03
C LYS F 133 -9.79 -20.68 48.35
N TYR F 134 -9.01 -20.32 47.33
CA TYR F 134 -7.65 -19.88 47.57
C TYR F 134 -7.61 -18.51 48.26
N SER F 135 -8.52 -17.61 47.88
CA SER F 135 -8.45 -16.24 48.37
C SER F 135 -8.91 -16.14 49.82
N SER F 136 -9.98 -16.86 50.19
CA SER F 136 -10.48 -16.79 51.56
C SER F 136 -9.43 -17.24 52.56
N GLU F 137 -8.66 -18.26 52.21
CA GLU F 137 -7.65 -18.79 53.12
C GLU F 137 -6.53 -17.78 53.36
N GLN F 138 -6.33 -16.83 52.42
CA GLN F 138 -5.25 -15.86 52.56
C GLN F 138 -5.33 -15.10 53.88
N PHE F 139 -6.54 -14.87 54.37
CA PHE F 139 -6.73 -14.12 55.59
C PHE F 139 -6.63 -15.00 56.84
N ARG F 140 -6.55 -16.32 56.67
CA ARG F 140 -6.26 -17.23 57.78
C ARG F 140 -5.32 -18.35 57.35
N MET F 141 -4.52 -18.14 56.29
CA MET F 141 -3.53 -19.09 55.81
C MET F 141 -2.36 -19.10 56.78
N PRO F 142 -1.32 -19.90 56.57
CA PRO F 142 -0.10 -19.73 57.36
C PRO F 142 0.55 -18.39 57.04
N ALA F 143 -0.03 -17.33 57.62
CA ALA F 143 0.39 -15.97 57.34
C ALA F 143 0.16 -15.62 55.88
N SER F 144 -1.06 -15.89 55.39
CA SER F 144 -1.44 -15.63 54.01
C SER F 144 -0.47 -16.25 53.01
N GLY F 145 0.27 -17.26 53.44
CA GLY F 145 1.42 -17.70 52.68
C GLY F 145 2.55 -16.70 52.87
N LEU F 146 3.77 -17.18 52.97
CA LEU F 146 4.94 -16.32 53.12
C LEU F 146 6.02 -16.76 52.15
N ARG F 147 5.62 -17.25 50.99
CA ARG F 147 6.53 -17.74 49.97
C ARG F 147 6.81 -16.71 48.89
N GLY F 148 6.23 -15.52 48.98
CA GLY F 148 6.36 -14.54 47.92
C GLY F 148 7.57 -13.65 48.07
N GLN F 149 8.74 -14.26 48.18
CA GLN F 149 9.98 -13.50 48.34
C GLN F 149 11.11 -14.23 47.61
N ARG F 150 12.11 -13.45 47.22
CA ARG F 150 13.30 -13.99 46.57
C ARG F 150 14.41 -14.19 47.61
N THR F 151 14.14 -15.09 48.54
CA THR F 151 15.02 -15.36 49.67
C THR F 151 15.26 -16.85 49.83
N SER F 152 16.50 -17.22 50.16
CA SER F 152 16.83 -18.60 50.49
C SER F 152 16.34 -18.91 51.89
N LEU F 153 15.45 -19.90 52.01
CA LEU F 153 14.75 -20.12 53.26
C LEU F 153 15.72 -20.45 54.38
N ILE F 154 15.54 -19.78 55.52
CA ILE F 154 16.37 -19.97 56.71
C ILE F 154 15.41 -20.13 57.88
N PRO F 155 15.69 -21.01 58.86
CA PRO F 155 14.69 -21.31 59.90
C PRO F 155 14.20 -20.08 60.64
N HIS F 156 15.14 -19.32 61.24
CA HIS F 156 14.72 -18.16 62.02
C HIS F 156 14.11 -17.09 61.13
N GLN F 157 14.55 -16.98 59.88
CA GLN F 157 13.98 -15.99 58.98
C GLN F 157 12.48 -16.22 58.80
N LEU F 158 12.10 -17.45 58.44
CA LEU F 158 10.69 -17.74 58.23
C LEU F 158 9.93 -17.78 59.55
N ASN F 159 10.58 -18.20 60.63
CA ASN F 159 9.93 -18.18 61.94
C ASN F 159 9.54 -16.76 62.32
N ILE F 160 10.47 -15.82 62.15
CA ILE F 160 10.19 -14.41 62.44
C ILE F 160 9.12 -13.90 61.51
N ALA F 161 9.17 -14.27 60.23
CA ALA F 161 8.15 -13.83 59.29
C ALA F 161 6.77 -14.25 59.75
N HIS F 162 6.60 -15.55 60.04
CA HIS F 162 5.30 -16.05 60.46
C HIS F 162 4.85 -15.42 61.76
N ASP F 163 5.77 -15.27 62.72
CA ASP F 163 5.40 -14.73 64.02
C ASP F 163 4.96 -13.28 63.91
N VAL F 164 5.87 -12.40 63.45
CA VAL F 164 5.59 -10.97 63.45
C VAL F 164 4.48 -10.64 62.46
N GLY F 165 4.54 -11.22 61.27
CA GLY F 165 3.64 -10.83 60.20
C GLY F 165 2.18 -11.15 60.45
N ARG F 166 1.87 -11.92 61.49
CA ARG F 166 0.49 -12.21 61.90
C ARG F 166 0.23 -11.66 63.28
N ARG F 167 0.53 -10.37 63.49
CA ARG F 167 0.30 -9.72 64.77
C ARG F 167 -0.02 -8.26 64.53
N HIS F 168 -1.11 -7.79 65.15
CA HIS F 168 -1.55 -6.41 64.99
C HIS F 168 -0.62 -5.46 65.71
N ALA F 169 -0.25 -4.38 65.03
CA ALA F 169 0.58 -3.32 65.60
C ALA F 169 1.86 -3.89 66.24
N PRO F 170 2.68 -4.61 65.49
CA PRO F 170 3.87 -5.23 66.07
C PRO F 170 4.90 -4.20 66.49
N ARG F 171 5.69 -4.57 67.50
CA ARG F 171 6.75 -3.70 68.01
C ARG F 171 7.79 -4.60 68.68
N VAL F 172 8.92 -4.79 68.01
CA VAL F 172 9.95 -5.72 68.46
C VAL F 172 11.32 -5.09 68.26
N LEU F 173 12.33 -5.79 68.77
CA LEU F 173 13.73 -5.39 68.63
C LEU F 173 14.44 -6.47 67.83
N LEU F 174 14.59 -6.24 66.53
CA LEU F 174 15.34 -7.16 65.67
C LEU F 174 16.81 -6.84 65.81
N ALA F 175 17.51 -7.60 66.64
CA ALA F 175 18.90 -7.35 66.97
C ALA F 175 19.80 -8.53 66.63
N ASP F 176 19.46 -9.26 65.56
CA ASP F 176 20.34 -10.32 65.09
C ASP F 176 21.69 -9.74 64.68
N GLU F 177 22.75 -10.48 64.97
CA GLU F 177 24.10 -9.96 64.78
C GLU F 177 24.34 -9.64 63.30
N VAL F 178 25.46 -8.97 63.03
CA VAL F 178 25.65 -8.31 61.75
C VAL F 178 25.75 -9.35 60.64
N GLY F 179 24.98 -9.13 59.57
CA GLY F 179 25.07 -9.94 58.37
C GLY F 179 24.17 -11.15 58.34
N LEU F 180 23.55 -11.52 59.47
CA LEU F 180 22.63 -12.64 59.46
C LEU F 180 21.42 -12.39 58.57
N GLY F 181 21.10 -11.12 58.31
CA GLY F 181 19.93 -10.78 57.53
C GLY F 181 18.81 -10.31 58.43
N LYS F 182 18.70 -9.00 58.58
CA LYS F 182 17.58 -8.36 59.24
C LYS F 182 16.73 -7.55 58.28
N THR F 183 17.34 -6.96 57.24
CA THR F 183 16.55 -6.32 56.19
C THR F 183 15.61 -7.32 55.55
N ILE F 184 16.09 -8.55 55.32
CA ILE F 184 15.24 -9.55 54.67
C ILE F 184 14.07 -9.91 55.58
N GLU F 185 14.34 -10.11 56.87
CA GLU F 185 13.26 -10.44 57.80
C GLU F 185 12.25 -9.31 57.89
N ALA F 186 12.74 -8.07 57.97
CA ALA F 186 11.84 -6.93 58.04
C ALA F 186 11.04 -6.80 56.76
N GLY F 187 11.66 -7.04 55.60
CA GLY F 187 10.91 -7.06 54.37
C GLY F 187 9.85 -8.14 54.36
N MET F 188 10.15 -9.28 54.97
CA MET F 188 9.15 -10.32 55.13
C MET F 188 7.98 -9.79 55.94
N ILE F 189 8.26 -9.10 57.04
CA ILE F 189 7.19 -8.56 57.87
C ILE F 189 6.35 -7.58 57.06
N LEU F 190 7.03 -6.66 56.38
CA LEU F 190 6.32 -5.61 55.64
C LEU F 190 5.46 -6.22 54.54
N HIS F 191 6.03 -7.14 53.77
CA HIS F 191 5.28 -7.78 52.71
C HIS F 191 4.12 -8.57 53.26
N GLN F 192 4.31 -9.23 54.41
CA GLN F 192 3.23 -10.00 55.00
C GLN F 192 2.08 -9.10 55.40
N GLN F 193 2.40 -7.99 56.06
CA GLN F 193 1.35 -7.06 56.47
C GLN F 193 0.65 -6.45 55.25
N LEU F 194 1.42 -6.11 54.22
CA LEU F 194 0.82 -5.53 53.02
C LEU F 194 -0.10 -6.51 52.32
N LEU F 195 0.36 -7.75 52.14
CA LEU F 195 -0.46 -8.77 51.50
C LEU F 195 -1.71 -9.05 52.31
N SER F 196 -1.57 -9.17 53.63
CA SER F 196 -2.73 -9.36 54.49
C SER F 196 -3.64 -8.14 54.48
N GLY F 197 -3.12 -6.97 54.12
CA GLY F 197 -3.88 -5.74 54.17
C GLY F 197 -3.96 -5.12 55.54
N ALA F 198 -3.38 -5.75 56.57
CA ALA F 198 -3.41 -5.18 57.91
C ALA F 198 -2.68 -3.86 57.96
N ALA F 199 -1.64 -3.68 57.15
CA ALA F 199 -0.90 -2.44 57.06
C ALA F 199 -0.82 -2.00 55.62
N GLU F 200 -1.00 -0.71 55.39
CA GLU F 200 -0.91 -0.10 54.07
C GLU F 200 0.04 1.08 54.04
N ARG F 201 0.06 1.90 55.09
CA ARG F 201 0.91 3.07 55.19
C ARG F 201 2.04 2.77 56.15
N VAL F 202 3.29 2.96 55.70
CA VAL F 202 4.46 2.59 56.48
C VAL F 202 5.48 3.70 56.42
N LEU F 203 6.44 3.64 57.34
CA LEU F 203 7.59 4.52 57.37
C LEU F 203 8.86 3.69 57.37
N ILE F 204 9.89 4.20 56.70
CA ILE F 204 11.20 3.55 56.65
C ILE F 204 12.25 4.66 56.71
N ILE F 205 12.97 4.74 57.82
CA ILE F 205 14.07 5.68 58.00
C ILE F 205 15.33 4.86 58.21
N VAL F 206 16.32 5.09 57.37
CA VAL F 206 17.57 4.33 57.41
C VAL F 206 18.73 5.30 57.22
N PRO F 207 19.97 4.89 57.49
CA PRO F 207 21.12 5.75 57.18
C PRO F 207 21.15 6.10 55.70
N GLU F 208 22.05 7.03 55.37
CA GLU F 208 22.11 7.55 54.01
C GLU F 208 22.40 6.44 52.99
N THR F 209 23.33 5.55 53.32
CA THR F 209 23.71 4.51 52.36
C THR F 209 22.61 3.46 52.21
N LEU F 210 21.95 3.10 53.31
CA LEU F 210 21.01 1.99 53.29
C LEU F 210 19.76 2.26 52.46
N GLN F 211 19.51 3.52 52.08
CA GLN F 211 18.27 3.84 51.39
C GLN F 211 18.17 3.11 50.06
N HIS F 212 19.20 3.25 49.24
CA HIS F 212 19.19 2.62 47.91
C HIS F 212 19.20 1.11 48.01
N GLN F 213 20.01 0.57 48.94
CA GLN F 213 20.06 -0.87 49.11
C GLN F 213 18.69 -1.41 49.48
N TRP F 214 18.03 -0.80 50.46
CA TRP F 214 16.70 -1.23 50.87
C TRP F 214 15.74 -1.15 49.71
N LEU F 215 15.74 -0.03 48.99
CA LEU F 215 14.79 0.15 47.89
C LEU F 215 14.96 -0.92 46.83
N VAL F 216 16.20 -1.09 46.34
CA VAL F 216 16.43 -2.02 45.25
C VAL F 216 16.17 -3.44 45.71
N GLU F 217 16.56 -3.78 46.94
CA GLU F 217 16.36 -5.12 47.45
C GLU F 217 14.87 -5.44 47.57
N MET F 218 14.10 -4.53 48.15
CA MET F 218 12.67 -4.80 48.34
C MET F 218 11.94 -4.89 47.00
N LEU F 219 12.27 -4.00 46.07
CA LEU F 219 11.65 -4.09 44.74
C LEU F 219 12.06 -5.37 44.05
N ARG F 220 13.33 -5.75 44.13
CA ARG F 220 13.84 -6.91 43.41
C ARG F 220 13.30 -8.20 43.97
N ARG F 221 13.02 -8.25 45.27
CA ARG F 221 12.61 -9.47 45.94
C ARG F 221 11.14 -9.43 46.38
N PHE F 222 10.74 -8.42 47.13
CA PHE F 222 9.36 -8.32 47.59
C PHE F 222 8.47 -7.54 46.64
N ASN F 223 9.02 -6.98 45.56
CA ASN F 223 8.24 -6.16 44.62
C ASN F 223 7.52 -5.05 45.36
N LEU F 224 8.22 -4.43 46.31
CA LEU F 224 7.72 -3.31 47.07
C LEU F 224 8.58 -2.08 46.77
N ARG F 225 7.92 -0.93 46.65
CA ARG F 225 8.61 0.32 46.43
C ARG F 225 8.11 1.33 47.46
N PHE F 226 9.02 2.14 47.97
CA PHE F 226 8.70 3.21 48.91
C PHE F 226 9.37 4.48 48.43
N ALA F 227 8.56 5.49 48.10
CA ALA F 227 9.10 6.69 47.49
C ALA F 227 10.06 7.38 48.44
N LEU F 228 11.13 7.94 47.88
CA LEU F 228 12.14 8.64 48.65
C LEU F 228 11.84 10.14 48.57
N PHE F 229 11.71 10.78 49.73
CA PHE F 229 11.36 12.19 49.81
C PHE F 229 12.61 12.98 50.19
N ASP F 230 13.29 13.49 49.18
CA ASP F 230 14.40 14.41 49.39
C ASP F 230 13.83 15.79 49.71
N ASP F 231 14.70 16.80 49.70
CA ASP F 231 14.22 18.17 49.88
C ASP F 231 13.31 18.59 48.74
N GLU F 232 13.66 18.22 47.51
CA GLU F 232 12.87 18.67 46.36
C GLU F 232 11.49 18.02 46.35
N ARG F 233 11.44 16.70 46.53
CA ARG F 233 10.16 16.01 46.52
C ARG F 233 9.28 16.49 47.66
N TYR F 234 9.86 16.63 48.85
CA TYR F 234 9.11 17.15 49.98
C TYR F 234 8.60 18.56 49.71
N ALA F 235 9.45 19.41 49.12
CA ALA F 235 9.08 20.80 48.86
C ALA F 235 7.94 20.89 47.85
N GLU F 236 8.03 20.14 46.75
CA GLU F 236 6.97 20.24 45.76
C GLU F 236 5.68 19.59 46.27
N ALA F 237 5.78 18.52 47.05
CA ALA F 237 4.59 17.96 47.65
C ALA F 237 3.92 18.96 48.60
N GLN F 238 4.72 19.76 49.31
CA GLN F 238 4.16 20.90 50.04
C GLN F 238 3.47 21.86 49.08
N HIS F 239 4.19 22.24 48.02
CA HIS F 239 3.70 23.30 47.13
C HIS F 239 2.42 22.89 46.43
N ASP F 240 2.10 21.60 46.40
CA ASP F 240 0.77 21.16 45.98
C ASP F 240 -0.17 20.94 47.17
N ALA F 241 0.16 19.99 48.04
CA ALA F 241 -0.76 19.51 49.04
C ALA F 241 -0.52 20.17 50.39
N TYR F 242 -1.56 20.18 51.22
CA TYR F 242 -1.42 20.66 52.59
C TYR F 242 -0.44 19.78 53.36
N ASN F 243 -0.68 18.46 53.35
CA ASN F 243 0.24 17.52 53.96
C ASN F 243 1.04 16.84 52.85
N PRO F 244 2.33 17.09 52.73
CA PRO F 244 3.07 16.58 51.56
C PRO F 244 3.17 15.07 51.53
N PHE F 245 3.60 14.49 52.65
CA PHE F 245 3.96 13.08 52.66
C PHE F 245 2.77 12.17 52.36
N ASP F 246 1.61 12.51 52.89
CA ASP F 246 0.50 11.57 52.95
C ASP F 246 -0.03 11.17 51.58
N THR F 247 0.37 11.87 50.51
CA THR F 247 -0.06 11.49 49.17
C THR F 247 0.39 10.07 48.84
N GLU F 248 1.63 9.73 49.19
CA GLU F 248 2.17 8.41 48.92
C GLU F 248 1.73 7.43 50.01
N GLN F 249 2.12 6.17 49.84
CA GLN F 249 1.81 5.10 50.78
C GLN F 249 3.02 4.65 51.60
N LEU F 250 4.10 4.27 50.92
CA LEU F 250 5.32 3.81 51.57
C LEU F 250 6.44 4.79 51.26
N VAL F 251 7.31 5.03 52.23
CA VAL F 251 8.22 6.16 52.21
C VAL F 251 9.62 5.73 52.65
N ILE F 252 10.62 6.30 51.99
CA ILE F 252 12.00 6.35 52.50
C ILE F 252 12.30 7.80 52.83
N CYS F 253 12.81 8.04 54.03
CA CYS F 253 13.23 9.38 54.41
C CYS F 253 14.25 9.26 55.52
N SER F 254 15.37 9.93 55.33
CA SER F 254 16.44 9.92 56.32
C SER F 254 16.05 10.77 57.52
N LEU F 255 16.47 10.33 58.70
CA LEU F 255 16.29 11.15 59.88
C LEU F 255 17.03 12.49 59.74
N ASP F 256 18.10 12.50 58.95
CA ASP F 256 18.75 13.77 58.61
C ASP F 256 17.77 14.71 57.94
N PHE F 257 17.07 14.21 56.92
CA PHE F 257 16.01 15.00 56.31
C PHE F 257 14.91 15.30 57.32
N ALA F 258 14.55 14.32 58.15
CA ALA F 258 13.38 14.45 59.00
C ALA F 258 13.55 15.57 60.02
N ARG F 259 14.68 15.60 60.71
CA ARG F 259 14.88 16.53 61.83
C ARG F 259 15.31 17.91 61.38
N ARG F 260 15.26 18.21 60.09
CA ARG F 260 15.72 19.52 59.61
C ARG F 260 14.88 20.64 60.21
N SER F 261 13.56 20.47 60.25
CA SER F 261 12.66 21.49 60.75
C SER F 261 11.56 20.85 61.60
N LYS F 262 11.11 21.58 62.61
CA LYS F 262 10.11 21.06 63.54
C LYS F 262 8.79 20.80 62.81
N GLN F 263 8.38 21.71 61.93
CA GLN F 263 7.13 21.51 61.21
C GLN F 263 7.21 20.30 60.28
N ARG F 264 8.39 20.04 59.72
CA ARG F 264 8.56 18.82 58.94
C ARG F 264 8.34 17.59 59.81
N LEU F 265 8.88 17.61 61.03
CA LEU F 265 8.66 16.50 61.94
C LEU F 265 7.19 16.35 62.27
N GLU F 266 6.49 17.47 62.47
CA GLU F 266 5.06 17.40 62.74
C GLU F 266 4.30 16.82 61.56
N HIS F 267 4.67 17.22 60.34
CA HIS F 267 4.01 16.68 59.15
C HIS F 267 4.23 15.17 59.05
N LEU F 268 5.46 14.72 59.30
CA LEU F 268 5.72 13.29 59.34
C LEU F 268 4.88 12.61 60.42
N CYS F 269 4.78 13.26 61.58
CA CYS F 269 4.06 12.68 62.71
C CYS F 269 2.59 12.49 62.40
N GLU F 270 1.97 13.46 61.73
CA GLU F 270 0.53 13.48 61.52
C GLU F 270 0.11 12.78 60.24
N ALA F 271 0.92 11.86 59.73
CA ALA F 271 0.62 11.17 58.47
C ALA F 271 -0.14 9.87 58.66
N GLU F 272 -0.33 9.42 59.90
CA GLU F 272 -1.14 8.24 60.20
C GLU F 272 -0.63 7.00 59.47
N TRP F 273 0.59 6.60 59.80
CA TRP F 273 1.16 5.40 59.25
C TRP F 273 0.62 4.17 59.99
N ASP F 274 1.06 2.99 59.54
CA ASP F 274 0.79 1.73 60.22
C ASP F 274 2.04 1.15 60.86
N LEU F 275 3.11 1.02 60.09
CA LEU F 275 4.36 0.44 60.55
C LEU F 275 5.49 1.45 60.38
N LEU F 276 6.44 1.39 61.30
CA LEU F 276 7.64 2.19 61.25
C LEU F 276 8.85 1.28 61.20
N VAL F 277 9.77 1.57 60.28
CA VAL F 277 11.00 0.81 60.13
C VAL F 277 12.16 1.77 60.38
N VAL F 278 13.01 1.42 61.35
CA VAL F 278 14.19 2.19 61.68
C VAL F 278 15.37 1.25 61.66
N ASP F 279 16.40 1.59 60.89
CA ASP F 279 17.57 0.74 60.72
C ASP F 279 18.71 1.26 61.58
N GLU F 280 19.46 0.34 62.18
CA GLU F 280 20.57 0.67 63.06
C GLU F 280 20.09 1.54 64.22
N ALA F 281 19.14 0.99 64.99
CA ALA F 281 18.52 1.75 66.07
C ALA F 281 19.48 2.07 67.19
N HIS F 282 20.67 1.48 67.20
CA HIS F 282 21.66 1.81 68.22
C HIS F 282 21.99 3.29 68.23
N HIS F 283 21.87 3.96 67.08
CA HIS F 283 22.23 5.38 67.01
C HIS F 283 21.32 6.25 67.88
N LEU F 284 20.14 5.76 68.23
CA LEU F 284 19.21 6.56 69.02
C LEU F 284 19.82 6.89 70.38
N VAL F 285 20.07 8.17 70.62
CA VAL F 285 20.77 8.63 71.81
C VAL F 285 19.71 8.95 72.86
N TRP F 286 19.38 7.96 73.69
CA TRP F 286 18.54 8.21 74.85
C TRP F 286 19.39 8.68 76.01
N SER F 287 18.83 9.60 76.80
CA SER F 287 19.47 10.04 78.03
C SER F 287 18.40 10.65 78.91
N GLU F 288 18.17 10.05 80.10
CA GLU F 288 17.23 10.62 81.04
C GLU F 288 17.65 12.03 81.44
N ASP F 289 18.96 12.32 81.39
CA ASP F 289 19.43 13.67 81.66
C ASP F 289 19.10 14.61 80.51
N ALA F 290 19.33 14.18 79.27
CA ALA F 290 19.12 15.04 78.11
C ALA F 290 18.98 14.23 76.83
N PRO F 291 17.78 13.76 76.48
CA PRO F 291 17.64 13.00 75.23
C PRO F 291 17.89 13.87 74.02
N SER F 292 18.44 13.26 72.98
CA SER F 292 18.82 13.99 71.79
C SER F 292 17.59 14.40 70.97
N ARG F 293 17.77 15.43 70.14
CA ARG F 293 16.69 15.88 69.27
C ARG F 293 16.27 14.79 68.31
N GLU F 294 17.24 14.07 67.73
CA GLU F 294 16.91 12.94 66.87
C GLU F 294 16.16 11.88 67.67
N TYR F 295 16.59 11.62 68.90
CA TYR F 295 15.96 10.58 69.70
C TYR F 295 14.52 10.92 70.00
N GLN F 296 14.27 12.15 70.45
CA GLN F 296 12.90 12.55 70.78
C GLN F 296 12.04 12.69 69.52
N ALA F 297 12.64 13.04 68.39
CA ALA F 297 11.89 13.04 67.13
C ALA F 297 11.41 11.63 66.80
N ILE F 298 12.32 10.65 66.88
CA ILE F 298 11.92 9.27 66.64
C ILE F 298 10.93 8.81 67.70
N GLU F 299 11.04 9.36 68.92
CA GLU F 299 10.07 9.03 69.96
C GLU F 299 8.68 9.52 69.58
N GLN F 300 8.58 10.73 69.02
CA GLN F 300 7.31 11.21 68.51
C GLN F 300 6.79 10.29 67.40
N LEU F 301 7.69 9.88 66.50
CA LEU F 301 7.29 8.93 65.45
C LEU F 301 6.70 7.67 66.07
N ALA F 302 7.37 7.12 67.08
CA ALA F 302 6.85 5.94 67.76
C ALA F 302 5.50 6.22 68.39
N GLU F 303 5.34 7.40 68.98
CA GLU F 303 4.06 7.78 69.57
C GLU F 303 2.95 7.76 68.54
N HIS F 304 3.26 8.11 67.30
CA HIS F 304 2.25 8.21 66.25
C HIS F 304 2.52 7.24 65.09
N VAL F 305 2.87 6.01 65.44
CA VAL F 305 2.85 4.89 64.50
C VAL F 305 2.42 3.65 65.27
N PRO F 306 1.31 3.00 64.91
CA PRO F 306 0.93 1.77 65.64
C PRO F 306 1.99 0.68 65.57
N GLY F 307 2.69 0.55 64.45
CA GLY F 307 3.70 -0.49 64.26
C GLY F 307 5.08 0.13 64.16
N VAL F 308 6.06 -0.55 64.76
CA VAL F 308 7.45 -0.11 64.75
C VAL F 308 8.34 -1.32 64.61
N LEU F 309 9.42 -1.16 63.84
CA LEU F 309 10.44 -2.19 63.67
C LEU F 309 11.78 -1.57 64.04
N LEU F 310 12.36 -2.00 65.15
CA LEU F 310 13.69 -1.55 65.57
C LEU F 310 14.70 -2.55 65.05
N LEU F 311 15.53 -2.11 64.09
CA LEU F 311 16.61 -2.91 63.54
C LEU F 311 17.92 -2.30 63.98
N THR F 312 18.68 -3.02 64.79
CA THR F 312 19.97 -2.56 65.28
C THR F 312 20.97 -3.69 65.18
N ALA F 313 22.18 -3.36 64.73
CA ALA F 313 23.26 -4.33 64.63
C ALA F 313 24.11 -4.40 65.90
N THR F 314 24.00 -3.41 66.79
CA THR F 314 24.80 -3.33 68.01
C THR F 314 23.87 -3.01 69.17
N PRO F 315 23.10 -3.99 69.65
CA PRO F 315 22.16 -3.70 70.74
C PRO F 315 22.82 -3.25 72.03
N GLU F 316 24.12 -3.52 72.22
CA GLU F 316 24.77 -3.32 73.51
C GLU F 316 26.04 -2.48 73.43
N GLN F 317 26.40 -1.94 72.27
CA GLN F 317 27.65 -1.20 72.18
C GLN F 317 27.64 0.03 73.06
N LEU F 318 26.48 0.66 73.20
CA LEU F 318 26.32 1.86 74.02
C LEU F 318 26.04 1.53 75.48
N GLY F 319 26.40 0.35 75.94
CA GLY F 319 26.10 -0.06 77.29
C GLY F 319 24.69 -0.58 77.41
N MET F 320 24.34 -0.94 78.65
CA MET F 320 23.06 -1.59 78.90
C MET F 320 21.91 -0.60 78.87
N GLU F 321 22.17 0.68 79.19
CA GLU F 321 21.08 1.65 79.34
C GLU F 321 20.40 1.93 78.01
N SER F 322 21.17 2.02 76.92
CA SER F 322 20.56 2.28 75.61
C SER F 322 19.64 1.13 75.21
N HIS F 323 20.06 -0.10 75.48
CA HIS F 323 19.23 -1.26 75.17
C HIS F 323 17.91 -1.20 75.96
N PHE F 324 18.01 -0.89 77.25
CA PHE F 324 16.81 -0.75 78.06
C PHE F 324 15.93 0.37 77.55
N ALA F 325 16.54 1.46 77.09
CA ALA F 325 15.76 2.58 76.56
C ALA F 325 15.01 2.19 75.30
N ARG F 326 15.67 1.44 74.42
CA ARG F 326 14.99 0.98 73.21
C ARG F 326 13.83 0.05 73.55
N LEU F 327 14.04 -0.87 74.50
CA LEU F 327 12.94 -1.74 74.91
C LEU F 327 11.82 -0.91 75.55
N ARG F 328 12.19 0.10 76.33
CA ARG F 328 11.20 0.99 76.93
C ARG F 328 10.39 1.71 75.87
N LEU F 329 11.04 2.11 74.77
CA LEU F 329 10.29 2.62 73.62
C LEU F 329 9.33 1.57 73.10
N LEU F 330 9.79 0.31 73.01
CA LEU F 330 8.89 -0.75 72.57
C LEU F 330 7.82 -1.04 73.60
N ASP F 331 8.19 -1.02 74.89
CA ASP F 331 7.25 -1.36 75.96
C ASP F 331 7.62 -0.56 77.20
N PRO F 332 7.13 0.67 77.33
CA PRO F 332 7.45 1.45 78.55
C PRO F 332 6.90 0.82 79.82
N ASN F 333 5.73 0.17 79.75
CA ASN F 333 5.17 -0.46 80.94
C ASN F 333 6.06 -1.58 81.45
N ARG F 334 6.57 -2.41 80.55
CA ARG F 334 7.44 -3.51 80.97
C ARG F 334 8.81 -3.00 81.38
N PHE F 335 9.44 -2.20 80.53
CA PHE F 335 10.80 -1.72 80.76
C PHE F 335 10.72 -0.29 81.29
N HIS F 336 10.36 -0.18 82.57
CA HIS F 336 10.17 1.09 83.24
C HIS F 336 11.37 1.48 84.10
N ASP F 337 12.01 0.51 84.74
CA ASP F 337 13.19 0.73 85.56
C ASP F 337 14.35 -0.06 84.97
N PHE F 338 15.50 0.60 84.85
CA PHE F 338 16.67 -0.04 84.25
C PHE F 338 17.27 -1.13 85.14
N ALA F 339 17.08 -1.04 86.45
CA ALA F 339 17.75 -1.93 87.40
C ALA F 339 17.09 -3.29 87.50
N GLN F 340 16.03 -3.56 86.74
CA GLN F 340 15.30 -4.81 86.84
C GLN F 340 15.68 -5.84 85.80
N PHE F 341 16.14 -5.42 84.61
CA PHE F 341 16.47 -6.37 83.57
C PHE F 341 17.64 -7.26 83.97
N VAL F 342 18.63 -6.69 84.64
CA VAL F 342 19.78 -7.49 85.06
C VAL F 342 19.36 -8.55 86.06
N GLU F 343 18.52 -8.17 87.02
CA GLU F 343 17.98 -9.15 87.96
C GLU F 343 17.16 -10.21 87.24
N GLU F 344 16.42 -9.80 86.20
CA GLU F 344 15.66 -10.76 85.41
C GLU F 344 16.57 -11.80 84.77
N GLN F 345 17.67 -11.34 84.16
CA GLN F 345 18.60 -12.28 83.55
C GLN F 345 19.24 -13.19 84.59
N LYS F 346 19.64 -12.63 85.73
CA LYS F 346 20.22 -13.45 86.78
C LYS F 346 19.25 -14.50 87.29
N ASN F 347 17.96 -14.15 87.35
CA ASN F 347 16.95 -15.11 87.80
C ASN F 347 16.64 -16.15 86.75
N TYR F 348 16.75 -15.79 85.46
CA TYR F 348 16.48 -16.74 84.37
C TYR F 348 17.72 -17.53 83.98
N ARG F 349 18.86 -17.31 84.63
CA ARG F 349 20.06 -18.12 84.40
C ARG F 349 19.82 -19.63 84.46
N PRO F 350 19.08 -20.19 85.43
CA PRO F 350 18.86 -21.64 85.44
C PRO F 350 17.53 -22.10 84.85
N VAL F 351 16.64 -21.15 84.56
CA VAL F 351 15.23 -21.50 84.36
C VAL F 351 14.99 -22.34 83.11
N ALA F 352 15.91 -22.35 82.14
CA ALA F 352 15.68 -23.11 80.92
C ALA F 352 15.51 -24.60 81.18
N ASP F 353 15.98 -25.09 82.33
CA ASP F 353 15.81 -26.51 82.65
C ASP F 353 14.35 -26.88 82.77
N ALA F 354 13.52 -25.96 83.27
CA ALA F 354 12.09 -26.26 83.42
C ALA F 354 11.45 -26.53 82.07
N VAL F 355 11.66 -25.63 81.10
CA VAL F 355 11.08 -25.83 79.77
C VAL F 355 11.70 -27.06 79.10
N ALA F 356 12.99 -27.30 79.33
CA ALA F 356 13.62 -28.49 78.75
C ALA F 356 12.96 -29.75 79.28
N MET F 357 12.73 -29.83 80.59
CA MET F 357 12.06 -30.99 81.16
C MET F 357 10.64 -31.12 80.66
N LEU F 358 9.92 -29.99 80.55
CA LEU F 358 8.53 -30.05 80.09
C LEU F 358 8.44 -30.56 78.66
N LEU F 359 9.34 -30.09 77.79
CA LEU F 359 9.31 -30.56 76.40
C LEU F 359 9.70 -32.02 76.27
N ALA F 360 10.32 -32.62 77.29
CA ALA F 360 10.67 -34.03 77.25
C ALA F 360 9.47 -34.94 77.44
N GLY F 361 8.32 -34.40 77.84
CA GLY F 361 7.14 -35.19 78.10
C GLY F 361 7.06 -35.79 79.49
N ASN F 362 8.08 -35.60 80.31
CA ASN F 362 8.09 -36.13 81.66
C ASN F 362 7.27 -35.25 82.60
N LYS F 363 6.97 -35.80 83.77
CA LYS F 363 6.23 -35.06 84.79
C LYS F 363 7.12 -34.02 85.44
N LEU F 364 6.49 -32.94 85.92
CA LEU F 364 7.18 -31.85 86.59
C LEU F 364 6.87 -31.89 88.08
N SER F 365 7.93 -31.83 88.90
CA SER F 365 7.75 -31.84 90.34
C SER F 365 6.93 -30.64 90.78
N ASN F 366 6.00 -30.88 91.71
CA ASN F 366 5.13 -29.80 92.19
C ASN F 366 5.94 -28.66 92.79
N ASP F 367 7.12 -28.97 93.35
CA ASP F 367 8.00 -27.91 93.83
C ASP F 367 8.41 -27.00 92.69
N GLU F 368 8.73 -27.57 91.52
CA GLU F 368 9.02 -26.76 90.35
C GLU F 368 7.76 -26.13 89.78
N LEU F 369 6.59 -26.76 90.01
CA LEU F 369 5.35 -26.14 89.57
C LEU F 369 5.08 -24.85 90.33
N ASN F 370 5.35 -24.82 91.63
CA ASN F 370 5.29 -23.56 92.37
C ASN F 370 6.65 -22.88 92.39
N MET F 371 7.29 -22.86 91.24
CA MET F 371 8.29 -21.90 90.80
C MET F 371 7.96 -21.37 89.41
N LEU F 372 7.43 -22.24 88.54
CA LEU F 372 6.79 -21.78 87.32
C LEU F 372 5.66 -20.83 87.66
N GLY F 373 4.88 -21.15 88.70
CA GLY F 373 3.86 -20.23 89.15
C GLY F 373 4.43 -18.93 89.69
N GLU F 374 5.62 -18.99 90.29
CA GLU F 374 6.25 -17.78 90.78
C GLU F 374 6.70 -16.88 89.63
N MET F 375 7.23 -17.46 88.56
CA MET F 375 7.71 -16.66 87.44
C MET F 375 6.57 -15.88 86.80
N ILE F 376 5.43 -16.52 86.60
CA ILE F 376 4.28 -15.91 85.95
C ILE F 376 3.34 -15.35 87.01
N GLY F 377 3.03 -14.06 86.90
CA GLY F 377 2.19 -13.41 87.88
C GLY F 377 0.71 -13.47 87.56
N GLU F 378 0.13 -14.67 87.69
CA GLU F 378 -1.29 -14.88 87.47
C GLU F 378 -1.80 -15.89 88.50
N GLN F 379 -3.12 -15.98 88.60
CA GLN F 379 -3.77 -16.94 89.48
C GLN F 379 -4.72 -17.89 88.75
N ASP F 380 -4.85 -17.76 87.43
CA ASP F 380 -5.54 -18.75 86.61
C ASP F 380 -4.60 -19.86 86.13
N ILE F 381 -3.50 -20.08 86.86
CA ILE F 381 -2.48 -21.01 86.39
C ILE F 381 -2.98 -22.45 86.48
N GLU F 382 -3.62 -22.81 87.58
CA GLU F 382 -3.91 -24.22 87.85
C GLU F 382 -4.75 -24.89 86.76
N PRO F 383 -5.82 -24.28 86.23
CA PRO F 383 -6.59 -24.98 85.18
C PRO F 383 -5.76 -25.37 83.97
N LEU F 384 -4.84 -24.50 83.53
CA LEU F 384 -3.98 -24.86 82.40
C LEU F 384 -2.87 -25.81 82.82
N LEU F 385 -2.32 -25.61 84.02
CA LEU F 385 -1.17 -26.39 84.46
C LEU F 385 -1.56 -27.85 84.66
N GLN F 386 -2.73 -28.11 85.24
CA GLN F 386 -3.16 -29.49 85.44
C GLN F 386 -3.44 -30.17 84.10
N ALA F 387 -4.07 -29.45 83.17
CA ALA F 387 -4.37 -30.03 81.86
C ALA F 387 -3.10 -30.37 81.10
N ALA F 388 -2.11 -29.47 81.12
CA ALA F 388 -0.87 -29.72 80.38
C ALA F 388 0.03 -30.72 81.08
N ASN F 389 0.05 -30.72 82.41
CA ASN F 389 0.96 -31.57 83.17
C ASN F 389 0.66 -33.04 82.94
N SER F 390 -0.62 -33.41 82.92
CA SER F 390 -1.03 -34.78 82.67
C SER F 390 -1.03 -35.12 81.19
N ASP F 391 -0.59 -34.21 80.33
CA ASP F 391 -0.63 -34.41 78.87
C ASP F 391 -2.06 -34.71 78.43
N SER F 392 -2.97 -33.81 78.79
CA SER F 392 -4.38 -33.97 78.48
C SER F 392 -4.58 -33.93 76.97
N GLU F 393 -5.84 -34.14 76.56
CA GLU F 393 -6.17 -34.13 75.14
C GLU F 393 -5.89 -32.79 74.51
N ASP F 394 -5.93 -31.71 75.30
CA ASP F 394 -5.58 -30.38 74.83
C ASP F 394 -4.10 -30.07 74.99
N ALA F 395 -3.29 -31.06 75.42
CA ALA F 395 -1.90 -30.78 75.75
C ALA F 395 -1.10 -30.33 74.53
N GLN F 396 -1.41 -30.85 73.34
CA GLN F 396 -0.66 -30.48 72.15
C GLN F 396 -0.66 -28.96 71.94
N SER F 397 -1.79 -28.31 72.24
CA SER F 397 -1.90 -26.85 72.17
C SER F 397 -1.87 -26.18 73.53
N ALA F 398 -2.32 -26.88 74.59
CA ALA F 398 -2.26 -26.29 75.92
C ALA F 398 -0.83 -26.06 76.37
N ARG F 399 0.08 -27.00 76.04
CA ARG F 399 1.49 -26.80 76.35
C ARG F 399 2.04 -25.61 75.59
N GLN F 400 1.66 -25.45 74.31
CA GLN F 400 2.11 -24.31 73.54
C GLN F 400 1.63 -23.01 74.16
N GLU F 401 0.36 -22.96 74.58
CA GLU F 401 -0.16 -21.76 75.21
C GLU F 401 0.52 -21.49 76.55
N LEU F 402 0.81 -22.56 77.30
CA LEU F 402 1.48 -22.39 78.59
C LEU F 402 2.87 -21.80 78.40
N VAL F 403 3.64 -22.34 77.45
CA VAL F 403 4.97 -21.79 77.20
C VAL F 403 4.86 -20.40 76.63
N SER F 404 3.80 -20.09 75.90
CA SER F 404 3.57 -18.72 75.44
C SER F 404 3.39 -17.78 76.63
N MET F 405 2.62 -18.22 77.64
CA MET F 405 2.47 -17.42 78.85
C MET F 405 3.80 -17.26 79.58
N LEU F 406 4.58 -18.35 79.68
CA LEU F 406 5.89 -18.27 80.31
C LEU F 406 6.77 -17.26 79.59
N MET F 407 6.75 -17.27 78.26
CA MET F 407 7.42 -16.23 77.50
C MET F 407 6.88 -14.86 77.88
N ASP F 408 5.56 -14.74 77.99
CA ASP F 408 4.92 -13.44 78.21
C ASP F 408 5.43 -12.80 79.50
N ARG F 409 5.54 -13.58 80.58
CA ARG F 409 6.10 -13.06 81.81
C ARG F 409 7.61 -13.26 81.89
N HIS F 410 8.22 -13.89 80.89
CA HIS F 410 9.66 -13.83 80.68
C HIS F 410 10.10 -12.54 79.99
N GLY F 411 9.17 -11.82 79.38
CA GLY F 411 9.48 -10.71 78.49
C GLY F 411 8.87 -10.90 77.12
N ALA F 412 8.01 -11.91 76.99
CA ALA F 412 7.34 -12.30 75.76
C ALA F 412 8.27 -12.97 74.75
N SER F 413 9.58 -12.94 74.99
CA SER F 413 10.56 -13.38 74.00
C SER F 413 10.25 -12.84 72.60
N ARG F 414 9.60 -11.67 72.55
CA ARG F 414 9.11 -11.07 71.32
C ARG F 414 9.57 -9.63 71.15
N VAL F 415 9.61 -8.86 72.23
CA VAL F 415 10.25 -7.54 72.17
C VAL F 415 11.73 -7.68 71.89
N LEU F 416 12.32 -8.84 72.22
CA LEU F 416 13.72 -9.15 71.95
C LEU F 416 13.78 -10.27 70.92
N PHE F 417 14.80 -10.21 70.06
CA PHE F 417 15.05 -11.27 69.10
C PHE F 417 16.54 -11.30 68.77
N ARG F 418 17.15 -12.47 68.90
CA ARG F 418 18.56 -12.65 68.60
C ARG F 418 18.76 -13.94 67.84
N ASN F 419 19.83 -13.97 67.04
CA ASN F 419 20.30 -15.19 66.39
C ASN F 419 21.82 -15.17 66.44
N THR F 420 22.42 -16.23 66.96
CA THR F 420 23.86 -16.36 66.99
C THR F 420 24.31 -17.11 65.73
N ARG F 421 25.58 -17.53 65.72
CA ARG F 421 26.14 -18.31 64.63
C ARG F 421 26.85 -19.57 65.11
N ASN F 422 27.00 -19.75 66.43
CA ASN F 422 27.65 -20.96 66.94
C ASN F 422 26.72 -22.17 66.80
N GLY F 423 25.57 -22.13 67.48
CA GLY F 423 24.59 -23.18 67.32
C GLY F 423 23.77 -23.07 66.05
N VAL F 424 23.73 -21.89 65.44
CA VAL F 424 22.99 -21.66 64.20
C VAL F 424 23.88 -22.12 63.06
N LYS F 425 23.52 -23.25 62.46
CA LYS F 425 24.27 -23.77 61.33
C LYS F 425 24.23 -22.78 60.18
N GLY F 426 25.38 -22.56 59.53
CA GLY F 426 25.46 -21.72 58.35
C GLY F 426 26.53 -20.64 58.41
N ALA F 427 27.48 -20.78 59.32
CA ALA F 427 28.63 -19.87 59.37
C ALA F 427 29.80 -20.50 58.64
N PRO F 428 30.25 -19.95 57.49
CA PRO F 428 31.30 -20.66 56.73
C PRO F 428 32.59 -20.84 57.51
N LYS F 429 33.25 -19.74 57.86
CA LYS F 429 34.36 -19.72 58.80
C LYS F 429 34.85 -18.29 58.92
N ARG F 430 35.45 -17.93 60.06
CA ARG F 430 36.08 -16.63 60.26
C ARG F 430 37.51 -16.88 60.73
N GLU F 431 38.43 -17.04 59.78
CA GLU F 431 39.84 -17.21 60.09
C GLU F 431 40.47 -15.84 60.31
N LEU F 432 41.46 -15.79 61.21
CA LEU F 432 42.15 -14.56 61.56
C LEU F 432 43.63 -14.69 61.23
N HIS F 433 44.23 -13.58 60.82
CA HIS F 433 45.65 -13.50 60.53
C HIS F 433 46.19 -12.18 61.07
N THR F 434 47.37 -12.23 61.68
CA THR F 434 48.00 -11.06 62.27
C THR F 434 49.40 -10.89 61.70
N ILE F 435 49.75 -9.65 61.37
CA ILE F 435 51.07 -9.31 60.85
C ILE F 435 51.63 -8.15 61.64
N LYS F 436 52.85 -8.32 62.13
CA LYS F 436 53.56 -7.28 62.87
C LYS F 436 54.62 -6.64 61.96
N LEU F 437 54.75 -5.33 62.06
CA LEU F 437 55.65 -4.55 61.24
C LEU F 437 56.46 -3.60 62.11
N PRO F 438 57.63 -3.16 61.64
CA PRO F 438 58.40 -2.19 62.43
C PRO F 438 57.79 -0.81 62.36
N LEU F 439 57.73 -0.16 63.51
CA LEU F 439 57.19 1.19 63.58
C LEU F 439 58.24 2.19 63.07
N PRO F 440 57.95 2.99 62.04
CA PRO F 440 58.98 3.92 61.55
C PRO F 440 59.30 4.98 62.60
N THR F 441 60.55 5.44 62.56
CA THR F 441 61.02 6.40 63.56
C THR F 441 60.43 7.78 63.39
N GLN F 442 59.88 8.10 62.22
CA GLN F 442 59.28 9.42 62.03
C GLN F 442 58.08 9.60 62.95
N TYR F 443 57.20 8.60 63.01
CA TYR F 443 56.07 8.67 63.93
C TYR F 443 56.55 8.60 65.38
N GLN F 444 57.66 7.94 65.65
CA GLN F 444 58.22 7.95 67.00
C GLN F 444 58.61 9.36 67.40
N THR F 445 59.30 10.08 66.52
CA THR F 445 59.66 11.46 66.80
C THR F 445 58.42 12.32 66.97
N ALA F 446 57.42 12.11 66.12
CA ALA F 446 56.19 12.89 66.24
C ALA F 446 55.49 12.64 67.57
N ILE F 447 55.37 11.38 67.98
CA ILE F 447 54.58 11.05 69.16
C ILE F 447 55.34 11.36 70.44
N LYS F 448 56.67 11.37 70.40
CA LYS F 448 57.43 11.72 71.60
C LYS F 448 57.13 13.16 72.03
N VAL F 449 57.01 14.08 71.07
CA VAL F 449 56.73 15.48 71.35
C VAL F 449 55.26 15.82 71.17
N SER F 450 54.42 14.86 70.78
CA SER F 450 53.00 15.13 70.64
C SER F 450 52.37 15.60 71.95
N GLY F 451 52.88 15.13 73.09
CA GLY F 451 52.33 15.50 74.37
C GLY F 451 53.03 16.66 75.02
N ILE F 452 52.51 17.88 74.79
CA ILE F 452 52.96 19.08 75.48
C ILE F 452 51.75 19.68 76.18
N MET F 453 50.74 20.05 75.39
CA MET F 453 49.44 20.46 75.90
C MET F 453 48.38 19.39 75.72
N GLY F 454 48.66 18.35 74.91
CA GLY F 454 47.70 17.31 74.60
C GLY F 454 47.13 16.58 75.80
N ALA F 455 47.70 16.78 77.00
CA ALA F 455 47.11 16.23 78.20
C ALA F 455 45.71 16.77 78.46
N ARG F 456 45.35 17.91 77.86
CA ARG F 456 43.98 18.41 77.98
C ARG F 456 42.98 17.38 77.49
N LYS F 457 43.32 16.65 76.43
CA LYS F 457 42.50 15.53 75.99
C LYS F 457 42.48 14.45 77.06
N SER F 458 41.32 13.81 77.20
CA SER F 458 41.19 12.68 78.11
C SER F 458 41.79 11.43 77.49
N ALA F 459 41.96 10.39 78.32
CA ALA F 459 42.56 9.15 77.85
C ALA F 459 41.79 8.57 76.67
N GLU F 460 40.46 8.63 76.73
CA GLU F 460 39.65 8.32 75.56
C GLU F 460 40.07 9.18 74.38
N ASP F 461 40.18 10.50 74.61
CA ASP F 461 40.57 11.39 73.53
C ASP F 461 42.01 11.18 73.10
N ARG F 462 42.90 10.80 74.03
CA ARG F 462 44.27 10.48 73.64
C ARG F 462 44.32 9.27 72.72
N ALA F 463 43.54 8.23 73.05
CA ALA F 463 43.47 7.06 72.16
C ALA F 463 42.87 7.45 70.81
N ARG F 464 41.83 8.29 70.82
CA ARG F 464 41.24 8.73 69.56
C ARG F 464 42.26 9.49 68.72
N ASP F 465 43.07 10.34 69.36
CA ASP F 465 44.11 11.06 68.63
C ASP F 465 45.15 10.09 68.08
N MET F 466 45.55 9.10 68.87
CA MET F 466 46.52 8.10 68.40
C MET F 466 45.95 7.24 67.29
N LEU F 467 44.62 7.20 67.13
CA LEU F 467 44.02 6.42 66.05
C LEU F 467 44.51 6.85 64.67
N TYR F 468 45.02 8.08 64.53
CA TYR F 468 45.50 8.59 63.24
C TYR F 468 46.90 9.19 63.43
N PRO F 469 47.91 8.35 63.58
CA PRO F 469 49.29 8.86 63.62
C PRO F 469 49.66 9.59 62.36
N GLU F 470 49.10 9.19 61.21
CA GLU F 470 49.35 9.95 59.98
C GLU F 470 48.85 11.38 60.11
N ARG F 471 47.67 11.57 60.71
CA ARG F 471 47.13 12.92 60.83
C ARG F 471 47.88 13.73 61.88
N ILE F 472 48.32 13.12 62.98
CA ILE F 472 49.11 13.90 63.93
C ILE F 472 50.47 14.25 63.32
N TYR F 473 51.02 13.34 62.50
CA TYR F 473 52.26 13.65 61.79
C TYR F 473 52.07 14.80 60.82
N GLN F 474 50.92 14.83 60.12
CA GLN F 474 50.60 15.98 59.29
C GLN F 474 50.51 17.25 60.13
N GLU F 475 49.86 17.17 61.28
CA GLU F 475 49.71 18.34 62.14
C GLU F 475 51.07 18.90 62.55
N PHE F 476 52.00 18.01 62.89
CA PHE F 476 53.33 18.47 63.30
C PHE F 476 54.14 18.99 62.11
N GLU F 477 54.10 18.28 60.98
CA GLU F 477 54.91 18.60 59.81
C GLU F 477 54.07 19.22 58.69
N GLY F 478 53.13 20.10 59.02
CA GLY F 478 52.33 20.75 58.00
C GLY F 478 51.34 19.79 57.37
N ASP F 479 50.16 20.29 57.01
CA ASP F 479 49.12 19.41 56.52
C ASP F 479 49.55 18.75 55.21
N ASN F 480 49.08 17.52 55.01
CA ASN F 480 49.40 16.74 53.82
C ASN F 480 50.90 16.44 53.73
N ALA F 481 51.55 16.23 54.87
CA ALA F 481 52.94 15.81 54.87
C ALA F 481 53.08 14.43 54.25
N THR F 482 54.25 14.18 53.67
CA THR F 482 54.48 12.93 52.95
C THR F 482 54.55 11.74 53.91
N TRP F 483 53.43 11.44 54.56
CA TRP F 483 53.40 10.36 55.54
C TRP F 483 53.39 8.99 54.86
N TRP F 484 52.78 8.87 53.69
CA TRP F 484 52.59 7.58 53.04
C TRP F 484 53.84 7.04 52.36
N ASN F 485 54.96 7.76 52.44
CA ASN F 485 56.20 7.30 51.80
C ASN F 485 57.02 6.38 52.68
N PHE F 486 56.98 6.56 54.01
CA PHE F 486 57.76 5.76 54.94
C PHE F 486 56.88 4.81 55.74
N ASP F 487 55.89 4.20 55.06
CA ASP F 487 54.95 3.30 55.69
C ASP F 487 55.26 1.86 55.31
N PRO F 488 55.76 1.02 56.23
CA PRO F 488 55.81 -0.42 55.95
C PRO F 488 54.44 -1.01 55.68
N ARG F 489 53.37 -0.38 56.19
CA ARG F 489 52.02 -0.84 55.88
C ARG F 489 51.75 -0.74 54.38
N VAL F 490 52.21 0.35 53.76
CA VAL F 490 51.98 0.53 52.33
C VAL F 490 52.60 -0.60 51.53
N GLU F 491 53.87 -0.90 51.80
CA GLU F 491 54.55 -1.98 51.08
C GLU F 491 53.91 -3.32 51.39
N TRP F 492 53.56 -3.55 52.65
CA TRP F 492 52.94 -4.83 53.03
C TRP F 492 51.66 -5.05 52.26
N LEU F 493 50.79 -4.05 52.23
CA LEU F 493 49.52 -4.21 51.54
C LEU F 493 49.71 -4.26 50.04
N MET F 494 50.71 -3.56 49.51
CA MET F 494 51.03 -3.70 48.10
C MET F 494 51.35 -5.14 47.75
N GLY F 495 52.20 -5.78 48.55
CA GLY F 495 52.49 -7.19 48.33
C GLY F 495 51.25 -8.07 48.51
N TYR F 496 50.45 -7.77 49.53
CA TYR F 496 49.26 -8.58 49.80
C TYR F 496 48.33 -8.58 48.60
N LEU F 497 47.99 -7.40 48.09
CA LEU F 497 47.12 -7.31 46.94
C LEU F 497 47.82 -7.71 45.64
N THR F 498 49.15 -7.68 45.62
CA THR F 498 49.86 -8.30 44.51
C THR F 498 49.57 -9.80 44.47
N SER F 499 49.48 -10.41 45.65
CA SER F 499 49.02 -11.81 45.71
C SER F 499 47.59 -11.93 45.22
N HIS F 500 46.77 -10.90 45.42
CA HIS F 500 45.35 -10.94 45.09
C HIS F 500 45.00 -9.94 43.98
N ARG F 501 45.82 -9.88 42.94
CA ARG F 501 45.50 -8.98 41.82
C ARG F 501 44.24 -9.43 41.10
N SER F 502 44.05 -10.75 40.97
CA SER F 502 42.89 -11.30 40.29
C SER F 502 41.68 -11.48 41.20
N GLN F 503 41.65 -10.77 42.33
CA GLN F 503 40.58 -10.92 43.31
C GLN F 503 40.24 -9.56 43.90
N LYS F 504 39.02 -9.46 44.42
CA LYS F 504 38.51 -8.22 45.01
C LYS F 504 38.72 -8.23 46.52
N VAL F 505 39.00 -7.04 47.06
CA VAL F 505 39.31 -6.90 48.49
C VAL F 505 38.65 -5.61 49.00
N LEU F 506 38.13 -5.69 50.23
CA LEU F 506 37.53 -4.56 50.91
C LEU F 506 38.51 -4.04 51.95
N VAL F 507 39.12 -2.88 51.68
CA VAL F 507 40.04 -2.23 52.60
C VAL F 507 39.30 -1.09 53.26
N ILE F 508 39.47 -0.96 54.58
CA ILE F 508 38.72 0.01 55.37
C ILE F 508 39.68 0.75 56.28
N CYS F 509 39.60 2.08 56.25
CA CYS F 509 40.39 2.99 57.08
C CYS F 509 39.43 3.79 57.97
N ALA F 510 39.98 4.77 58.70
CA ALA F 510 39.25 5.44 59.76
C ALA F 510 38.60 6.76 59.35
N LYS F 511 38.88 7.28 58.16
CA LYS F 511 38.37 8.60 57.81
C LYS F 511 38.47 8.82 56.30
N ALA F 512 37.87 9.91 55.85
CA ALA F 512 37.77 10.20 54.42
C ALA F 512 39.11 10.54 53.80
N ALA F 513 39.90 11.40 54.47
CA ALA F 513 41.17 11.82 53.92
C ALA F 513 42.12 10.65 53.74
N THR F 514 42.10 9.71 54.69
CA THR F 514 42.92 8.51 54.56
C THR F 514 42.56 7.75 53.29
N ALA F 515 41.26 7.55 53.05
CA ALA F 515 40.84 6.85 51.85
C ALA F 515 41.25 7.60 50.59
N LEU F 516 41.09 8.92 50.59
CA LEU F 516 41.48 9.73 49.44
C LEU F 516 42.95 9.54 49.11
N GLN F 517 43.82 9.75 50.11
CA GLN F 517 45.25 9.68 49.85
C GLN F 517 45.69 8.28 49.48
N LEU F 518 45.10 7.26 50.12
CA LEU F 518 45.47 5.89 49.78
C LEU F 518 45.06 5.55 48.36
N GLU F 519 43.87 5.97 47.95
CA GLU F 519 43.46 5.75 46.56
C GLU F 519 44.40 6.48 45.61
N GLN F 520 44.77 7.71 45.95
CA GLN F 520 45.74 8.44 45.14
C GLN F 520 47.01 7.62 44.97
N VAL F 521 47.53 7.09 46.08
CA VAL F 521 48.76 6.31 46.02
C VAL F 521 48.58 5.10 45.12
N LEU F 522 47.52 4.33 45.35
CA LEU F 522 47.33 3.08 44.61
C LEU F 522 47.15 3.33 43.12
N ARG F 523 46.37 4.34 42.77
CA ARG F 523 46.10 4.60 41.36
C ARG F 523 47.32 5.19 40.67
N GLU F 524 47.98 6.16 41.29
CA GLU F 524 49.08 6.83 40.61
C GLU F 524 50.33 5.97 40.55
N ARG F 525 50.64 5.23 41.62
CA ARG F 525 51.88 4.48 41.69
C ARG F 525 51.76 3.14 40.96
N GLU F 526 50.90 2.26 41.45
CA GLU F 526 50.76 0.92 40.89
C GLU F 526 49.61 0.80 39.90
N GLY F 527 48.91 1.90 39.60
CA GLY F 527 47.83 1.83 38.63
C GLY F 527 46.70 0.93 39.08
N ILE F 528 46.58 0.68 40.38
CA ILE F 528 45.54 -0.20 40.91
C ILE F 528 44.28 0.63 41.11
N ARG F 529 43.22 0.27 40.39
CA ARG F 529 41.96 0.98 40.51
C ARG F 529 41.30 0.60 41.83
N ALA F 530 40.98 1.61 42.63
CA ALA F 530 40.31 1.40 43.91
C ALA F 530 39.14 2.35 44.02
N ALA F 531 37.97 1.81 44.34
CA ALA F 531 36.75 2.59 44.48
C ALA F 531 36.63 3.08 45.91
N VAL F 532 36.70 4.39 46.10
CA VAL F 532 36.67 5.00 47.43
C VAL F 532 35.23 5.09 47.92
N PHE F 533 35.06 5.40 49.20
CA PHE F 533 33.75 5.57 49.81
C PHE F 533 33.76 6.74 50.79
N HIS F 534 34.64 7.71 50.57
CA HIS F 534 34.76 8.84 51.49
C HIS F 534 33.49 9.67 51.51
N GLU F 535 33.31 10.43 52.60
CA GLU F 535 32.10 11.21 52.75
C GLU F 535 31.95 12.28 51.68
N GLY F 536 33.05 12.69 51.05
CA GLY F 536 32.95 13.60 49.91
C GLY F 536 32.16 13.03 48.76
N MET F 537 31.94 11.71 48.74
CA MET F 537 31.12 11.07 47.73
C MET F 537 29.66 11.17 48.13
N SER F 538 28.84 11.71 47.23
CA SER F 538 27.40 11.69 47.43
C SER F 538 26.88 10.26 47.36
N ILE F 539 25.64 10.07 47.78
CA ILE F 539 25.05 8.73 47.80
C ILE F 539 25.08 8.12 46.40
N ILE F 540 24.91 8.94 45.36
CA ILE F 540 25.03 8.44 44.00
C ILE F 540 26.44 7.92 43.74
N GLU F 541 27.45 8.67 44.20
CA GLU F 541 28.83 8.22 44.06
C GLU F 541 29.07 6.94 44.84
N ARG F 542 28.49 6.84 46.05
CA ARG F 542 28.60 5.61 46.82
C ARG F 542 28.02 4.43 46.04
N ASP F 543 26.84 4.63 45.44
CA ASP F 543 26.23 3.57 44.65
C ASP F 543 27.09 3.20 43.46
N ARG F 544 27.69 4.20 42.80
CA ARG F 544 28.55 3.91 41.66
C ARG F 544 29.74 3.07 42.09
N ALA F 545 30.37 3.44 43.20
CA ALA F 545 31.52 2.69 43.69
C ALA F 545 31.11 1.27 44.05
N ALA F 546 29.96 1.12 44.73
CA ALA F 546 29.48 -0.21 45.09
C ALA F 546 29.22 -1.04 43.84
N ALA F 547 28.68 -0.41 42.79
CA ALA F 547 28.40 -1.14 41.55
C ALA F 547 29.69 -1.60 40.89
N TRP F 548 30.67 -0.69 40.75
CA TRP F 548 31.92 -1.06 40.12
C TRP F 548 32.61 -2.18 40.89
N PHE F 549 32.61 -2.09 42.22
CA PHE F 549 33.19 -3.16 43.01
C PHE F 549 32.35 -4.42 42.98
N ALA F 550 31.06 -4.31 42.63
CA ALA F 550 30.19 -5.48 42.53
C ALA F 550 30.31 -6.18 41.19
N GLU F 551 30.93 -5.55 40.20
CA GLU F 551 31.12 -6.17 38.89
C GLU F 551 32.33 -7.10 38.95
N GLU F 552 32.20 -8.14 39.78
CA GLU F 552 33.21 -9.18 39.93
C GLU F 552 33.78 -9.60 38.58
N ASP F 553 32.91 -9.65 37.57
CA ASP F 553 33.35 -9.75 36.18
C ASP F 553 33.85 -8.38 35.78
N THR F 554 35.16 -8.16 35.90
CA THR F 554 35.79 -6.91 35.49
C THR F 554 35.22 -5.72 36.26
N GLY F 555 35.48 -5.74 37.56
CA GLY F 555 35.11 -4.64 38.43
C GLY F 555 36.32 -4.10 39.18
N ALA F 556 36.04 -3.17 40.09
CA ALA F 556 37.11 -2.56 40.88
C ALA F 556 37.76 -3.60 41.78
N GLN F 557 39.09 -3.63 41.77
CA GLN F 557 39.80 -4.64 42.54
C GLN F 557 39.81 -4.35 44.03
N VAL F 558 39.62 -3.09 44.43
CA VAL F 558 39.71 -2.70 45.83
C VAL F 558 38.58 -1.74 46.14
N LEU F 559 38.02 -1.87 47.34
CA LEU F 559 37.01 -0.96 47.85
C LEU F 559 37.54 -0.29 49.12
N LEU F 560 37.86 1.00 49.01
CA LEU F 560 38.38 1.78 50.13
C LEU F 560 37.21 2.47 50.83
N CYS F 561 36.95 2.09 52.08
CA CYS F 561 35.86 2.65 52.85
C CYS F 561 36.39 3.33 54.10
N SER F 562 35.93 4.55 54.36
CA SER F 562 36.27 5.25 55.59
C SER F 562 35.45 4.64 56.73
N GLU F 563 35.47 5.30 57.89
CA GLU F 563 34.72 4.78 59.04
C GLU F 563 33.23 4.70 58.74
N ILE F 564 32.67 5.76 58.15
CA ILE F 564 31.26 5.74 57.80
C ILE F 564 31.01 4.79 56.63
N GLY F 565 32.03 4.48 55.83
CA GLY F 565 31.86 3.58 54.72
C GLY F 565 31.53 2.15 55.11
N SER F 566 31.65 1.80 56.39
CA SER F 566 31.30 0.45 56.87
C SER F 566 29.80 0.34 57.10
N GLU F 567 29.05 0.49 56.01
CA GLU F 567 27.60 0.50 56.03
C GLU F 567 27.08 -0.88 55.60
N GLY F 568 25.76 -1.00 55.52
CA GLY F 568 25.11 -2.28 55.33
C GLY F 568 25.11 -2.80 53.91
N ARG F 569 25.93 -2.23 53.04
CA ARG F 569 26.02 -2.70 51.67
C ARG F 569 26.42 -4.18 51.63
N ASN F 570 25.81 -4.93 50.71
CA ASN F 570 26.07 -6.36 50.60
C ASN F 570 27.31 -6.57 49.74
N PHE F 571 28.40 -7.00 50.37
CA PHE F 571 29.64 -7.35 49.68
C PHE F 571 29.94 -8.84 49.82
N GLN F 572 28.89 -9.67 49.78
CA GLN F 572 29.09 -11.10 49.96
C GLN F 572 30.01 -11.68 48.89
N PHE F 573 30.02 -11.08 47.70
CA PHE F 573 30.97 -11.51 46.68
C PHE F 573 32.41 -11.36 47.15
N ALA F 574 32.67 -10.37 48.01
CA ALA F 574 34.00 -10.14 48.55
C ALA F 574 34.22 -11.09 49.73
N SER F 575 35.15 -12.01 49.58
CA SER F 575 35.47 -12.99 50.62
C SER F 575 36.75 -12.67 51.38
N HIS F 576 37.44 -11.59 51.03
CA HIS F 576 38.66 -11.19 51.72
C HIS F 576 38.51 -9.77 52.26
N MET F 577 39.19 -9.52 53.39
CA MET F 577 39.06 -8.28 54.12
C MET F 577 40.44 -7.82 54.58
N VAL F 578 40.59 -6.52 54.75
CA VAL F 578 41.82 -5.93 55.28
C VAL F 578 41.44 -4.83 56.25
N MET F 579 42.03 -4.87 57.45
CA MET F 579 41.84 -3.83 58.45
C MET F 579 43.10 -2.95 58.43
N PHE F 580 42.95 -1.73 57.95
CA PHE F 580 44.11 -0.87 57.76
C PHE F 580 44.63 -0.31 59.08
N ASP F 581 43.79 0.45 59.78
CA ASP F 581 44.22 1.24 60.94
C ASP F 581 43.79 0.64 62.27
N LEU F 582 43.18 -0.55 62.27
CA LEU F 582 42.95 -1.27 63.51
C LEU F 582 42.09 -0.46 64.46
N PRO F 583 40.79 -0.33 64.19
CA PRO F 583 39.95 0.61 64.95
C PRO F 583 39.93 0.31 66.45
N PHE F 584 39.83 1.39 67.23
CA PHE F 584 39.98 1.33 68.68
C PHE F 584 38.90 0.49 69.37
N ASN F 585 37.65 0.96 69.34
CA ASN F 585 36.66 0.31 70.17
C ASN F 585 36.15 -0.96 69.50
N PRO F 586 35.69 -1.95 70.28
CA PRO F 586 35.37 -3.26 69.71
C PRO F 586 34.22 -3.25 68.72
N ASP F 587 33.05 -2.75 69.14
CA ASP F 587 31.84 -2.98 68.36
C ASP F 587 31.89 -2.32 67.00
N LEU F 588 32.64 -1.22 66.85
CA LEU F 588 32.82 -0.65 65.52
C LEU F 588 33.54 -1.64 64.61
N LEU F 589 34.60 -2.27 65.12
CA LEU F 589 35.30 -3.28 64.35
C LEU F 589 34.41 -4.50 64.11
N GLU F 590 33.54 -4.81 65.06
CA GLU F 590 32.60 -5.92 64.87
C GLU F 590 31.67 -5.63 63.70
N GLN F 591 31.14 -4.41 63.63
CA GLN F 591 30.28 -4.03 62.51
C GLN F 591 31.06 -4.03 61.20
N ARG F 592 32.29 -3.54 61.24
CA ARG F 592 33.14 -3.57 60.04
C ARG F 592 33.31 -5.00 59.53
N ILE F 593 33.62 -5.92 60.44
CA ILE F 593 33.83 -7.31 60.05
C ILE F 593 32.52 -7.90 59.53
N GLY F 594 31.41 -7.62 60.22
CA GLY F 594 30.12 -8.12 59.78
C GLY F 594 29.68 -7.54 58.45
N ALA F 595 30.32 -6.46 58.01
CA ALA F 595 30.02 -5.93 56.67
C ALA F 595 30.14 -7.01 55.61
N LEU F 596 31.10 -7.93 55.77
CA LEU F 596 31.28 -9.04 54.84
C LEU F 596 30.62 -10.33 55.30
N ASP F 597 30.53 -10.56 56.61
CA ASP F 597 30.05 -11.84 57.12
C ASP F 597 28.53 -11.92 56.93
N ARG F 598 28.14 -12.16 55.69
CA ARG F 598 26.74 -12.22 55.30
C ARG F 598 26.49 -13.50 54.52
N ILE F 599 25.29 -13.63 53.97
CA ILE F 599 24.97 -14.79 53.14
C ILE F 599 25.57 -14.60 51.75
N GLY F 600 25.88 -15.72 51.10
CA GLY F 600 26.37 -15.68 49.73
C GLY F 600 27.86 -15.50 49.58
N GLN F 601 28.64 -15.80 50.62
CA GLN F 601 30.09 -15.66 50.52
C GLN F 601 30.67 -16.70 49.55
N ALA F 602 31.57 -16.24 48.69
CA ALA F 602 32.23 -17.15 47.78
C ALA F 602 33.01 -18.21 48.55
N HIS F 603 33.68 -17.80 49.61
CA HIS F 603 34.31 -18.72 50.54
C HIS F 603 34.38 -18.03 51.90
N ASP F 604 34.97 -18.72 52.87
CA ASP F 604 35.02 -18.19 54.21
C ASP F 604 35.80 -16.89 54.25
N ILE F 605 35.50 -16.06 55.23
CA ILE F 605 36.17 -14.78 55.39
C ILE F 605 37.49 -14.99 56.12
N GLN F 606 38.58 -14.49 55.54
CA GLN F 606 39.88 -14.44 56.17
C GLN F 606 40.30 -12.98 56.25
N ILE F 607 40.66 -12.53 57.45
CA ILE F 607 40.90 -11.12 57.72
C ILE F 607 42.38 -10.89 57.98
N HIS F 608 42.90 -9.81 57.40
CA HIS F 608 44.31 -9.44 57.52
C HIS F 608 44.41 -8.06 58.15
N VAL F 609 45.41 -7.89 59.02
CA VAL F 609 45.56 -6.66 59.78
C VAL F 609 47.04 -6.39 60.04
N PRO F 610 47.70 -5.51 59.29
CA PRO F 610 49.09 -5.16 59.61
C PRO F 610 49.15 -4.10 60.69
N TYR F 611 49.88 -4.40 61.76
CA TYR F 611 50.04 -3.49 62.88
C TYR F 611 51.52 -3.25 63.15
N LEU F 612 51.87 -2.00 63.42
CA LEU F 612 53.24 -1.66 63.74
C LEU F 612 53.55 -2.05 65.18
N GLU F 613 54.79 -2.44 65.42
CA GLU F 613 55.19 -2.97 66.72
C GLU F 613 55.37 -1.85 67.74
N LYS F 614 55.08 -2.18 69.00
CA LYS F 614 55.23 -1.25 70.13
C LYS F 614 54.35 -0.01 69.93
N THR F 615 53.05 -0.25 69.95
CA THR F 615 52.08 0.83 69.89
C THR F 615 50.75 0.31 70.44
N ALA F 616 49.75 1.20 70.49
CA ALA F 616 48.44 0.82 70.98
C ALA F 616 47.82 -0.29 70.14
N GLN F 617 48.24 -0.39 68.88
CA GLN F 617 47.69 -1.43 68.00
C GLN F 617 47.98 -2.82 68.55
N SER F 618 49.21 -3.05 69.02
CA SER F 618 49.57 -4.34 69.57
C SER F 618 48.75 -4.64 70.83
N VAL F 619 48.58 -3.65 71.70
CA VAL F 619 47.83 -3.86 72.93
C VAL F 619 46.38 -4.22 72.61
N LEU F 620 45.75 -3.46 71.70
CA LEU F 620 44.36 -3.74 71.34
C LEU F 620 44.23 -5.10 70.68
N VAL F 621 45.16 -5.46 69.80
CA VAL F 621 45.11 -6.76 69.14
C VAL F 621 45.19 -7.87 70.17
N ARG F 622 46.17 -7.79 71.07
CA ARG F 622 46.34 -8.83 72.09
C ARG F 622 45.10 -8.94 72.95
N TRP F 623 44.56 -7.79 73.39
CA TRP F 623 43.41 -7.81 74.28
C TRP F 623 42.20 -8.43 73.59
N TYR F 624 41.87 -7.96 72.39
CA TYR F 624 40.71 -8.50 71.69
C TYR F 624 40.89 -9.97 71.36
N HIS F 625 42.10 -10.37 70.98
CA HIS F 625 42.32 -11.72 70.48
C HIS F 625 42.34 -12.74 71.61
N GLU F 626 42.92 -12.37 72.76
CA GLU F 626 43.13 -13.31 73.86
C GLU F 626 42.19 -13.07 75.03
N GLY F 627 42.08 -11.82 75.49
CA GLY F 627 41.21 -11.54 76.62
C GLY F 627 39.75 -11.86 76.35
N LEU F 628 39.26 -11.47 75.17
CA LEU F 628 37.89 -11.76 74.78
C LEU F 628 37.77 -12.61 73.53
N ASP F 629 38.78 -12.65 72.67
CA ASP F 629 38.70 -13.37 71.41
C ASP F 629 37.51 -12.89 70.59
N ALA F 630 37.26 -11.57 70.64
CA ALA F 630 36.10 -10.99 69.98
C ALA F 630 36.20 -11.04 68.47
N PHE F 631 37.39 -11.32 67.92
CA PHE F 631 37.54 -11.36 66.46
C PHE F 631 36.91 -12.61 65.87
N GLU F 632 37.42 -13.79 66.26
CA GLU F 632 36.97 -15.03 65.64
C GLU F 632 35.55 -15.38 66.10
N HIS F 633 35.21 -15.06 67.34
CA HIS F 633 33.89 -15.36 67.89
C HIS F 633 32.97 -14.14 67.79
N THR F 634 31.71 -14.35 68.16
CA THR F 634 30.69 -13.31 68.13
C THR F 634 29.91 -13.27 69.44
N CYS F 635 30.56 -13.62 70.55
CA CYS F 635 29.92 -13.64 71.85
C CYS F 635 29.51 -12.22 72.25
N PRO F 636 28.20 -11.90 72.31
CA PRO F 636 27.80 -10.51 72.61
C PRO F 636 27.72 -10.20 74.11
N THR F 637 28.89 -9.93 74.70
CA THR F 637 28.97 -9.58 76.12
C THR F 637 29.93 -8.43 76.39
N GLY F 638 30.43 -7.75 75.36
CA GLY F 638 31.46 -6.74 75.56
C GLY F 638 30.98 -5.43 76.15
N ALA F 639 29.66 -5.25 76.26
CA ALA F 639 29.12 -3.94 76.63
C ALA F 639 29.65 -3.47 77.98
N THR F 640 29.51 -4.31 79.01
CA THR F 640 30.02 -3.98 80.34
C THR F 640 31.41 -4.53 80.59
N ILE F 641 31.84 -5.53 79.82
CA ILE F 641 33.20 -6.02 79.94
C ILE F 641 34.19 -4.91 79.58
N TYR F 642 33.90 -4.18 78.50
CA TYR F 642 34.74 -3.03 78.16
C TYR F 642 34.69 -1.97 79.24
N ASP F 643 33.52 -1.72 79.81
CA ASP F 643 33.38 -0.69 80.84
C ASP F 643 34.17 -1.05 82.09
N SER F 644 34.25 -2.34 82.44
CA SER F 644 34.81 -2.73 83.72
C SER F 644 36.28 -2.33 83.84
N VAL F 645 37.06 -2.57 82.79
CA VAL F 645 38.49 -2.26 82.80
C VAL F 645 38.74 -1.06 81.90
N TYR F 646 37.72 -0.22 81.76
CA TYR F 646 37.81 0.90 80.82
C TYR F 646 38.93 1.86 81.20
N ASN F 647 38.93 2.32 82.46
CA ASN F 647 39.90 3.32 82.88
C ASN F 647 41.32 2.80 82.79
N ASP F 648 41.57 1.59 83.31
CA ASP F 648 42.91 1.02 83.25
C ASP F 648 43.33 0.80 81.80
N LEU F 649 42.40 0.35 80.96
CA LEU F 649 42.75 0.09 79.56
C LEU F 649 43.15 1.37 78.84
N ILE F 650 42.37 2.43 79.00
CA ILE F 650 42.71 3.69 78.33
C ILE F 650 43.98 4.28 78.93
N ASN F 651 44.23 4.06 80.23
CA ASN F 651 45.48 4.51 80.82
C ASN F 651 46.67 3.79 80.20
N TYR F 652 46.55 2.47 80.01
CA TYR F 652 47.61 1.71 79.36
C TYR F 652 47.84 2.21 77.94
N LEU F 653 46.76 2.45 77.19
CA LEU F 653 46.89 2.87 75.81
C LEU F 653 47.53 4.25 75.71
N ALA F 654 47.02 5.21 76.49
CA ALA F 654 47.58 6.56 76.46
C ALA F 654 48.99 6.61 77.02
N SER F 655 49.40 5.60 77.79
CA SER F 655 50.75 5.51 78.35
C SER F 655 51.31 4.15 77.96
N PRO F 656 51.75 3.98 76.71
CA PRO F 656 52.27 2.66 76.28
C PRO F 656 53.50 2.22 77.05
N ASP F 657 54.23 3.15 77.68
CA ASP F 657 55.34 2.75 78.54
C ASP F 657 54.86 1.86 79.68
N GLN F 658 53.62 2.06 80.14
CA GLN F 658 53.05 1.24 81.20
C GLN F 658 52.66 -0.11 80.62
N THR F 659 53.35 -1.17 81.05
CA THR F 659 53.07 -2.53 80.62
C THR F 659 53.02 -3.54 81.76
N GLU F 660 53.44 -3.17 82.96
CA GLU F 660 53.43 -4.10 84.08
C GLU F 660 52.01 -4.48 84.46
N GLY F 661 51.81 -5.76 84.75
CA GLY F 661 50.51 -6.25 85.18
C GLY F 661 49.42 -6.19 84.11
N PHE F 662 49.74 -6.60 82.89
CA PHE F 662 48.77 -6.64 81.80
C PHE F 662 48.27 -8.04 81.49
N ASP F 663 49.14 -9.05 81.60
CA ASP F 663 48.72 -10.42 81.33
C ASP F 663 47.67 -10.88 82.34
N ASP F 664 47.84 -10.52 83.61
CA ASP F 664 46.84 -10.89 84.61
C ASP F 664 45.51 -10.21 84.35
N LEU F 665 45.54 -8.95 83.89
CA LEU F 665 44.30 -8.28 83.50
C LEU F 665 43.63 -9.00 82.34
N ILE F 666 44.42 -9.41 81.34
CA ILE F 666 43.87 -10.15 80.21
C ILE F 666 43.25 -11.46 80.68
N LYS F 667 43.94 -12.16 81.59
CA LYS F 667 43.44 -13.42 82.11
C LYS F 667 42.13 -13.23 82.85
N ASN F 668 42.05 -12.19 83.69
CA ASN F 668 40.81 -11.93 84.42
C ASN F 668 39.68 -11.56 83.47
N CYS F 669 39.99 -10.79 82.43
CA CYS F 669 38.97 -10.46 81.44
C CYS F 669 38.47 -11.70 80.73
N ARG F 670 39.36 -12.63 80.41
CA ARG F 670 38.93 -13.88 79.77
C ARG F 670 38.10 -14.72 80.73
N GLU F 671 38.49 -14.75 82.01
CA GLU F 671 37.69 -15.45 83.01
C GLU F 671 36.27 -14.87 83.05
N GLN F 672 36.17 -13.54 83.08
CA GLN F 672 34.86 -12.91 83.11
C GLN F 672 34.08 -13.22 81.84
N HIS F 673 34.74 -13.17 80.69
CA HIS F 673 34.04 -13.41 79.43
C HIS F 673 33.51 -14.83 79.36
N GLU F 674 34.32 -15.82 79.75
CA GLU F 674 33.86 -17.20 79.68
C GLU F 674 32.79 -17.48 80.73
N ALA F 675 32.93 -16.90 81.93
CA ALA F 675 31.90 -17.07 82.94
C ALA F 675 30.57 -16.45 82.48
N LEU F 676 30.64 -15.27 81.87
CA LEU F 676 29.43 -14.63 81.36
C LEU F 676 28.83 -15.43 80.23
N LYS F 677 29.66 -16.00 79.36
CA LYS F 677 29.14 -16.82 78.27
C LYS F 677 28.46 -18.07 78.82
N ALA F 678 29.05 -18.68 79.85
CA ALA F 678 28.43 -19.85 80.48
C ALA F 678 27.09 -19.47 81.12
N GLN F 679 27.05 -18.33 81.79
CA GLN F 679 25.80 -17.87 82.39
C GLN F 679 24.73 -17.64 81.32
N LEU F 680 25.13 -17.02 80.21
CA LEU F 680 24.16 -16.69 79.16
C LEU F 680 23.66 -17.94 78.47
N GLU F 681 24.56 -18.86 78.11
CA GLU F 681 24.13 -20.08 77.44
C GLU F 681 23.29 -20.96 78.37
N GLN F 682 23.61 -20.98 79.67
CA GLN F 682 22.79 -21.76 80.60
C GLN F 682 21.38 -21.19 80.70
N GLY F 683 21.25 -19.88 80.77
CA GLY F 683 19.93 -19.26 80.81
C GLY F 683 20.06 -17.76 80.78
N ALA F 684 18.90 -17.11 80.74
CA ALA F 684 18.70 -15.69 80.46
C ALA F 684 18.84 -15.41 78.96
N ASP F 685 19.25 -16.39 78.16
CA ASP F 685 19.37 -16.27 76.72
C ASP F 685 19.85 -17.61 76.20
N ARG F 686 19.95 -17.75 74.88
CA ARG F 686 20.20 -18.98 74.14
C ARG F 686 18.94 -19.85 74.06
N LEU F 687 17.88 -19.50 74.80
CA LEU F 687 16.53 -19.98 74.51
C LEU F 687 15.72 -18.92 73.77
N LEU F 688 16.07 -17.65 73.94
CA LEU F 688 15.48 -16.60 73.13
C LEU F 688 15.80 -16.81 71.65
N GLU F 689 17.04 -17.18 71.33
CA GLU F 689 17.36 -17.49 69.95
C GLU F 689 16.76 -18.82 69.51
N ILE F 690 16.51 -19.73 70.45
CA ILE F 690 15.77 -20.94 70.11
C ILE F 690 14.37 -20.58 69.68
N HIS F 691 13.73 -19.65 70.39
CA HIS F 691 12.44 -19.13 69.96
C HIS F 691 12.56 -18.42 68.62
N SER F 692 13.65 -17.69 68.42
CA SER F 692 13.87 -16.99 67.16
C SER F 692 13.91 -17.97 65.99
N ASN F 693 14.65 -19.07 66.15
CA ASN F 693 14.61 -20.16 65.18
C ASN F 693 13.46 -21.12 65.44
N GLY F 694 12.84 -21.06 66.62
CA GLY F 694 11.66 -21.86 66.90
C GLY F 694 11.89 -23.35 66.98
N GLY F 695 13.13 -23.80 66.95
CA GLY F 695 13.42 -25.22 67.06
C GLY F 695 13.10 -25.98 65.79
N GLU F 696 13.30 -27.30 65.86
CA GLU F 696 13.03 -28.16 64.72
C GLU F 696 11.56 -28.22 64.39
N LYS F 697 10.67 -27.99 65.36
CA LYS F 697 9.25 -27.86 65.04
C LYS F 697 9.02 -26.69 64.09
N ALA F 698 9.65 -25.54 64.37
CA ALA F 698 9.56 -24.42 63.44
C ALA F 698 10.25 -24.73 62.12
N GLN F 699 11.32 -25.52 62.16
CA GLN F 699 11.97 -25.95 60.93
C GLN F 699 11.01 -26.76 60.07
N ALA F 700 10.27 -27.68 60.69
CA ALA F 700 9.29 -28.47 59.96
C ALA F 700 8.15 -27.62 59.45
N LEU F 701 7.74 -26.61 60.23
CA LEU F 701 6.73 -25.67 59.74
C LEU F 701 7.22 -24.94 58.50
N ALA F 702 8.47 -24.47 58.53
CA ALA F 702 9.04 -23.80 57.36
C ALA F 702 9.13 -24.75 56.18
N GLU F 703 9.47 -26.01 56.44
CA GLU F 703 9.53 -27.00 55.37
C GLU F 703 8.16 -27.24 54.77
N SER F 704 7.12 -27.29 55.59
CA SER F 704 5.77 -27.44 55.07
C SER F 704 5.40 -26.25 54.19
N ILE F 705 5.77 -25.05 54.63
CA ILE F 705 5.48 -23.87 53.82
C ILE F 705 6.25 -23.93 52.50
N GLU F 706 7.48 -24.43 52.54
CA GLU F 706 8.27 -24.52 51.32
C GLU F 706 7.68 -25.54 50.36
N GLU F 707 7.18 -26.66 50.90
CA GLU F 707 6.51 -27.64 50.06
C GLU F 707 5.24 -27.06 49.46
N GLN F 708 4.54 -26.23 50.23
CA GLN F 708 3.38 -25.53 49.68
C GLN F 708 3.80 -24.62 48.53
N ASP F 709 4.92 -23.91 48.70
CA ASP F 709 5.45 -23.10 47.60
C ASP F 709 5.76 -23.96 46.39
N ASP F 710 6.23 -25.19 46.63
CA ASP F 710 6.51 -26.12 45.55
C ASP F 710 5.26 -26.64 44.86
N ASP F 711 4.08 -26.34 45.39
CA ASP F 711 2.83 -26.76 44.75
C ASP F 711 2.78 -26.25 43.32
N THR F 712 2.34 -27.12 42.41
CA THR F 712 2.30 -26.82 40.98
C THR F 712 0.90 -26.44 40.49
N ALA F 713 -0.07 -26.33 41.39
CA ALA F 713 -1.42 -25.93 40.98
C ALA F 713 -1.43 -24.50 40.44
N LEU F 714 -0.69 -23.60 41.10
CA LEU F 714 -0.68 -22.21 40.68
C LEU F 714 -0.18 -22.08 39.25
N ILE F 715 0.78 -22.90 38.86
CA ILE F 715 1.34 -22.79 37.51
C ILE F 715 0.26 -23.05 36.48
N ALA F 716 -0.48 -24.15 36.64
CA ALA F 716 -1.53 -24.48 35.68
C ALA F 716 -2.65 -23.45 35.72
N PHE F 717 -3.09 -23.06 36.91
CA PHE F 717 -4.21 -22.13 37.00
C PHE F 717 -3.86 -20.78 36.37
N ALA F 718 -2.68 -20.25 36.70
CA ALA F 718 -2.26 -18.97 36.13
C ALA F 718 -2.02 -19.08 34.63
N MET F 719 -1.46 -20.21 34.16
CA MET F 719 -1.24 -20.37 32.73
C MET F 719 -2.55 -20.36 31.97
N ASN F 720 -3.55 -21.09 32.47
CA ASN F 720 -4.84 -21.10 31.78
C ASN F 720 -5.54 -19.75 31.89
N LEU F 721 -5.36 -19.04 33.01
CA LEU F 721 -5.90 -17.70 33.12
C LEU F 721 -5.26 -16.76 32.10
N PHE F 722 -3.95 -16.88 31.90
CA PHE F 722 -3.29 -16.09 30.87
C PHE F 722 -3.82 -16.43 29.48
N ASP F 723 -4.02 -17.73 29.21
CA ASP F 723 -4.55 -18.14 27.92
C ASP F 723 -5.93 -17.56 27.69
N ALA F 724 -6.77 -17.54 28.73
CA ALA F 724 -8.06 -16.88 28.63
C ALA F 724 -7.90 -15.38 28.39
N ILE F 725 -6.94 -14.75 29.06
CA ILE F 725 -6.69 -13.34 28.86
C ILE F 725 -6.18 -13.08 27.45
N GLY F 726 -5.26 -13.92 26.97
CA GLY F 726 -4.65 -13.73 25.68
C GLY F 726 -3.24 -13.17 25.79
N ILE F 727 -2.46 -13.70 26.73
CA ILE F 727 -1.09 -13.25 26.97
C ILE F 727 -0.16 -14.26 26.32
N ASN F 728 0.66 -13.79 25.39
CA ASN F 728 1.56 -14.71 24.69
C ASN F 728 2.63 -15.22 25.64
N GLN F 729 2.82 -16.53 25.65
CA GLN F 729 3.78 -17.21 26.50
C GLN F 729 4.80 -17.92 25.62
N ASP F 730 6.08 -17.70 25.91
CA ASP F 730 7.15 -18.44 25.22
C ASP F 730 8.17 -18.90 26.25
N ASP F 731 8.49 -20.18 26.23
CA ASP F 731 9.38 -20.78 27.22
C ASP F 731 10.81 -20.84 26.69
N ARG F 732 11.77 -20.53 27.56
CA ARG F 732 13.18 -20.59 27.21
C ARG F 732 13.80 -21.95 27.52
N GLY F 733 13.33 -22.62 28.57
CA GLY F 733 13.80 -23.95 28.91
C GLY F 733 14.32 -24.06 30.33
N ASP F 734 15.02 -23.03 30.80
CA ASP F 734 15.59 -23.04 32.14
C ASP F 734 14.61 -22.48 33.17
N ASN F 735 13.40 -23.03 33.19
CA ASN F 735 12.34 -22.56 34.10
C ASN F 735 12.10 -21.07 33.94
N MET F 736 12.22 -20.57 32.70
CA MET F 736 12.00 -19.17 32.39
C MET F 736 10.97 -19.09 31.27
N ILE F 737 9.90 -18.34 31.50
CA ILE F 737 8.86 -18.14 30.51
C ILE F 737 8.59 -16.64 30.37
N VAL F 738 8.62 -16.15 29.13
CA VAL F 738 8.36 -14.75 28.84
C VAL F 738 6.87 -14.60 28.51
N LEU F 739 6.21 -13.70 29.23
CA LEU F 739 4.84 -13.30 28.95
C LEU F 739 4.86 -11.94 28.27
N THR F 740 3.99 -11.76 27.28
CA THR F 740 3.94 -10.51 26.53
C THR F 740 2.50 -10.23 26.13
N PRO F 741 2.14 -8.97 25.89
CA PRO F 741 0.81 -8.69 25.34
C PRO F 741 0.66 -9.25 23.93
N SER F 742 -0.59 -9.49 23.55
CA SER F 742 -0.92 -10.07 22.26
C SER F 742 -2.03 -9.27 21.60
N ASP F 743 -2.24 -9.53 20.31
CA ASP F 743 -3.26 -8.82 19.55
C ASP F 743 -4.66 -9.02 20.12
N HIS F 744 -4.88 -10.09 20.87
CA HIS F 744 -6.21 -10.51 21.31
C HIS F 744 -6.33 -10.44 22.82
N MET F 745 -5.77 -9.40 23.42
CA MET F 745 -5.88 -9.22 24.86
C MET F 745 -7.22 -8.61 25.23
N LEU F 746 -7.81 -9.12 26.31
CA LEU F 746 -9.16 -8.70 26.69
C LEU F 746 -9.23 -7.23 27.07
N VAL F 747 -8.10 -6.63 27.44
CA VAL F 747 -8.06 -5.21 27.79
C VAL F 747 -6.96 -4.54 26.96
N PRO F 748 -7.14 -3.31 26.49
CA PRO F 748 -6.05 -2.66 25.73
C PRO F 748 -4.76 -2.55 26.51
N ASP F 749 -4.85 -2.29 27.82
CA ASP F 749 -3.68 -2.12 28.67
C ASP F 749 -3.92 -2.77 30.00
N PHE F 750 -2.92 -3.50 30.49
CA PHE F 750 -2.97 -4.21 31.75
C PHE F 750 -1.95 -3.61 32.72
N PRO F 751 -2.23 -3.62 34.03
CA PRO F 751 -1.32 -2.92 34.95
C PRO F 751 0.12 -3.44 34.93
N GLY F 752 0.30 -4.75 35.02
CA GLY F 752 1.61 -5.33 35.22
C GLY F 752 2.33 -5.79 33.97
N LEU F 753 1.95 -5.30 32.78
CA LEU F 753 2.60 -5.69 31.54
C LEU F 753 2.93 -4.46 30.70
N SER F 754 3.94 -4.61 29.86
CA SER F 754 4.37 -3.59 28.91
C SER F 754 4.61 -4.24 27.57
N GLU F 755 4.90 -3.40 26.57
CA GLU F 755 5.12 -3.91 25.21
C GLU F 755 6.34 -4.79 25.11
N ASP F 756 7.31 -4.65 26.01
CA ASP F 756 8.56 -5.41 25.93
C ASP F 756 8.43 -6.81 26.49
N GLY F 757 7.38 -7.11 27.24
CA GLY F 757 7.24 -8.40 27.88
C GLY F 757 8.03 -8.48 29.18
N ILE F 758 7.81 -9.57 29.91
CA ILE F 758 8.51 -9.81 31.17
C ILE F 758 8.70 -11.31 31.34
N THR F 759 9.86 -11.70 31.85
CA THR F 759 10.18 -13.10 32.10
C THR F 759 9.82 -13.44 33.54
N ILE F 760 9.31 -14.65 33.74
CA ILE F 760 8.92 -15.12 35.07
C ILE F 760 9.39 -16.56 35.25
N THR F 761 9.64 -16.91 36.51
CA THR F 761 9.92 -18.27 36.93
C THR F 761 9.14 -18.55 38.20
N PHE F 762 8.54 -19.73 38.28
CA PHE F 762 7.78 -20.11 39.46
C PHE F 762 8.64 -20.74 40.55
N ASP F 763 9.91 -21.00 40.28
CA ASP F 763 10.79 -21.64 41.25
C ASP F 763 11.51 -20.60 42.10
N ARG F 764 11.62 -20.90 43.40
CA ARG F 764 12.29 -19.99 44.31
C ARG F 764 13.77 -19.89 43.99
N GLU F 765 14.45 -21.03 43.88
CA GLU F 765 15.90 -21.03 43.77
C GLU F 765 16.35 -20.42 42.45
N VAL F 766 15.66 -20.73 41.35
CA VAL F 766 16.00 -20.13 40.06
C VAL F 766 15.80 -18.63 40.13
N ALA F 767 14.71 -18.18 40.76
CA ALA F 767 14.49 -16.75 40.93
C ALA F 767 15.62 -16.12 41.72
N LEU F 768 16.08 -16.80 42.77
CA LEU F 768 17.24 -16.31 43.52
C LEU F 768 18.45 -16.18 42.61
N ALA F 769 18.71 -17.20 41.79
CA ALA F 769 19.82 -17.11 40.85
C ALA F 769 19.60 -16.02 39.82
N ARG F 770 18.37 -15.87 39.33
CA ARG F 770 18.04 -14.93 38.27
C ARG F 770 17.12 -13.86 38.84
N GLU F 771 17.71 -12.73 39.25
CA GLU F 771 16.95 -11.62 39.80
C GLU F 771 16.14 -10.88 38.74
N ASP F 772 16.42 -11.10 37.46
CA ASP F 772 15.63 -10.52 36.39
C ASP F 772 14.17 -10.90 36.55
N ALA F 773 13.89 -12.19 36.41
CA ALA F 773 12.52 -12.67 36.38
C ALA F 773 11.86 -12.50 37.74
N GLN F 774 10.59 -12.16 37.71
CA GLN F 774 9.82 -12.04 38.94
C GLN F 774 9.49 -13.43 39.48
N PHE F 775 9.23 -13.48 40.78
CA PHE F 775 8.85 -14.72 41.46
C PHE F 775 7.33 -14.69 41.57
N ILE F 776 6.66 -15.31 40.58
CA ILE F 776 5.21 -15.27 40.53
C ILE F 776 4.64 -16.17 41.62
N THR F 777 3.63 -15.68 42.33
CA THR F 777 2.99 -16.40 43.41
C THR F 777 1.57 -15.85 43.57
N TRP F 778 0.79 -16.48 44.44
CA TRP F 778 -0.44 -15.84 44.88
C TRP F 778 -0.16 -14.47 45.49
N GLU F 779 1.03 -14.27 46.05
CA GLU F 779 1.44 -13.00 46.63
C GLU F 779 1.94 -12.01 45.59
N HIS F 780 2.26 -12.46 44.38
CA HIS F 780 2.76 -11.54 43.37
C HIS F 780 1.62 -10.62 42.90
N PRO F 781 1.92 -9.36 42.56
CA PRO F 781 0.82 -8.45 42.16
C PRO F 781 0.04 -8.92 40.95
N LEU F 782 0.67 -9.57 39.98
CA LEU F 782 -0.04 -9.99 38.78
C LEU F 782 -1.15 -10.97 39.11
N ILE F 783 -0.83 -11.99 39.93
CA ILE F 783 -1.84 -12.99 40.29
C ILE F 783 -2.94 -12.35 41.13
N ARG F 784 -2.58 -11.43 42.02
CA ARG F 784 -3.60 -10.75 42.80
C ARG F 784 -4.53 -9.94 41.92
N ASN F 785 -3.97 -9.24 40.92
CA ASN F 785 -4.79 -8.47 40.00
C ASN F 785 -5.73 -9.38 39.22
N GLY F 786 -5.20 -10.50 38.71
CA GLY F 786 -6.06 -11.42 37.97
C GLY F 786 -7.14 -12.02 38.84
N LEU F 787 -6.78 -12.39 40.08
CA LEU F 787 -7.74 -12.98 41.00
C LEU F 787 -8.87 -11.99 41.30
N ASP F 788 -8.51 -10.74 41.59
CA ASP F 788 -9.54 -9.73 41.85
C ASP F 788 -10.35 -9.45 40.60
N LEU F 789 -9.72 -9.50 39.42
CA LEU F 789 -10.47 -9.29 38.19
C LEU F 789 -11.53 -10.36 38.01
N ILE F 790 -11.15 -11.62 38.22
CA ILE F 790 -12.12 -12.70 38.04
C ILE F 790 -13.19 -12.63 39.12
N LEU F 791 -12.81 -12.30 40.36
CA LEU F 791 -13.79 -12.21 41.44
C LEU F 791 -14.80 -11.10 41.17
N SER F 792 -14.32 -9.93 40.73
CA SER F 792 -15.20 -8.84 40.35
C SER F 792 -15.91 -9.09 39.03
N GLY F 793 -15.47 -10.07 38.25
CA GLY F 793 -16.13 -10.42 37.02
C GLY F 793 -17.40 -11.20 37.30
N ASP F 794 -18.43 -10.51 37.79
CA ASP F 794 -19.66 -11.18 38.20
C ASP F 794 -20.27 -11.98 37.06
N THR F 795 -20.00 -11.60 35.81
CA THR F 795 -20.41 -12.41 34.68
C THR F 795 -19.81 -13.80 34.80
N GLY F 796 -20.65 -14.82 34.59
CA GLY F 796 -20.26 -16.20 34.77
C GLY F 796 -21.14 -16.89 35.80
N SER F 797 -20.50 -17.74 36.62
CA SER F 797 -21.18 -18.41 37.73
C SER F 797 -22.14 -19.47 37.20
N SER F 798 -23.19 -19.05 36.51
CA SER F 798 -24.13 -19.98 35.92
C SER F 798 -23.44 -20.82 34.85
N THR F 799 -23.91 -22.06 34.68
CA THR F 799 -23.23 -23.01 33.81
C THR F 799 -24.25 -23.95 33.18
N ILE F 800 -23.79 -24.63 32.14
CA ILE F 800 -24.53 -25.73 31.52
C ILE F 800 -23.51 -26.83 31.26
N SER F 801 -23.46 -27.83 32.13
CA SER F 801 -22.47 -28.88 32.10
C SER F 801 -23.13 -30.23 31.84
N LEU F 802 -22.39 -31.09 31.14
CA LEU F 802 -22.83 -32.45 30.82
C LEU F 802 -21.93 -33.45 31.53
N LEU F 803 -22.53 -34.54 32.00
CA LEU F 803 -21.83 -35.60 32.71
C LEU F 803 -22.18 -36.94 32.07
N LYS F 804 -21.15 -37.70 31.70
CA LYS F 804 -21.32 -38.93 30.94
C LYS F 804 -21.19 -40.13 31.89
N ASN F 805 -22.30 -40.46 32.55
CA ASN F 805 -22.40 -41.63 33.41
C ASN F 805 -23.46 -42.55 32.82
N LYS F 806 -23.00 -43.61 32.16
CA LYS F 806 -23.93 -44.57 31.55
C LYS F 806 -24.72 -45.34 32.60
N ALA F 807 -24.25 -45.38 33.84
CA ALA F 807 -24.86 -46.15 34.91
C ALA F 807 -25.56 -45.28 35.94
N LEU F 808 -25.97 -44.07 35.57
CA LEU F 808 -26.73 -43.19 36.44
C LEU F 808 -27.96 -42.70 35.69
N PRO F 809 -29.11 -42.56 36.35
CA PRO F 809 -30.34 -42.26 35.61
C PRO F 809 -30.24 -40.98 34.80
N VAL F 810 -30.85 -41.01 33.61
CA VAL F 810 -30.86 -39.84 32.74
C VAL F 810 -31.75 -38.77 33.34
N GLY F 811 -31.41 -37.50 33.06
CA GLY F 811 -32.19 -36.39 33.54
C GLY F 811 -31.93 -35.99 34.97
N THR F 812 -31.04 -36.69 35.68
CA THR F 812 -30.74 -36.34 37.05
C THR F 812 -30.04 -34.99 37.11
N LEU F 813 -30.55 -34.11 37.97
CA LEU F 813 -30.03 -32.75 38.10
C LEU F 813 -29.23 -32.65 39.40
N LEU F 814 -28.02 -32.14 39.30
CA LEU F 814 -27.17 -31.86 40.44
C LEU F 814 -26.80 -30.38 40.42
N VAL F 815 -27.09 -29.68 41.50
CA VAL F 815 -26.84 -28.24 41.61
C VAL F 815 -25.66 -28.05 42.53
N GLU F 816 -24.63 -27.36 42.04
CA GLU F 816 -23.46 -27.00 42.81
C GLU F 816 -23.58 -25.54 43.23
N LEU F 817 -23.70 -25.32 44.54
CA LEU F 817 -23.91 -23.99 45.10
C LEU F 817 -22.66 -23.54 45.83
N ILE F 818 -22.15 -22.37 45.46
CA ILE F 818 -21.01 -21.74 46.11
C ILE F 818 -21.56 -20.50 46.82
N TYR F 819 -21.74 -20.60 48.12
CA TYR F 819 -22.15 -19.46 48.95
C TYR F 819 -20.92 -18.77 49.51
N VAL F 820 -21.14 -17.57 50.07
CA VAL F 820 -20.08 -16.78 50.68
C VAL F 820 -20.53 -16.33 52.06
N VAL F 821 -19.72 -16.64 53.07
CA VAL F 821 -19.96 -16.24 54.45
C VAL F 821 -19.07 -15.03 54.73
N GLU F 822 -19.70 -13.88 54.97
CA GLU F 822 -19.00 -12.62 55.04
C GLU F 822 -19.36 -11.86 56.31
N ALA F 823 -18.44 -11.01 56.76
CA ALA F 823 -18.68 -10.07 57.85
C ALA F 823 -18.16 -8.71 57.44
N GLN F 824 -18.76 -7.66 58.01
CA GLN F 824 -18.47 -6.28 57.65
C GLN F 824 -17.89 -5.55 58.86
N ALA F 825 -16.80 -4.83 58.63
CA ALA F 825 -16.16 -4.02 59.67
C ALA F 825 -15.04 -3.20 59.02
N PRO F 826 -14.54 -2.18 59.69
CA PRO F 826 -13.43 -1.39 59.12
C PRO F 826 -12.15 -2.20 59.03
N LYS F 827 -11.28 -1.75 58.11
CA LYS F 827 -9.97 -2.38 57.96
C LYS F 827 -9.16 -2.27 59.25
N GLN F 828 -9.33 -1.17 59.99
CA GLN F 828 -8.58 -0.97 61.22
C GLN F 828 -9.00 -1.89 62.36
N LEU F 829 -10.09 -2.65 62.19
CA LEU F 829 -10.46 -3.69 63.14
C LEU F 829 -9.95 -5.07 62.74
N GLN F 830 -9.28 -5.17 61.60
CA GLN F 830 -8.57 -6.38 61.15
C GLN F 830 -9.38 -7.66 61.39
N LEU F 831 -10.55 -7.72 60.76
CA LEU F 831 -11.33 -8.94 60.75
C LEU F 831 -10.72 -10.01 59.85
N ASN F 832 -9.70 -9.68 59.06
CA ASN F 832 -9.09 -10.63 58.15
C ASN F 832 -8.59 -11.86 58.90
N ARG F 833 -7.87 -11.64 60.00
CA ARG F 833 -7.35 -12.76 60.78
C ARG F 833 -8.44 -13.58 61.44
N PHE F 834 -9.68 -13.06 61.51
CA PHE F 834 -10.77 -13.73 62.21
C PHE F 834 -11.83 -14.26 61.27
N LEU F 835 -12.37 -13.43 60.37
CA LEU F 835 -13.44 -13.86 59.46
C LEU F 835 -13.29 -13.11 58.15
N PRO F 836 -12.81 -13.78 57.10
CA PRO F 836 -12.91 -13.21 55.75
C PRO F 836 -14.14 -13.73 55.04
N PRO F 837 -14.46 -13.18 53.87
CA PRO F 837 -15.44 -13.85 52.99
C PRO F 837 -14.97 -15.26 52.65
N THR F 838 -15.78 -16.25 53.01
CA THR F 838 -15.39 -17.65 52.94
C THR F 838 -16.34 -18.44 52.05
N PRO F 839 -15.83 -19.23 51.09
CA PRO F 839 -16.72 -20.01 50.24
C PRO F 839 -17.31 -21.21 50.98
N VAL F 840 -18.47 -21.64 50.49
CA VAL F 840 -19.17 -22.81 51.02
C VAL F 840 -19.73 -23.59 49.84
N ARG F 841 -19.28 -24.84 49.69
CA ARG F 841 -19.64 -25.69 48.55
C ARG F 841 -20.72 -26.67 48.96
N MET F 842 -21.81 -26.71 48.19
CA MET F 842 -22.91 -27.64 48.43
C MET F 842 -23.28 -28.32 47.11
N LEU F 843 -23.71 -29.57 47.21
CA LEU F 843 -24.07 -30.38 46.04
C LEU F 843 -25.41 -31.05 46.31
N LEU F 844 -26.45 -30.59 45.62
CA LEU F 844 -27.82 -31.00 45.91
C LEU F 844 -28.39 -31.75 44.71
N ASP F 845 -28.98 -32.92 44.98
CA ASP F 845 -29.72 -33.66 43.98
C ASP F 845 -31.16 -33.11 43.94
N LYS F 846 -32.06 -33.84 43.27
CA LYS F 846 -33.43 -33.38 43.18
C LYS F 846 -34.07 -33.23 44.56
N ASN F 847 -33.84 -34.21 45.44
CA ASN F 847 -34.44 -34.21 46.77
C ASN F 847 -33.63 -33.40 47.78
N GLY F 848 -32.67 -32.61 47.32
CA GLY F 848 -31.90 -31.76 48.23
C GLY F 848 -31.01 -32.52 49.20
N ASN F 849 -30.30 -33.54 48.72
CA ASN F 849 -29.36 -34.29 49.52
C ASN F 849 -27.94 -33.82 49.22
N ASN F 850 -27.12 -33.75 50.26
CA ASN F 850 -25.77 -33.21 50.13
C ASN F 850 -24.80 -34.28 49.66
N LEU F 851 -24.00 -33.95 48.65
CA LEU F 851 -22.91 -34.80 48.19
C LEU F 851 -21.57 -34.09 48.13
N ALA F 852 -21.47 -32.87 48.66
CA ALA F 852 -20.22 -32.13 48.59
C ALA F 852 -19.11 -32.85 49.37
N ALA F 853 -19.44 -33.33 50.57
CA ALA F 853 -18.42 -33.96 51.41
C ALA F 853 -18.12 -35.39 51.01
N GLN F 854 -18.94 -36.00 50.16
CA GLN F 854 -18.71 -37.38 49.75
C GLN F 854 -17.75 -37.48 48.58
N VAL F 855 -17.69 -36.45 47.73
CA VAL F 855 -16.75 -36.39 46.62
C VAL F 855 -16.20 -34.98 46.55
N GLU F 856 -14.90 -34.88 46.31
CA GLU F 856 -14.26 -33.58 46.23
C GLU F 856 -14.51 -32.94 44.87
N PHE F 857 -14.30 -31.63 44.81
CA PHE F 857 -14.57 -30.89 43.58
C PHE F 857 -13.67 -31.34 42.44
N GLU F 858 -12.39 -31.58 42.72
CA GLU F 858 -11.43 -31.80 41.63
C GLU F 858 -11.72 -33.11 40.90
N THR F 859 -11.85 -34.21 41.63
CA THR F 859 -12.15 -35.48 40.98
C THR F 859 -13.47 -35.40 40.24
N PHE F 860 -14.42 -34.66 40.81
CA PHE F 860 -15.69 -34.44 40.14
C PHE F 860 -15.50 -33.66 38.84
N ASN F 861 -14.51 -32.76 38.81
CA ASN F 861 -14.44 -31.77 37.74
C ASN F 861 -14.08 -32.40 36.40
N ARG F 862 -13.29 -33.48 36.40
CA ARG F 862 -12.89 -34.09 35.15
C ARG F 862 -14.08 -34.60 34.36
N GLN F 863 -15.14 -35.03 35.06
CA GLN F 863 -16.29 -35.61 34.37
C GLN F 863 -17.07 -34.54 33.60
N LEU F 864 -17.22 -33.36 34.18
CA LEU F 864 -18.05 -32.34 33.55
C LEU F 864 -17.49 -31.94 32.20
N ASN F 865 -18.40 -31.64 31.27
CA ASN F 865 -18.04 -31.03 30.00
C ASN F 865 -19.26 -30.23 29.53
N ALA F 866 -19.06 -28.97 29.21
CA ALA F 866 -20.19 -28.14 28.80
C ALA F 866 -20.77 -28.64 27.50
N VAL F 867 -22.07 -28.36 27.31
CA VAL F 867 -22.80 -28.81 26.13
C VAL F 867 -23.49 -27.59 25.53
N ASN F 868 -24.31 -27.80 24.49
CA ASN F 868 -24.77 -26.72 23.62
C ASN F 868 -25.32 -25.54 24.41
N ARG F 869 -25.26 -24.37 23.77
CA ARG F 869 -25.74 -23.12 24.34
C ARG F 869 -27.24 -22.99 24.14
N HIS F 870 -27.75 -21.76 24.15
CA HIS F 870 -29.06 -21.38 24.64
C HIS F 870 -30.17 -22.39 24.39
N THR F 871 -30.17 -23.10 23.26
CA THR F 871 -31.10 -24.21 23.09
C THR F 871 -31.04 -25.14 24.28
N GLY F 872 -29.83 -25.46 24.73
CA GLY F 872 -29.69 -26.27 25.94
C GLY F 872 -30.27 -25.59 27.17
N SER F 873 -30.03 -24.29 27.32
CA SER F 873 -30.53 -23.60 28.49
C SER F 873 -32.05 -23.67 28.55
N LYS F 874 -32.70 -23.43 27.42
CA LYS F 874 -34.16 -23.53 27.37
C LYS F 874 -34.62 -24.95 27.66
N LEU F 875 -33.97 -25.94 27.03
CA LEU F 875 -34.42 -27.32 27.17
C LEU F 875 -34.33 -27.77 28.62
N VAL F 876 -33.26 -27.39 29.31
CA VAL F 876 -33.09 -27.83 30.69
C VAL F 876 -33.91 -26.96 31.64
N ASN F 877 -34.11 -25.68 31.32
CA ASN F 877 -34.91 -24.79 32.16
C ASN F 877 -36.39 -24.96 31.94
N ALA F 878 -36.80 -25.82 31.01
CA ALA F 878 -38.20 -26.21 30.91
C ALA F 878 -38.81 -26.61 32.27
N VAL F 879 -37.98 -27.05 33.21
CA VAL F 879 -38.43 -27.38 34.56
C VAL F 879 -37.66 -26.57 35.59
N GLN F 880 -37.29 -25.34 35.25
CA GLN F 880 -36.44 -24.52 36.12
C GLN F 880 -37.14 -24.09 37.41
N GLN F 881 -38.47 -24.18 37.49
CA GLN F 881 -39.15 -23.79 38.73
C GLN F 881 -38.64 -24.58 39.92
N ASP F 882 -38.23 -25.83 39.70
CA ASP F 882 -37.74 -26.66 40.79
C ASP F 882 -36.57 -26.01 41.50
N VAL F 883 -35.75 -25.24 40.78
CA VAL F 883 -34.61 -24.58 41.40
C VAL F 883 -35.08 -23.67 42.52
N HIS F 884 -36.17 -22.95 42.30
CA HIS F 884 -36.73 -22.10 43.35
C HIS F 884 -37.04 -22.93 44.59
N ALA F 885 -37.58 -24.13 44.40
CA ALA F 885 -37.79 -25.03 45.52
C ALA F 885 -36.47 -25.52 46.09
N ILE F 886 -35.50 -25.81 45.22
CA ILE F 886 -34.25 -26.42 45.68
C ILE F 886 -33.58 -25.52 46.71
N LEU F 887 -33.59 -24.21 46.48
CA LEU F 887 -33.01 -23.28 47.45
C LEU F 887 -33.61 -23.49 48.83
N GLN F 888 -34.95 -23.59 48.91
CA GLN F 888 -35.60 -23.76 50.20
C GLN F 888 -35.10 -25.01 50.90
N LEU F 889 -34.67 -26.02 50.13
CA LEU F 889 -33.98 -27.15 50.72
C LEU F 889 -32.51 -26.82 50.94
N GLY F 890 -31.84 -26.33 49.90
CA GLY F 890 -30.40 -26.09 49.99
C GLY F 890 -30.06 -25.12 51.10
N GLU F 891 -30.75 -23.97 51.13
CA GLU F 891 -30.62 -23.06 52.26
C GLU F 891 -30.87 -23.80 53.55
N ALA F 892 -31.99 -24.53 53.62
CA ALA F 892 -32.33 -25.26 54.83
C ALA F 892 -31.26 -26.27 55.20
N GLN F 893 -30.51 -26.76 54.22
CA GLN F 893 -29.45 -27.73 54.48
C GLN F 893 -28.07 -27.09 54.63
N ILE F 894 -27.90 -25.86 54.17
CA ILE F 894 -26.61 -25.19 54.28
C ILE F 894 -26.63 -24.04 55.28
N GLU F 895 -27.79 -23.46 55.55
CA GLU F 895 -27.88 -22.44 56.59
C GLU F 895 -27.33 -22.97 57.91
N LYS F 896 -27.78 -24.16 58.31
CA LYS F 896 -27.21 -24.79 59.49
C LYS F 896 -25.71 -24.96 59.34
N SER F 897 -25.25 -25.37 58.16
CA SER F 897 -23.83 -25.49 57.92
C SER F 897 -23.14 -24.14 58.13
N ALA F 898 -23.78 -23.06 57.66
CA ALA F 898 -23.21 -21.74 57.89
C ALA F 898 -23.05 -21.48 59.38
N ARG F 899 -24.03 -21.87 60.19
CA ARG F 899 -23.89 -21.75 61.64
C ARG F 899 -22.66 -22.52 62.11
N ALA F 900 -22.50 -23.75 61.61
CA ALA F 900 -21.32 -24.53 61.95
C ALA F 900 -20.05 -23.83 61.52
N LEU F 901 -20.11 -23.10 60.41
CA LEU F 901 -18.96 -22.30 59.99
C LEU F 901 -18.83 -21.03 60.82
N ILE F 902 -19.95 -20.46 61.27
CA ILE F 902 -19.86 -19.24 62.08
C ILE F 902 -19.19 -19.54 63.41
N ASP F 903 -19.43 -20.72 63.97
CA ASP F 903 -18.90 -21.07 65.29
C ASP F 903 -17.46 -21.54 65.12
N ALA F 904 -16.51 -20.62 65.35
CA ALA F 904 -15.09 -20.95 65.20
C ALA F 904 -14.21 -19.76 65.58
N ALA F 905 -14.22 -18.71 64.75
CA ALA F 905 -13.31 -17.59 64.94
C ALA F 905 -13.55 -16.86 66.25
N ARG F 906 -14.71 -17.06 66.88
CA ARG F 906 -14.94 -16.46 68.18
C ARG F 906 -13.88 -16.90 69.18
N ASN F 907 -13.55 -18.20 69.19
CA ASN F 907 -12.46 -18.66 70.03
C ASN F 907 -11.15 -18.01 69.63
N GLU F 908 -10.90 -17.92 68.32
CA GLU F 908 -9.65 -17.34 67.84
C GLU F 908 -9.44 -15.94 68.41
N ALA F 909 -10.47 -15.10 68.33
CA ALA F 909 -10.35 -13.74 68.86
C ALA F 909 -10.30 -13.73 70.37
N ASP F 910 -11.21 -14.48 71.02
CA ASP F 910 -11.35 -14.39 72.46
C ASP F 910 -10.08 -14.84 73.16
N GLU F 911 -9.51 -15.96 72.74
CA GLU F 911 -8.35 -16.50 73.45
C GLU F 911 -7.16 -15.55 73.37
N LYS F 912 -6.84 -15.05 72.18
CA LYS F 912 -5.68 -14.18 72.03
C LYS F 912 -5.90 -12.84 72.72
N LEU F 913 -7.10 -12.27 72.60
CA LEU F 913 -7.36 -11.00 73.25
C LEU F 913 -7.30 -11.15 74.77
N SER F 914 -7.88 -12.23 75.30
CA SER F 914 -7.82 -12.47 76.73
C SER F 914 -6.39 -12.69 77.20
N ALA F 915 -5.58 -13.38 76.39
CA ALA F 915 -4.19 -13.58 76.77
C ALA F 915 -3.41 -12.26 76.82
N GLU F 916 -3.61 -11.41 75.81
CA GLU F 916 -2.95 -10.11 75.83
C GLU F 916 -3.40 -9.27 77.01
N LEU F 917 -4.70 -9.29 77.31
CA LEU F 917 -5.22 -8.58 78.48
C LEU F 917 -4.63 -9.15 79.77
N SER F 918 -4.48 -10.47 79.84
CA SER F 918 -3.91 -11.09 81.02
C SER F 918 -2.48 -10.64 81.25
N ARG F 919 -1.68 -10.63 80.18
CA ARG F 919 -0.30 -10.15 80.30
C ARG F 919 -0.28 -8.68 80.70
N LEU F 920 -1.16 -7.87 80.10
CA LEU F 920 -1.19 -6.45 80.43
C LEU F 920 -1.52 -6.24 81.90
N GLU F 921 -2.51 -6.96 82.41
CA GLU F 921 -2.91 -6.81 83.81
C GLU F 921 -1.83 -7.33 84.75
N ALA F 922 -1.19 -8.45 84.40
CA ALA F 922 -0.14 -8.99 85.25
C ALA F 922 1.03 -8.01 85.34
N LEU F 923 1.41 -7.39 84.22
CA LEU F 923 2.47 -6.41 84.26
C LEU F 923 2.03 -5.13 84.97
N ARG F 924 0.77 -4.73 84.79
CA ARG F 924 0.28 -3.49 85.39
C ARG F 924 0.24 -3.58 86.90
N ALA F 925 -0.19 -4.72 87.44
CA ALA F 925 -0.27 -4.87 88.89
C ALA F 925 1.10 -4.68 89.54
N VAL F 926 2.16 -5.12 88.86
CA VAL F 926 3.51 -4.93 89.39
C VAL F 926 3.91 -3.46 89.33
N ASN F 927 3.57 -2.79 88.23
CA ASN F 927 4.03 -1.42 87.96
C ASN F 927 2.83 -0.48 87.95
N PRO F 928 2.61 0.32 89.01
CA PRO F 928 1.45 1.24 89.00
C PRO F 928 1.71 2.52 88.21
N ASN F 929 1.93 2.36 86.90
CA ASN F 929 2.20 3.48 86.02
C ASN F 929 1.46 3.31 84.69
N ILE F 930 0.19 2.92 84.75
CA ILE F 930 -0.61 2.64 83.57
C ILE F 930 -1.92 3.40 83.69
N ARG F 931 -2.49 3.76 82.54
CA ARG F 931 -3.76 4.48 82.47
C ARG F 931 -4.89 3.47 82.39
N ASP F 932 -5.77 3.48 83.40
CA ASP F 932 -6.85 2.50 83.44
C ASP F 932 -7.87 2.73 82.33
N ASP F 933 -8.02 3.97 81.87
CA ASP F 933 -8.95 4.23 80.77
C ASP F 933 -8.56 3.46 79.51
N GLU F 934 -7.26 3.29 79.27
CA GLU F 934 -6.82 2.56 78.08
C GLU F 934 -7.26 1.10 78.14
N LEU F 935 -7.08 0.45 79.30
CA LEU F 935 -7.50 -0.94 79.41
C LEU F 935 -9.02 -1.05 79.40
N THR F 936 -9.72 -0.07 79.94
CA THR F 936 -11.18 -0.05 79.80
C THR F 936 -11.56 0.01 78.32
N ALA F 937 -10.85 0.83 77.55
CA ALA F 937 -11.13 0.96 76.13
C ALA F 937 -10.86 -0.33 75.39
N ILE F 938 -9.75 -1.02 75.70
CA ILE F 938 -9.46 -2.25 74.98
C ILE F 938 -10.43 -3.35 75.39
N GLU F 939 -10.91 -3.34 76.64
CA GLU F 939 -11.97 -4.27 77.03
C GLU F 939 -13.25 -3.97 76.25
N SER F 940 -13.57 -2.69 76.09
CA SER F 940 -14.72 -2.32 75.27
C SER F 940 -14.56 -2.80 73.84
N ASN F 941 -13.35 -2.67 73.29
CA ASN F 941 -13.09 -3.15 71.94
C ASN F 941 -13.20 -4.67 71.86
N ARG F 942 -12.78 -5.36 72.91
CA ARG F 942 -12.97 -6.81 72.97
C ARG F 942 -14.45 -7.15 72.87
N GLN F 943 -15.27 -6.47 73.67
CA GLN F 943 -16.71 -6.70 73.59
C GLN F 943 -17.23 -6.39 72.19
N GLN F 944 -16.76 -5.28 71.61
CA GLN F 944 -17.21 -4.87 70.29
C GLN F 944 -16.91 -5.94 69.25
N VAL F 945 -15.66 -6.40 69.21
CA VAL F 945 -15.27 -7.36 68.19
C VAL F 945 -15.97 -8.70 68.41
N MET F 946 -16.11 -9.11 69.67
CA MET F 946 -16.81 -10.36 69.96
C MET F 946 -18.25 -10.30 69.45
N GLU F 947 -18.97 -9.23 69.82
CA GLU F 947 -20.37 -9.13 69.43
C GLU F 947 -20.51 -9.00 67.91
N SER F 948 -19.62 -8.23 67.28
CA SER F 948 -19.70 -8.09 65.83
C SER F 948 -19.44 -9.42 65.13
N LEU F 949 -18.45 -10.17 65.59
CA LEU F 949 -18.18 -11.48 65.00
C LEU F 949 -19.34 -12.44 65.23
N ASP F 950 -20.05 -12.29 66.35
CA ASP F 950 -21.26 -13.07 66.55
C ASP F 950 -22.29 -12.77 65.47
N GLN F 951 -22.27 -11.58 64.89
CA GLN F 951 -23.10 -11.26 63.74
C GLN F 951 -22.40 -11.75 62.48
N ALA F 952 -23.18 -12.36 61.58
CA ALA F 952 -22.62 -12.90 60.34
C ALA F 952 -23.78 -13.23 59.41
N GLY F 953 -23.44 -13.85 58.28
CA GLY F 953 -24.44 -14.28 57.32
C GLY F 953 -23.77 -14.89 56.11
N TRP F 954 -24.52 -15.69 55.35
CA TRP F 954 -24.00 -16.35 54.15
C TRP F 954 -24.88 -16.02 52.97
N ARG F 955 -24.25 -15.68 51.84
CA ARG F 955 -24.94 -15.32 50.62
C ARG F 955 -24.52 -16.27 49.50
N LEU F 956 -25.33 -16.30 48.45
CA LEU F 956 -25.05 -17.14 47.28
C LEU F 956 -24.25 -16.35 46.26
N ASP F 957 -23.11 -16.90 45.86
CA ASP F 957 -22.25 -16.30 44.84
C ASP F 957 -22.27 -17.03 43.51
N ALA F 958 -22.33 -18.35 43.50
CA ALA F 958 -22.31 -19.10 42.26
C ALA F 958 -23.25 -20.29 42.33
N LEU F 959 -23.83 -20.64 41.18
CA LEU F 959 -24.67 -21.81 41.04
C LEU F 959 -24.37 -22.48 39.71
N ARG F 960 -24.21 -23.79 39.74
CA ARG F 960 -23.91 -24.58 38.55
C ARG F 960 -24.95 -25.67 38.40
N LEU F 961 -25.50 -25.79 37.19
CA LEU F 961 -26.35 -26.90 36.82
C LEU F 961 -25.50 -28.03 36.25
N ILE F 962 -25.84 -29.26 36.62
CA ILE F 962 -25.19 -30.44 36.07
C ILE F 962 -26.27 -31.45 35.73
N VAL F 963 -26.23 -31.99 34.50
CA VAL F 963 -27.18 -32.98 34.04
C VAL F 963 -26.39 -34.20 33.59
N VAL F 964 -26.81 -35.39 34.02
CA VAL F 964 -26.12 -36.63 33.73
C VAL F 964 -26.79 -37.29 32.54
N THR F 965 -26.06 -37.41 31.44
CA THR F 965 -26.51 -38.14 30.26
C THR F 965 -25.95 -39.56 30.32
N HIS F 966 -26.09 -40.28 29.22
CA HIS F 966 -25.61 -41.67 29.14
C HIS F 966 -24.70 -41.84 27.92
MG MG I . -3.39 -5.13 -18.93
ZN ZN J . -6.64 8.51 44.74
ZN ZN K . -41.13 10.35 -10.12
PB ADP L . 22.44 -7.44 58.13
O1B ADP L . 23.93 -7.19 58.20
O2B ADP L . 22.08 -8.85 57.73
O3B ADP L . 21.65 -6.89 59.29
PA ADP L . 20.68 -7.00 56.03
O1A ADP L . 20.36 -5.87 55.07
O2A ADP L . 19.68 -7.50 57.03
O3A ADP L . 21.96 -6.53 56.89
O5' ADP L . 21.20 -8.26 55.19
C5' ADP L . 22.55 -8.31 54.75
C4' ADP L . 22.62 -8.97 53.38
O4' ADP L . 22.46 -10.40 53.52
C3' ADP L . 21.56 -8.50 52.40
O3' ADP L . 22.13 -7.58 51.47
C2' ADP L . 21.09 -9.76 51.69
O2' ADP L . 21.42 -9.72 50.30
C1' ADP L . 21.80 -10.91 52.37
N9 ADP L . 20.79 -11.91 52.78
C8 ADP L . 20.36 -12.11 54.03
N7 ADP L . 19.43 -13.11 54.07
C5 ADP L . 19.26 -13.55 52.81
C6 ADP L . 18.43 -14.56 52.13
N6 ADP L . 17.59 -15.34 52.84
N1 ADP L . 18.56 -14.70 50.79
C2 ADP L . 19.40 -13.95 50.07
N3 ADP L . 20.19 -13.00 50.62
C4 ADP L . 20.16 -12.75 51.95
AL AF3 M . 22.92 -4.67 58.44
F1 AF3 M . 24.47 -5.09 58.12
F2 AF3 M . 22.31 -4.92 59.94
F3 AF3 M . 21.89 -4.39 57.20
#